data_5MBV
#
_entry.id   5MBV
#
_cell.length_a   1.0
_cell.length_b   1.0
_cell.length_c   1.0
_cell.angle_alpha   90.00
_cell.angle_beta   90.00
_cell.angle_gamma   90.00
#
_symmetry.space_group_name_H-M   'P 1'
#
loop_
_entity.id
_entity.type
_entity.pdbx_description
1 polymer 'RecBCD enzyme subunit RecB'
2 polymer 'RecBCD enzyme subunit RecC'
3 polymer 'RecBCD enzyme subunit RecD'
4 polymer 'Host-nuclease inhibitor protein gam'
#
loop_
_entity_poly.entity_id
_entity_poly.type
_entity_poly.pdbx_seq_one_letter_code
_entity_poly.pdbx_strand_id
1 'polypeptide(L)'
;GMSDVAETLDPLRLPLQGERLIEASAGTGKTFTIAALYLRLLLGLGGSAAFPRPLTVEELLVVTFTEAATAELRGRIRSN
IHELRIACLRETTDNPLYERLLEEIDDKAQAAQWLLLAERQMDEAAVFTIHGFCQRMLNLNAFESGMLFEQQLIEDESLL
RYQACADFWRRHCYPLPREIAQVVFETWKGPQALLRDINRYLQGEAPVIKAPPPDDETLASRHAQIVARIDTVKQQWRDA
VGELDALIESSGIDRRKFNRSNQAKWIDKISAWAEEETNSYQLPESLEKFSQRFLEDRTKAGGETPRHPLFEAIDQLLAE
PLSIRDLVITRALAEIRETVAREKRRRGELGFDDMLSRLDSALRSESGEVLAAAIRTRFPVAMIDEFQDTDPQQYRIFRR
IWHHQPETALLLIGDPKQAIYAFRGADIFTYMKARSEVHAHYTLDTNWRSAPGMVNSVNKLFSQTDDAFMFREIPFIPVK
SAGKNQALRFVFKGETQPAMKMWLMEGESCGVGDYQSTMAQVCAAQIRDWLQAGQRGEALLMNGDDARPVRASDISVLVR
SRQEAAQVRDALTLLEIPSVYLSNRDSVFETLEAQEMLWLLQAVMTPERENTLRSALATSMMGLNALDIETLNNDEHAWD
VVVEEFDGYRQIWRKRGVMPMLRALMSARNIAENLLATAGGERRLTDILHISELLQEAGTQLESEHALVRWLSQHILEPD
SNASSQQMRLESDKHLVQIVTIHKSKGLEYPLVWLPFITNFRVQEQAFYHDRHSFEAVLDLNAAPESVDLAEAERLAEDL
RLLYVALTRSVWHCSLGVAPLVRRRGDKKGDTDVHQSALGRLLQKGEPQDAAGLRTCIEALCDDDIAWQTAQTGDNQPWQ
VNDVSTAELNAKTLQRLPGDNWRVTSYSGLQQRGHGIAQDLMPRLDVDAAGVASVVEEPTLTPHQFPRGASPGTFLHSLF
EDLDFTQPVDPNWVREKLELGGFESQWEPVLTEWITAVLQAPLNETGVSLSQLSARNKQVEMEFYLPISEPLIASQLDTL
IRQFDPLSAGCPPLEFMQVRGMLKGFIDLVFRHEGRYYLLDYKSNWLGEDSSAYTQQAMAAAMQAHRYDLQYQLYTLALH
RYLRHRIADYDYEHHFGGVIYLFLRGVDKEHPQQGIYTTRPNAGLIALMDEMFAGMTLEEA
;
B
2 'polypeptide(L)'
;MLRVYHSNRLDVLEALMEFIVERERLDDPFEPEMILVQSTGMAQWLQMTLSQKFGIAANIDFPLPASFIWDMFVRVLPEI
PKESAFNKQSMSWKLMTLLPQLLEREDFTLLRHYLTDDSDKRKLFQLSSKAADLFDQYLVYRPDWLAQWETGHLVEGLGE
AQAWQAPLWKALVEYTHQLGQPRWHRANLYQRFIETLESATTCPPGLPSRVFICGISALPPVYLQALQALGKHIEIHLLF
TNPCRYYWGDIKDPAYLAKLLTRQRRHSFEDRELPLFRDSENAGQLFNSDGEQDVGNPLLASWGKLGRDYIYLLSDLESS
QELDAFVDVTPDNLLHNIQSDILELENRAVAGVNIEEFSRSDNKRPLDPLDSSITFHVCHSPQREVEVLHDRLLAMLEED
PTLTPRDIIVMVADIDSYSPFIQAVFGSAPADRYLPYAISDRRARQSHPVLEAFISLLSLPDSRFVSEDVLALLDVPVLA
ARFDITEEGLRYLRQWVNESGIRWGIDDDNVRELELPATGQHTWRFGLTRMLLGYAMESAQGEWQSVLPYDESSGLIAEL
VGHLASLLMQLNIWRRGLAQERPLEEWLPVCRDMLNAFFLPDAETEAAMTLIEQQWQAIIAEGLGAQYGDAVPLSLLRDE
LAQRLDQERISQRFLAGPVNICTLMPMRSIPFKVVCLLGMNDGVYPRQLAPLGFDLMSQKPKRGDRSRRDDDRYLFLEAL
ISAQQKLYISYIGRSIQDNSERFPSVLVQELIDYIGQSHYLPGDEALNCDESEARVKAHLTCLHTRMPFDPQNYQPGERQ
SYAREWLPAASQAGKAHSEFVQPLPFTLPETVPLETLQRFWAHPVRAFFQMRLQVNFRTEDSEIPDTEPFILEGLSRYQI
NQQLLNALVEQDDAERLFRRFRAAGDLPYGAFGEIFWETQCQEMQQLADRVIACRQPGQSMEIDLACNGVQITGWLPQVQ
PDGLLRWRPSLLSVAQGMQLWLEHLVYCASGGNGESRLFLRKDGEWRFPPLAAEQALHYLSQLIEGYREGMSAPLLVLPE
SGGAWLKTCYDAQNDAMLDDDSTLQKARTKFLQAYEGNMMVRGEGDDIWYQRLWRQLTPETMEAIVEQSQRFLLPLFRFN
QS
;
C
3 'polypeptide(L)'
;MGKLQKQLLEAVEHKQLRPLDVQFALTVAGDEHPAVTLAAALLSHDAGEGHVCLPLSRLENNEASHPLLATCVSEIGELQ
NWEECLLASQAVSRGDEPTPMILCGDRLYLNRMWCNERTVARFFNEVNHAIEVDEALLAQTLDKLFPVSDEINWQKVAAA
VALTRRISVISGGPGTGKTTTVAKLLAALIQMADGERCRIRLAAPTGKAAARLTESLGKALRQLPLTDEQKKRIPEDAST
LHRLLGAQPGSQRLRHHAGNPLHLDVLVVDEASMIDLPMMSRLIDALPDHARVIFLGDRDQLASVEAGAVLGDICAYANA
GFTAERARQLSRLTGTHVPAGTGTEAASLRDSLCLLQKSYRFGSDSGIGQLAAAINRGDKTAVKTVFQQDFTDIEKRLLQ
SGEDYIAMLEEALAGYGRYLDLLQARAEPDLIIQAFNEYQLLCALREGPFGVAGLNERIEQFMQQKRKIHRHPHSRWYEG
RPVMIARNDSALGLFNGDIGIALDRGQGTRVWFAMPDGNIKSVQPSRLPEHETTWAMTVHKSQGSEFDHAALILPSQRTP
VVTRELVYTAVTRARRRLSLYADERILSAAIATRTERRSGLAALFSSRE
;
D
4 'polypeptide(L)'
;MNAYYIQDRLEAQSWARHYQQLAREEKEAELADDMEKGIPQHLFESLCIDHLQRHGASKKSITRAFDDDVEFQERMAEHI
RYMVETIAHHQVDIDSEV
;
A,E
#
# COMPACT_ATOMS: atom_id res chain seq x y z
N ALA A 6 35.64 39.14 -21.23
CA ALA A 6 34.18 39.21 -21.15
C ALA A 6 33.70 40.61 -21.53
N GLU A 7 32.56 40.66 -22.23
CA GLU A 7 31.97 41.91 -22.68
C GLU A 7 30.55 42.05 -22.15
N THR A 8 30.10 43.29 -22.04
CA THR A 8 28.72 43.55 -21.67
C THR A 8 27.79 43.13 -22.80
N LEU A 9 26.53 42.86 -22.45
CA LEU A 9 25.56 42.30 -23.39
C LEU A 9 24.39 43.26 -23.57
N ASP A 10 24.12 43.62 -24.81
CA ASP A 10 22.87 44.27 -25.18
C ASP A 10 21.96 43.23 -25.83
N PRO A 11 20.73 43.07 -25.34
CA PRO A 11 19.87 42.00 -25.90
C PRO A 11 19.62 42.14 -27.39
N LEU A 12 19.48 43.36 -27.88
CA LEU A 12 19.22 43.58 -29.30
C LEU A 12 20.48 43.60 -30.15
N ARG A 13 21.65 43.75 -29.54
CA ARG A 13 22.91 43.79 -30.27
C ARG A 13 23.62 42.44 -30.29
N LEU A 14 23.02 41.40 -29.71
CA LEU A 14 23.64 40.08 -29.65
C LEU A 14 23.46 39.35 -30.98
N PRO A 15 24.53 39.08 -31.72
CA PRO A 15 24.41 38.24 -32.92
C PRO A 15 24.15 36.79 -32.53
N LEU A 16 23.22 36.15 -33.22
CA LEU A 16 22.92 34.75 -32.97
C LEU A 16 23.46 33.93 -34.14
N GLN A 17 24.59 33.28 -33.91
CA GLN A 17 25.16 32.29 -34.82
C GLN A 17 26.07 31.39 -33.99
N GLY A 18 26.13 30.11 -34.38
CA GLY A 18 26.97 29.16 -33.69
C GLY A 18 26.68 29.11 -32.20
N GLU A 19 27.75 28.91 -31.42
CA GLU A 19 27.62 28.83 -29.97
C GLU A 19 27.87 30.19 -29.34
N ARG A 20 26.94 30.60 -28.47
CA ARG A 20 27.06 31.85 -27.71
C ARG A 20 26.82 31.55 -26.24
N LEU A 21 27.62 32.16 -25.38
CA LEU A 21 27.53 31.97 -23.93
C LEU A 21 27.13 33.27 -23.27
N ILE A 22 26.19 33.20 -22.34
CA ILE A 22 25.69 34.35 -21.62
C ILE A 22 25.69 34.05 -20.14
N GLU A 23 26.35 34.92 -19.35
CA GLU A 23 26.38 34.80 -17.91
C GLU A 23 25.54 35.91 -17.29
N ALA A 24 24.63 35.53 -16.40
CA ALA A 24 23.72 36.47 -15.75
C ALA A 24 23.80 36.29 -14.24
N SER A 25 24.18 37.36 -13.55
CA SER A 25 24.31 37.32 -12.11
C SER A 25 22.95 37.17 -11.44
N ALA A 26 22.98 36.76 -10.17
CA ALA A 26 21.76 36.63 -9.38
C ALA A 26 21.04 37.98 -9.29
N GLY A 27 19.76 37.96 -9.64
CA GLY A 27 18.95 39.16 -9.57
C GLY A 27 18.96 40.01 -10.82
N THR A 28 19.47 39.48 -11.93
CA THR A 28 19.58 40.24 -13.17
C THR A 28 18.37 40.05 -14.08
N GLY A 29 17.44 39.18 -13.69
CA GLY A 29 16.28 38.92 -14.53
C GLY A 29 16.66 38.22 -15.81
N LYS A 30 17.40 37.12 -15.67
CA LYS A 30 17.80 36.35 -16.85
C LYS A 30 16.58 35.75 -17.54
N THR A 31 15.48 35.56 -16.79
CA THR A 31 14.25 35.09 -17.40
C THR A 31 13.64 36.16 -18.30
N PHE A 32 13.88 37.44 -17.96
CA PHE A 32 13.39 38.52 -18.81
C PHE A 32 14.21 38.65 -20.09
N THR A 33 15.45 38.16 -20.06
CA THR A 33 16.30 38.24 -21.24
C THR A 33 15.90 37.19 -22.28
N ILE A 34 15.46 36.02 -21.83
CA ILE A 34 15.06 34.96 -22.76
C ILE A 34 13.85 35.39 -23.57
N ALA A 35 12.92 36.12 -22.95
CA ALA A 35 11.75 36.60 -23.68
C ALA A 35 12.16 37.61 -24.76
N ALA A 36 13.17 38.42 -24.49
CA ALA A 36 13.63 39.38 -25.49
C ALA A 36 14.28 38.69 -26.68
N LEU A 37 15.10 37.67 -26.40
CA LEU A 37 15.70 36.89 -27.49
C LEU A 37 14.69 36.00 -28.18
N TYR A 38 13.60 35.63 -27.49
CA TYR A 38 12.55 34.83 -28.12
C TYR A 38 11.79 35.67 -29.14
N LEU A 39 11.43 36.90 -28.78
CA LEU A 39 10.81 37.81 -29.72
C LEU A 39 11.77 38.19 -30.85
N ARG A 40 13.07 38.21 -30.53
CA ARG A 40 14.06 38.52 -31.55
C ARG A 40 14.18 37.39 -32.57
N LEU A 41 14.10 36.14 -32.10
CA LEU A 41 14.18 35.00 -33.02
C LEU A 41 12.90 34.85 -33.83
N LEU A 42 11.76 35.33 -33.31
CA LEU A 42 10.51 35.21 -34.04
C LEU A 42 10.45 36.19 -35.20
N LEU A 43 10.80 37.45 -34.96
CA LEU A 43 10.71 38.49 -35.98
C LEU A 43 11.94 38.58 -36.88
N GLY A 44 13.04 37.95 -36.50
CA GLY A 44 14.26 38.04 -37.30
C GLY A 44 14.83 39.44 -37.34
N LEU A 45 15.14 39.99 -36.17
CA LEU A 45 15.54 41.38 -36.03
C LEU A 45 16.96 41.49 -35.52
N GLY A 46 17.57 42.65 -35.73
CA GLY A 46 18.96 42.90 -35.40
C GLY A 46 19.89 43.04 -36.58
N GLY A 47 19.37 42.98 -37.81
CA GLY A 47 20.19 43.23 -38.98
C GLY A 47 21.29 42.21 -39.21
N SER A 48 22.54 42.68 -39.28
CA SER A 48 23.66 41.77 -39.45
C SER A 48 23.78 40.80 -38.29
N ALA A 49 23.21 41.16 -37.14
CA ALA A 49 23.19 40.29 -35.96
C ALA A 49 21.92 39.44 -35.88
N ALA A 50 21.00 39.58 -36.83
CA ALA A 50 19.76 38.83 -36.83
C ALA A 50 19.97 37.41 -37.32
N PHE A 51 19.05 36.53 -36.94
CA PHE A 51 19.02 35.19 -37.49
C PHE A 51 18.77 35.26 -38.99
N PRO A 52 19.35 34.35 -39.78
CA PRO A 52 19.22 34.44 -41.25
C PRO A 52 17.77 34.49 -41.75
N ARG A 53 16.85 33.81 -41.08
CA ARG A 53 15.47 33.77 -41.54
C ARG A 53 14.53 33.82 -40.35
N PRO A 54 13.31 34.33 -40.53
CA PRO A 54 12.32 34.27 -39.46
C PRO A 54 11.93 32.84 -39.17
N LEU A 55 11.51 32.59 -37.93
CA LEU A 55 11.24 31.25 -37.46
C LEU A 55 9.83 31.15 -36.88
N THR A 56 9.39 29.91 -36.70
CA THR A 56 8.10 29.60 -36.12
C THR A 56 8.26 29.19 -34.66
N VAL A 57 7.25 29.51 -33.85
CA VAL A 57 7.30 29.21 -32.43
C VAL A 57 7.64 27.74 -32.18
N GLU A 58 7.06 26.84 -32.98
CA GLU A 58 7.34 25.41 -32.81
C GLU A 58 8.78 25.04 -33.16
N GLU A 59 9.50 25.92 -33.84
CA GLU A 59 10.90 25.68 -34.20
C GLU A 59 11.88 26.23 -33.18
N LEU A 60 11.41 26.92 -32.14
CA LEU A 60 12.27 27.48 -31.11
C LEU A 60 12.31 26.51 -29.94
N LEU A 61 13.52 26.10 -29.54
CA LEU A 61 13.71 25.14 -28.46
C LEU A 61 14.27 25.84 -27.23
N VAL A 62 13.56 25.73 -26.11
CA VAL A 62 13.97 26.29 -24.84
C VAL A 62 14.07 25.15 -23.83
N VAL A 63 15.20 25.06 -23.13
CA VAL A 63 15.45 23.99 -22.17
C VAL A 63 15.64 24.61 -20.80
N THR A 64 14.81 24.20 -19.85
CA THR A 64 14.91 24.63 -18.46
C THR A 64 14.73 23.42 -17.56
N PHE A 65 15.63 23.25 -16.60
CA PHE A 65 15.70 22.00 -15.86
C PHE A 65 14.49 21.78 -14.95
N THR A 66 13.88 22.85 -14.47
CA THR A 66 12.73 22.76 -13.57
C THR A 66 11.43 22.82 -14.38
N GLU A 67 10.50 21.92 -14.05
CA GLU A 67 9.21 21.92 -14.73
C GLU A 67 8.39 23.16 -14.37
N ALA A 68 8.47 23.61 -13.12
CA ALA A 68 7.72 24.79 -12.71
C ALA A 68 8.20 26.04 -13.43
N ALA A 69 9.48 26.11 -13.78
CA ALA A 69 10.01 27.24 -14.52
C ALA A 69 9.65 27.18 -16.00
N THR A 70 9.41 25.98 -16.54
CA THR A 70 9.02 25.86 -17.94
C THR A 70 7.59 26.35 -18.16
N ALA A 71 6.72 26.15 -17.18
CA ALA A 71 5.34 26.62 -17.29
C ALA A 71 5.27 28.13 -17.05
N GLU A 72 6.14 28.65 -16.19
CA GLU A 72 6.17 30.09 -15.95
C GLU A 72 6.77 30.82 -17.14
N LEU A 73 7.83 30.26 -17.74
CA LEU A 73 8.44 30.87 -18.90
C LEU A 73 7.52 30.80 -20.12
N ARG A 74 6.69 29.74 -20.19
CA ARG A 74 5.74 29.64 -21.28
C ARG A 74 4.69 30.74 -21.19
N GLY A 75 4.17 30.99 -19.98
CA GLY A 75 3.22 32.06 -19.81
C GLY A 75 3.85 33.44 -19.88
N ARG A 76 5.13 33.53 -19.48
CA ARG A 76 5.84 34.80 -19.57
C ARG A 76 6.08 35.18 -21.03
N ILE A 77 6.46 34.22 -21.86
CA ILE A 77 6.62 34.47 -23.28
C ILE A 77 5.26 34.71 -23.94
N ARG A 78 4.25 33.95 -23.52
CA ARG A 78 2.90 34.12 -24.06
C ARG A 78 2.39 35.55 -23.80
N SER A 79 2.72 36.11 -22.64
CA SER A 79 2.26 37.45 -22.33
C SER A 79 3.09 38.51 -23.06
N ASN A 80 4.37 38.22 -23.31
CA ASN A 80 5.22 39.18 -23.99
C ASN A 80 4.95 39.22 -25.49
N ILE A 81 4.50 38.09 -26.06
CA ILE A 81 4.07 38.08 -27.45
C ILE A 81 2.77 38.87 -27.60
N HIS A 82 1.90 38.78 -26.59
CA HIS A 82 0.62 39.50 -26.65
C HIS A 82 0.82 40.99 -26.48
N GLU A 83 1.76 41.40 -25.62
CA GLU A 83 2.01 42.82 -25.42
C GLU A 83 2.69 43.44 -26.64
N LEU A 84 3.66 42.74 -27.22
CA LEU A 84 4.34 43.25 -28.40
C LEU A 84 3.42 43.29 -29.62
N ARG A 85 2.51 42.33 -29.73
CA ARG A 85 1.56 42.32 -30.84
C ARG A 85 0.64 43.54 -30.78
N ILE A 86 0.12 43.85 -29.58
CA ILE A 86 -0.71 45.04 -29.42
C ILE A 86 0.11 46.29 -29.65
N ALA A 87 1.37 46.29 -29.20
CA ALA A 87 2.24 47.44 -29.40
C ALA A 87 2.54 47.67 -30.89
N CYS A 88 2.56 46.59 -31.68
CA CYS A 88 2.78 46.75 -33.11
C CYS A 88 1.55 47.34 -33.79
N LEU A 89 0.35 46.95 -33.35
CA LEU A 89 -0.86 47.54 -33.92
C LEU A 89 -1.04 48.99 -33.49
N ARG A 90 -0.72 49.29 -32.23
CA ARG A 90 -0.81 50.67 -31.75
C ARG A 90 0.37 51.52 -32.19
N GLU A 91 1.46 50.89 -32.61
CA GLU A 91 2.66 51.56 -33.13
C GLU A 91 3.38 52.36 -32.05
N THR A 92 2.81 52.42 -30.85
CA THR A 92 3.41 53.10 -29.71
C THR A 92 3.32 52.21 -28.48
N THR A 93 4.27 52.39 -27.57
CA THR A 93 4.31 51.59 -26.36
C THR A 93 4.92 52.40 -25.23
N ASP A 94 4.56 52.03 -24.00
CA ASP A 94 5.02 52.70 -22.79
C ASP A 94 6.24 52.04 -22.16
N ASN A 95 6.83 51.05 -22.82
CA ASN A 95 7.94 50.32 -22.22
C ASN A 95 9.21 50.52 -23.03
N PRO A 96 10.37 50.63 -22.38
CA PRO A 96 11.60 50.88 -23.14
C PRO A 96 12.01 49.72 -24.04
N LEU A 97 11.86 48.48 -23.58
CA LEU A 97 12.29 47.33 -24.38
C LEU A 97 11.44 47.22 -25.64
N TYR A 98 10.12 47.27 -25.50
CA TYR A 98 9.24 47.22 -26.67
C TYR A 98 9.39 48.45 -27.54
N GLU A 99 9.84 49.59 -26.98
CA GLU A 99 10.10 50.76 -27.79
C GLU A 99 11.30 50.56 -28.69
N ARG A 100 12.39 50.00 -28.14
CA ARG A 100 13.57 49.73 -28.95
C ARG A 100 13.31 48.63 -29.97
N LEU A 101 12.35 47.74 -29.67
CA LEU A 101 11.98 46.71 -30.63
C LEU A 101 11.20 47.31 -31.80
N LEU A 102 10.28 48.22 -31.51
CA LEU A 102 9.51 48.87 -32.57
C LEU A 102 10.39 49.75 -33.44
N GLU A 103 11.52 50.21 -32.91
CA GLU A 103 12.44 51.01 -33.72
C GLU A 103 13.15 50.14 -34.77
N GLU A 104 13.47 48.90 -34.42
CA GLU A 104 14.11 47.99 -35.36
C GLU A 104 13.10 47.33 -36.30
N ILE A 105 11.81 47.32 -35.95
CA ILE A 105 10.82 46.71 -36.81
C ILE A 105 10.65 47.54 -38.07
N ASP A 106 10.77 46.86 -39.22
CA ASP A 106 10.60 47.53 -40.52
C ASP A 106 9.12 47.67 -40.84
N ASP A 107 8.46 46.55 -41.11
CA ASP A 107 7.03 46.52 -41.40
C ASP A 107 6.31 46.02 -40.16
N LYS A 108 5.55 46.91 -39.50
CA LYS A 108 4.85 46.54 -38.28
C LYS A 108 3.59 45.72 -38.57
N ALA A 109 3.02 45.87 -39.75
CA ALA A 109 1.79 45.13 -40.08
C ALA A 109 2.08 43.65 -40.25
N GLN A 110 3.12 43.31 -41.01
CA GLN A 110 3.47 41.90 -41.17
C GLN A 110 4.01 41.31 -39.88
N ALA A 111 4.70 42.12 -39.08
CA ALA A 111 5.21 41.63 -37.80
C ALA A 111 4.07 41.33 -36.83
N ALA A 112 3.00 42.14 -36.87
CA ALA A 112 1.85 41.87 -36.02
C ALA A 112 1.12 40.60 -36.43
N GLN A 113 1.15 40.28 -37.72
CA GLN A 113 0.55 39.03 -38.18
C GLN A 113 1.40 37.83 -37.77
N TRP A 114 2.73 38.01 -37.73
CA TRP A 114 3.60 36.93 -37.26
C TRP A 114 3.42 36.67 -35.78
N LEU A 115 3.27 37.73 -34.98
CA LEU A 115 3.04 37.56 -33.56
C LEU A 115 1.66 36.98 -33.28
N LEU A 116 0.68 37.25 -34.14
CA LEU A 116 -0.63 36.64 -33.99
C LEU A 116 -0.58 35.14 -34.26
N LEU A 117 0.15 34.75 -35.30
CA LEU A 117 0.35 33.32 -35.55
C LEU A 117 1.25 32.71 -34.49
N ALA A 118 2.14 33.52 -33.89
CA ALA A 118 2.97 33.03 -32.80
C ALA A 118 2.18 32.92 -31.51
N GLU A 119 1.12 33.72 -31.36
CA GLU A 119 0.31 33.66 -30.16
C GLU A 119 -0.61 32.44 -30.18
N ARG A 120 -1.11 32.08 -31.36
CA ARG A 120 -2.03 30.95 -31.45
C ARG A 120 -1.31 29.61 -31.32
N GLN A 121 0.00 29.59 -31.58
CA GLN A 121 0.78 28.35 -31.51
C GLN A 121 1.47 28.15 -30.16
N MET A 122 1.27 29.04 -29.19
CA MET A 122 1.94 28.92 -27.91
C MET A 122 1.51 27.68 -27.14
N ASP A 123 0.44 27.01 -27.57
CA ASP A 123 0.05 25.76 -26.93
C ASP A 123 1.06 24.65 -27.21
N GLU A 124 1.51 24.54 -28.46
CA GLU A 124 2.54 23.58 -28.84
C GLU A 124 3.94 24.17 -28.75
N ALA A 125 4.08 25.40 -28.25
CA ALA A 125 5.38 25.99 -28.02
C ALA A 125 6.25 25.06 -27.18
N ALA A 126 7.49 24.87 -27.62
CA ALA A 126 8.36 23.87 -27.02
C ALA A 126 9.22 24.51 -25.94
N VAL A 127 8.93 24.21 -24.68
CA VAL A 127 9.80 24.51 -23.54
C VAL A 127 9.82 23.25 -22.68
N PHE A 128 10.98 22.61 -22.59
CA PHE A 128 11.07 21.28 -21.98
C PHE A 128 12.22 21.25 -20.98
N THR A 129 12.18 20.23 -20.13
CA THR A 129 13.32 19.91 -19.28
C THR A 129 14.29 19.03 -20.07
N ILE A 130 15.42 18.69 -19.43
CA ILE A 130 16.36 17.77 -20.07
C ILE A 130 15.74 16.38 -20.17
N HIS A 131 15.03 15.96 -19.12
CA HIS A 131 14.38 14.66 -19.13
C HIS A 131 13.09 14.66 -19.93
N GLY A 132 12.45 15.82 -20.09
CA GLY A 132 11.25 15.93 -20.90
C GLY A 132 11.56 16.09 -22.37
N PHE A 133 12.78 16.50 -22.67
CA PHE A 133 13.23 16.63 -24.07
C PHE A 133 13.51 15.27 -24.68
N CYS A 134 14.47 14.54 -24.10
CA CYS A 134 14.83 13.22 -24.61
C CYS A 134 13.62 12.31 -24.75
N GLN A 135 12.67 12.41 -23.81
CA GLN A 135 11.46 11.60 -23.90
C GLN A 135 10.67 11.92 -25.17
N ARG A 136 10.56 13.20 -25.51
CA ARG A 136 9.84 13.58 -26.72
C ARG A 136 10.68 13.34 -27.96
N MET A 137 12.01 13.52 -27.86
CA MET A 137 12.86 13.39 -29.03
C MET A 137 13.07 11.93 -29.41
N LEU A 138 13.34 11.07 -28.43
CA LEU A 138 13.54 9.66 -28.74
C LEU A 138 12.25 9.00 -29.20
N ASN A 139 11.10 9.50 -28.75
CA ASN A 139 9.82 9.02 -29.26
C ASN A 139 9.46 9.64 -30.61
N LEU A 140 10.17 10.69 -31.03
CA LEU A 140 9.94 11.25 -32.35
C LEU A 140 10.54 10.34 -33.43
N ASN A 141 11.86 10.19 -33.43
CA ASN A 141 12.54 9.24 -34.30
C ASN A 141 12.92 8.03 -33.46
N ALA A 142 12.19 6.91 -33.66
CA ALA A 142 12.43 5.72 -32.88
C ALA A 142 13.58 4.88 -33.42
N PHE A 143 13.70 4.77 -34.74
CA PHE A 143 14.62 3.81 -35.33
C PHE A 143 16.08 4.19 -35.09
N GLU A 144 16.41 5.48 -35.14
CA GLU A 144 17.78 5.90 -34.84
C GLU A 144 18.13 5.61 -33.38
N SER A 145 17.19 5.81 -32.46
CA SER A 145 17.44 5.53 -31.06
C SER A 145 17.34 4.04 -30.73
N GLY A 146 16.53 3.30 -31.48
CA GLY A 146 16.32 1.89 -31.19
C GLY A 146 15.56 1.68 -29.90
N MET A 147 14.41 2.35 -29.77
CA MET A 147 13.60 2.30 -28.57
C MET A 147 12.15 1.98 -28.94
N LEU A 148 11.46 1.29 -28.03
CA LEU A 148 10.05 1.01 -28.21
C LEU A 148 9.26 2.31 -28.31
N PHE A 149 8.16 2.26 -29.06
CA PHE A 149 7.36 3.46 -29.29
C PHE A 149 6.69 3.94 -28.01
N GLU A 150 6.13 3.02 -27.22
CA GLU A 150 5.50 3.36 -25.96
C GLU A 150 6.34 2.85 -24.80
N GLN A 151 6.63 3.74 -23.85
CA GLN A 151 7.42 3.40 -22.68
C GLN A 151 6.86 4.14 -21.47
N GLN A 152 6.78 3.44 -20.35
CA GLN A 152 6.25 4.00 -19.10
C GLN A 152 7.40 4.38 -18.18
N LEU A 153 7.33 5.58 -17.62
CA LEU A 153 8.39 6.08 -16.76
C LEU A 153 8.27 5.50 -15.35
N ILE A 154 9.40 5.06 -14.80
CA ILE A 154 9.46 4.54 -13.45
C ILE A 154 9.89 5.69 -12.53
N GLU A 155 9.14 5.89 -11.44
CA GLU A 155 9.39 7.03 -10.56
C GLU A 155 10.56 6.77 -9.62
N ASP A 156 10.65 5.58 -9.05
CA ASP A 156 11.68 5.24 -8.07
C ASP A 156 12.43 4.01 -8.52
N GLU A 157 13.75 4.15 -8.70
CA GLU A 157 14.62 3.04 -9.05
C GLU A 157 15.27 2.38 -7.84
N SER A 158 14.92 2.82 -6.62
CA SER A 158 15.57 2.28 -5.43
C SER A 158 15.19 0.82 -5.20
N LEU A 159 13.97 0.44 -5.59
CA LEU A 159 13.54 -0.94 -5.38
C LEU A 159 14.31 -1.90 -6.28
N LEU A 160 14.52 -1.52 -7.54
CA LEU A 160 15.27 -2.38 -8.44
C LEU A 160 16.76 -2.34 -8.17
N ARG A 161 17.24 -1.28 -7.50
CA ARG A 161 18.65 -1.20 -7.15
C ARG A 161 18.98 -2.15 -6.00
N TYR A 162 18.14 -2.15 -4.96
CA TYR A 162 18.35 -3.08 -3.85
C TYR A 162 18.07 -4.51 -4.26
N GLN A 163 17.18 -4.72 -5.23
CA GLN A 163 16.93 -6.06 -5.75
C GLN A 163 18.16 -6.59 -6.49
N ALA A 164 18.74 -5.77 -7.35
CA ALA A 164 19.92 -6.21 -8.10
C ALA A 164 21.15 -6.26 -7.20
N CYS A 165 21.20 -5.40 -6.17
CA CYS A 165 22.32 -5.46 -5.23
C CYS A 165 22.28 -6.74 -4.41
N ALA A 166 21.07 -7.24 -4.12
CA ALA A 166 20.95 -8.50 -3.41
C ALA A 166 21.24 -9.68 -4.33
N ASP A 167 21.03 -9.50 -5.64
CA ASP A 167 21.33 -10.57 -6.59
C ASP A 167 22.84 -10.72 -6.76
N PHE A 168 23.57 -9.60 -6.75
CA PHE A 168 25.03 -9.66 -6.81
C PHE A 168 25.59 -10.28 -5.53
N TRP A 169 25.03 -9.91 -4.37
CA TRP A 169 25.52 -10.45 -3.11
C TRP A 169 25.18 -11.93 -2.96
N ARG A 170 24.23 -12.44 -3.73
CA ARG A 170 23.91 -13.86 -3.66
C ARG A 170 24.93 -14.69 -4.45
N ARG A 171 25.25 -14.27 -5.67
CA ARG A 171 26.11 -15.08 -6.53
C ARG A 171 27.59 -14.92 -6.23
N HIS A 172 28.04 -13.72 -5.86
CA HIS A 172 29.45 -13.45 -5.67
C HIS A 172 29.91 -13.56 -4.21
N CYS A 173 29.02 -13.94 -3.30
CA CYS A 173 29.36 -14.06 -1.88
C CYS A 173 29.11 -15.47 -1.35
N TYR A 174 27.88 -15.95 -1.41
CA TYR A 174 27.45 -17.26 -0.90
C TYR A 174 28.43 -18.38 -1.22
N PRO A 175 28.90 -18.56 -2.46
CA PRO A 175 29.83 -19.67 -2.72
C PRO A 175 31.21 -19.47 -2.11
N LEU A 176 31.57 -18.26 -1.69
CA LEU A 176 32.92 -18.02 -1.19
C LEU A 176 33.18 -18.85 0.05
N PRO A 177 34.42 -19.31 0.27
CA PRO A 177 34.73 -20.07 1.48
C PRO A 177 34.70 -19.19 2.72
N ARG A 178 34.69 -19.86 3.88
CA ARG A 178 34.59 -19.14 5.15
C ARG A 178 35.75 -18.18 5.36
N GLU A 179 36.95 -18.55 4.89
CA GLU A 179 38.11 -17.67 5.07
C GLU A 179 37.99 -16.42 4.21
N ILE A 180 37.41 -16.53 3.03
CA ILE A 180 37.19 -15.34 2.20
C ILE A 180 35.98 -14.56 2.68
N ALA A 181 34.93 -15.27 3.11
CA ALA A 181 33.74 -14.59 3.63
C ALA A 181 34.04 -13.85 4.93
N GLN A 182 35.06 -14.28 5.66
CA GLN A 182 35.47 -13.55 6.87
C GLN A 182 35.95 -12.15 6.52
N VAL A 183 36.60 -11.98 5.38
CA VAL A 183 37.10 -10.67 4.98
C VAL A 183 35.99 -9.79 4.45
N VAL A 184 35.06 -10.38 3.69
CA VAL A 184 33.96 -9.60 3.14
C VAL A 184 33.04 -9.10 4.25
N PHE A 185 32.93 -9.86 5.34
CA PHE A 185 32.06 -9.45 6.45
C PHE A 185 32.63 -8.25 7.20
N GLU A 186 33.94 -8.04 7.13
CA GLU A 186 34.55 -6.93 7.85
C GLU A 186 34.31 -5.59 7.14
N THR A 187 34.37 -5.59 5.81
CA THR A 187 34.15 -4.35 5.08
C THR A 187 32.71 -3.86 5.22
N TRP A 188 31.74 -4.75 4.99
CA TRP A 188 30.34 -4.42 5.15
C TRP A 188 29.58 -5.66 5.58
N LYS A 189 28.47 -5.44 6.29
CA LYS A 189 27.68 -6.56 6.81
C LYS A 189 27.01 -7.34 5.68
N GLY A 190 26.45 -6.64 4.70
CA GLY A 190 25.73 -7.27 3.63
C GLY A 190 25.46 -6.33 2.47
N PRO A 191 24.56 -6.73 1.57
CA PRO A 191 24.24 -5.86 0.42
C PRO A 191 23.57 -4.56 0.82
N GLN A 192 22.92 -4.50 1.98
CA GLN A 192 22.31 -3.25 2.42
C GLN A 192 23.37 -2.18 2.67
N ALA A 193 24.48 -2.56 3.32
CA ALA A 193 25.57 -1.61 3.52
C ALA A 193 26.40 -1.43 2.26
N LEU A 194 26.51 -2.47 1.45
CA LEU A 194 27.24 -2.36 0.18
C LEU A 194 26.53 -1.43 -0.79
N LEU A 195 25.19 -1.44 -0.75
CA LEU A 195 24.42 -0.54 -1.61
C LEU A 195 24.62 0.92 -1.22
N ARG A 196 24.57 1.22 0.07
CA ARG A 196 24.74 2.59 0.54
C ARG A 196 26.09 3.18 0.15
N ASP A 197 27.11 2.35 -0.07
CA ASP A 197 28.40 2.85 -0.52
C ASP A 197 28.39 3.21 -1.99
N ILE A 198 27.83 2.34 -2.84
CA ILE A 198 27.85 2.53 -4.28
C ILE A 198 26.62 3.23 -4.80
N ASN A 199 25.68 3.61 -3.93
CA ASN A 199 24.41 4.16 -4.40
C ASN A 199 24.60 5.51 -5.07
N ARG A 200 25.53 6.32 -4.57
CA ARG A 200 25.84 7.58 -5.24
C ARG A 200 26.53 7.33 -6.57
N TYR A 201 27.26 6.22 -6.68
CA TYR A 201 27.98 5.89 -7.91
C TYR A 201 27.10 5.24 -8.95
N LEU A 202 25.97 4.66 -8.55
CA LEU A 202 25.09 4.00 -9.51
C LEU A 202 24.32 5.02 -10.35
N GLN A 203 23.85 6.09 -9.71
CA GLN A 203 23.12 7.12 -10.43
C GLN A 203 24.05 7.95 -11.29
N GLY A 204 23.52 8.44 -12.41
CA GLY A 204 24.30 9.24 -13.33
C GLY A 204 25.24 8.40 -14.17
N GLU A 205 26.11 9.10 -14.89
CA GLU A 205 27.09 8.43 -15.74
C GLU A 205 28.15 7.75 -14.89
N ALA A 206 28.55 6.56 -15.32
CA ALA A 206 29.58 5.81 -14.60
C ALA A 206 30.93 6.50 -14.75
N PRO A 207 31.52 6.98 -13.66
CA PRO A 207 32.80 7.69 -13.76
C PRO A 207 33.96 6.71 -13.93
N VAL A 208 35.17 7.26 -13.97
CA VAL A 208 36.39 6.49 -14.18
C VAL A 208 37.05 6.21 -12.84
N ILE A 209 37.54 4.99 -12.67
CA ILE A 209 38.19 4.58 -11.43
C ILE A 209 39.70 4.67 -11.62
N LYS A 210 40.38 5.29 -10.66
CA LYS A 210 41.84 5.39 -10.70
C LYS A 210 42.46 4.07 -10.33
N ALA A 211 43.39 3.60 -11.17
CA ALA A 211 44.06 2.30 -11.00
C ALA A 211 43.05 1.18 -10.87
N PRO A 212 42.31 0.86 -11.94
CA PRO A 212 41.31 -0.20 -11.83
C PRO A 212 41.95 -1.56 -11.82
N PRO A 213 41.39 -2.52 -11.09
CA PRO A 213 41.94 -3.88 -11.08
C PRO A 213 41.75 -4.54 -12.44
N PRO A 214 42.55 -5.55 -12.74
CA PRO A 214 42.39 -6.27 -14.02
C PRO A 214 41.02 -6.94 -14.10
N ASP A 215 40.55 -7.11 -15.33
CA ASP A 215 39.23 -7.70 -15.55
C ASP A 215 39.19 -9.18 -15.19
N ASP A 216 40.32 -9.88 -15.27
CA ASP A 216 40.37 -11.31 -15.00
C ASP A 216 40.59 -11.64 -13.52
N GLU A 217 40.91 -10.65 -12.69
CA GLU A 217 41.20 -10.91 -11.29
C GLU A 217 39.90 -11.17 -10.53
N THR A 218 39.84 -12.30 -9.84
CA THR A 218 38.67 -12.69 -9.06
C THR A 218 38.91 -12.34 -7.59
N LEU A 219 37.95 -12.73 -6.73
CA LEU A 219 38.09 -12.47 -5.31
C LEU A 219 39.14 -13.36 -4.67
N ALA A 220 39.20 -14.64 -5.10
CA ALA A 220 40.17 -15.55 -4.53
C ALA A 220 41.60 -15.21 -4.96
N SER A 221 41.75 -14.58 -6.12
CA SER A 221 43.09 -14.19 -6.57
C SER A 221 43.66 -13.07 -5.72
N ARG A 222 42.86 -12.03 -5.46
CA ARG A 222 43.31 -10.95 -4.59
C ARG A 222 43.44 -11.40 -3.14
N HIS A 223 42.60 -12.35 -2.73
CA HIS A 223 42.67 -12.86 -1.36
C HIS A 223 43.95 -13.64 -1.13
N ALA A 224 44.26 -14.60 -2.01
CA ALA A 224 45.46 -15.41 -1.84
C ALA A 224 46.72 -14.60 -2.07
N GLN A 225 46.62 -13.49 -2.80
CA GLN A 225 47.80 -12.66 -3.05
C GLN A 225 48.20 -11.89 -1.79
N ILE A 226 47.23 -11.25 -1.14
CA ILE A 226 47.54 -10.47 0.05
C ILE A 226 47.84 -11.39 1.23
N VAL A 227 47.16 -12.54 1.31
CA VAL A 227 47.46 -13.51 2.36
C VAL A 227 48.92 -13.95 2.27
N ALA A 228 49.39 -14.21 1.05
CA ALA A 228 50.79 -14.55 0.86
C ALA A 228 51.70 -13.38 1.21
N ARG A 229 51.22 -12.15 0.97
CA ARG A 229 52.00 -10.97 1.32
C ARG A 229 52.10 -10.82 2.84
N ILE A 230 51.02 -11.12 3.55
CA ILE A 230 51.04 -11.04 5.01
C ILE A 230 51.76 -12.25 5.61
N ASP A 231 51.62 -13.42 4.98
CA ASP A 231 52.23 -14.62 5.52
C ASP A 231 53.76 -14.54 5.50
N THR A 232 54.31 -13.81 4.53
CA THR A 232 55.76 -13.63 4.49
C THR A 232 56.25 -12.82 5.68
N VAL A 233 55.56 -11.72 5.99
CA VAL A 233 55.93 -10.94 7.17
C VAL A 233 55.62 -11.70 8.44
N LYS A 234 54.61 -12.58 8.42
CA LYS A 234 54.31 -13.41 9.58
C LYS A 234 55.44 -14.40 9.86
N GLN A 235 55.98 -15.01 8.80
CA GLN A 235 57.08 -15.95 8.97
C GLN A 235 58.35 -15.24 9.39
N GLN A 236 58.63 -14.08 8.80
CA GLN A 236 59.89 -13.39 9.06
C GLN A 236 59.96 -12.87 10.50
N TRP A 237 58.85 -12.38 11.02
CA TRP A 237 58.85 -11.88 12.40
C TRP A 237 58.92 -13.01 13.40
N ARG A 238 58.45 -14.21 13.04
CA ARG A 238 58.59 -15.37 13.92
C ARG A 238 60.06 -15.72 14.13
N ASP A 239 60.85 -15.69 13.06
CA ASP A 239 62.23 -16.14 13.15
C ASP A 239 63.15 -15.09 13.78
N ALA A 240 62.90 -13.82 13.50
CA ALA A 240 63.76 -12.74 13.97
C ALA A 240 63.33 -12.17 15.31
N VAL A 241 62.28 -12.72 15.94
CA VAL A 241 61.86 -12.22 17.24
C VAL A 241 62.87 -12.65 18.30
N GLY A 242 62.98 -11.84 19.35
CA GLY A 242 63.88 -12.14 20.45
C GLY A 242 65.19 -11.38 20.45
N GLU A 243 65.34 -10.33 19.63
CA GLU A 243 66.57 -9.56 19.56
C GLU A 243 66.22 -8.08 19.59
N LEU A 244 66.79 -7.35 20.55
CA LEU A 244 66.63 -5.90 20.63
C LEU A 244 68.00 -5.25 20.46
N ASP A 245 68.22 -4.63 19.30
CA ASP A 245 69.36 -3.74 19.10
C ASP A 245 68.87 -2.54 18.30
N ALA A 246 68.93 -1.35 18.91
CA ALA A 246 68.46 -0.14 18.25
C ALA A 246 69.06 1.07 18.92
N LEU A 247 69.01 2.20 18.22
CA LEU A 247 69.36 3.47 18.82
C LEU A 247 68.22 3.95 19.70
N ILE A 248 68.50 4.17 20.98
CA ILE A 248 67.47 4.50 21.96
C ILE A 248 67.26 6.01 21.97
N GLU A 249 66.00 6.43 21.82
CA GLU A 249 65.62 7.83 21.81
C GLU A 249 64.65 8.11 22.94
N SER A 250 64.63 9.37 23.40
CA SER A 250 63.74 9.76 24.49
C SER A 250 62.28 9.65 24.09
N SER A 251 61.97 9.79 22.81
CA SER A 251 60.59 9.64 22.35
C SER A 251 60.07 8.24 22.64
N GLY A 252 60.79 7.21 22.17
CA GLY A 252 60.46 5.86 22.52
C GLY A 252 60.83 5.52 23.95
N ILE A 253 60.37 4.37 24.41
CA ILE A 253 60.62 3.90 25.76
C ILE A 253 60.62 2.37 25.74
N ASP A 254 60.92 1.77 26.89
CA ASP A 254 61.02 0.32 27.01
C ASP A 254 59.67 -0.38 26.99
N ARG A 255 58.57 0.37 26.95
CA ARG A 255 57.24 -0.23 26.94
C ARG A 255 56.83 -0.73 25.56
N ARG A 256 57.69 -0.58 24.55
CA ARG A 256 57.44 -1.18 23.24
C ARG A 256 57.30 -2.70 23.33
N LYS A 257 57.77 -3.32 24.42
CA LYS A 257 57.65 -4.77 24.57
C LYS A 257 56.19 -5.21 24.48
N PHE A 258 55.28 -4.38 24.97
CA PHE A 258 53.85 -4.71 24.87
C PHE A 258 53.40 -4.71 23.42
N ASN A 259 53.89 -3.76 22.62
CA ASN A 259 53.56 -3.76 21.20
C ASN A 259 54.24 -4.91 20.47
N ARG A 260 55.42 -5.33 20.94
CA ARG A 260 56.09 -6.47 20.35
C ARG A 260 55.30 -7.76 20.60
N SER A 261 54.78 -7.93 21.81
CA SER A 261 54.01 -9.14 22.12
C SER A 261 52.72 -9.19 21.31
N ASN A 262 52.15 -8.03 20.97
CA ASN A 262 50.92 -8.02 20.16
C ASN A 262 51.18 -8.53 18.75
N GLN A 263 52.42 -8.40 18.27
CA GLN A 263 52.75 -8.91 16.94
C GLN A 263 52.88 -10.43 16.95
N ALA A 264 53.37 -10.98 18.06
CA ALA A 264 53.52 -12.43 18.15
C ALA A 264 52.17 -13.11 18.31
N LYS A 265 51.21 -12.47 18.97
CA LYS A 265 49.88 -13.05 19.14
C LYS A 265 49.05 -12.98 17.87
N TRP A 266 49.29 -11.97 17.03
CA TRP A 266 48.52 -11.80 15.80
C TRP A 266 48.99 -12.73 14.68
N ILE A 267 50.26 -13.12 14.70
CA ILE A 267 50.82 -13.92 13.61
C ILE A 267 50.28 -15.34 13.65
N ASP A 268 50.08 -15.88 14.85
CA ASP A 268 49.75 -17.30 14.98
C ASP A 268 48.40 -17.64 14.37
N LYS A 269 47.53 -16.66 14.19
CA LYS A 269 46.19 -16.88 13.65
C LYS A 269 46.11 -16.34 12.23
N ILE A 270 45.61 -17.18 11.32
CA ILE A 270 45.40 -16.79 9.92
C ILE A 270 43.94 -16.37 9.77
N SER A 271 43.54 -16.00 8.56
CA SER A 271 42.19 -15.59 8.18
C SER A 271 41.79 -14.24 8.77
N ALA A 272 42.62 -13.62 9.58
CA ALA A 272 42.34 -12.31 10.15
C ALA A 272 42.96 -11.25 9.23
N TRP A 273 42.10 -10.49 8.56
CA TRP A 273 42.57 -9.46 7.63
C TRP A 273 42.96 -8.17 8.34
N ALA A 274 42.46 -7.94 9.54
CA ALA A 274 42.84 -6.77 10.32
C ALA A 274 44.30 -6.91 10.76
N GLU A 275 45.00 -5.79 10.82
CA GLU A 275 46.42 -5.80 11.16
C GLU A 275 46.66 -5.15 12.52
N GLU A 276 47.46 -5.82 13.34
CA GLU A 276 47.97 -5.21 14.56
C GLU A 276 48.91 -4.05 14.19
N GLU A 277 49.16 -3.16 15.15
CA GLU A 277 49.85 -1.93 14.84
C GLU A 277 51.34 -2.17 14.98
N THR A 278 52.03 -2.24 13.84
CA THR A 278 53.48 -2.33 13.77
C THR A 278 54.13 -1.01 13.42
N ASN A 279 53.35 0.07 13.28
CA ASN A 279 53.84 1.32 12.73
C ASN A 279 55.10 1.80 13.43
N SER A 280 55.13 1.73 14.76
CA SER A 280 56.30 2.18 15.49
C SER A 280 57.52 1.31 15.17
N TYR A 281 57.31 0.04 14.85
CA TYR A 281 58.42 -0.87 14.60
C TYR A 281 58.94 -0.79 13.16
N GLN A 282 58.17 -0.20 12.24
CA GLN A 282 58.60 -0.17 10.86
C GLN A 282 59.76 0.81 10.68
N LEU A 283 60.52 0.61 9.59
CA LEU A 283 61.74 1.38 9.39
C LEU A 283 61.47 2.87 9.13
N PRO A 284 60.57 3.27 8.22
CA PRO A 284 60.38 4.72 8.01
C PRO A 284 59.91 5.45 9.25
N GLU A 285 58.96 4.89 9.99
CA GLU A 285 58.51 5.54 11.22
C GLU A 285 59.59 5.54 12.29
N SER A 286 60.37 4.46 12.37
CA SER A 286 61.52 4.47 13.28
C SER A 286 62.53 5.52 12.88
N LEU A 287 62.71 5.74 11.59
CA LEU A 287 63.54 6.85 11.12
C LEU A 287 62.93 8.20 11.49
N GLU A 288 61.60 8.28 11.49
CA GLU A 288 60.93 9.51 11.92
C GLU A 288 61.11 9.74 13.42
N LYS A 289 61.11 8.66 14.22
CA LYS A 289 61.30 8.81 15.65
C LYS A 289 62.75 9.18 15.97
N PHE A 290 63.70 8.67 15.21
CA PHE A 290 65.11 8.92 15.46
C PHE A 290 65.60 10.15 14.70
N THR A 305 70.46 2.94 13.54
CA THR A 305 69.37 2.36 12.77
C THR A 305 69.64 0.88 12.51
N PRO A 306 68.68 0.02 12.87
CA PRO A 306 68.88 -1.43 12.67
C PRO A 306 69.02 -1.82 11.20
N ARG A 307 68.19 -1.25 10.33
CA ARG A 307 68.21 -1.54 8.89
C ARG A 307 68.07 -3.04 8.63
N HIS A 308 67.06 -3.65 9.24
CA HIS A 308 66.82 -5.07 9.04
C HIS A 308 66.00 -5.29 7.76
N PRO A 309 66.25 -6.40 7.05
CA PRO A 309 65.50 -6.64 5.80
C PRO A 309 63.99 -6.73 6.00
N LEU A 310 63.53 -7.45 7.02
CA LEU A 310 62.09 -7.53 7.26
C LEU A 310 61.55 -6.30 7.97
N PHE A 311 62.43 -5.45 8.51
CA PHE A 311 61.99 -4.18 9.06
C PHE A 311 61.46 -3.27 7.95
N GLU A 312 62.15 -3.27 6.80
CA GLU A 312 61.65 -2.54 5.63
C GLU A 312 60.56 -3.30 4.90
N ALA A 313 60.52 -4.62 5.07
CA ALA A 313 59.44 -5.41 4.44
C ALA A 313 58.10 -5.07 5.04
N ILE A 314 58.08 -4.63 6.30
CA ILE A 314 56.82 -4.17 6.91
C ILE A 314 56.36 -2.89 6.23
N ASP A 315 57.31 -2.01 5.87
CA ASP A 315 56.97 -0.80 5.13
C ASP A 315 56.32 -1.14 3.80
N GLN A 316 56.82 -2.18 3.12
CA GLN A 316 56.20 -2.64 1.89
C GLN A 316 54.75 -3.08 2.13
N LEU A 317 54.47 -3.66 3.29
CA LEU A 317 53.12 -4.07 3.62
C LEU A 317 52.23 -2.89 3.96
N LEU A 318 52.76 -1.92 4.71
CA LEU A 318 51.95 -0.78 5.15
C LEU A 318 51.81 0.27 4.05
N ALA A 319 52.71 0.27 3.06
CA ALA A 319 52.65 1.27 2.01
C ALA A 319 51.39 1.12 1.17
N GLU A 320 51.14 -0.08 0.67
CA GLU A 320 49.96 -0.33 -0.15
C GLU A 320 48.83 -0.85 0.73
N PRO A 321 47.63 -0.28 0.61
CA PRO A 321 46.51 -0.75 1.45
C PRO A 321 46.05 -2.14 1.03
N LEU A 322 45.74 -2.97 2.02
CA LEU A 322 45.29 -4.34 1.80
C LEU A 322 43.78 -4.39 2.02
N SER A 323 43.02 -4.53 0.94
CA SER A 323 41.58 -4.66 1.06
C SER A 323 41.03 -5.35 -0.18
N ILE A 324 39.87 -6.01 0.00
CA ILE A 324 39.07 -6.51 -1.12
C ILE A 324 38.01 -5.51 -1.54
N ARG A 325 37.96 -4.34 -0.89
CA ARG A 325 36.94 -3.34 -1.17
C ARG A 325 36.93 -2.94 -2.64
N ASP A 326 38.05 -2.39 -3.13
CA ASP A 326 38.10 -1.84 -4.47
C ASP A 326 37.71 -2.86 -5.54
N LEU A 327 37.98 -4.15 -5.29
CA LEU A 327 37.66 -5.17 -6.27
C LEU A 327 36.17 -5.49 -6.26
N VAL A 328 35.58 -5.63 -5.07
CA VAL A 328 34.16 -5.98 -4.99
C VAL A 328 33.29 -4.83 -5.47
N ILE A 329 33.66 -3.59 -5.12
CA ILE A 329 32.88 -2.43 -5.57
C ILE A 329 32.94 -2.30 -7.10
N THR A 330 34.11 -2.50 -7.69
CA THR A 330 34.24 -2.38 -9.14
C THR A 330 33.40 -3.43 -9.86
N ARG A 331 33.41 -4.66 -9.35
CA ARG A 331 32.59 -5.71 -9.96
C ARG A 331 31.10 -5.46 -9.73
N ALA A 332 30.75 -4.85 -8.60
CA ALA A 332 29.35 -4.59 -8.31
C ALA A 332 28.82 -3.41 -9.13
N LEU A 333 29.63 -2.35 -9.26
CA LEU A 333 29.18 -1.17 -9.99
C LEU A 333 28.85 -1.50 -11.44
N ALA A 334 29.63 -2.40 -12.05
CA ALA A 334 29.39 -2.77 -13.44
C ALA A 334 28.25 -3.76 -13.60
N GLU A 335 28.17 -4.75 -12.70
CA GLU A 335 27.18 -5.81 -12.86
C GLU A 335 25.78 -5.37 -12.45
N ILE A 336 25.67 -4.63 -11.35
CA ILE A 336 24.36 -4.17 -10.89
C ILE A 336 23.73 -3.23 -11.90
N ARG A 337 24.54 -2.36 -12.50
CA ARG A 337 24.02 -1.46 -13.53
C ARG A 337 23.50 -2.24 -14.74
N GLU A 338 24.11 -3.39 -15.03
CA GLU A 338 23.62 -4.23 -16.12
C GLU A 338 22.35 -4.97 -15.71
N THR A 339 22.27 -5.38 -14.45
CA THR A 339 21.08 -6.11 -13.98
C THR A 339 19.87 -5.18 -13.92
N VAL A 340 20.07 -3.95 -13.47
CA VAL A 340 18.95 -2.99 -13.40
C VAL A 340 18.48 -2.64 -14.80
N ALA A 341 19.42 -2.39 -15.71
CA ALA A 341 19.04 -2.03 -17.08
C ALA A 341 18.38 -3.20 -17.80
N ARG A 342 18.78 -4.43 -17.47
CA ARG A 342 18.17 -5.60 -18.10
C ARG A 342 16.77 -5.86 -17.51
N GLU A 343 16.59 -5.58 -16.23
CA GLU A 343 15.28 -5.77 -15.62
C GLU A 343 14.28 -4.73 -16.12
N LYS A 344 14.74 -3.48 -16.28
CA LYS A 344 13.85 -2.44 -16.81
C LYS A 344 13.52 -2.69 -18.28
N ARG A 345 14.46 -3.26 -19.04
CA ARG A 345 14.16 -3.62 -20.42
C ARG A 345 13.21 -4.80 -20.51
N ARG A 346 13.24 -5.68 -19.51
CA ARG A 346 12.26 -6.78 -19.46
C ARG A 346 10.87 -6.24 -19.17
N ARG A 347 10.73 -5.39 -18.14
CA ARG A 347 9.44 -4.79 -17.85
C ARG A 347 9.03 -3.76 -18.91
N GLY A 348 10.00 -3.18 -19.61
CA GLY A 348 9.73 -2.13 -20.56
C GLY A 348 9.75 -0.73 -19.97
N GLU A 349 9.98 -0.59 -18.67
CA GLU A 349 10.01 0.71 -18.03
C GLU A 349 11.35 1.39 -18.24
N LEU A 350 11.32 2.72 -18.30
CA LEU A 350 12.51 3.53 -18.48
C LEU A 350 12.59 4.58 -17.37
N GLY A 351 13.80 4.85 -16.90
CA GLY A 351 14.03 5.85 -15.90
C GLY A 351 14.40 7.19 -16.52
N PHE A 352 14.41 8.23 -15.68
CA PHE A 352 14.78 9.56 -16.15
C PHE A 352 16.25 9.62 -16.54
N ASP A 353 17.12 8.96 -15.76
CA ASP A 353 18.52 8.90 -16.12
C ASP A 353 18.76 8.01 -17.32
N ASP A 354 17.91 7.00 -17.52
CA ASP A 354 18.11 6.08 -18.63
C ASP A 354 17.72 6.71 -19.96
N MET A 355 16.79 7.66 -19.96
CA MET A 355 16.45 8.37 -21.18
C MET A 355 17.57 9.30 -21.61
N LEU A 356 18.22 9.96 -20.66
CA LEU A 356 19.37 10.80 -20.99
C LEU A 356 20.54 9.97 -21.46
N SER A 357 20.68 8.75 -20.93
CA SER A 357 21.73 7.84 -21.40
C SER A 357 21.36 7.22 -22.74
N ARG A 358 20.06 7.10 -23.03
CA ARG A 358 19.63 6.56 -24.31
C ARG A 358 19.96 7.51 -25.46
N LEU A 359 19.67 8.81 -25.29
CA LEU A 359 19.97 9.77 -26.33
C LEU A 359 21.48 9.94 -26.49
N ASP A 360 22.23 9.83 -25.39
CA ASP A 360 23.69 9.92 -25.48
C ASP A 360 24.26 8.70 -26.19
N SER A 361 23.67 7.52 -25.94
CA SER A 361 24.12 6.31 -26.62
C SER A 361 23.65 6.30 -28.07
N ALA A 362 22.53 6.98 -28.35
CA ALA A 362 22.05 7.04 -29.73
C ALA A 362 22.92 7.95 -30.58
N LEU A 363 23.26 9.13 -30.06
CA LEU A 363 24.12 10.06 -30.80
C LEU A 363 25.54 9.53 -30.92
N ARG A 364 26.01 8.78 -29.93
CA ARG A 364 27.36 8.23 -29.98
C ARG A 364 27.48 7.06 -30.93
N SER A 365 26.36 6.48 -31.36
CA SER A 365 26.37 5.40 -32.33
C SER A 365 26.70 5.92 -33.72
N GLU A 366 27.14 5.02 -34.59
CA GLU A 366 27.50 5.41 -35.96
C GLU A 366 26.29 5.94 -36.72
N SER A 367 25.09 5.41 -36.43
CA SER A 367 23.88 5.89 -37.08
C SER A 367 23.28 7.10 -36.37
N GLY A 368 23.95 7.61 -35.34
CA GLY A 368 23.47 8.81 -34.67
C GLY A 368 23.70 10.07 -35.45
N GLU A 369 24.51 10.01 -36.51
CA GLU A 369 24.76 11.20 -37.32
C GLU A 369 23.51 11.62 -38.08
N VAL A 370 22.70 10.63 -38.49
CA VAL A 370 21.44 10.94 -39.15
C VAL A 370 20.40 11.41 -38.14
N LEU A 371 20.56 10.97 -36.88
CA LEU A 371 19.65 11.41 -35.84
C LEU A 371 19.86 12.89 -35.51
N ALA A 372 21.12 13.32 -35.49
CA ALA A 372 21.42 14.72 -35.18
C ALA A 372 21.02 15.63 -36.33
N ALA A 373 20.89 15.06 -37.54
CA ALA A 373 20.49 15.87 -38.68
C ALA A 373 19.00 16.20 -38.62
N ALA A 374 18.20 15.31 -38.03
CA ALA A 374 16.78 15.57 -37.90
C ALA A 374 16.50 16.56 -36.78
N ILE A 375 17.39 16.64 -35.80
CA ILE A 375 17.21 17.60 -34.71
C ILE A 375 17.54 19.01 -35.20
N ARG A 376 18.57 19.14 -36.03
CA ARG A 376 18.88 20.44 -36.62
C ARG A 376 17.78 20.94 -37.54
N THR A 377 17.06 20.04 -38.19
CA THR A 377 15.92 20.45 -39.02
C THR A 377 14.69 20.74 -38.18
N ARG A 378 14.48 19.98 -37.11
CA ARG A 378 13.33 20.21 -36.23
C ARG A 378 13.46 21.53 -35.48
N PHE A 379 14.60 21.74 -34.82
CA PHE A 379 14.87 22.97 -34.08
C PHE A 379 16.20 23.53 -34.54
N PRO A 380 16.21 24.41 -35.56
CA PRO A 380 17.45 25.05 -36.03
C PRO A 380 17.91 26.20 -35.13
N VAL A 381 17.91 25.96 -33.82
CA VAL A 381 18.35 26.91 -32.80
C VAL A 381 18.12 26.25 -31.44
N ALA A 382 18.78 26.75 -30.40
CA ALA A 382 18.54 26.25 -29.06
C ALA A 382 18.85 27.35 -28.04
N MET A 383 18.10 27.34 -26.95
CA MET A 383 18.33 28.24 -25.81
C MET A 383 18.21 27.42 -24.54
N ILE A 384 19.29 27.34 -23.77
CA ILE A 384 19.34 26.51 -22.58
C ILE A 384 19.42 27.42 -21.37
N ASP A 385 18.34 27.46 -20.59
CA ASP A 385 18.31 28.18 -19.33
C ASP A 385 18.99 27.36 -18.25
N GLU A 386 19.53 28.06 -17.25
CA GLU A 386 20.22 27.42 -16.11
C GLU A 386 21.35 26.51 -16.59
N PHE A 387 22.23 27.05 -17.45
CA PHE A 387 23.29 26.23 -18.02
C PHE A 387 24.37 25.87 -16.99
N GLN A 388 24.40 26.55 -15.85
CA GLN A 388 25.34 26.16 -14.80
C GLN A 388 24.96 24.80 -14.23
N ASP A 389 23.70 24.42 -14.38
CA ASP A 389 23.26 23.07 -14.04
C ASP A 389 23.25 22.21 -15.30
N THR A 390 24.00 21.11 -15.29
CA THR A 390 24.20 20.31 -16.48
C THR A 390 25.01 19.08 -16.13
N ASP A 391 25.00 18.10 -17.02
CA ASP A 391 25.68 16.83 -16.86
C ASP A 391 26.62 16.59 -18.03
N PRO A 392 27.63 15.72 -17.85
CA PRO A 392 28.46 15.34 -19.01
C PRO A 392 27.65 14.72 -20.13
N GLN A 393 26.55 14.05 -19.81
CA GLN A 393 25.67 13.51 -20.84
C GLN A 393 24.93 14.62 -21.57
N GLN A 394 24.52 15.66 -20.83
CA GLN A 394 23.75 16.75 -21.43
C GLN A 394 24.62 17.56 -22.39
N TYR A 395 25.79 17.99 -21.93
CA TYR A 395 26.63 18.85 -22.75
C TYR A 395 27.13 18.12 -24.00
N ARG A 396 27.51 16.85 -23.88
CA ARG A 396 27.95 16.10 -25.06
C ARG A 396 26.81 15.95 -26.06
N ILE A 397 25.56 15.95 -25.60
CA ILE A 397 24.43 15.89 -26.51
C ILE A 397 24.27 17.23 -27.24
N PHE A 398 24.31 18.33 -26.48
CA PHE A 398 24.22 19.65 -27.12
C PHE A 398 25.45 19.96 -27.96
N ARG A 399 26.60 19.41 -27.60
CA ARG A 399 27.81 19.66 -28.38
C ARG A 399 27.82 18.85 -29.67
N ARG A 400 27.48 17.56 -29.58
CA ARG A 400 27.48 16.72 -30.77
C ARG A 400 26.56 17.26 -31.86
N ILE A 401 25.53 18.03 -31.47
CA ILE A 401 24.57 18.58 -32.41
C ILE A 401 25.01 19.96 -32.88
N TRP A 402 25.00 20.93 -31.96
CA TRP A 402 25.08 22.35 -32.30
C TRP A 402 26.50 22.92 -32.24
N HIS A 403 27.53 22.10 -32.02
CA HIS A 403 28.89 22.64 -31.90
C HIS A 403 29.28 23.45 -33.12
N HIS A 404 29.53 22.78 -34.24
CA HIS A 404 29.78 23.47 -35.51
C HIS A 404 28.69 23.08 -36.49
N GLN A 405 27.77 24.03 -36.75
CA GLN A 405 26.77 23.91 -37.80
C GLN A 405 26.64 25.27 -38.48
N PRO A 406 26.49 25.31 -39.81
CA PRO A 406 26.44 26.62 -40.47
C PRO A 406 25.19 27.43 -40.18
N GLU A 407 24.01 26.82 -40.21
CA GLU A 407 22.76 27.56 -40.12
C GLU A 407 22.13 27.57 -38.73
N THR A 408 22.66 26.80 -37.78
CA THR A 408 22.03 26.66 -36.47
C THR A 408 22.90 27.31 -35.42
N ALA A 409 22.27 28.04 -34.50
CA ALA A 409 22.99 28.70 -33.41
C ALA A 409 22.79 27.95 -32.09
N LEU A 410 23.43 28.46 -31.05
CA LEU A 410 23.27 27.92 -29.70
C LEU A 410 23.36 29.06 -28.70
N LEU A 411 22.48 29.05 -27.70
CA LEU A 411 22.47 30.05 -26.65
C LEU A 411 22.53 29.35 -25.30
N LEU A 412 23.57 29.64 -24.53
CA LEU A 412 23.78 29.03 -23.22
C LEU A 412 23.72 30.11 -22.14
N ILE A 413 22.72 30.04 -21.29
CA ILE A 413 22.49 31.03 -20.23
C ILE A 413 22.63 30.35 -18.89
N GLY A 414 23.51 30.86 -18.05
CA GLY A 414 23.69 30.33 -16.71
C GLY A 414 24.77 31.10 -15.98
N ASP A 415 24.72 30.99 -14.65
CA ASP A 415 25.68 31.66 -13.78
C ASP A 415 26.51 30.63 -13.05
N PRO A 416 27.82 30.54 -13.31
CA PRO A 416 28.63 29.51 -12.65
C PRO A 416 28.66 29.64 -11.14
N LYS A 417 28.42 30.85 -10.61
CA LYS A 417 28.37 31.03 -9.17
C LYS A 417 27.06 30.53 -8.56
N GLN A 418 26.07 30.21 -9.38
CA GLN A 418 24.75 29.81 -8.92
C GLN A 418 24.54 28.31 -8.84
N ALA A 419 25.55 27.48 -9.13
CA ALA A 419 25.33 26.04 -9.17
C ALA A 419 25.65 25.46 -7.80
N ILE A 420 24.61 25.11 -7.06
CA ILE A 420 24.72 24.39 -5.79
C ILE A 420 24.37 22.92 -5.92
N TYR A 421 24.05 22.45 -7.13
CA TYR A 421 23.34 21.20 -7.37
C TYR A 421 24.25 19.98 -7.47
N ALA A 422 25.54 20.13 -7.17
CA ALA A 422 26.47 19.01 -7.27
C ALA A 422 26.01 17.76 -6.54
N PHE A 423 25.12 17.90 -5.54
CA PHE A 423 24.55 16.72 -4.92
C PHE A 423 23.60 15.98 -5.86
N ARG A 424 22.94 16.72 -6.75
CA ARG A 424 22.06 16.10 -7.75
C ARG A 424 22.83 15.51 -8.92
N GLY A 425 24.15 15.71 -8.99
CA GLY A 425 24.94 15.27 -10.10
C GLY A 425 25.40 16.37 -11.03
N ALA A 426 25.11 17.64 -10.71
CA ALA A 426 25.56 18.75 -11.53
C ALA A 426 27.06 18.93 -11.40
N ASP A 427 27.75 19.03 -12.54
CA ASP A 427 29.19 19.19 -12.57
C ASP A 427 29.54 20.61 -13.00
N ILE A 428 30.24 21.33 -12.12
CA ILE A 428 30.73 22.66 -12.49
C ILE A 428 31.83 22.55 -13.54
N PHE A 429 32.60 21.46 -13.53
CA PHE A 429 33.63 21.25 -14.53
C PHE A 429 33.05 21.06 -15.92
N THR A 430 31.81 20.54 -16.02
CA THR A 430 31.15 20.47 -17.31
C THR A 430 30.92 21.87 -17.88
N TYR A 431 30.50 22.81 -17.03
CA TYR A 431 30.41 24.20 -17.45
C TYR A 431 31.79 24.78 -17.73
N MET A 432 32.80 24.39 -16.95
CA MET A 432 34.15 24.88 -17.18
C MET A 432 34.69 24.36 -18.51
N LYS A 433 34.39 23.11 -18.85
CA LYS A 433 34.78 22.59 -20.15
C LYS A 433 34.00 23.27 -21.26
N ALA A 434 32.73 23.60 -21.01
CA ALA A 434 31.93 24.27 -22.04
C ALA A 434 32.38 25.71 -22.24
N ARG A 435 32.73 26.40 -21.15
CA ARG A 435 33.13 27.80 -21.26
C ARG A 435 34.43 27.96 -22.04
N SER A 436 35.36 27.01 -21.91
CA SER A 436 36.62 27.10 -22.63
C SER A 436 36.44 26.87 -24.12
N GLU A 437 35.43 26.10 -24.51
CA GLU A 437 35.22 25.78 -25.92
C GLU A 437 34.45 26.86 -26.67
N VAL A 438 33.77 27.77 -25.97
CA VAL A 438 33.01 28.84 -26.61
C VAL A 438 33.83 30.12 -26.53
N HIS A 439 34.02 30.77 -27.67
CA HIS A 439 34.78 32.02 -27.73
C HIS A 439 33.94 33.23 -27.32
N ALA A 440 32.62 33.16 -27.47
CA ALA A 440 31.76 34.30 -27.17
C ALA A 440 31.39 34.33 -25.70
N HIS A 441 31.44 35.54 -25.12
CA HIS A 441 31.07 35.74 -23.72
C HIS A 441 30.30 37.04 -23.60
N TYR A 442 29.18 36.99 -22.87
CA TYR A 442 28.32 38.14 -22.67
C TYR A 442 27.82 38.14 -21.24
N THR A 443 27.83 39.31 -20.61
CA THR A 443 27.43 39.46 -19.23
C THR A 443 26.42 40.59 -19.09
N LEU A 444 25.53 40.47 -18.12
CA LEU A 444 24.49 41.47 -17.86
C LEU A 444 24.80 42.19 -16.56
N ASP A 445 25.00 43.50 -16.64
CA ASP A 445 25.60 44.27 -15.55
C ASP A 445 24.58 44.95 -14.64
N THR A 446 23.29 44.85 -14.92
CA THR A 446 22.27 45.60 -14.19
C THR A 446 21.52 44.65 -13.25
N ASN A 447 21.66 44.89 -11.95
CA ASN A 447 21.00 44.08 -10.92
C ASN A 447 19.74 44.82 -10.47
N TRP A 448 18.58 44.26 -10.80
CA TRP A 448 17.30 44.89 -10.48
C TRP A 448 16.68 44.40 -9.18
N ARG A 449 17.25 43.37 -8.55
CA ARG A 449 16.54 42.71 -7.44
C ARG A 449 16.63 43.49 -6.15
N SER A 450 17.82 43.91 -5.75
CA SER A 450 18.07 44.39 -4.40
C SER A 450 18.43 45.88 -4.41
N ALA A 451 18.67 46.40 -3.21
CA ALA A 451 19.03 47.79 -3.00
C ALA A 451 20.48 48.04 -3.39
N PRO A 452 20.86 49.30 -3.64
CA PRO A 452 22.28 49.58 -3.96
C PRO A 452 23.24 49.27 -2.81
N GLY A 453 22.77 49.33 -1.57
CA GLY A 453 23.66 49.00 -0.45
C GLY A 453 24.02 47.53 -0.44
N MET A 454 23.11 46.66 -0.88
CA MET A 454 23.41 45.24 -0.93
C MET A 454 24.32 44.90 -2.11
N VAL A 455 24.20 45.64 -3.20
CA VAL A 455 25.05 45.40 -4.36
C VAL A 455 26.50 45.71 -4.02
N ASN A 456 26.75 46.84 -3.38
CA ASN A 456 28.11 47.19 -2.99
C ASN A 456 28.63 46.28 -1.88
N SER A 457 27.73 45.73 -1.06
CA SER A 457 28.15 44.83 0.01
C SER A 457 28.56 43.47 -0.55
N VAL A 458 27.84 42.98 -1.55
CA VAL A 458 28.20 41.69 -2.16
C VAL A 458 29.46 41.84 -2.99
N ASN A 459 29.59 42.96 -3.71
CA ASN A 459 30.78 43.17 -4.53
C ASN A 459 32.03 43.33 -3.67
N LYS A 460 31.91 44.03 -2.53
CA LYS A 460 33.07 44.23 -1.67
C LYS A 460 33.50 42.93 -1.00
N LEU A 461 32.53 42.09 -0.64
CA LEU A 461 32.86 40.85 0.06
C LEU A 461 33.63 39.88 -0.83
N PHE A 462 33.29 39.81 -2.12
CA PHE A 462 33.95 38.92 -3.05
C PHE A 462 35.17 39.54 -3.72
N SER A 463 35.42 40.83 -3.51
CA SER A 463 36.57 41.51 -4.07
C SER A 463 37.77 41.52 -3.13
N GLN A 464 37.66 40.86 -1.97
CA GLN A 464 38.77 40.83 -1.03
C GLN A 464 40.00 40.16 -1.63
N THR A 465 39.81 38.97 -2.19
CA THR A 465 40.88 38.21 -2.83
C THR A 465 40.72 38.27 -4.34
N ASP A 466 41.63 37.61 -5.04
CA ASP A 466 41.57 37.43 -6.48
C ASP A 466 41.22 35.98 -6.76
N ASP A 467 40.24 35.76 -7.66
CA ASP A 467 39.70 34.44 -7.95
C ASP A 467 39.21 33.77 -6.67
N ALA A 468 38.33 34.48 -5.97
CA ALA A 468 37.84 34.01 -4.67
C ALA A 468 37.10 32.69 -4.78
N PHE A 469 36.48 32.42 -5.94
CA PHE A 469 35.76 31.16 -6.15
C PHE A 469 36.69 29.97 -6.33
N MET A 470 38.00 30.19 -6.35
CA MET A 470 39.08 29.21 -6.41
C MET A 470 39.27 28.64 -7.82
N PHE A 471 38.41 28.97 -8.77
CA PHE A 471 38.56 28.52 -10.15
C PHE A 471 38.83 29.72 -11.05
N ARG A 472 39.94 29.66 -11.80
CA ARG A 472 40.27 30.74 -12.71
C ARG A 472 39.20 30.92 -13.78
N GLU A 473 38.58 29.81 -14.22
CA GLU A 473 37.57 29.88 -15.25
C GLU A 473 36.27 30.53 -14.78
N ILE A 474 36.10 30.75 -13.49
CA ILE A 474 34.96 31.51 -13.00
C ILE A 474 35.47 32.83 -12.42
N PRO A 475 35.35 33.94 -13.14
CA PRO A 475 35.69 35.24 -12.56
C PRO A 475 34.55 35.80 -11.73
N PHE A 476 34.90 36.72 -10.85
CA PHE A 476 33.92 37.57 -10.18
C PHE A 476 34.00 38.97 -10.77
N ILE A 477 32.87 39.45 -11.27
CA ILE A 477 32.82 40.78 -11.89
C ILE A 477 31.84 41.64 -11.10
N PRO A 478 32.12 42.93 -10.95
CA PRO A 478 31.20 43.82 -10.23
C PRO A 478 29.95 44.10 -11.04
N VAL A 479 28.83 44.23 -10.33
CA VAL A 479 27.57 44.63 -10.94
C VAL A 479 27.19 46.00 -10.40
N LYS A 480 26.07 46.55 -10.86
CA LYS A 480 25.64 47.87 -10.46
C LYS A 480 24.13 47.89 -10.29
N SER A 481 23.66 48.63 -9.28
CA SER A 481 22.24 48.75 -9.04
C SER A 481 21.59 49.63 -10.09
N ALA A 482 20.31 49.34 -10.37
CA ALA A 482 19.58 50.10 -11.36
C ALA A 482 19.17 51.46 -10.79
N GLY A 483 18.51 52.26 -11.62
CA GLY A 483 18.06 53.58 -11.20
C GLY A 483 16.74 53.55 -10.48
N LYS A 484 16.01 52.44 -10.62
CA LYS A 484 14.72 52.31 -9.95
C LYS A 484 14.87 51.92 -8.49
N ASN A 485 15.92 51.17 -8.14
CA ASN A 485 16.13 50.69 -6.78
C ASN A 485 17.00 51.62 -5.95
N GLN A 486 17.52 52.71 -6.52
CA GLN A 486 18.44 53.58 -5.80
C GLN A 486 17.79 54.24 -4.58
N ALA A 487 16.46 54.25 -4.50
CA ALA A 487 15.75 54.84 -3.39
C ALA A 487 15.39 53.84 -2.30
N LEU A 488 15.78 52.58 -2.45
CA LEU A 488 15.44 51.55 -1.47
C LEU A 488 16.22 51.78 -0.17
N ARG A 489 15.51 51.86 0.94
CA ARG A 489 16.12 52.02 2.25
C ARG A 489 15.34 51.18 3.27
N PHE A 490 16.03 50.84 4.35
CA PHE A 490 15.43 50.08 5.44
C PHE A 490 15.66 50.81 6.75
N VAL A 491 14.58 51.12 7.47
CA VAL A 491 14.64 51.85 8.72
C VAL A 491 14.17 50.94 9.85
N PHE A 492 14.94 50.90 10.93
CA PHE A 492 14.55 50.21 12.16
C PHE A 492 14.85 51.13 13.33
N LYS A 493 13.79 51.54 14.04
CA LYS A 493 13.92 52.43 15.19
C LYS A 493 14.69 53.71 14.81
N GLY A 494 13.99 54.57 14.06
CA GLY A 494 14.61 55.77 13.54
C GLY A 494 15.62 55.56 12.45
N GLU A 495 16.86 55.98 12.68
CA GLU A 495 17.88 56.06 11.63
C GLU A 495 18.01 54.74 10.88
N THR A 496 18.28 54.86 9.57
CA THR A 496 18.35 53.70 8.70
C THR A 496 19.39 52.70 9.16
N GLN A 497 19.09 51.42 8.99
CA GLN A 497 19.92 50.26 9.27
C GLN A 497 20.74 49.88 8.04
N PRO A 498 22.01 49.52 8.20
CA PRO A 498 22.82 49.14 7.04
C PRO A 498 22.27 47.89 6.36
N ALA A 499 22.71 47.72 5.10
CA ALA A 499 22.15 46.65 4.27
C ALA A 499 22.59 45.28 4.75
N MET A 500 23.82 45.16 5.24
CA MET A 500 24.37 43.88 5.69
C MET A 500 24.87 44.03 7.12
N LYS A 501 24.48 43.09 7.97
CA LYS A 501 24.89 43.07 9.37
C LYS A 501 25.39 41.68 9.74
N MET A 502 26.65 41.59 10.15
CA MET A 502 27.23 40.33 10.58
C MET A 502 27.22 40.25 12.10
N TRP A 503 26.70 39.15 12.63
CA TRP A 503 26.60 38.94 14.07
C TRP A 503 27.73 38.02 14.50
N LEU A 504 28.67 38.56 15.27
CA LEU A 504 29.84 37.83 15.71
C LEU A 504 29.65 37.36 17.15
N MET A 505 29.85 36.06 17.39
CA MET A 505 29.74 35.51 18.72
C MET A 505 30.95 35.91 19.57
N GLU A 506 30.77 35.85 20.89
CA GLU A 506 31.80 36.19 21.84
C GLU A 506 32.46 34.93 22.38
N GLY A 507 33.76 35.02 22.64
CA GLY A 507 34.56 33.91 23.13
C GLY A 507 35.52 33.40 22.07
N GLU A 508 36.49 32.63 22.55
CA GLU A 508 37.58 32.11 21.69
C GLU A 508 37.10 30.89 20.91
N SER A 509 36.89 29.78 21.60
CA SER A 509 36.45 28.54 20.99
C SER A 509 34.94 28.39 21.14
N CYS A 510 34.28 27.92 20.09
CA CYS A 510 32.84 27.73 20.08
C CYS A 510 32.53 26.40 19.41
N GLY A 511 31.72 25.57 20.07
CA GLY A 511 31.31 24.32 19.47
C GLY A 511 30.13 24.50 18.55
N VAL A 512 29.95 23.52 17.64
CA VAL A 512 28.85 23.58 16.69
C VAL A 512 27.51 23.49 17.42
N GLY A 513 27.43 22.65 18.46
CA GLY A 513 26.21 22.60 19.26
C GLY A 513 25.96 23.90 19.99
N ASP A 514 27.03 24.52 20.49
CA ASP A 514 26.89 25.83 21.13
C ASP A 514 26.67 26.92 20.10
N TYR A 515 27.15 26.72 18.87
CA TYR A 515 26.96 27.71 17.81
C TYR A 515 25.53 27.70 17.30
N GLN A 516 24.95 26.50 17.16
CA GLN A 516 23.56 26.41 16.69
C GLN A 516 22.59 26.91 17.75
N SER A 517 22.84 26.55 19.01
CA SER A 517 21.97 26.98 20.11
C SER A 517 21.91 28.50 20.22
N THR A 518 23.05 29.12 20.53
CA THR A 518 23.05 30.55 20.86
C THR A 518 22.59 31.41 19.68
N MET A 519 23.06 31.10 18.47
CA MET A 519 22.73 31.93 17.32
C MET A 519 21.25 31.83 16.98
N ALA A 520 20.66 30.64 17.12
CA ALA A 520 19.23 30.51 16.86
C ALA A 520 18.41 31.27 17.89
N GLN A 521 18.98 31.48 19.09
CA GLN A 521 18.31 32.27 20.11
C GLN A 521 18.49 33.77 19.84
N VAL A 522 19.67 34.15 19.34
CA VAL A 522 19.89 35.56 18.99
C VAL A 522 19.12 35.92 17.73
N CYS A 523 19.05 35.01 16.77
CA CYS A 523 18.28 35.26 15.55
C CYS A 523 16.79 35.35 15.86
N ALA A 524 16.30 34.46 16.73
CA ALA A 524 14.88 34.52 17.12
C ALA A 524 14.61 35.75 17.98
N ALA A 525 15.63 36.26 18.67
CA ALA A 525 15.45 37.47 19.46
C ALA A 525 15.39 38.71 18.55
N GLN A 526 16.16 38.71 17.47
CA GLN A 526 16.15 39.85 16.56
C GLN A 526 14.94 39.79 15.62
N ILE A 527 14.32 38.62 15.47
CA ILE A 527 13.11 38.52 14.65
C ILE A 527 11.92 39.10 15.38
N ARG A 528 11.78 38.78 16.67
CA ARG A 528 10.68 39.34 17.45
C ARG A 528 10.86 40.83 17.69
N ASP A 529 12.10 41.32 17.66
CA ASP A 529 12.33 42.76 17.77
C ASP A 529 11.90 43.48 16.51
N TRP A 530 12.07 42.84 15.35
CA TRP A 530 11.56 43.40 14.10
C TRP A 530 10.04 43.31 14.05
N LEU A 531 9.47 42.28 14.66
CA LEU A 531 8.02 42.14 14.69
C LEU A 531 7.39 43.06 15.73
N GLN A 532 8.07 43.26 16.86
CA GLN A 532 7.56 44.17 17.89
C GLN A 532 7.60 45.61 17.40
N ALA A 533 8.65 45.98 16.65
CA ALA A 533 8.72 47.31 16.08
C ALA A 533 7.94 47.42 14.77
N GLY A 534 7.57 46.30 14.16
CA GLY A 534 6.79 46.35 12.94
C GLY A 534 5.32 46.60 13.15
N GLN A 535 4.77 46.12 14.27
CA GLN A 535 3.36 46.34 14.57
C GLN A 535 3.06 47.78 14.98
N ARG A 536 4.07 48.50 15.47
CA ARG A 536 3.92 49.90 15.83
C ARG A 536 4.29 50.85 14.71
N GLY A 537 4.76 50.34 13.57
CA GLY A 537 5.11 51.18 12.44
C GLY A 537 6.49 51.80 12.51
N GLU A 538 7.30 51.46 13.51
CA GLU A 538 8.64 52.02 13.60
C GLU A 538 9.57 51.45 12.53
N ALA A 539 9.61 50.13 12.41
CA ALA A 539 10.42 49.48 11.38
C ALA A 539 9.64 49.41 10.08
N LEU A 540 10.21 49.98 9.02
CA LEU A 540 9.52 50.06 7.74
C LEU A 540 10.48 49.69 6.61
N LEU A 541 9.93 49.07 5.57
CA LEU A 541 10.66 48.86 4.32
C LEU A 541 10.30 50.00 3.38
N MET A 542 11.28 50.86 3.09
CA MET A 542 11.04 52.13 2.42
C MET A 542 11.59 52.11 1.00
N ASN A 543 10.73 52.40 0.03
CA ASN A 543 11.14 52.68 -1.34
C ASN A 543 10.80 54.13 -1.63
N GLY A 544 11.83 54.97 -1.75
CA GLY A 544 11.59 56.40 -1.88
C GLY A 544 10.94 56.93 -0.62
N ASP A 545 9.89 57.72 -0.79
CA ASP A 545 9.12 58.21 0.34
C ASP A 545 8.05 57.22 0.80
N ASP A 546 7.74 56.22 -0.03
CA ASP A 546 6.78 55.19 0.36
C ASP A 546 7.40 54.23 1.35
N ALA A 547 6.55 53.56 2.12
CA ALA A 547 7.00 52.62 3.14
C ALA A 547 5.88 51.64 3.44
N ARG A 548 6.12 50.79 4.43
CA ARG A 548 5.20 49.75 4.88
C ARG A 548 5.80 49.03 6.08
N PRO A 549 4.99 48.60 7.05
CA PRO A 549 5.53 47.89 8.20
C PRO A 549 6.13 46.56 7.81
N VAL A 550 6.93 46.01 8.72
CA VAL A 550 7.63 44.75 8.46
C VAL A 550 6.76 43.62 9.00
N ARG A 551 6.17 42.86 8.08
CA ARG A 551 5.38 41.69 8.40
C ARG A 551 6.28 40.48 8.61
N ALA A 552 5.77 39.50 9.35
CA ALA A 552 6.45 38.21 9.46
C ALA A 552 6.54 37.49 8.13
N SER A 553 5.82 37.95 7.10
CA SER A 553 5.92 37.34 5.78
C SER A 553 7.27 37.60 5.14
N ASP A 554 7.70 38.86 5.11
CA ASP A 554 8.95 39.23 4.46
C ASP A 554 10.18 38.76 5.21
N ILE A 555 10.05 38.28 6.44
CA ILE A 555 11.18 37.76 7.20
C ILE A 555 11.39 36.31 6.81
N SER A 556 12.57 36.01 6.27
CA SER A 556 12.91 34.67 5.85
C SER A 556 14.20 34.22 6.54
N VAL A 557 14.21 32.96 6.97
CA VAL A 557 15.38 32.34 7.60
C VAL A 557 15.87 31.23 6.69
N LEU A 558 17.14 31.31 6.29
CA LEU A 558 17.72 30.35 5.36
C LEU A 558 18.69 29.44 6.11
N VAL A 559 18.37 28.15 6.14
CA VAL A 559 19.21 27.15 6.79
C VAL A 559 19.64 26.13 5.75
N ARG A 560 20.74 25.44 6.05
CA ARG A 560 21.33 24.52 5.09
C ARG A 560 20.62 23.17 5.06
N SER A 561 20.24 22.64 6.23
CA SER A 561 19.64 21.32 6.32
C SER A 561 18.32 21.39 7.08
N ARG A 562 17.67 20.24 7.20
CA ARG A 562 16.39 20.16 7.91
C ARG A 562 16.62 20.14 9.42
N GLN A 563 17.73 19.56 9.87
CA GLN A 563 18.03 19.55 11.30
C GLN A 563 18.26 20.97 11.81
N GLU A 564 18.69 21.88 10.92
CA GLU A 564 18.88 23.27 11.31
C GLU A 564 17.56 24.03 11.31
N ALA A 565 16.62 23.61 10.45
CA ALA A 565 15.32 24.28 10.41
C ALA A 565 14.52 23.99 11.67
N ALA A 566 14.59 22.75 12.17
CA ALA A 566 13.88 22.42 13.39
C ALA A 566 14.54 23.02 14.62
N GLN A 567 15.84 23.30 14.54
CA GLN A 567 16.52 23.91 15.68
C GLN A 567 16.21 25.39 15.79
N VAL A 568 16.01 26.07 14.64
CA VAL A 568 15.54 27.44 14.67
C VAL A 568 14.04 27.49 14.95
N ARG A 569 13.31 26.46 14.52
CA ARG A 569 11.86 26.43 14.73
C ARG A 569 11.52 26.33 16.21
N ASP A 570 12.22 25.48 16.95
CA ASP A 570 11.95 25.34 18.38
C ASP A 570 12.37 26.59 19.14
N ALA A 571 13.47 27.21 18.75
CA ALA A 571 13.92 28.43 19.42
C ALA A 571 13.01 29.61 19.10
N LEU A 572 12.48 29.68 17.88
CA LEU A 572 11.58 30.76 17.52
C LEU A 572 10.18 30.54 18.08
N THR A 573 9.71 29.28 18.13
CA THR A 573 8.40 29.01 18.71
C THR A 573 8.42 29.18 20.23
N LEU A 574 9.57 28.98 20.86
CA LEU A 574 9.70 29.23 22.29
C LEU A 574 9.44 30.70 22.61
N LEU A 575 9.69 31.59 21.66
CA LEU A 575 9.40 33.01 21.80
C LEU A 575 8.00 33.37 21.31
N GLU A 576 7.19 32.37 20.95
CA GLU A 576 5.80 32.57 20.53
C GLU A 576 5.73 33.36 19.21
N ILE A 577 6.57 33.00 18.26
CA ILE A 577 6.46 33.49 16.89
C ILE A 577 6.15 32.29 16.00
N PRO A 578 4.93 32.19 15.46
CA PRO A 578 4.61 31.05 14.58
C PRO A 578 5.43 31.11 13.29
N SER A 579 6.04 29.98 12.94
CA SER A 579 6.87 29.88 11.75
C SER A 579 6.61 28.54 11.08
N VAL A 580 6.95 28.47 9.79
CA VAL A 580 6.72 27.28 8.99
C VAL A 580 7.97 26.96 8.19
N TYR A 581 8.19 25.67 7.95
CA TYR A 581 9.27 25.18 7.10
C TYR A 581 8.69 24.97 5.71
N LEU A 582 9.17 25.74 4.73
CA LEU A 582 8.63 25.63 3.39
C LEU A 582 9.21 24.43 2.64
N SER A 583 10.47 24.10 2.90
CA SER A 583 11.17 23.05 2.18
C SER A 583 11.03 21.68 2.82
N ASN A 584 10.23 21.54 3.87
CA ASN A 584 10.09 20.27 4.58
C ASN A 584 9.63 19.17 3.63
N ARG A 585 10.39 18.09 3.57
CA ARG A 585 10.06 16.94 2.73
C ARG A 585 9.35 15.82 3.47
N ASP A 586 9.04 16.03 4.76
CA ASP A 586 8.41 14.99 5.56
C ASP A 586 7.08 14.54 4.94
N SER A 587 6.89 13.23 4.84
CA SER A 587 5.68 12.68 4.25
C SER A 587 4.51 12.81 5.22
N VAL A 588 3.30 12.76 4.66
CA VAL A 588 2.09 12.82 5.48
C VAL A 588 1.94 11.56 6.32
N PHE A 589 2.43 10.43 5.81
CA PHE A 589 2.26 9.16 6.50
C PHE A 589 3.11 9.03 7.76
N GLU A 590 4.06 9.93 7.98
CA GLU A 590 4.87 9.88 9.20
C GLU A 590 4.14 10.50 10.38
N THR A 591 3.18 11.38 10.14
CA THR A 591 2.46 12.05 11.22
C THR A 591 1.61 11.05 12.00
N LEU A 592 1.28 11.42 13.23
CA LEU A 592 0.54 10.53 14.11
C LEU A 592 -0.87 10.27 13.59
N GLU A 593 -1.50 11.28 13.00
CA GLU A 593 -2.86 11.11 12.51
C GLU A 593 -2.94 10.07 11.40
N ALA A 594 -1.92 10.01 10.53
CA ALA A 594 -1.90 8.98 9.50
C ALA A 594 -1.95 7.59 10.11
N GLN A 595 -1.26 7.37 11.23
CA GLN A 595 -1.36 6.10 11.93
C GLN A 595 -2.72 5.92 12.57
N GLU A 596 -3.35 7.02 13.02
CA GLU A 596 -4.69 6.93 13.58
C GLU A 596 -5.75 6.72 12.49
N MET A 597 -5.49 7.21 11.28
CA MET A 597 -6.41 6.95 10.17
C MET A 597 -6.49 5.46 9.86
N LEU A 598 -5.44 4.72 10.21
CA LEU A 598 -5.47 3.26 10.01
C LEU A 598 -6.31 2.57 11.08
N TRP A 599 -6.24 3.06 12.32
CA TRP A 599 -7.02 2.45 13.38
C TRP A 599 -8.50 2.74 13.25
N LEU A 600 -8.85 3.78 12.47
CA LEU A 600 -10.26 4.05 12.20
C LEU A 600 -10.81 3.10 11.15
N LEU A 601 -10.27 3.15 9.94
CA LEU A 601 -10.76 2.30 8.85
C LEU A 601 -10.73 0.82 9.24
N GLN A 602 -9.79 0.42 10.09
CA GLN A 602 -9.73 -0.97 10.53
C GLN A 602 -10.83 -1.28 11.53
N ALA A 603 -11.22 -0.31 12.36
CA ALA A 603 -12.29 -0.53 13.32
C ALA A 603 -13.66 -0.48 12.66
N VAL A 604 -13.82 0.38 11.64
CA VAL A 604 -15.06 0.41 10.90
C VAL A 604 -15.25 -0.87 10.10
N MET A 605 -14.14 -1.51 9.70
CA MET A 605 -14.24 -2.79 9.00
C MET A 605 -14.83 -3.87 9.90
N THR A 606 -14.42 -3.91 11.16
CA THR A 606 -14.90 -4.89 12.14
C THR A 606 -15.47 -4.14 13.34
N PRO A 607 -16.69 -3.61 13.21
CA PRO A 607 -17.31 -2.92 14.36
C PRO A 607 -17.69 -3.86 15.49
N GLU A 608 -17.75 -5.16 15.24
CA GLU A 608 -18.18 -6.09 16.28
C GLU A 608 -17.07 -6.36 17.29
N ARG A 609 -15.81 -6.25 16.86
CA ARG A 609 -14.69 -6.52 17.76
C ARG A 609 -14.57 -5.41 18.79
N GLU A 610 -14.48 -5.80 20.06
CA GLU A 610 -14.46 -4.83 21.15
C GLU A 610 -13.10 -4.17 21.30
N ASN A 611 -12.02 -4.91 21.03
CA ASN A 611 -10.68 -4.33 21.19
C ASN A 611 -10.35 -3.37 20.06
N THR A 612 -10.83 -3.65 18.85
CA THR A 612 -10.52 -2.78 17.72
C THR A 612 -11.34 -1.49 17.76
N LEU A 613 -12.56 -1.57 18.28
CA LEU A 613 -13.39 -0.37 18.36
C LEU A 613 -12.92 0.53 19.49
N ARG A 614 -12.54 -0.05 20.63
CA ARG A 614 -12.07 0.74 21.75
C ARG A 614 -10.74 1.42 21.43
N SER A 615 -9.95 0.82 20.53
CA SER A 615 -8.68 1.43 20.14
C SER A 615 -8.91 2.64 19.23
N ALA A 616 -9.98 2.63 18.44
CA ALA A 616 -10.26 3.76 17.56
C ALA A 616 -10.83 4.94 18.35
N LEU A 617 -11.76 4.67 19.26
CA LEU A 617 -12.34 5.74 20.07
C LEU A 617 -11.34 6.34 21.04
N ALA A 618 -10.28 5.61 21.39
CA ALA A 618 -9.25 6.14 22.26
C ALA A 618 -8.20 6.97 21.53
N THR A 619 -8.28 7.05 20.20
CA THR A 619 -7.35 7.87 19.45
C THR A 619 -7.64 9.35 19.68
N SER A 620 -6.63 10.18 19.43
CA SER A 620 -6.76 11.62 19.60
C SER A 620 -7.69 12.25 18.58
N MET A 621 -7.95 11.57 17.46
CA MET A 621 -8.83 12.14 16.44
C MET A 621 -10.28 12.15 16.89
N MET A 622 -10.72 11.07 17.56
CA MET A 622 -12.09 11.03 18.06
C MET A 622 -12.30 12.03 19.19
N GLY A 623 -11.26 12.29 19.98
CA GLY A 623 -11.35 13.27 21.04
C GLY A 623 -12.11 12.84 22.26
N LEU A 624 -12.14 11.55 22.57
CA LEU A 624 -12.85 11.06 23.74
C LEU A 624 -11.93 11.01 24.95
N ASN A 625 -12.39 11.59 26.06
CA ASN A 625 -11.61 11.63 27.28
C ASN A 625 -11.54 10.25 27.92
N ALA A 626 -10.54 10.07 28.80
CA ALA A 626 -10.40 8.81 29.51
C ALA A 626 -11.62 8.53 30.39
N LEU A 627 -12.28 9.58 30.88
CA LEU A 627 -13.50 9.39 31.65
C LEU A 627 -14.63 8.89 30.75
N ASP A 628 -14.68 9.37 29.51
CA ASP A 628 -15.72 8.91 28.58
C ASP A 628 -15.49 7.46 28.18
N ILE A 629 -14.23 7.04 28.08
CA ILE A 629 -13.93 5.65 27.76
C ILE A 629 -14.27 4.75 28.93
N GLU A 630 -14.03 5.23 30.15
CA GLU A 630 -14.35 4.45 31.35
C GLU A 630 -15.86 4.27 31.47
N THR A 631 -16.63 5.35 31.28
CA THR A 631 -18.08 5.24 31.32
C THR A 631 -18.60 4.38 30.16
N LEU A 632 -17.83 4.29 29.07
CA LEU A 632 -18.23 3.44 27.96
C LEU A 632 -18.04 1.96 28.27
N ASN A 633 -16.98 1.62 29.03
CA ASN A 633 -16.76 0.22 29.42
C ASN A 633 -17.70 -0.20 30.53
N ASN A 634 -18.20 0.74 31.33
CA ASN A 634 -19.10 0.40 32.42
C ASN A 634 -20.50 0.08 31.95
N ASP A 635 -20.96 0.71 30.87
CA ASP A 635 -22.31 0.52 30.33
C ASP A 635 -22.21 -0.20 28.99
N GLU A 636 -22.81 -1.38 28.91
CA GLU A 636 -22.81 -2.13 27.66
C GLU A 636 -23.83 -1.61 26.65
N HIS A 637 -24.84 -0.86 27.11
CA HIS A 637 -25.83 -0.31 26.20
C HIS A 637 -25.24 0.79 25.34
N ALA A 638 -24.47 1.70 25.95
CA ALA A 638 -23.83 2.76 25.18
C ALA A 638 -22.80 2.18 24.20
N TRP A 639 -22.21 1.04 24.54
CA TRP A 639 -21.30 0.37 23.62
C TRP A 639 -22.03 -0.16 22.40
N ASP A 640 -23.25 -0.70 22.60
CA ASP A 640 -24.01 -1.23 21.49
C ASP A 640 -24.43 -0.12 20.53
N VAL A 641 -24.66 1.09 21.05
CA VAL A 641 -25.04 2.20 20.19
C VAL A 641 -23.86 2.64 19.33
N VAL A 642 -22.65 2.60 19.88
CA VAL A 642 -21.46 2.95 19.10
C VAL A 642 -21.22 1.90 18.02
N VAL A 643 -21.52 0.63 18.32
CA VAL A 643 -21.44 -0.41 17.31
C VAL A 643 -22.47 -0.14 16.22
N GLU A 644 -23.62 0.42 16.59
CA GLU A 644 -24.65 0.72 15.60
C GLU A 644 -24.22 1.84 14.66
N GLU A 645 -23.61 2.90 15.21
CA GLU A 645 -23.17 3.99 14.36
C GLU A 645 -21.93 3.61 13.54
N PHE A 646 -21.07 2.76 14.09
CA PHE A 646 -19.93 2.27 13.32
C PHE A 646 -20.36 1.28 12.25
N ASP A 647 -21.48 0.58 12.46
CA ASP A 647 -22.05 -0.24 11.41
C ASP A 647 -22.62 0.63 10.30
N GLY A 648 -23.28 1.74 10.67
CA GLY A 648 -23.76 2.67 9.66
C GLY A 648 -22.62 3.32 8.90
N TYR A 649 -21.50 3.55 9.56
CA TYR A 649 -20.32 4.07 8.86
C TYR A 649 -19.77 3.04 7.88
N ARG A 650 -19.84 1.76 8.24
CA ARG A 650 -19.39 0.70 7.35
C ARG A 650 -20.30 0.60 6.12
N GLN A 651 -21.59 0.90 6.30
CA GLN A 651 -22.51 0.87 5.16
C GLN A 651 -22.17 1.99 4.17
N ILE A 652 -21.99 3.22 4.68
CA ILE A 652 -21.56 4.31 3.82
C ILE A 652 -20.17 4.04 3.25
N TRP A 653 -19.32 3.36 4.02
CA TRP A 653 -18.01 2.96 3.52
C TRP A 653 -18.13 2.06 2.30
N ARG A 654 -19.07 1.12 2.33
CA ARG A 654 -19.22 0.16 1.23
C ARG A 654 -19.96 0.78 0.05
N LYS A 655 -20.98 1.60 0.32
CA LYS A 655 -21.80 2.15 -0.77
C LYS A 655 -21.11 3.31 -1.48
N ARG A 656 -20.27 4.07 -0.79
CA ARG A 656 -19.68 5.25 -1.39
C ARG A 656 -18.17 5.13 -1.50
N GLY A 657 -17.46 5.24 -0.38
CA GLY A 657 -16.02 5.14 -0.40
C GLY A 657 -15.42 5.64 0.89
N VAL A 658 -14.12 5.95 0.83
CA VAL A 658 -13.40 6.41 2.01
C VAL A 658 -13.76 7.86 2.32
N MET A 659 -13.72 8.72 1.30
CA MET A 659 -13.97 10.14 1.50
C MET A 659 -15.37 10.44 2.00
N PRO A 660 -16.44 9.86 1.46
CA PRO A 660 -17.77 10.17 2.01
C PRO A 660 -17.97 9.66 3.43
N MET A 661 -17.37 8.52 3.77
CA MET A 661 -17.53 8.00 5.13
C MET A 661 -16.80 8.88 6.14
N LEU A 662 -15.57 9.28 5.83
CA LEU A 662 -14.84 10.18 6.72
C LEU A 662 -15.53 11.54 6.82
N ARG A 663 -16.22 11.96 5.76
CA ARG A 663 -16.99 13.19 5.82
C ARG A 663 -18.15 13.06 6.79
N ALA A 664 -18.87 11.93 6.74
CA ALA A 664 -19.97 11.70 7.66
C ALA A 664 -19.49 11.47 9.09
N LEU A 665 -18.31 10.87 9.25
CA LEU A 665 -17.75 10.67 10.58
C LEU A 665 -17.33 11.99 11.21
N MET A 666 -16.73 12.89 10.42
CA MET A 666 -16.34 14.19 10.94
C MET A 666 -17.54 15.09 11.19
N SER A 667 -18.63 14.90 10.45
CA SER A 667 -19.82 15.73 10.63
C SER A 667 -20.62 15.29 11.86
N ALA A 668 -20.71 13.97 12.10
CA ALA A 668 -21.47 13.49 13.25
C ALA A 668 -20.70 13.69 14.54
N ARG A 669 -19.41 13.36 14.56
CA ARG A 669 -18.59 13.54 15.76
C ARG A 669 -18.22 14.98 16.02
N ASN A 670 -18.38 15.86 15.03
CA ASN A 670 -18.03 17.29 15.16
C ASN A 670 -16.55 17.46 15.51
N ILE A 671 -15.71 16.53 15.05
CA ILE A 671 -14.28 16.64 15.31
C ILE A 671 -13.62 17.71 14.46
N ALA A 672 -14.16 17.99 13.28
CA ALA A 672 -13.59 19.02 12.43
C ALA A 672 -13.66 20.39 13.10
N GLU A 673 -14.76 20.67 13.80
CA GLU A 673 -14.87 21.91 14.54
C GLU A 673 -14.03 21.88 15.81
N ASN A 674 -13.96 20.72 16.47
CA ASN A 674 -13.20 20.61 17.71
C ASN A 674 -11.70 20.72 17.46
N LEU A 675 -11.23 20.24 16.30
CA LEU A 675 -9.80 20.34 16.00
C LEU A 675 -9.39 21.77 15.72
N LEU A 676 -10.23 22.52 14.99
CA LEU A 676 -9.95 23.92 14.74
C LEU A 676 -9.99 24.74 16.03
N ALA A 677 -10.72 24.29 17.05
CA ALA A 677 -10.70 24.96 18.34
C ALA A 677 -9.45 24.65 19.13
N THR A 678 -8.91 23.43 18.98
CA THR A 678 -7.67 23.07 19.66
C THR A 678 -6.49 23.79 19.05
N ALA A 679 -5.58 24.27 19.90
CA ALA A 679 -4.41 24.98 19.43
C ALA A 679 -3.52 24.05 18.60
N GLY A 680 -3.16 24.50 17.40
CA GLY A 680 -2.40 23.67 16.50
C GLY A 680 -3.17 22.52 15.89
N GLY A 681 -4.50 22.56 15.97
CA GLY A 681 -5.33 21.51 15.43
C GLY A 681 -5.67 21.68 13.97
N GLU A 682 -5.56 22.91 13.46
CA GLU A 682 -5.81 23.13 12.03
C GLU A 682 -4.72 22.48 11.18
N ARG A 683 -3.48 22.46 11.69
CA ARG A 683 -2.44 21.67 11.04
C ARG A 683 -2.79 20.19 11.07
N ARG A 684 -3.42 19.74 12.15
CA ARG A 684 -3.86 18.35 12.25
C ARG A 684 -4.98 18.07 11.26
N LEU A 685 -5.88 19.03 11.04
CA LEU A 685 -7.01 18.80 10.15
C LEU A 685 -6.58 18.79 8.70
N THR A 686 -5.55 19.56 8.35
CA THR A 686 -5.08 19.60 6.97
C THR A 686 -4.50 18.25 6.56
N ASP A 687 -3.92 17.52 7.51
CA ASP A 687 -3.38 16.20 7.20
C ASP A 687 -4.49 15.17 7.07
N ILE A 688 -5.56 15.30 7.87
CA ILE A 688 -6.66 14.35 7.81
C ILE A 688 -7.38 14.46 6.47
N LEU A 689 -7.59 15.68 5.99
CA LEU A 689 -8.26 15.86 4.71
C LEU A 689 -7.37 15.45 3.54
N HIS A 690 -6.06 15.64 3.68
CA HIS A 690 -5.14 15.24 2.61
C HIS A 690 -5.03 13.73 2.50
N ILE A 691 -5.03 13.04 3.64
CA ILE A 691 -5.05 11.57 3.63
C ILE A 691 -6.36 11.07 3.05
N SER A 692 -7.47 11.75 3.39
CA SER A 692 -8.77 11.36 2.85
C SER A 692 -8.80 11.53 1.33
N GLU A 693 -7.95 12.40 0.79
CA GLU A 693 -7.86 12.56 -0.66
C GLU A 693 -7.02 11.45 -1.27
N LEU A 694 -5.95 11.06 -0.60
CA LEU A 694 -5.11 9.97 -1.10
C LEU A 694 -5.80 8.63 -0.98
N LEU A 695 -6.54 8.41 0.12
CA LEU A 695 -7.32 7.19 0.25
C LEU A 695 -8.45 7.10 -0.75
N GLN A 696 -9.01 8.24 -1.17
CA GLN A 696 -9.98 8.23 -2.26
C GLN A 696 -9.29 7.97 -3.59
N GLU A 697 -8.04 8.42 -3.73
CA GLU A 697 -7.28 8.15 -4.94
C GLU A 697 -6.98 6.66 -5.07
N ALA A 698 -6.41 6.07 -4.03
CA ALA A 698 -6.11 4.64 -4.03
C ALA A 698 -7.34 3.78 -3.81
N GLY A 699 -8.46 4.37 -3.40
CA GLY A 699 -9.68 3.61 -3.19
C GLY A 699 -10.41 3.28 -4.48
N THR A 700 -10.23 4.13 -5.50
CA THR A 700 -10.87 3.88 -6.79
C THR A 700 -10.14 2.77 -7.55
N GLN A 701 -8.82 2.66 -7.38
CA GLN A 701 -8.07 1.63 -8.10
C GLN A 701 -8.36 0.25 -7.55
N LEU A 702 -8.35 0.10 -6.22
CA LEU A 702 -8.58 -1.17 -5.56
C LEU A 702 -10.01 -1.23 -5.04
N GLU A 703 -10.80 -2.17 -5.56
CA GLU A 703 -12.17 -2.33 -5.10
C GLU A 703 -12.25 -3.07 -3.77
N SER A 704 -11.29 -3.94 -3.49
CA SER A 704 -11.31 -4.68 -2.23
C SER A 704 -11.03 -3.74 -1.06
N GLU A 705 -11.92 -3.76 -0.07
CA GLU A 705 -11.80 -2.86 1.06
C GLU A 705 -10.64 -3.27 1.97
N HIS A 706 -10.39 -4.58 2.11
CA HIS A 706 -9.28 -5.03 2.93
C HIS A 706 -7.94 -4.76 2.25
N ALA A 707 -7.89 -4.85 0.92
CA ALA A 707 -6.67 -4.47 0.21
C ALA A 707 -6.41 -2.98 0.32
N LEU A 708 -7.46 -2.18 0.53
CA LEU A 708 -7.29 -0.75 0.76
C LEU A 708 -6.63 -0.51 2.11
N VAL A 709 -7.06 -1.24 3.14
CA VAL A 709 -6.45 -1.10 4.46
C VAL A 709 -5.01 -1.60 4.43
N ARG A 710 -4.74 -2.65 3.65
CA ARG A 710 -3.37 -3.13 3.50
C ARG A 710 -2.51 -2.13 2.75
N TRP A 711 -3.10 -1.40 1.80
CA TRP A 711 -2.35 -0.36 1.10
C TRP A 711 -1.99 0.78 2.02
N LEU A 712 -2.91 1.16 2.91
CA LEU A 712 -2.62 2.24 3.85
C LEU A 712 -1.56 1.82 4.86
N SER A 713 -1.69 0.61 5.41
CA SER A 713 -0.72 0.12 6.38
C SER A 713 0.65 -0.06 5.75
N GLN A 714 0.70 -0.44 4.47
CA GLN A 714 1.97 -0.61 3.79
C GLN A 714 2.69 0.73 3.59
N HIS A 715 1.93 1.79 3.27
CA HIS A 715 2.53 3.10 3.12
C HIS A 715 2.89 3.75 4.45
N ILE A 716 2.27 3.32 5.55
CA ILE A 716 2.61 3.86 6.86
C ILE A 716 3.95 3.33 7.34
N LEU A 717 4.22 2.05 7.08
CA LEU A 717 5.49 1.45 7.50
C LEU A 717 6.66 2.14 6.81
N GLU A 718 6.63 2.19 5.48
CA GLU A 718 7.67 2.84 4.70
C GLU A 718 7.11 4.06 4.00
N PRO A 719 7.59 5.26 4.30
CA PRO A 719 7.08 6.46 3.61
C PRO A 719 7.39 6.40 2.12
N ASP A 720 6.41 6.80 1.31
CA ASP A 720 6.57 6.75 -0.14
C ASP A 720 7.43 7.90 -0.67
N SER A 721 7.48 9.02 0.05
CA SER A 721 8.27 10.21 -0.26
C SER A 721 7.80 10.94 -1.52
N ASN A 722 6.77 10.44 -2.20
CA ASN A 722 6.30 11.07 -3.43
C ASN A 722 5.89 12.52 -3.18
N ALA A 723 6.03 13.35 -4.22
CA ALA A 723 5.67 14.75 -4.12
C ALA A 723 4.19 14.93 -3.80
N SER A 724 3.33 14.12 -4.41
CA SER A 724 1.91 14.16 -4.10
C SER A 724 1.63 13.66 -2.68
N SER A 725 2.52 12.87 -2.11
CA SER A 725 2.38 12.39 -0.74
C SER A 725 3.07 13.28 0.27
N GLN A 726 3.65 14.40 -0.16
CA GLN A 726 4.31 15.34 0.74
C GLN A 726 3.27 16.21 1.45
N GLN A 727 3.60 16.60 2.67
CA GLN A 727 2.69 17.41 3.47
C GLN A 727 2.46 18.77 2.81
N MET A 728 1.18 19.14 2.69
CA MET A 728 0.83 20.43 2.13
C MET A 728 1.10 21.54 3.13
N ARG A 729 1.25 22.76 2.60
CA ARG A 729 1.46 23.92 3.46
C ARG A 729 0.18 24.28 4.20
N LEU A 730 0.33 24.61 5.48
CA LEU A 730 -0.81 25.04 6.27
C LEU A 730 -1.31 26.39 5.80
N GLU A 731 -2.62 26.60 5.91
CA GLU A 731 -3.21 27.89 5.59
C GLU A 731 -2.72 28.95 6.56
N SER A 732 -2.70 30.20 6.09
CA SER A 732 -2.27 31.39 6.82
C SER A 732 -0.75 31.45 7.01
N ASP A 733 -0.01 30.44 6.55
CA ASP A 733 1.45 30.48 6.64
C ASP A 733 2.05 31.63 5.83
N LYS A 734 1.28 32.25 4.94
CA LYS A 734 1.78 33.42 4.23
C LYS A 734 2.16 34.55 5.18
N HIS A 735 1.49 34.62 6.34
CA HIS A 735 1.79 35.63 7.35
C HIS A 735 2.78 35.16 8.40
N LEU A 736 3.33 33.95 8.25
CA LEU A 736 4.25 33.38 9.22
C LEU A 736 5.68 33.40 8.69
N VAL A 737 6.63 33.51 9.61
CA VAL A 737 8.04 33.54 9.24
C VAL A 737 8.39 32.29 8.44
N GLN A 738 9.03 32.49 7.30
CA GLN A 738 9.31 31.42 6.34
C GLN A 738 10.74 30.93 6.53
N ILE A 739 10.89 29.67 6.93
CA ILE A 739 12.19 28.99 6.98
C ILE A 739 12.31 28.13 5.75
N VAL A 740 13.39 28.32 4.99
CA VAL A 740 13.56 27.63 3.71
C VAL A 740 15.02 27.24 3.55
N THR A 741 15.25 26.16 2.80
CA THR A 741 16.60 25.69 2.51
C THR A 741 17.24 26.58 1.43
N ILE A 742 18.58 26.61 1.44
CA ILE A 742 19.31 27.38 0.44
C ILE A 742 19.00 26.90 -0.97
N HIS A 743 18.81 25.58 -1.12
CA HIS A 743 18.65 25.02 -2.46
C HIS A 743 17.27 25.34 -3.03
N LYS A 744 16.23 25.26 -2.21
CA LYS A 744 14.87 25.53 -2.66
C LYS A 744 14.56 27.01 -2.77
N SER A 745 15.46 27.87 -2.30
CA SER A 745 15.24 29.32 -2.34
C SER A 745 15.88 29.99 -3.55
N LYS A 746 16.54 29.23 -4.43
CA LYS A 746 17.20 29.83 -5.59
C LYS A 746 16.16 30.28 -6.60
N GLY A 747 16.23 31.56 -6.99
CA GLY A 747 15.29 32.11 -7.93
C GLY A 747 14.10 32.82 -7.33
N LEU A 748 14.09 33.05 -6.02
CA LEU A 748 12.99 33.70 -5.33
C LEU A 748 13.45 35.06 -4.80
N GLU A 749 12.53 35.76 -4.13
CA GLU A 749 12.79 37.10 -3.62
C GLU A 749 12.42 37.14 -2.15
N TYR A 750 13.40 37.44 -1.30
CA TYR A 750 13.24 37.46 0.15
C TYR A 750 13.71 38.79 0.70
N PRO A 751 12.80 39.75 0.91
CA PRO A 751 13.22 41.09 1.39
C PRO A 751 14.14 41.06 2.61
N LEU A 752 13.86 40.20 3.58
CA LEU A 752 14.69 40.07 4.77
C LEU A 752 15.13 38.63 4.93
N VAL A 753 16.44 38.40 5.00
CA VAL A 753 17.03 37.07 5.04
C VAL A 753 17.89 36.95 6.30
N TRP A 754 17.92 35.74 6.87
CA TRP A 754 18.78 35.43 8.01
C TRP A 754 19.63 34.21 7.69
N LEU A 755 20.91 34.30 8.02
CA LEU A 755 21.87 33.21 7.82
C LEU A 755 22.60 32.93 9.12
N PRO A 756 21.88 32.45 10.14
CA PRO A 756 22.55 32.26 11.45
C PRO A 756 23.61 31.18 11.42
N PHE A 757 23.35 30.07 10.72
CA PHE A 757 24.22 28.90 10.74
C PHE A 757 25.21 28.87 9.59
N ILE A 758 25.28 29.93 8.78
CA ILE A 758 26.07 29.96 7.56
C ILE A 758 27.54 29.61 7.82
N THR A 759 28.00 29.84 9.05
CA THR A 759 29.40 29.55 9.37
C THR A 759 29.68 28.05 9.49
N ASN A 760 28.64 27.23 9.67
CA ASN A 760 28.85 25.80 9.83
C ASN A 760 29.28 25.16 8.52
N PHE A 761 29.90 23.98 8.63
CA PHE A 761 30.38 23.28 7.45
C PHE A 761 30.50 21.80 7.79
N ARG A 762 30.54 20.99 6.73
CA ARG A 762 30.81 19.55 6.84
C ARG A 762 31.84 19.18 5.79
N VAL A 763 32.66 18.17 6.12
CA VAL A 763 33.74 17.72 5.23
C VAL A 763 33.36 16.34 4.70
N GLN A 764 33.45 16.18 3.38
CA GLN A 764 33.15 14.90 2.75
C GLN A 764 34.37 13.99 2.88
N GLU A 765 34.18 12.83 3.52
CA GLU A 765 35.28 11.91 3.75
C GLU A 765 35.60 11.08 2.50
N GLN A 766 34.61 10.80 1.67
CA GLN A 766 34.85 10.06 0.44
C GLN A 766 35.68 10.89 -0.52
N ALA A 767 36.40 10.21 -1.41
CA ALA A 767 37.22 10.86 -2.42
C ALA A 767 36.49 10.78 -3.76
N PHE A 768 35.96 11.91 -4.21
CA PHE A 768 35.36 12.03 -5.53
C PHE A 768 35.64 13.43 -6.04
N TYR A 769 36.06 13.52 -7.30
CA TYR A 769 36.49 14.79 -7.86
C TYR A 769 36.47 14.68 -9.38
N HIS A 770 36.83 15.79 -10.05
CA HIS A 770 36.97 15.83 -11.50
C HIS A 770 38.37 16.33 -11.82
N ASP A 771 39.02 15.69 -12.80
CA ASP A 771 40.37 16.09 -13.16
C ASP A 771 40.39 17.49 -13.73
N ARG A 772 41.41 18.26 -13.36
CA ARG A 772 41.54 19.63 -13.85
C ARG A 772 41.86 19.70 -15.34
N HIS A 773 42.19 18.57 -15.96
CA HIS A 773 42.54 18.53 -17.39
C HIS A 773 41.44 17.90 -18.22
N SER A 774 41.16 16.61 -18.00
CA SER A 774 40.15 15.91 -18.78
C SER A 774 38.73 16.30 -18.39
N PHE A 775 38.55 16.89 -17.20
CA PHE A 775 37.22 17.28 -16.71
C PHE A 775 36.27 16.09 -16.65
N GLU A 776 36.78 14.95 -16.19
CA GLU A 776 36.00 13.73 -16.07
C GLU A 776 35.81 13.38 -14.60
N ALA A 777 34.61 12.92 -14.27
CA ALA A 777 34.34 12.46 -12.90
C ALA A 777 35.20 11.25 -12.59
N VAL A 778 35.91 11.32 -11.46
CA VAL A 778 36.84 10.27 -11.05
C VAL A 778 36.57 9.94 -9.58
N LEU A 779 36.19 8.70 -9.31
CA LEU A 779 36.10 8.20 -7.95
C LEU A 779 37.31 7.34 -7.64
N ASP A 780 37.80 7.46 -6.40
CA ASP A 780 38.95 6.67 -5.94
C ASP A 780 38.51 5.84 -4.77
N LEU A 781 38.47 4.52 -4.95
CA LEU A 781 38.14 3.60 -3.87
C LEU A 781 39.29 3.48 -2.86
N ASN A 782 40.45 4.05 -3.16
CA ASN A 782 41.57 4.10 -2.24
C ASN A 782 41.56 5.42 -1.46
N ALA A 783 42.03 5.34 -0.21
CA ALA A 783 41.94 6.45 0.74
C ALA A 783 43.10 7.42 0.64
N ALA A 784 43.96 7.28 -0.38
CA ALA A 784 45.14 8.13 -0.53
C ALA A 784 44.74 9.61 -0.41
N PRO A 785 45.48 10.39 0.39
CA PRO A 785 45.03 11.77 0.68
C PRO A 785 45.04 12.70 -0.51
N GLU A 786 45.71 12.34 -1.61
CA GLU A 786 45.71 13.19 -2.80
C GLU A 786 44.28 13.48 -3.27
N SER A 787 43.55 12.44 -3.66
CA SER A 787 42.18 12.63 -4.13
C SER A 787 41.28 13.23 -3.06
N VAL A 788 41.64 13.09 -1.79
CA VAL A 788 40.85 13.68 -0.72
C VAL A 788 41.01 15.19 -0.71
N ASP A 789 42.22 15.68 -1.02
CA ASP A 789 42.46 17.12 -1.02
C ASP A 789 41.79 17.79 -2.21
N LEU A 790 41.83 17.14 -3.38
CA LEU A 790 41.16 17.70 -4.54
C LEU A 790 39.64 17.59 -4.41
N ALA A 791 39.15 16.63 -3.61
CA ALA A 791 37.72 16.51 -3.39
C ALA A 791 37.23 17.56 -2.39
N GLU A 792 38.06 17.87 -1.38
CA GLU A 792 37.67 18.89 -0.41
C GLU A 792 37.68 20.29 -1.03
N ALA A 793 38.53 20.51 -2.05
CA ALA A 793 38.57 21.81 -2.70
C ALA A 793 37.31 22.05 -3.52
N GLU A 794 36.73 20.98 -4.07
CA GLU A 794 35.49 21.13 -4.82
C GLU A 794 34.31 21.35 -3.89
N ARG A 795 34.34 20.72 -2.71
CA ARG A 795 33.31 20.97 -1.71
C ARG A 795 33.38 22.41 -1.20
N LEU A 796 34.58 22.91 -0.97
CA LEU A 796 34.73 24.28 -0.50
C LEU A 796 34.24 25.28 -1.54
N ALA A 797 34.50 25.01 -2.82
CA ALA A 797 34.02 25.89 -3.88
C ALA A 797 32.51 25.81 -4.01
N GLU A 798 31.92 24.65 -3.72
CA GLU A 798 30.46 24.53 -3.73
C GLU A 798 29.84 25.29 -2.58
N ASP A 799 30.49 25.30 -1.42
CA ASP A 799 29.98 26.06 -0.29
C ASP A 799 30.08 27.55 -0.56
N LEU A 800 31.10 27.98 -1.30
CA LEU A 800 31.22 29.38 -1.68
C LEU A 800 30.06 29.79 -2.59
N ARG A 801 29.64 28.89 -3.48
CA ARG A 801 28.49 29.18 -4.33
C ARG A 801 27.19 29.10 -3.55
N LEU A 802 27.17 28.30 -2.48
CA LEU A 802 26.02 28.29 -1.58
C LEU A 802 25.89 29.60 -0.83
N LEU A 803 27.02 30.25 -0.55
CA LEU A 803 26.99 31.54 0.14
C LEU A 803 26.57 32.66 -0.80
N TYR A 804 27.06 32.63 -2.05
CA TYR A 804 26.73 33.68 -3.00
C TYR A 804 25.22 33.74 -3.26
N VAL A 805 24.59 32.58 -3.42
CA VAL A 805 23.15 32.55 -3.67
C VAL A 805 22.39 33.03 -2.43
N ALA A 806 22.81 32.59 -1.26
CA ALA A 806 22.12 32.97 -0.03
C ALA A 806 22.30 34.45 0.28
N LEU A 807 23.41 35.04 -0.18
CA LEU A 807 23.63 36.47 0.06
C LEU A 807 22.81 37.33 -0.91
N THR A 808 22.53 36.80 -2.10
CA THR A 808 21.82 37.57 -3.12
C THR A 808 20.31 37.40 -3.04
N ARG A 809 19.80 36.54 -2.16
CA ARG A 809 18.35 36.43 -1.99
C ARG A 809 17.75 37.66 -1.34
N SER A 810 18.54 38.42 -0.60
CA SER A 810 18.03 39.58 0.12
C SER A 810 17.76 40.74 -0.83
N VAL A 811 16.92 41.66 -0.37
CA VAL A 811 16.58 42.86 -1.12
C VAL A 811 17.03 44.08 -0.34
N TRP A 812 16.45 44.28 0.85
CA TRP A 812 16.84 45.41 1.70
C TRP A 812 17.98 45.02 2.63
N HIS A 813 17.72 44.12 3.58
CA HIS A 813 18.67 43.78 4.62
C HIS A 813 18.79 42.27 4.78
N CYS A 814 19.98 41.81 5.15
CA CYS A 814 20.23 40.41 5.47
C CYS A 814 21.21 40.35 6.63
N SER A 815 21.00 39.39 7.53
CA SER A 815 21.87 39.20 8.68
C SER A 815 22.37 37.76 8.71
N LEU A 816 23.64 37.60 9.07
CA LEU A 816 24.27 36.29 9.12
C LEU A 816 25.11 36.15 10.38
N GLY A 817 25.04 34.98 11.00
CA GLY A 817 25.84 34.73 12.19
C GLY A 817 27.25 34.30 11.84
N VAL A 818 28.21 34.72 12.67
CA VAL A 818 29.61 34.37 12.51
C VAL A 818 30.17 34.03 13.88
N ALA A 819 30.84 32.89 13.99
CA ALA A 819 31.51 32.49 15.22
C ALA A 819 32.79 31.76 14.88
N PRO A 820 33.83 31.91 15.72
CA PRO A 820 35.06 31.15 15.50
C PRO A 820 34.92 29.69 15.93
N LEU A 821 34.06 28.95 15.24
CA LEU A 821 33.83 27.56 15.60
C LEU A 821 35.05 26.72 15.28
N VAL A 822 35.33 25.72 16.12
CA VAL A 822 36.49 24.86 15.98
C VAL A 822 36.03 23.41 16.04
N ARG A 823 36.21 22.68 14.95
CA ARG A 823 35.97 21.25 14.91
C ARG A 823 37.24 20.44 15.15
N ARG A 824 38.36 21.11 15.38
CA ARG A 824 39.63 20.43 15.59
C ARG A 824 39.61 19.61 16.87
N ARG A 825 40.32 18.47 16.85
CA ARG A 825 40.38 17.60 18.01
C ARG A 825 41.16 18.27 19.13
N GLY A 826 40.65 18.13 20.37
CA GLY A 826 41.31 18.68 21.53
C GLY A 826 41.13 20.17 21.74
N ASP A 827 40.49 20.89 20.82
CA ASP A 827 40.26 22.32 20.92
C ASP A 827 41.58 23.08 21.12
N LYS A 828 42.51 22.85 20.21
CA LYS A 828 43.81 23.49 20.28
C LYS A 828 43.67 25.00 20.06
N LYS A 829 44.53 25.76 20.73
CA LYS A 829 44.47 27.21 20.73
C LYS A 829 45.33 27.84 19.64
N GLY A 830 45.99 27.04 18.80
CA GLY A 830 46.89 27.60 17.81
C GLY A 830 46.17 28.35 16.71
N ASP A 831 45.16 27.72 16.12
CA ASP A 831 44.44 28.31 14.99
C ASP A 831 43.01 27.80 14.98
N THR A 832 42.17 28.48 14.21
CA THR A 832 40.75 28.14 14.11
C THR A 832 40.45 27.60 12.71
N ASP A 833 39.41 26.77 12.64
CA ASP A 833 39.02 26.08 11.43
C ASP A 833 38.04 26.87 10.57
N VAL A 834 37.75 28.13 10.94
CA VAL A 834 36.79 28.93 10.19
C VAL A 834 37.20 29.06 8.72
N HIS A 835 38.50 28.94 8.43
CA HIS A 835 38.95 29.01 7.04
C HIS A 835 38.37 27.87 6.21
N GLN A 836 38.01 26.75 6.86
CA GLN A 836 37.37 25.65 6.13
C GLN A 836 35.96 26.03 5.69
N SER A 837 35.30 26.94 6.40
CA SER A 837 33.99 27.40 6.01
C SER A 837 34.07 28.31 4.80
N ALA A 838 32.93 28.45 4.10
CA ALA A 838 32.89 29.30 2.92
C ALA A 838 33.05 30.77 3.30
N LEU A 839 32.26 31.25 4.27
CA LEU A 839 32.34 32.64 4.66
C LEU A 839 33.63 32.95 5.40
N GLY A 840 34.22 31.95 6.05
CA GLY A 840 35.47 32.19 6.76
C GLY A 840 36.65 32.36 5.81
N ARG A 841 36.61 31.69 4.66
CA ARG A 841 37.67 31.82 3.68
C ARG A 841 37.68 33.20 3.03
N LEU A 842 36.50 33.81 2.88
CA LEU A 842 36.42 35.10 2.22
C LEU A 842 36.81 36.25 3.14
N LEU A 843 36.57 36.13 4.44
CA LEU A 843 36.97 37.19 5.37
C LEU A 843 38.46 37.11 5.68
N GLN A 844 38.97 35.90 5.87
CA GLN A 844 40.37 35.68 6.22
C GLN A 844 41.27 35.51 5.00
N LYS A 845 40.71 35.65 3.79
CA LYS A 845 41.47 35.53 2.54
C LYS A 845 42.13 34.15 2.41
N GLY A 846 41.43 33.11 2.85
CA GLY A 846 41.97 31.77 2.80
C GLY A 846 43.14 31.51 3.74
N GLU A 847 43.36 32.39 4.71
CA GLU A 847 44.49 32.26 5.63
C GLU A 847 43.97 31.91 7.03
N PRO A 848 44.40 30.80 7.61
CA PRO A 848 43.96 30.49 8.99
C PRO A 848 44.50 31.51 9.98
N GLN A 849 43.68 31.83 10.97
CA GLN A 849 43.99 32.85 11.96
C GLN A 849 43.44 32.42 13.30
N ASP A 850 43.46 33.33 14.26
CA ASP A 850 42.89 33.11 15.59
C ASP A 850 41.56 33.85 15.70
N ALA A 851 40.95 33.76 16.89
CA ALA A 851 39.68 34.45 17.12
C ALA A 851 39.88 35.97 17.11
N ALA A 852 41.06 36.43 17.53
CA ALA A 852 41.35 37.85 17.46
C ALA A 852 41.58 38.29 16.01
N GLY A 853 42.23 37.45 15.22
CA GLY A 853 42.42 37.79 13.81
C GLY A 853 41.13 37.78 13.03
N LEU A 854 40.20 36.88 13.38
CA LEU A 854 38.90 36.87 12.75
C LEU A 854 38.12 38.14 13.06
N ARG A 855 38.26 38.66 14.28
CA ARG A 855 37.53 39.86 14.66
C ARG A 855 38.11 41.10 13.98
N THR A 856 39.43 41.14 13.81
CA THR A 856 40.05 42.30 13.16
C THR A 856 39.73 42.33 11.67
N CYS A 857 39.69 41.15 11.02
CA CYS A 857 39.31 41.11 9.62
C CYS A 857 37.85 41.50 9.42
N ILE A 858 37.02 41.32 10.45
CA ILE A 858 35.62 41.72 10.36
C ILE A 858 35.50 43.23 10.47
N GLU A 859 36.27 43.84 11.37
CA GLU A 859 36.21 45.29 11.56
C GLU A 859 36.87 46.05 10.42
N ALA A 860 37.61 45.38 9.55
CA ALA A 860 38.35 46.08 8.50
C ALA A 860 37.46 46.45 7.31
N LEU A 861 36.59 45.54 6.89
CA LEU A 861 35.87 45.67 5.63
C LEU A 861 34.50 46.32 5.78
N CYS A 862 34.10 46.72 6.98
CA CYS A 862 32.76 47.22 7.23
C CYS A 862 32.75 48.74 7.15
N ASP A 863 32.16 49.28 6.09
CA ASP A 863 31.91 50.72 5.96
C ASP A 863 30.54 50.95 5.37
N ASP A 864 29.65 51.57 6.13
CA ASP A 864 28.39 52.14 5.64
C ASP A 864 27.42 51.12 5.07
N ASP A 865 27.87 49.88 4.86
CA ASP A 865 27.02 48.83 4.32
C ASP A 865 27.10 47.59 5.20
N ILE A 866 28.28 47.00 5.28
CA ILE A 866 28.53 45.93 6.26
C ILE A 866 28.74 46.58 7.61
N ALA A 867 28.10 46.02 8.64
CA ALA A 867 28.27 46.47 10.02
C ALA A 867 28.20 45.27 10.93
N TRP A 868 29.10 45.20 11.91
CA TRP A 868 29.20 44.05 12.80
C TRP A 868 28.77 44.44 14.20
N GLN A 869 28.03 43.56 14.85
CA GLN A 869 27.67 43.70 16.25
C GLN A 869 27.88 42.37 16.95
N THR A 870 28.34 42.44 18.20
CA THR A 870 28.57 41.22 18.98
C THR A 870 27.25 40.50 19.22
N ALA A 871 27.32 39.18 19.34
CA ALA A 871 26.15 38.35 19.57
C ALA A 871 25.98 38.15 21.07
N GLN A 872 24.91 38.71 21.62
CA GLN A 872 24.66 38.70 23.06
C GLN A 872 23.27 38.13 23.31
N THR A 873 23.20 37.07 24.11
CA THR A 873 21.93 36.42 24.38
C THR A 873 21.13 37.22 25.40
N GLY A 874 19.86 37.47 25.10
CA GLY A 874 18.98 38.17 26.02
C GLY A 874 17.54 37.78 25.78
N ASP A 875 16.73 37.92 26.83
CA ASP A 875 15.32 37.57 26.77
C ASP A 875 14.52 38.61 27.55
N ASN A 876 13.49 39.17 26.90
CA ASN A 876 12.62 40.15 27.54
C ASN A 876 11.19 39.63 27.63
N GLN A 877 10.47 39.60 26.51
CA GLN A 877 9.11 39.08 26.44
C GLN A 877 8.94 38.34 25.13
N PRO A 878 8.19 37.23 25.13
CA PRO A 878 8.09 36.45 23.88
C PRO A 878 7.46 37.21 22.73
N TRP A 879 6.29 37.83 22.93
CA TRP A 879 5.58 38.54 21.88
C TRP A 879 4.27 39.10 22.39
N GLN A 880 3.56 39.82 21.53
CA GLN A 880 2.21 40.31 21.84
C GLN A 880 1.21 39.63 20.91
N VAL A 881 -0.04 39.55 21.37
CA VAL A 881 -1.01 38.68 20.71
C VAL A 881 -1.49 39.28 19.39
N ASN A 882 -1.68 40.59 19.35
CA ASN A 882 -2.38 41.33 18.29
C ASN A 882 -3.88 41.05 18.38
N ASP A 883 -4.31 40.25 19.35
CA ASP A 883 -5.70 39.84 19.54
C ASP A 883 -6.27 39.14 18.31
N VAL A 884 -7.53 39.41 18.00
CA VAL A 884 -8.24 38.67 16.96
C VAL A 884 -9.42 39.49 16.46
N SER A 885 -9.94 39.06 15.31
CA SER A 885 -11.20 39.57 14.76
C SER A 885 -12.13 38.39 14.53
N THR A 886 -13.40 38.56 14.92
CA THR A 886 -14.44 37.57 14.67
C THR A 886 -15.63 38.27 14.04
N ALA A 887 -16.35 37.56 13.17
CA ALA A 887 -17.47 38.13 12.45
C ALA A 887 -18.57 37.08 12.29
N GLU A 888 -19.76 37.57 11.92
CA GLU A 888 -20.90 36.69 11.68
C GLU A 888 -20.82 36.06 10.30
N LEU A 889 -21.34 34.83 10.19
CA LEU A 889 -21.34 34.11 8.93
C LEU A 889 -22.50 33.13 8.92
N ASN A 890 -22.93 32.77 7.72
CA ASN A 890 -24.00 31.80 7.52
C ASN A 890 -23.79 31.10 6.18
N ALA A 891 -24.46 29.95 6.04
CA ALA A 891 -24.40 29.17 4.81
C ALA A 891 -25.80 29.09 4.22
N LYS A 892 -25.91 29.32 2.91
CA LYS A 892 -27.20 29.26 2.24
C LYS A 892 -27.73 27.83 2.24
N THR A 893 -29.06 27.71 2.30
CA THR A 893 -29.74 26.42 2.29
C THR A 893 -30.72 26.40 1.15
N LEU A 894 -30.71 25.32 0.38
CA LEU A 894 -31.62 25.19 -0.76
C LEU A 894 -33.04 24.94 -0.29
N GLN A 895 -33.99 25.68 -0.85
CA GLN A 895 -35.40 25.56 -0.47
C GLN A 895 -36.10 24.46 -1.27
N ARG A 896 -36.17 24.63 -2.59
CA ARG A 896 -36.82 23.65 -3.44
C ARG A 896 -36.03 22.34 -3.45
N LEU A 897 -36.69 21.27 -3.87
CA LEU A 897 -36.05 19.97 -3.95
C LEU A 897 -34.81 20.05 -4.84
N PRO A 898 -33.73 19.34 -4.51
CA PRO A 898 -32.53 19.43 -5.35
C PRO A 898 -32.73 18.89 -6.75
N GLY A 899 -33.55 17.85 -6.90
CA GLY A 899 -33.85 17.31 -8.21
C GLY A 899 -34.97 16.32 -8.15
N ASP A 900 -35.64 16.16 -9.29
CA ASP A 900 -36.71 15.18 -9.44
C ASP A 900 -36.17 13.95 -10.16
N ASN A 901 -37.06 12.99 -10.42
CA ASN A 901 -36.67 11.74 -11.04
C ASN A 901 -36.86 11.86 -12.55
N TRP A 902 -35.75 11.91 -13.28
CA TRP A 902 -35.74 11.77 -14.74
C TRP A 902 -34.64 10.78 -15.08
N ARG A 903 -35.01 9.62 -15.60
CA ARG A 903 -34.06 8.55 -15.85
C ARG A 903 -34.48 7.76 -17.07
N VAL A 904 -33.51 7.08 -17.67
CA VAL A 904 -33.73 6.21 -18.82
C VAL A 904 -33.44 4.80 -18.35
N THR A 905 -34.49 3.98 -18.26
CA THR A 905 -34.38 2.64 -17.71
C THR A 905 -35.21 1.66 -18.54
N SER A 906 -34.79 0.40 -18.53
CA SER A 906 -35.48 -0.67 -19.22
C SER A 906 -36.40 -1.40 -18.24
N TYR A 907 -36.97 -2.52 -18.70
CA TYR A 907 -37.82 -3.32 -17.82
C TYR A 907 -37.05 -3.94 -16.67
N SER A 908 -35.71 -4.02 -16.78
CA SER A 908 -34.91 -4.54 -15.67
C SER A 908 -34.91 -3.58 -14.49
N GLY A 909 -34.99 -2.28 -14.75
CA GLY A 909 -35.08 -1.30 -13.69
C GLY A 909 -36.43 -1.22 -13.00
N LEU A 910 -37.41 -2.00 -13.47
CA LEU A 910 -38.74 -2.05 -12.86
C LEU A 910 -38.88 -3.25 -11.94
N GLN A 911 -38.79 -4.46 -12.50
CA GLN A 911 -38.85 -5.67 -11.68
C GLN A 911 -37.69 -5.72 -10.69
N GLN A 912 -36.52 -5.26 -11.12
CA GLN A 912 -35.32 -5.25 -10.27
C GLN A 912 -34.98 -6.63 -9.74
N THR A 942 -30.18 -34.06 -24.51
CA THR A 942 -31.26 -33.37 -23.82
C THR A 942 -30.94 -31.88 -23.66
N PRO A 943 -31.93 -31.03 -23.92
CA PRO A 943 -31.68 -29.57 -23.84
C PRO A 943 -31.46 -29.07 -22.42
N HIS A 944 -31.87 -29.82 -21.40
CA HIS A 944 -31.73 -29.35 -20.03
C HIS A 944 -30.30 -29.48 -19.52
N GLN A 945 -29.53 -30.43 -20.05
CA GLN A 945 -28.14 -30.62 -19.61
C GLN A 945 -27.23 -29.51 -20.09
N PHE A 946 -27.71 -28.60 -20.94
CA PHE A 946 -26.91 -27.45 -21.35
C PHE A 946 -26.56 -26.61 -20.13
N PRO A 947 -25.36 -26.05 -20.06
CA PRO A 947 -24.96 -25.27 -18.88
C PRO A 947 -25.88 -24.08 -18.66
N ARG A 948 -25.91 -23.62 -17.40
CA ARG A 948 -26.79 -22.54 -16.99
C ARG A 948 -25.96 -21.37 -16.46
N GLY A 949 -26.42 -20.18 -16.77
CA GLY A 949 -25.75 -18.97 -16.33
C GLY A 949 -25.95 -17.86 -17.35
N ALA A 950 -25.23 -16.76 -17.13
CA ALA A 950 -25.28 -15.64 -18.06
C ALA A 950 -24.49 -15.92 -19.33
N SER A 951 -23.33 -16.57 -19.19
CA SER A 951 -22.52 -16.90 -20.36
C SER A 951 -23.20 -17.91 -21.27
N PRO A 952 -23.77 -19.02 -20.79
CA PRO A 952 -24.50 -19.91 -21.70
C PRO A 952 -25.73 -19.27 -22.31
N GLY A 953 -26.42 -18.41 -21.56
CA GLY A 953 -27.59 -17.75 -22.09
C GLY A 953 -27.26 -16.80 -23.23
N THR A 954 -26.16 -16.04 -23.08
CA THR A 954 -25.74 -15.14 -24.15
C THR A 954 -25.26 -15.91 -25.37
N PHE A 955 -24.70 -17.09 -25.19
CA PHE A 955 -24.30 -17.90 -26.33
C PHE A 955 -25.50 -18.43 -27.09
N LEU A 956 -26.54 -18.87 -26.37
CA LEU A 956 -27.76 -19.34 -27.02
C LEU A 956 -28.41 -18.22 -27.83
N HIS A 957 -28.35 -16.99 -27.32
CA HIS A 957 -28.88 -15.86 -28.08
C HIS A 957 -27.96 -15.52 -29.24
N SER A 958 -26.64 -15.61 -29.04
CA SER A 958 -25.70 -15.30 -30.12
C SER A 958 -25.86 -16.24 -31.30
N LEU A 959 -26.31 -17.47 -31.05
CA LEU A 959 -26.60 -18.39 -32.15
C LEU A 959 -27.61 -17.80 -33.12
N PHE A 960 -28.83 -17.54 -32.64
CA PHE A 960 -29.89 -17.01 -33.50
C PHE A 960 -29.64 -15.59 -33.99
N GLU A 961 -28.64 -14.90 -33.45
CA GLU A 961 -28.35 -13.54 -33.90
C GLU A 961 -27.91 -13.53 -35.37
N ASP A 962 -26.85 -14.26 -35.68
CA ASP A 962 -26.33 -14.33 -37.04
C ASP A 962 -26.84 -15.54 -37.81
N LEU A 963 -27.73 -16.33 -37.22
CA LEU A 963 -28.20 -17.55 -37.87
C LEU A 963 -29.07 -17.22 -39.08
N ASP A 964 -28.89 -17.99 -40.14
CA ASP A 964 -29.72 -17.89 -41.34
C ASP A 964 -30.85 -18.90 -41.22
N PHE A 965 -32.10 -18.42 -41.26
CA PHE A 965 -33.24 -19.28 -41.00
C PHE A 965 -33.59 -20.14 -42.21
N THR A 966 -33.49 -19.59 -43.41
CA THR A 966 -33.89 -20.34 -44.61
C THR A 966 -32.97 -21.53 -44.85
N GLN A 967 -31.65 -21.32 -44.79
CA GLN A 967 -30.70 -22.39 -45.03
C GLN A 967 -30.65 -23.33 -43.83
N PRO A 968 -30.53 -24.65 -44.06
CA PRO A 968 -30.36 -25.57 -42.93
C PRO A 968 -29.07 -25.34 -42.17
N VAL A 969 -28.86 -26.09 -41.11
CA VAL A 969 -27.73 -25.88 -40.21
C VAL A 969 -26.52 -26.66 -40.72
N ASP A 970 -25.37 -25.99 -40.74
CA ASP A 970 -24.11 -26.60 -41.15
C ASP A 970 -23.31 -27.02 -39.93
N PRO A 971 -22.89 -28.28 -39.85
CA PRO A 971 -22.13 -28.71 -38.66
C PRO A 971 -20.79 -28.01 -38.52
N ASN A 972 -20.16 -27.62 -39.63
CA ASN A 972 -18.91 -26.87 -39.54
C ASN A 972 -19.15 -25.48 -38.95
N TRP A 973 -20.33 -24.92 -39.15
CA TRP A 973 -20.65 -23.63 -38.57
C TRP A 973 -20.87 -23.75 -37.06
N VAL A 974 -21.52 -24.84 -36.63
CA VAL A 974 -21.77 -25.03 -35.20
C VAL A 974 -20.45 -25.32 -34.47
N ARG A 975 -19.55 -26.06 -35.11
CA ARG A 975 -18.27 -26.36 -34.48
C ARG A 975 -17.44 -25.10 -34.28
N GLU A 976 -17.49 -24.17 -35.24
CA GLU A 976 -16.69 -22.95 -35.13
C GLU A 976 -17.31 -21.96 -34.15
N LYS A 977 -18.64 -22.00 -33.97
CA LYS A 977 -19.28 -21.12 -33.00
C LYS A 977 -18.95 -21.54 -31.58
N LEU A 978 -19.05 -22.85 -31.29
CA LEU A 978 -18.65 -23.34 -29.98
C LEU A 978 -17.16 -23.21 -29.76
N GLU A 979 -16.37 -23.28 -30.83
CA GLU A 979 -14.93 -23.07 -30.71
C GLU A 979 -14.62 -21.63 -30.31
N LEU A 980 -15.31 -20.67 -30.93
CA LEU A 980 -15.11 -19.27 -30.59
C LEU A 980 -15.60 -18.96 -29.18
N GLY A 981 -16.66 -19.64 -28.73
CA GLY A 981 -17.17 -19.44 -27.39
C GLY A 981 -16.43 -20.17 -26.30
N GLY A 982 -15.52 -21.07 -26.66
CA GLY A 982 -14.73 -21.82 -25.70
C GLY A 982 -15.22 -23.23 -25.44
N PHE A 983 -16.40 -23.60 -25.93
CA PHE A 983 -16.93 -24.92 -25.70
C PHE A 983 -16.21 -25.95 -26.58
N GLU A 984 -16.29 -27.21 -26.15
CA GLU A 984 -15.63 -28.31 -26.83
C GLU A 984 -16.53 -28.86 -27.94
N SER A 985 -16.14 -29.99 -28.51
CA SER A 985 -16.92 -30.66 -29.55
C SER A 985 -18.01 -31.57 -28.98
N GLN A 986 -18.13 -31.66 -27.66
CA GLN A 986 -19.17 -32.46 -27.04
C GLN A 986 -20.57 -31.93 -27.35
N TRP A 987 -20.69 -30.64 -27.66
CA TRP A 987 -21.97 -29.98 -27.86
C TRP A 987 -22.49 -30.13 -29.29
N GLU A 988 -21.70 -29.70 -30.28
CA GLU A 988 -22.09 -29.54 -31.68
C GLU A 988 -22.97 -30.67 -32.23
N PRO A 989 -22.67 -31.95 -31.97
CA PRO A 989 -23.61 -33.00 -32.42
C PRO A 989 -24.98 -32.88 -31.79
N VAL A 990 -25.07 -32.41 -30.54
CA VAL A 990 -26.37 -32.23 -29.89
C VAL A 990 -27.00 -30.88 -30.24
N LEU A 991 -26.23 -29.96 -30.82
CA LEU A 991 -26.70 -28.62 -31.11
C LEU A 991 -27.35 -28.53 -32.49
N THR A 992 -26.58 -28.84 -33.54
CA THR A 992 -27.07 -28.71 -34.92
C THR A 992 -28.40 -29.43 -35.13
N GLU A 993 -28.69 -30.46 -34.34
CA GLU A 993 -29.99 -31.11 -34.40
C GLU A 993 -31.07 -30.25 -33.74
N TRP A 994 -30.89 -29.96 -32.44
CA TRP A 994 -31.85 -29.14 -31.70
C TRP A 994 -32.14 -27.82 -32.40
N ILE A 995 -31.15 -27.23 -33.08
CA ILE A 995 -31.38 -25.98 -33.79
C ILE A 995 -32.38 -26.18 -34.91
N THR A 996 -32.28 -27.29 -35.64
CA THR A 996 -33.22 -27.57 -36.71
C THR A 996 -34.63 -27.77 -36.18
N ALA A 997 -34.75 -28.29 -34.94
CA ALA A 997 -36.07 -28.47 -34.35
C ALA A 997 -36.71 -27.14 -33.97
N VAL A 998 -35.89 -26.13 -33.69
CA VAL A 998 -36.43 -24.81 -33.34
C VAL A 998 -36.88 -24.06 -34.59
N LEU A 999 -36.11 -24.14 -35.67
CA LEU A 999 -36.45 -23.40 -36.88
C LEU A 999 -37.64 -24.00 -37.61
N GLN A 1000 -37.87 -25.30 -37.44
CA GLN A 1000 -38.96 -26.00 -38.12
C GLN A 1000 -40.24 -26.08 -37.30
N ALA A 1001 -40.26 -25.48 -36.11
CA ALA A 1001 -41.43 -25.57 -35.25
C ALA A 1001 -42.49 -24.55 -35.71
N PRO A 1002 -43.74 -24.99 -35.92
CA PRO A 1002 -44.79 -24.04 -36.28
C PRO A 1002 -45.17 -23.15 -35.10
N LEU A 1003 -45.70 -21.97 -35.44
CA LEU A 1003 -46.02 -20.96 -34.44
C LEU A 1003 -47.49 -20.56 -34.53
N ASN A 1004 -48.12 -20.39 -33.36
CA ASN A 1004 -49.49 -19.92 -33.22
C ASN A 1004 -50.48 -20.76 -34.03
N GLU A 1005 -51.49 -20.09 -34.61
CA GLU A 1005 -52.48 -20.77 -35.43
C GLU A 1005 -52.01 -20.99 -36.86
N THR A 1006 -51.37 -19.97 -37.45
CA THR A 1006 -50.97 -20.01 -38.85
C THR A 1006 -49.91 -21.06 -39.13
N GLY A 1007 -49.25 -21.59 -38.11
CA GLY A 1007 -48.22 -22.59 -38.32
C GLY A 1007 -47.00 -22.05 -39.05
N VAL A 1008 -46.59 -20.84 -38.74
CA VAL A 1008 -45.45 -20.21 -39.39
C VAL A 1008 -44.16 -20.86 -38.90
N SER A 1009 -43.36 -21.34 -39.83
CA SER A 1009 -42.05 -21.90 -39.50
C SER A 1009 -40.98 -20.83 -39.63
N LEU A 1010 -40.01 -20.86 -38.73
CA LEU A 1010 -38.95 -19.86 -38.72
C LEU A 1010 -38.14 -19.86 -40.01
N SER A 1011 -38.03 -21.01 -40.68
CA SER A 1011 -37.28 -21.10 -41.92
C SER A 1011 -38.00 -20.45 -43.10
N GLN A 1012 -39.31 -20.23 -42.99
CA GLN A 1012 -40.07 -19.61 -44.07
C GLN A 1012 -39.88 -18.11 -44.18
N LEU A 1013 -39.21 -17.50 -43.21
CA LEU A 1013 -39.05 -16.04 -43.20
C LEU A 1013 -37.88 -15.64 -44.09
N SER A 1014 -38.16 -14.81 -45.08
CA SER A 1014 -37.12 -14.24 -45.93
C SER A 1014 -36.41 -13.10 -45.21
N ALA A 1015 -35.18 -12.83 -45.65
CA ALA A 1015 -34.39 -11.76 -45.05
C ALA A 1015 -35.03 -10.39 -45.23
N ARG A 1016 -35.93 -10.24 -46.21
CA ARG A 1016 -36.63 -8.98 -46.39
C ARG A 1016 -37.55 -8.68 -45.21
N ASN A 1017 -38.17 -9.71 -44.65
CA ASN A 1017 -39.10 -9.55 -43.53
C ASN A 1017 -38.43 -9.69 -42.18
N LYS A 1018 -37.11 -9.88 -42.14
CA LYS A 1018 -36.40 -10.09 -40.89
C LYS A 1018 -35.88 -8.76 -40.33
N GLN A 1019 -36.15 -8.55 -39.04
CA GLN A 1019 -35.55 -7.44 -38.30
C GLN A 1019 -35.08 -7.98 -36.96
N VAL A 1020 -33.78 -7.90 -36.72
CA VAL A 1020 -33.15 -8.56 -35.57
C VAL A 1020 -32.59 -7.49 -34.64
N GLU A 1021 -32.86 -7.64 -33.34
CA GLU A 1021 -32.32 -6.79 -32.28
C GLU A 1021 -32.69 -5.32 -32.51
N MET A 1022 -33.98 -5.06 -32.31
CA MET A 1022 -34.52 -3.70 -32.38
C MET A 1022 -34.35 -3.03 -31.02
N GLU A 1023 -33.73 -1.85 -31.01
CA GLU A 1023 -33.61 -1.05 -29.80
C GLU A 1023 -34.53 0.15 -29.92
N PHE A 1024 -35.53 0.22 -29.05
CA PHE A 1024 -36.53 1.28 -29.08
C PHE A 1024 -36.40 2.15 -27.84
N TYR A 1025 -36.78 3.42 -27.99
CA TYR A 1025 -36.85 4.36 -26.88
C TYR A 1025 -38.29 4.84 -26.76
N LEU A 1026 -38.95 4.44 -25.67
CA LEU A 1026 -40.35 4.80 -25.44
C LEU A 1026 -40.42 5.82 -24.32
N PRO A 1027 -40.71 7.09 -24.62
CA PRO A 1027 -40.79 8.09 -23.55
C PRO A 1027 -42.05 7.92 -22.72
N ILE A 1028 -41.93 8.17 -21.42
CA ILE A 1028 -43.08 8.26 -20.52
C ILE A 1028 -43.16 9.70 -20.04
N SER A 1029 -44.34 10.31 -20.19
CA SER A 1029 -44.48 11.76 -19.96
C SER A 1029 -44.72 12.03 -18.47
N GLU A 1030 -45.90 11.69 -17.98
CA GLU A 1030 -46.20 11.88 -16.57
C GLU A 1030 -45.56 10.78 -15.74
N PRO A 1031 -45.29 11.03 -14.46
CA PRO A 1031 -44.68 10.00 -13.61
C PRO A 1031 -45.55 8.75 -13.53
N LEU A 1032 -44.93 7.60 -13.72
CA LEU A 1032 -45.63 6.33 -13.74
C LEU A 1032 -45.70 5.76 -12.33
N ILE A 1033 -46.91 5.60 -11.81
CA ILE A 1033 -47.14 5.08 -10.47
C ILE A 1033 -47.52 3.61 -10.59
N ALA A 1034 -46.96 2.79 -9.70
CA ALA A 1034 -47.24 1.36 -9.68
C ALA A 1034 -48.74 1.10 -9.57
N SER A 1035 -49.35 1.53 -8.45
CA SER A 1035 -50.76 1.25 -8.21
C SER A 1035 -51.64 1.84 -9.30
N GLN A 1036 -51.26 2.99 -9.86
CA GLN A 1036 -52.03 3.57 -10.96
C GLN A 1036 -51.90 2.79 -12.26
N LEU A 1037 -50.97 1.83 -12.32
CA LEU A 1037 -50.75 1.01 -13.52
C LEU A 1037 -51.38 -0.37 -13.39
N ASP A 1038 -50.94 -1.16 -12.41
CA ASP A 1038 -51.41 -2.53 -12.25
C ASP A 1038 -52.93 -2.63 -12.18
N THR A 1039 -53.62 -1.60 -11.69
CA THR A 1039 -55.08 -1.62 -11.69
C THR A 1039 -55.63 -1.70 -13.11
N LEU A 1040 -55.03 -0.96 -14.05
CA LEU A 1040 -55.42 -1.07 -15.45
C LEU A 1040 -54.98 -2.40 -16.03
N ILE A 1041 -53.78 -2.85 -15.68
CA ILE A 1041 -53.25 -4.14 -16.12
C ILE A 1041 -54.19 -5.27 -15.70
N ARG A 1042 -54.35 -5.44 -14.39
CA ARG A 1042 -55.18 -6.52 -13.86
C ARG A 1042 -56.60 -6.46 -14.38
N GLN A 1043 -57.07 -5.28 -14.76
CA GLN A 1043 -58.44 -5.14 -15.28
C GLN A 1043 -58.65 -6.01 -16.51
N PHE A 1044 -57.95 -5.69 -17.61
CA PHE A 1044 -58.16 -6.37 -18.88
C PHE A 1044 -57.29 -7.61 -19.07
N ASP A 1045 -56.28 -7.82 -18.22
CA ASP A 1045 -55.35 -8.92 -18.41
C ASP A 1045 -55.62 -10.02 -17.39
N PRO A 1046 -55.95 -11.24 -17.82
CA PRO A 1046 -56.13 -12.33 -16.85
C PRO A 1046 -54.84 -12.79 -16.20
N LEU A 1047 -53.69 -12.62 -16.88
CA LEU A 1047 -52.43 -13.07 -16.32
C LEU A 1047 -51.96 -12.21 -15.15
N SER A 1048 -52.48 -10.99 -15.02
CA SER A 1048 -52.09 -10.11 -13.94
C SER A 1048 -52.83 -10.39 -12.64
N ALA A 1049 -53.76 -11.36 -12.63
CA ALA A 1049 -54.45 -11.72 -11.40
C ALA A 1049 -53.52 -12.35 -10.39
N GLY A 1050 -52.64 -13.26 -10.84
CA GLY A 1050 -51.68 -13.86 -9.95
C GLY A 1050 -50.58 -12.90 -9.55
N CYS A 1051 -49.98 -13.19 -8.39
CA CYS A 1051 -48.89 -12.41 -7.80
C CYS A 1051 -49.38 -11.04 -7.33
N PRO A 1052 -48.70 -10.41 -6.38
CA PRO A 1052 -49.13 -9.08 -5.93
C PRO A 1052 -48.92 -8.04 -7.02
N PRO A 1053 -49.35 -6.80 -6.81
CA PRO A 1053 -49.11 -5.76 -7.82
C PRO A 1053 -47.63 -5.44 -7.94
N LEU A 1054 -47.24 -4.97 -9.12
CA LEU A 1054 -45.84 -4.63 -9.37
C LEU A 1054 -45.42 -3.46 -8.49
N GLU A 1055 -44.18 -3.51 -8.03
CA GLU A 1055 -43.64 -2.52 -7.10
C GLU A 1055 -42.45 -1.83 -7.77
N PHE A 1056 -42.62 -0.55 -8.09
CA PHE A 1056 -41.51 0.25 -8.63
C PHE A 1056 -41.74 1.71 -8.26
N MET A 1057 -40.64 2.42 -8.06
CA MET A 1057 -40.68 3.83 -7.71
C MET A 1057 -41.18 4.66 -8.89
N GLN A 1058 -41.66 5.87 -8.58
CA GLN A 1058 -42.13 6.77 -9.62
C GLN A 1058 -40.99 7.10 -10.59
N VAL A 1059 -41.24 6.87 -11.88
CA VAL A 1059 -40.24 7.05 -12.92
C VAL A 1059 -40.82 7.91 -14.03
N ARG A 1060 -40.04 8.88 -14.49
CA ARG A 1060 -40.40 9.74 -15.62
C ARG A 1060 -39.19 9.90 -16.51
N GLY A 1061 -39.33 9.51 -17.79
CA GLY A 1061 -38.19 9.55 -18.68
C GLY A 1061 -38.40 8.65 -19.88
N MET A 1062 -37.29 8.20 -20.46
CA MET A 1062 -37.29 7.30 -21.60
C MET A 1062 -37.19 5.85 -21.16
N LEU A 1063 -37.89 4.97 -21.86
CA LEU A 1063 -37.86 3.54 -21.58
C LEU A 1063 -37.05 2.84 -22.67
N LYS A 1064 -36.25 1.86 -22.27
CA LYS A 1064 -35.38 1.12 -23.17
C LYS A 1064 -35.80 -0.34 -23.20
N GLY A 1065 -35.46 -1.01 -24.31
CA GLY A 1065 -35.73 -2.43 -24.44
C GLY A 1065 -35.13 -3.03 -25.71
N PHE A 1066 -34.92 -4.33 -25.70
CA PHE A 1066 -34.31 -5.04 -26.83
C PHE A 1066 -35.28 -6.12 -27.31
N ILE A 1067 -35.76 -5.97 -28.53
CA ILE A 1067 -36.66 -6.95 -29.15
C ILE A 1067 -35.80 -7.97 -29.89
N ASP A 1068 -36.00 -9.25 -29.55
CA ASP A 1068 -35.15 -10.30 -30.13
C ASP A 1068 -35.39 -10.42 -31.63
N LEU A 1069 -36.65 -10.57 -32.05
CA LEU A 1069 -36.95 -10.69 -33.47
C LEU A 1069 -38.32 -10.08 -33.76
N VAL A 1070 -38.42 -9.41 -34.91
CA VAL A 1070 -39.68 -8.88 -35.42
C VAL A 1070 -39.78 -9.25 -36.89
N PHE A 1071 -40.90 -9.85 -37.29
CA PHE A 1071 -41.09 -10.29 -38.66
C PHE A 1071 -42.54 -10.14 -39.05
N ARG A 1072 -42.78 -10.08 -40.36
CA ARG A 1072 -44.12 -9.99 -40.92
C ARG A 1072 -44.39 -11.21 -41.78
N HIS A 1073 -45.59 -11.75 -41.68
CA HIS A 1073 -46.00 -12.89 -42.49
C HIS A 1073 -47.46 -12.70 -42.90
N GLU A 1074 -47.74 -12.89 -44.18
CA GLU A 1074 -49.08 -12.69 -44.75
C GLU A 1074 -49.59 -11.28 -44.47
N GLY A 1075 -48.69 -10.30 -44.47
CA GLY A 1075 -49.07 -8.94 -44.16
C GLY A 1075 -49.45 -8.71 -42.72
N ARG A 1076 -48.95 -9.54 -41.80
CA ARG A 1076 -49.28 -9.44 -40.38
C ARG A 1076 -48.00 -9.56 -39.57
N TYR A 1077 -47.71 -8.53 -38.78
CA TYR A 1077 -46.48 -8.48 -38.01
C TYR A 1077 -46.59 -9.33 -36.75
N TYR A 1078 -45.43 -9.77 -36.25
CA TYR A 1078 -45.36 -10.59 -35.05
C TYR A 1078 -44.24 -10.07 -34.15
N LEU A 1079 -44.24 -10.56 -32.91
CA LEU A 1079 -43.25 -10.17 -31.91
C LEU A 1079 -42.67 -11.43 -31.30
N LEU A 1080 -41.34 -11.52 -31.26
CA LEU A 1080 -40.64 -12.72 -30.80
C LEU A 1080 -39.61 -12.35 -29.75
N ASP A 1081 -39.44 -13.21 -28.75
CA ASP A 1081 -38.47 -13.04 -27.69
C ASP A 1081 -37.90 -14.39 -27.29
N TYR A 1082 -36.67 -14.39 -26.81
CA TYR A 1082 -35.95 -15.63 -26.48
C TYR A 1082 -35.66 -15.70 -24.98
N LYS A 1083 -36.04 -16.81 -24.37
CA LYS A 1083 -35.73 -17.09 -22.98
C LYS A 1083 -35.21 -18.52 -22.87
N SER A 1084 -34.24 -18.73 -21.97
CA SER A 1084 -33.69 -20.06 -21.80
C SER A 1084 -33.88 -20.55 -20.36
N ASN A 1085 -33.04 -20.08 -19.44
CA ASN A 1085 -33.15 -20.34 -18.00
C ASN A 1085 -33.40 -21.82 -17.72
N TRP A 1086 -34.32 -22.10 -16.79
CA TRP A 1086 -34.83 -23.45 -16.51
C TRP A 1086 -33.69 -24.46 -16.37
N LEU A 1087 -32.97 -24.33 -15.26
CA LEU A 1087 -31.81 -25.19 -15.00
C LEU A 1087 -32.22 -26.63 -14.71
N GLY A 1088 -33.36 -26.84 -14.06
CA GLY A 1088 -33.68 -28.17 -13.56
C GLY A 1088 -34.71 -28.98 -14.34
N GLU A 1089 -35.37 -28.36 -15.33
CA GLU A 1089 -36.49 -29.00 -16.01
C GLU A 1089 -36.14 -29.36 -17.44
N ASP A 1090 -36.65 -30.51 -17.88
CA ASP A 1090 -36.47 -31.03 -19.24
C ASP A 1090 -37.80 -31.40 -19.86
N SER A 1091 -38.53 -32.32 -19.23
CA SER A 1091 -39.76 -32.91 -19.75
C SER A 1091 -40.93 -31.93 -19.67
N SER A 1092 -42.15 -32.46 -19.75
CA SER A 1092 -43.38 -31.70 -20.01
C SER A 1092 -43.62 -30.57 -19.01
N ALA A 1093 -42.73 -30.41 -18.03
CA ALA A 1093 -42.84 -29.31 -17.07
C ALA A 1093 -42.90 -27.94 -17.74
N TYR A 1094 -42.62 -27.86 -19.05
CA TYR A 1094 -42.99 -26.69 -19.84
C TYR A 1094 -44.34 -26.99 -20.47
N THR A 1095 -45.37 -26.27 -20.04
CA THR A 1095 -46.73 -26.48 -20.53
C THR A 1095 -47.47 -25.15 -20.53
N GLN A 1096 -48.71 -25.17 -21.02
CA GLN A 1096 -49.51 -23.95 -21.12
C GLN A 1096 -49.74 -23.33 -19.74
N GLN A 1097 -49.95 -24.16 -18.72
CA GLN A 1097 -50.12 -23.64 -17.36
C GLN A 1097 -48.78 -23.28 -16.73
N ALA A 1098 -47.75 -24.09 -16.99
CA ALA A 1098 -46.47 -23.88 -16.31
C ALA A 1098 -45.68 -22.74 -16.93
N MET A 1099 -45.74 -22.59 -18.25
CA MET A 1099 -45.05 -21.47 -18.88
C MET A 1099 -45.65 -20.15 -18.46
N ALA A 1100 -46.98 -20.06 -18.44
CA ALA A 1100 -47.63 -18.84 -17.96
C ALA A 1100 -47.41 -18.64 -16.46
N ALA A 1101 -47.16 -19.73 -15.73
CA ALA A 1101 -46.87 -19.59 -14.30
C ALA A 1101 -45.51 -18.94 -14.07
N ALA A 1102 -44.54 -19.24 -14.94
CA ALA A 1102 -43.24 -18.60 -14.84
C ALA A 1102 -43.26 -17.19 -15.43
N MET A 1103 -44.15 -16.95 -16.40
CA MET A 1103 -44.33 -15.59 -16.90
C MET A 1103 -44.80 -14.65 -15.80
N GLN A 1104 -45.64 -15.15 -14.89
CA GLN A 1104 -46.07 -14.34 -13.76
C GLN A 1104 -45.01 -14.30 -12.67
N ALA A 1105 -44.13 -15.30 -12.60
CA ALA A 1105 -43.11 -15.34 -11.57
C ALA A 1105 -41.99 -14.34 -11.87
N HIS A 1106 -41.52 -14.31 -13.11
CA HIS A 1106 -40.48 -13.37 -13.54
C HIS A 1106 -41.04 -12.04 -14.01
N ARG A 1107 -42.36 -11.85 -13.93
CA ARG A 1107 -43.02 -10.60 -14.31
C ARG A 1107 -42.75 -10.27 -15.79
N TYR A 1108 -42.83 -11.28 -16.65
CA TYR A 1108 -42.77 -11.07 -18.09
C TYR A 1108 -44.08 -10.53 -18.65
N ASP A 1109 -45.14 -10.47 -17.83
CA ASP A 1109 -46.40 -9.89 -18.25
C ASP A 1109 -46.21 -8.46 -18.74
N LEU A 1110 -45.76 -7.58 -17.85
CA LEU A 1110 -45.52 -6.19 -18.23
C LEU A 1110 -44.52 -6.06 -19.37
N GLN A 1111 -43.61 -7.03 -19.52
CA GLN A 1111 -42.56 -6.92 -20.52
C GLN A 1111 -43.14 -6.91 -21.93
N TYR A 1112 -44.00 -7.88 -22.25
CA TYR A 1112 -44.59 -7.91 -23.59
C TYR A 1112 -45.67 -6.85 -23.74
N GLN A 1113 -46.30 -6.43 -22.64
CA GLN A 1113 -47.26 -5.34 -22.71
C GLN A 1113 -46.56 -4.02 -23.05
N LEU A 1114 -45.34 -3.84 -22.55
CA LEU A 1114 -44.56 -2.66 -22.93
C LEU A 1114 -43.94 -2.84 -24.30
N TYR A 1115 -43.64 -4.08 -24.69
CA TYR A 1115 -43.11 -4.34 -26.02
C TYR A 1115 -44.17 -4.09 -27.10
N THR A 1116 -45.42 -4.42 -26.80
CA THR A 1116 -46.50 -4.18 -27.77
C THR A 1116 -46.79 -2.69 -27.92
N LEU A 1117 -46.85 -1.95 -26.81
CA LEU A 1117 -47.04 -0.51 -26.89
C LEU A 1117 -45.93 0.14 -27.73
N ALA A 1118 -44.70 -0.32 -27.54
CA ALA A 1118 -43.60 0.09 -28.41
C ALA A 1118 -43.91 -0.24 -29.87
N LEU A 1119 -44.07 -1.52 -30.18
CA LEU A 1119 -44.30 -1.93 -31.56
C LEU A 1119 -45.54 -1.27 -32.16
N HIS A 1120 -46.58 -1.06 -31.35
CA HIS A 1120 -47.77 -0.37 -31.86
C HIS A 1120 -47.44 1.05 -32.29
N ARG A 1121 -46.64 1.76 -31.48
CA ARG A 1121 -46.27 3.13 -31.84
C ARG A 1121 -45.33 3.16 -33.03
N TYR A 1122 -44.46 2.16 -33.17
CA TYR A 1122 -43.56 2.13 -34.31
C TYR A 1122 -44.32 1.81 -35.59
N LEU A 1123 -45.23 0.84 -35.54
CA LEU A 1123 -46.03 0.53 -36.72
C LEU A 1123 -46.96 1.68 -37.07
N ARG A 1124 -47.48 2.38 -36.05
CA ARG A 1124 -48.31 3.54 -36.31
C ARG A 1124 -47.51 4.67 -36.93
N HIS A 1125 -46.25 4.84 -36.52
CA HIS A 1125 -45.42 5.90 -37.05
C HIS A 1125 -44.91 5.58 -38.46
N ARG A 1126 -44.44 4.35 -38.66
CA ARG A 1126 -43.80 4.00 -39.93
C ARG A 1126 -44.82 3.71 -41.03
N ILE A 1127 -45.88 2.98 -40.72
CA ILE A 1127 -46.84 2.55 -41.72
C ILE A 1127 -47.90 3.63 -41.89
N ALA A 1128 -48.14 4.04 -43.14
CA ALA A 1128 -49.22 4.96 -43.45
C ALA A 1128 -50.55 4.23 -43.41
N ASP A 1129 -51.53 4.80 -42.71
CA ASP A 1129 -52.85 4.20 -42.52
C ASP A 1129 -52.72 2.82 -41.88
N TYR A 1130 -52.31 2.84 -40.61
CA TYR A 1130 -52.10 1.64 -39.82
C TYR A 1130 -53.26 1.41 -38.87
N ASP A 1131 -53.62 0.15 -38.68
CA ASP A 1131 -54.65 -0.26 -37.73
C ASP A 1131 -54.11 -1.40 -36.88
N TYR A 1132 -54.42 -1.36 -35.59
CA TYR A 1132 -53.88 -2.35 -34.66
C TYR A 1132 -54.44 -3.74 -34.96
N GLU A 1133 -55.76 -3.87 -34.99
CA GLU A 1133 -56.37 -5.18 -35.18
C GLU A 1133 -55.99 -5.82 -36.51
N HIS A 1134 -55.78 -5.01 -37.54
CA HIS A 1134 -55.53 -5.55 -38.87
C HIS A 1134 -54.12 -6.13 -38.98
N HIS A 1135 -53.11 -5.35 -38.61
CA HIS A 1135 -51.71 -5.69 -38.90
C HIS A 1135 -51.01 -6.45 -37.77
N PHE A 1136 -51.61 -6.57 -36.59
CA PHE A 1136 -50.95 -7.14 -35.44
C PHE A 1136 -51.29 -8.62 -35.29
N GLY A 1137 -50.26 -9.44 -35.08
CA GLY A 1137 -50.44 -10.88 -34.97
C GLY A 1137 -50.30 -11.44 -33.57
N GLY A 1138 -49.95 -10.60 -32.61
CA GLY A 1138 -49.80 -11.04 -31.24
C GLY A 1138 -48.35 -11.15 -30.82
N VAL A 1139 -48.17 -11.67 -29.62
CA VAL A 1139 -46.85 -11.83 -29.00
C VAL A 1139 -46.47 -13.31 -29.03
N ILE A 1140 -45.19 -13.59 -29.21
CA ILE A 1140 -44.66 -14.95 -29.23
C ILE A 1140 -43.45 -14.99 -28.29
N TYR A 1141 -43.53 -15.83 -27.26
CA TYR A 1141 -42.41 -16.05 -26.35
C TYR A 1141 -41.83 -17.44 -26.61
N LEU A 1142 -40.61 -17.47 -27.15
CA LEU A 1142 -39.96 -18.71 -27.54
C LEU A 1142 -38.98 -19.14 -26.45
N PHE A 1143 -39.27 -20.28 -25.82
CA PHE A 1143 -38.38 -20.88 -24.85
C PHE A 1143 -37.47 -21.87 -25.58
N LEU A 1144 -36.17 -21.60 -25.59
CA LEU A 1144 -35.24 -22.41 -26.39
C LEU A 1144 -35.22 -23.85 -25.91
N ARG A 1145 -34.93 -24.07 -24.63
CA ARG A 1145 -34.81 -25.42 -24.09
C ARG A 1145 -36.14 -26.16 -24.04
N GLY A 1146 -37.25 -25.46 -24.20
CA GLY A 1146 -38.56 -26.11 -24.20
C GLY A 1146 -39.05 -26.58 -25.56
N VAL A 1147 -38.29 -26.30 -26.62
CA VAL A 1147 -38.71 -26.71 -27.96
C VAL A 1147 -38.38 -28.18 -28.15
N ASP A 1148 -39.40 -28.98 -28.46
CA ASP A 1148 -39.24 -30.41 -28.67
C ASP A 1148 -39.96 -30.82 -29.95
N LYS A 1149 -39.41 -31.83 -30.62
CA LYS A 1149 -40.01 -32.33 -31.85
C LYS A 1149 -41.32 -33.06 -31.60
N GLU A 1150 -41.52 -33.58 -30.39
CA GLU A 1150 -42.71 -34.37 -30.10
C GLU A 1150 -43.94 -33.49 -29.90
N HIS A 1151 -43.80 -32.41 -29.11
CA HIS A 1151 -44.93 -31.56 -28.76
C HIS A 1151 -44.77 -30.19 -29.40
N PRO A 1152 -45.67 -29.78 -30.30
CA PRO A 1152 -45.57 -28.42 -30.85
C PRO A 1152 -45.88 -27.34 -29.85
N GLN A 1153 -46.69 -27.63 -28.82
CA GLN A 1153 -47.09 -26.61 -27.87
C GLN A 1153 -45.99 -26.29 -26.86
N GLN A 1154 -45.13 -27.26 -26.55
CA GLN A 1154 -44.08 -27.05 -25.56
C GLN A 1154 -43.00 -26.14 -26.13
N GLY A 1155 -42.64 -25.11 -25.37
CA GLY A 1155 -41.58 -24.21 -25.72
C GLY A 1155 -42.02 -22.89 -26.32
N ILE A 1156 -43.24 -22.82 -26.85
CA ILE A 1156 -43.77 -21.61 -27.46
C ILE A 1156 -44.94 -21.12 -26.63
N TYR A 1157 -45.09 -19.80 -26.54
CA TYR A 1157 -46.19 -19.17 -25.82
C TYR A 1157 -46.69 -18.00 -26.64
N THR A 1158 -47.99 -17.97 -26.90
CA THR A 1158 -48.59 -16.93 -27.73
C THR A 1158 -49.78 -16.33 -27.02
N THR A 1159 -49.80 -15.00 -26.91
CA THR A 1159 -50.92 -14.28 -26.32
C THR A 1159 -51.09 -12.95 -27.05
N ARG A 1160 -52.34 -12.58 -27.33
CA ARG A 1160 -52.66 -11.34 -28.01
C ARG A 1160 -53.26 -10.35 -27.02
N PRO A 1161 -52.73 -9.13 -26.93
CA PRO A 1161 -53.33 -8.12 -26.06
C PRO A 1161 -54.78 -7.87 -26.41
N ASN A 1162 -55.54 -7.39 -25.42
CA ASN A 1162 -56.97 -7.22 -25.56
C ASN A 1162 -57.36 -6.10 -26.52
N ALA A 1163 -56.39 -5.30 -26.97
CA ALA A 1163 -56.59 -4.17 -27.89
C ALA A 1163 -57.37 -3.04 -27.22
N GLY A 1164 -57.96 -3.31 -26.06
CA GLY A 1164 -58.56 -2.26 -25.25
C GLY A 1164 -57.61 -1.84 -24.15
N LEU A 1165 -56.62 -2.68 -23.87
CA LEU A 1165 -55.60 -2.35 -22.88
C LEU A 1165 -54.56 -1.39 -23.45
N ILE A 1166 -54.13 -1.63 -24.68
CA ILE A 1166 -53.13 -0.77 -25.31
C ILE A 1166 -53.73 0.61 -25.61
N ALA A 1167 -55.02 0.67 -25.92
CA ALA A 1167 -55.67 1.95 -26.19
C ALA A 1167 -55.64 2.84 -24.96
N LEU A 1168 -55.95 2.29 -23.79
CA LEU A 1168 -55.86 3.07 -22.56
C LEU A 1168 -54.42 3.21 -22.07
N MET A 1169 -53.56 2.26 -22.41
CA MET A 1169 -52.16 2.35 -22.01
C MET A 1169 -51.45 3.47 -22.77
N ASP A 1170 -51.69 3.58 -24.07
CA ASP A 1170 -51.06 4.65 -24.86
C ASP A 1170 -51.52 6.03 -24.38
N GLU A 1171 -52.78 6.14 -23.96
CA GLU A 1171 -53.27 7.39 -23.41
C GLU A 1171 -52.67 7.65 -22.02
N MET A 1172 -52.44 6.60 -21.24
CA MET A 1172 -51.86 6.77 -19.91
C MET A 1172 -50.43 7.31 -19.99
N PHE A 1173 -49.64 6.78 -20.93
CA PHE A 1173 -48.26 7.23 -21.09
C PHE A 1173 -48.16 8.55 -21.86
N ALA A 1174 -49.17 8.91 -22.63
CA ALA A 1174 -49.15 10.19 -23.34
C ALA A 1174 -49.51 11.34 -22.41
N GLY A 1175 -50.39 11.11 -21.45
CA GLY A 1175 -50.80 12.13 -20.51
C GLY A 1175 -51.74 11.62 -19.43
N MET B 1 -30.60 13.94 -54.81
CA MET B 1 -29.84 15.19 -54.73
C MET B 1 -29.25 15.38 -53.34
N LEU B 2 -27.96 15.70 -53.29
CA LEU B 2 -27.28 15.92 -52.02
C LEU B 2 -27.63 17.31 -51.50
N ARG B 3 -28.16 17.36 -50.28
CA ARG B 3 -28.57 18.61 -49.66
C ARG B 3 -27.73 18.86 -48.41
N VAL B 4 -27.29 20.11 -48.24
CA VAL B 4 -26.48 20.53 -47.10
C VAL B 4 -27.30 21.52 -46.28
N TYR B 5 -27.45 21.24 -44.98
CA TYR B 5 -28.23 22.06 -44.08
C TYR B 5 -27.28 22.80 -43.14
N HIS B 6 -27.26 24.13 -43.25
CA HIS B 6 -26.45 24.98 -42.39
C HIS B 6 -27.32 25.60 -41.30
N SER B 7 -26.81 25.63 -40.08
CA SER B 7 -27.56 26.20 -38.97
C SER B 7 -26.58 26.64 -37.88
N ASN B 8 -27.07 27.54 -37.02
CA ASN B 8 -26.27 28.02 -35.91
C ASN B 8 -26.21 27.01 -34.77
N ARG B 9 -27.33 26.36 -34.49
CA ARG B 9 -27.41 25.39 -33.40
C ARG B 9 -27.97 24.07 -33.93
N LEU B 10 -27.76 23.02 -33.13
CA LEU B 10 -28.18 21.68 -33.54
C LEU B 10 -29.67 21.46 -33.40
N ASP B 11 -30.34 22.21 -32.51
CA ASP B 11 -31.75 21.99 -32.27
C ASP B 11 -32.59 22.31 -33.50
N VAL B 12 -32.11 23.22 -34.34
CA VAL B 12 -32.82 23.52 -35.58
C VAL B 12 -32.64 22.40 -36.58
N LEU B 13 -31.42 21.86 -36.68
CA LEU B 13 -31.16 20.75 -37.60
C LEU B 13 -31.91 19.50 -37.16
N GLU B 14 -31.97 19.24 -35.85
CA GLU B 14 -32.73 18.10 -35.37
C GLU B 14 -34.22 18.27 -35.65
N ALA B 15 -34.73 19.50 -35.57
CA ALA B 15 -36.13 19.75 -35.90
C ALA B 15 -36.37 19.61 -37.40
N LEU B 16 -35.39 19.99 -38.21
CA LEU B 16 -35.51 19.81 -39.66
C LEU B 16 -35.50 18.33 -40.02
N MET B 17 -34.66 17.55 -39.35
CA MET B 17 -34.66 16.11 -39.58
C MET B 17 -35.98 15.49 -39.16
N GLU B 18 -36.62 16.05 -38.12
CA GLU B 18 -37.94 15.59 -37.73
C GLU B 18 -38.98 15.90 -38.79
N PHE B 19 -38.80 17.02 -39.51
CA PHE B 19 -39.77 17.39 -40.53
C PHE B 19 -39.60 16.57 -41.79
N ILE B 20 -38.36 16.19 -42.12
CA ILE B 20 -38.11 15.38 -43.32
C ILE B 20 -38.75 14.01 -43.17
N VAL B 21 -38.60 13.39 -42.00
CA VAL B 21 -39.21 12.08 -41.78
C VAL B 21 -40.72 12.21 -41.65
N GLU B 22 -41.21 13.35 -41.19
CA GLU B 22 -42.66 13.52 -41.01
C GLU B 22 -43.37 13.76 -42.34
N ARG B 23 -42.76 14.51 -43.25
CA ARG B 23 -43.43 14.82 -44.51
C ARG B 23 -43.49 13.59 -45.42
N GLU B 24 -42.45 12.76 -45.40
CA GLU B 24 -42.38 11.57 -46.24
C GLU B 24 -42.03 10.36 -45.37
N ARG B 25 -42.85 9.33 -45.45
CA ARG B 25 -42.68 8.11 -44.67
C ARG B 25 -42.28 6.96 -45.58
N LEU B 26 -41.36 6.14 -45.11
CA LEU B 26 -40.83 5.06 -45.93
C LEU B 26 -41.90 4.01 -46.20
N ASP B 27 -41.92 3.53 -47.44
CA ASP B 27 -42.84 2.47 -47.85
C ASP B 27 -42.63 1.21 -47.00
N ASP B 28 -41.47 0.58 -47.15
CA ASP B 28 -41.19 -0.63 -46.41
C ASP B 28 -41.04 -0.31 -44.93
N PRO B 29 -41.77 -0.99 -44.04
CA PRO B 29 -41.66 -0.69 -42.61
C PRO B 29 -40.31 -1.07 -42.01
N PHE B 30 -39.71 -2.16 -42.47
CA PHE B 30 -38.50 -2.69 -41.85
C PHE B 30 -37.22 -2.06 -42.38
N GLU B 31 -37.32 -1.10 -43.30
CA GLU B 31 -36.13 -0.43 -43.80
C GLU B 31 -35.61 0.55 -42.75
N PRO B 32 -34.42 0.35 -42.21
CA PRO B 32 -33.91 1.24 -41.16
C PRO B 32 -33.58 2.62 -41.71
N GLU B 33 -33.49 3.58 -40.79
CA GLU B 33 -33.16 4.95 -41.14
C GLU B 33 -31.67 5.17 -40.90
N MET B 34 -30.93 5.42 -41.99
CA MET B 34 -29.49 5.59 -41.90
C MET B 34 -29.15 6.99 -41.42
N ILE B 35 -28.46 7.08 -40.28
CA ILE B 35 -28.01 8.35 -39.71
C ILE B 35 -26.56 8.17 -39.29
N LEU B 36 -25.69 9.02 -39.83
CA LEU B 36 -24.26 8.92 -39.56
C LEU B 36 -23.89 9.75 -38.34
N VAL B 37 -23.26 9.12 -37.36
CA VAL B 37 -22.80 9.78 -36.14
C VAL B 37 -21.40 9.28 -35.83
N GLN B 38 -20.55 10.17 -35.33
CA GLN B 38 -19.17 9.82 -35.04
C GLN B 38 -18.96 9.26 -33.64
N SER B 39 -19.95 9.38 -32.75
CA SER B 39 -19.84 8.86 -31.39
C SER B 39 -21.15 8.22 -30.99
N THR B 40 -21.16 7.63 -29.79
CA THR B 40 -22.37 7.01 -29.26
C THR B 40 -23.32 8.03 -28.63
N GLY B 41 -22.76 8.98 -27.88
CA GLY B 41 -23.60 9.96 -27.21
C GLY B 41 -24.39 10.83 -28.17
N MET B 42 -23.83 11.12 -29.34
CA MET B 42 -24.56 11.90 -30.34
C MET B 42 -25.74 11.11 -30.88
N ALA B 43 -25.57 9.81 -31.08
CA ALA B 43 -26.67 8.97 -31.55
C ALA B 43 -27.73 8.81 -30.46
N GLN B 44 -27.30 8.71 -29.21
CA GLN B 44 -28.26 8.50 -28.12
C GLN B 44 -29.05 9.76 -27.82
N TRP B 45 -28.52 10.93 -28.20
CA TRP B 45 -29.29 12.16 -28.06
C TRP B 45 -30.32 12.30 -29.16
N LEU B 46 -29.99 11.83 -30.36
CA LEU B 46 -30.96 11.86 -31.47
C LEU B 46 -32.12 10.91 -31.20
N GLN B 47 -31.84 9.78 -30.57
CA GLN B 47 -32.91 8.82 -30.29
C GLN B 47 -33.91 9.36 -29.27
N MET B 48 -33.42 10.07 -28.25
CA MET B 48 -34.31 10.61 -27.24
C MET B 48 -35.07 11.82 -27.76
N THR B 49 -34.48 12.58 -28.69
CA THR B 49 -35.18 13.73 -29.25
C THR B 49 -36.20 13.32 -30.31
N LEU B 50 -35.88 12.27 -31.09
CA LEU B 50 -36.84 11.78 -32.08
C LEU B 50 -38.00 11.06 -31.40
N SER B 51 -37.71 10.29 -30.35
CA SER B 51 -38.77 9.61 -29.62
C SER B 51 -39.65 10.57 -28.83
N GLN B 52 -39.13 11.75 -28.49
CA GLN B 52 -39.92 12.72 -27.72
C GLN B 52 -41.02 13.34 -28.56
N LYS B 53 -40.86 13.38 -29.88
CA LYS B 53 -41.85 13.98 -30.76
C LYS B 53 -42.74 12.93 -31.43
N PHE B 54 -42.15 12.05 -32.24
CA PHE B 54 -42.91 11.01 -32.92
C PHE B 54 -43.59 10.07 -31.92
N GLY B 55 -43.05 9.96 -30.71
CA GLY B 55 -43.57 9.07 -29.70
C GLY B 55 -42.75 7.82 -29.48
N ILE B 56 -41.91 7.44 -30.44
CA ILE B 56 -41.00 6.31 -30.28
C ILE B 56 -39.86 6.49 -31.27
N ALA B 57 -38.73 5.85 -31.00
CA ALA B 57 -37.60 5.80 -31.92
C ALA B 57 -37.12 4.36 -32.01
N ALA B 58 -37.23 3.76 -33.19
CA ALA B 58 -36.85 2.37 -33.38
C ALA B 58 -36.36 2.17 -34.80
N ASN B 59 -35.49 1.18 -34.98
CA ASN B 59 -34.88 0.84 -36.26
C ASN B 59 -34.18 2.05 -36.88
N ILE B 60 -33.13 2.51 -36.20
CA ILE B 60 -32.27 3.57 -36.69
C ILE B 60 -30.84 3.07 -36.58
N ASP B 61 -30.18 2.91 -37.73
CA ASP B 61 -28.79 2.47 -37.75
C ASP B 61 -27.87 3.66 -37.55
N PHE B 62 -26.89 3.51 -36.65
CA PHE B 62 -25.90 4.55 -36.36
C PHE B 62 -24.50 4.00 -36.57
N PRO B 63 -24.08 3.82 -37.82
CA PRO B 63 -22.71 3.35 -38.07
C PRO B 63 -21.73 4.50 -38.21
N LEU B 64 -20.46 4.19 -38.39
CA LEU B 64 -19.45 5.20 -38.66
C LEU B 64 -19.35 5.47 -40.16
N PRO B 65 -18.87 6.65 -40.56
CA PRO B 65 -18.71 6.92 -41.99
C PRO B 65 -17.82 5.92 -42.71
N ALA B 66 -16.87 5.31 -41.99
CA ALA B 66 -16.03 4.29 -42.61
C ALA B 66 -16.78 2.97 -42.78
N SER B 67 -17.57 2.60 -41.77
CA SER B 67 -18.35 1.36 -41.87
C SER B 67 -19.52 1.51 -42.82
N PHE B 68 -20.18 2.68 -42.79
CA PHE B 68 -21.27 2.95 -43.72
C PHE B 68 -20.83 2.80 -45.17
N ILE B 69 -19.86 3.62 -45.59
CA ILE B 69 -19.40 3.59 -46.98
C ILE B 69 -18.91 2.20 -47.36
N TRP B 70 -18.25 1.51 -46.43
CA TRP B 70 -17.84 0.13 -46.73
C TRP B 70 -19.05 -0.79 -46.90
N ASP B 71 -20.09 -0.60 -46.10
CA ASP B 71 -21.33 -1.34 -46.31
C ASP B 71 -21.98 -0.96 -47.64
N MET B 72 -21.82 0.30 -48.06
CA MET B 72 -22.32 0.70 -49.37
C MET B 72 -21.54 0.06 -50.51
N PHE B 73 -20.29 -0.34 -50.25
CA PHE B 73 -19.48 -0.97 -51.29
C PHE B 73 -20.00 -2.36 -51.64
N VAL B 74 -20.41 -3.13 -50.62
CA VAL B 74 -20.85 -4.50 -50.87
C VAL B 74 -22.17 -4.50 -51.65
N ARG B 75 -23.04 -3.53 -51.38
CA ARG B 75 -24.34 -3.49 -52.05
C ARG B 75 -24.19 -3.09 -53.51
N VAL B 76 -23.40 -2.05 -53.78
CA VAL B 76 -23.30 -1.54 -55.15
C VAL B 76 -22.49 -2.49 -56.03
N LEU B 77 -21.30 -2.88 -55.57
CA LEU B 77 -20.41 -3.71 -56.37
C LEU B 77 -20.36 -5.12 -55.84
N PRO B 78 -20.68 -6.13 -56.64
CA PRO B 78 -20.58 -7.52 -56.19
C PRO B 78 -19.13 -7.95 -56.07
N GLU B 79 -18.94 -9.09 -55.40
CA GLU B 79 -17.70 -9.81 -55.15
C GLU B 79 -16.88 -9.20 -54.02
N ILE B 80 -17.31 -8.09 -53.43
CA ILE B 80 -16.57 -7.50 -52.31
C ILE B 80 -16.93 -8.24 -51.03
N PRO B 81 -15.94 -8.62 -50.20
CA PRO B 81 -16.27 -9.23 -48.91
C PRO B 81 -16.94 -8.21 -47.99
N LYS B 82 -17.78 -8.73 -47.09
CA LYS B 82 -18.50 -7.86 -46.17
C LYS B 82 -17.55 -7.11 -45.24
N GLU B 83 -16.48 -7.76 -44.82
CA GLU B 83 -15.39 -7.12 -44.10
C GLU B 83 -14.10 -7.26 -44.91
N SER B 84 -13.29 -6.21 -44.89
CA SER B 84 -12.13 -6.15 -45.78
C SER B 84 -11.03 -7.09 -45.31
N ALA B 85 -9.97 -7.16 -46.10
CA ALA B 85 -8.77 -7.92 -45.75
C ALA B 85 -7.68 -7.04 -45.16
N PHE B 86 -7.90 -5.73 -45.08
CA PHE B 86 -6.93 -4.80 -44.54
C PHE B 86 -7.59 -4.03 -43.40
N ASN B 87 -7.09 -4.24 -42.19
CA ASN B 87 -7.64 -3.60 -41.00
C ASN B 87 -6.50 -3.20 -40.07
N LYS B 88 -6.82 -2.37 -39.08
CA LYS B 88 -5.85 -2.01 -38.07
C LYS B 88 -5.33 -3.22 -37.31
N GLN B 89 -6.08 -4.31 -37.29
CA GLN B 89 -5.71 -5.52 -36.56
C GLN B 89 -4.92 -6.49 -37.44
N SER B 90 -5.54 -6.99 -38.51
CA SER B 90 -4.94 -8.05 -39.31
C SER B 90 -3.64 -7.61 -39.97
N MET B 91 -3.55 -6.33 -40.35
CA MET B 91 -2.35 -5.84 -41.01
C MET B 91 -1.14 -5.85 -40.07
N SER B 92 -1.39 -5.84 -38.75
CA SER B 92 -0.29 -5.92 -37.80
C SER B 92 0.33 -7.31 -37.79
N TRP B 93 -0.50 -8.35 -37.84
CA TRP B 93 0.03 -9.71 -37.87
C TRP B 93 0.63 -10.05 -39.24
N LYS B 94 0.07 -9.49 -40.31
CA LYS B 94 0.63 -9.73 -41.64
C LYS B 94 2.00 -9.08 -41.79
N LEU B 95 2.18 -7.88 -41.22
CA LEU B 95 3.49 -7.24 -41.27
C LEU B 95 4.49 -7.92 -40.35
N MET B 96 4.01 -8.50 -39.23
CA MET B 96 4.90 -9.24 -38.35
C MET B 96 5.54 -10.43 -39.07
N THR B 97 4.91 -10.87 -40.17
CA THR B 97 5.48 -11.93 -41.00
C THR B 97 6.48 -11.38 -42.00
N LEU B 98 6.03 -10.46 -42.86
CA LEU B 98 6.86 -9.98 -43.96
C LEU B 98 8.12 -9.26 -43.46
N LEU B 99 8.03 -8.58 -42.32
CA LEU B 99 9.15 -7.75 -41.87
C LEU B 99 10.43 -8.54 -41.62
N PRO B 100 10.42 -9.69 -40.95
CA PRO B 100 11.64 -10.50 -40.92
C PRO B 100 12.09 -10.99 -42.29
N GLN B 101 11.17 -11.13 -43.24
CA GLN B 101 11.54 -11.55 -44.59
C GLN B 101 12.10 -10.41 -45.42
N LEU B 102 11.65 -9.19 -45.18
CA LEU B 102 12.04 -8.04 -45.99
C LEU B 102 13.32 -7.37 -45.51
N LEU B 103 13.96 -7.90 -44.46
CA LEU B 103 15.21 -7.32 -43.99
C LEU B 103 16.33 -7.57 -45.01
N GLU B 104 17.30 -6.65 -45.01
CA GLU B 104 18.43 -6.70 -45.94
C GLU B 104 17.95 -6.71 -47.39
N ARG B 105 17.01 -5.81 -47.69
CA ARG B 105 16.50 -5.61 -49.04
C ARG B 105 17.20 -4.47 -49.75
N GLU B 106 18.21 -3.86 -49.12
CA GLU B 106 18.97 -2.69 -49.55
C GLU B 106 18.17 -1.40 -49.37
N ASP B 107 16.87 -1.49 -49.14
CA ASP B 107 16.00 -0.38 -48.80
C ASP B 107 15.74 -0.29 -47.32
N PHE B 108 15.17 -1.35 -46.73
CA PHE B 108 14.83 -1.44 -45.32
C PHE B 108 16.03 -1.40 -44.38
N THR B 109 17.27 -1.34 -44.90
CA THR B 109 18.47 -1.41 -44.06
C THR B 109 18.43 -0.37 -42.94
N LEU B 110 17.70 0.72 -43.13
CA LEU B 110 17.52 1.66 -42.02
C LEU B 110 16.63 1.07 -40.94
N LEU B 111 15.61 0.31 -41.34
CA LEU B 111 14.76 -0.37 -40.37
C LEU B 111 15.46 -1.58 -39.76
N ARG B 112 16.45 -2.14 -40.46
CA ARG B 112 17.10 -3.35 -39.98
C ARG B 112 17.90 -3.08 -38.71
N HIS B 113 18.45 -1.88 -38.57
CA HIS B 113 19.21 -1.55 -37.37
C HIS B 113 18.31 -1.45 -36.13
N TYR B 114 17.01 -1.24 -36.32
CA TYR B 114 16.11 -1.15 -35.18
C TYR B 114 15.75 -2.53 -34.63
N LEU B 115 15.58 -3.52 -35.52
CA LEU B 115 15.16 -4.85 -35.13
C LEU B 115 16.34 -5.74 -34.73
N THR B 116 17.26 -5.97 -35.66
CA THR B 116 18.26 -7.02 -35.55
C THR B 116 19.18 -6.88 -34.34
N ASP B 117 19.13 -5.75 -33.61
CA ASP B 117 19.87 -5.64 -32.36
C ASP B 117 19.59 -6.83 -31.45
N ASP B 118 18.34 -6.95 -31.01
CA ASP B 118 17.80 -8.10 -30.29
C ASP B 118 16.33 -7.82 -30.02
N SER B 119 15.56 -8.90 -29.80
CA SER B 119 14.16 -8.75 -29.49
C SER B 119 13.63 -10.02 -28.84
N ASP B 120 12.53 -9.87 -28.11
CA ASP B 120 11.68 -10.98 -27.71
C ASP B 120 10.51 -11.15 -28.65
N LYS B 121 10.50 -10.41 -29.77
CA LYS B 121 9.43 -10.21 -30.76
C LYS B 121 8.53 -9.06 -30.35
N ARG B 122 8.74 -8.46 -29.17
CA ARG B 122 7.98 -7.27 -28.79
C ARG B 122 8.26 -6.11 -29.72
N LYS B 123 9.54 -5.91 -30.08
CA LYS B 123 9.90 -4.82 -30.98
C LYS B 123 9.28 -5.03 -32.35
N LEU B 124 9.17 -6.29 -32.79
CA LEU B 124 8.56 -6.57 -34.08
C LEU B 124 7.06 -6.30 -34.05
N PHE B 125 6.43 -6.49 -32.90
CA PHE B 125 4.99 -6.27 -32.80
C PHE B 125 4.66 -4.79 -32.65
N GLN B 126 5.50 -4.04 -31.94
CA GLN B 126 5.27 -2.60 -31.79
C GLN B 126 5.40 -1.89 -33.13
N LEU B 127 6.39 -2.27 -33.94
CA LEU B 127 6.54 -1.70 -35.26
C LEU B 127 5.40 -2.14 -36.18
N SER B 128 4.99 -3.40 -36.08
CA SER B 128 3.93 -3.90 -36.96
C SER B 128 2.59 -3.25 -36.64
N SER B 129 2.39 -2.83 -35.40
CA SER B 129 1.14 -2.17 -35.03
C SER B 129 1.16 -0.71 -35.45
N LYS B 130 2.27 -0.02 -35.25
CA LYS B 130 2.35 1.40 -35.60
C LYS B 130 2.30 1.59 -37.10
N ALA B 131 2.89 0.65 -37.85
CA ALA B 131 2.84 0.74 -39.31
C ALA B 131 1.45 0.42 -39.84
N ALA B 132 0.75 -0.51 -39.18
CA ALA B 132 -0.61 -0.84 -39.60
C ALA B 132 -1.56 0.32 -39.32
N ASP B 133 -1.19 1.19 -38.37
CA ASP B 133 -2.02 2.36 -38.09
C ASP B 133 -1.83 3.43 -39.16
N LEU B 134 -0.62 3.51 -39.72
CA LEU B 134 -0.37 4.51 -40.76
C LEU B 134 -0.95 4.07 -42.10
N PHE B 135 -0.80 2.79 -42.44
CA PHE B 135 -1.41 2.28 -43.67
C PHE B 135 -2.92 2.43 -43.63
N ASP B 136 -3.53 2.32 -42.45
CA ASP B 136 -4.96 2.59 -42.34
C ASP B 136 -5.27 4.06 -42.59
N GLN B 137 -4.46 4.96 -42.03
CA GLN B 137 -4.60 6.38 -42.35
C GLN B 137 -4.23 6.66 -43.80
N TYR B 138 -3.31 5.88 -44.36
CA TYR B 138 -2.96 6.05 -45.76
C TYR B 138 -4.06 5.55 -46.67
N LEU B 139 -4.85 4.57 -46.21
CA LEU B 139 -6.02 4.14 -46.97
C LEU B 139 -7.03 5.27 -47.09
N VAL B 140 -7.49 5.79 -45.96
CA VAL B 140 -8.50 6.83 -45.90
C VAL B 140 -8.05 8.10 -46.62
N TYR B 141 -7.04 8.78 -46.07
CA TYR B 141 -6.72 10.14 -46.48
C TYR B 141 -5.80 10.22 -47.68
N ARG B 142 -5.10 9.13 -48.05
CA ARG B 142 -4.10 9.17 -49.12
C ARG B 142 -4.26 7.96 -50.03
N PRO B 143 -5.40 7.85 -50.73
CA PRO B 143 -5.60 6.69 -51.61
C PRO B 143 -4.70 6.70 -52.83
N ASP B 144 -4.26 7.88 -53.29
CA ASP B 144 -3.42 7.96 -54.47
C ASP B 144 -2.00 7.46 -54.20
N TRP B 145 -1.49 7.70 -52.99
CA TRP B 145 -0.17 7.20 -52.62
C TRP B 145 -0.10 5.69 -52.76
N LEU B 146 -0.93 4.96 -52.01
CA LEU B 146 -0.96 3.50 -52.09
C LEU B 146 -1.23 3.02 -53.51
N ALA B 147 -1.93 3.83 -54.31
CA ALA B 147 -2.13 3.47 -55.71
C ALA B 147 -0.82 3.52 -56.50
N GLN B 148 0.06 4.47 -56.16
CA GLN B 148 1.36 4.53 -56.80
C GLN B 148 2.32 3.50 -56.22
N TRP B 149 2.21 3.24 -54.90
CA TRP B 149 3.07 2.25 -54.28
C TRP B 149 2.69 0.82 -54.70
N GLU B 150 1.44 0.62 -55.12
CA GLU B 150 1.04 -0.70 -55.60
C GLU B 150 1.75 -1.05 -56.90
N THR B 151 1.96 -0.08 -57.77
CA THR B 151 2.71 -0.32 -59.00
C THR B 151 4.21 -0.32 -58.75
N GLY B 152 4.66 0.29 -57.65
CA GLY B 152 6.07 0.36 -57.32
C GLY B 152 6.69 1.73 -57.52
N HIS B 153 5.98 2.67 -58.15
CA HIS B 153 6.52 4.00 -58.36
C HIS B 153 6.51 4.80 -57.06
N LEU B 154 7.34 5.84 -57.02
CA LEU B 154 7.47 6.70 -55.86
C LEU B 154 6.85 8.06 -56.14
N VAL B 155 6.30 8.67 -55.11
CA VAL B 155 5.68 9.99 -55.23
C VAL B 155 6.77 11.05 -55.19
N GLU B 156 6.70 11.99 -56.13
CA GLU B 156 7.68 13.06 -56.20
C GLU B 156 7.36 14.16 -55.21
N GLY B 157 8.40 14.64 -54.52
CA GLY B 157 8.23 15.72 -53.56
C GLY B 157 7.57 15.30 -52.26
N LEU B 158 8.01 14.18 -51.70
CA LEU B 158 7.47 13.68 -50.45
C LEU B 158 8.58 13.56 -49.41
N GLY B 159 8.18 13.51 -48.15
CA GLY B 159 9.15 13.49 -47.07
C GLY B 159 9.98 12.22 -47.08
N GLU B 160 11.12 12.29 -46.38
CA GLU B 160 12.02 11.16 -46.26
C GLU B 160 11.38 10.04 -45.44
N ALA B 161 11.96 8.84 -45.56
CA ALA B 161 11.51 7.55 -45.02
C ALA B 161 10.44 6.95 -45.92
N GLN B 162 9.94 7.69 -46.92
CA GLN B 162 8.93 7.16 -47.83
C GLN B 162 9.49 6.05 -48.71
N ALA B 163 10.82 5.98 -48.82
CA ALA B 163 11.45 4.91 -49.62
C ALA B 163 10.98 3.52 -49.15
N TRP B 164 11.40 3.12 -47.95
CA TRP B 164 11.19 1.74 -47.53
C TRP B 164 9.70 1.43 -47.30
N GLN B 165 8.85 2.45 -47.28
CA GLN B 165 7.44 2.20 -46.98
C GLN B 165 6.67 1.70 -48.20
N ALA B 166 7.09 2.13 -49.40
CA ALA B 166 6.38 1.70 -50.61
C ALA B 166 6.48 0.19 -50.85
N PRO B 167 7.63 -0.46 -50.67
CA PRO B 167 7.65 -1.93 -50.78
C PRO B 167 6.88 -2.63 -49.69
N LEU B 168 6.90 -2.11 -48.46
CA LEU B 168 6.19 -2.77 -47.35
C LEU B 168 4.69 -2.82 -47.61
N TRP B 169 4.16 -1.82 -48.33
CA TRP B 169 2.78 -1.89 -48.78
C TRP B 169 2.66 -2.74 -50.04
N LYS B 170 3.64 -2.64 -50.94
CA LYS B 170 3.61 -3.45 -52.16
C LYS B 170 3.69 -4.94 -51.82
N ALA B 171 4.60 -5.31 -50.92
CA ALA B 171 4.67 -6.69 -50.47
C ALA B 171 3.41 -7.11 -49.73
N LEU B 172 2.81 -6.20 -48.95
CA LEU B 172 1.59 -6.53 -48.22
C LEU B 172 0.46 -6.91 -49.17
N VAL B 173 0.31 -6.18 -50.27
CA VAL B 173 -0.69 -6.54 -51.27
C VAL B 173 -0.30 -7.82 -51.99
N GLU B 174 1.01 -8.06 -52.13
CA GLU B 174 1.47 -9.28 -52.77
C GLU B 174 1.39 -10.47 -51.84
N TYR B 175 1.64 -10.25 -50.54
CA TYR B 175 1.58 -11.36 -49.59
C TYR B 175 0.14 -11.78 -49.33
N THR B 176 -0.77 -10.82 -49.16
CA THR B 176 -2.18 -11.14 -49.01
C THR B 176 -2.75 -11.76 -50.28
N HIS B 177 -2.09 -11.57 -51.42
CA HIS B 177 -2.47 -12.25 -52.65
C HIS B 177 -2.02 -13.71 -52.66
N GLN B 178 -0.89 -14.00 -52.01
CA GLN B 178 -0.43 -15.38 -51.90
C GLN B 178 -1.33 -16.18 -50.97
N LEU B 179 -1.88 -15.53 -49.95
CA LEU B 179 -2.77 -16.22 -49.01
C LEU B 179 -4.15 -16.47 -49.59
N GLY B 180 -4.49 -15.85 -50.72
CA GLY B 180 -5.79 -16.04 -51.34
C GLY B 180 -6.88 -15.13 -50.85
N GLN B 181 -6.59 -14.24 -49.91
CA GLN B 181 -7.60 -13.33 -49.40
C GLN B 181 -7.99 -12.31 -50.47
N PRO B 182 -9.18 -11.71 -50.35
CA PRO B 182 -9.62 -10.76 -51.38
C PRO B 182 -8.66 -9.59 -51.53
N ARG B 183 -8.46 -9.17 -52.79
CA ARG B 183 -7.55 -8.08 -53.10
C ARG B 183 -8.15 -6.71 -52.80
N TRP B 184 -9.47 -6.57 -52.95
CA TRP B 184 -10.11 -5.27 -52.82
C TRP B 184 -9.88 -4.68 -51.44
N HIS B 185 -9.65 -3.37 -51.41
CA HIS B 185 -9.40 -2.65 -50.16
C HIS B 185 -9.88 -1.21 -50.32
N ARG B 186 -9.99 -0.52 -49.17
CA ARG B 186 -10.61 0.79 -49.14
C ARG B 186 -9.98 1.79 -50.11
N ALA B 187 -8.70 1.61 -50.44
CA ALA B 187 -8.01 2.59 -51.28
C ALA B 187 -8.45 2.48 -52.74
N ASN B 188 -8.16 1.36 -53.37
CA ASN B 188 -8.45 1.20 -54.80
C ASN B 188 -9.93 0.98 -55.09
N LEU B 189 -10.76 0.77 -54.07
CA LEU B 189 -12.16 0.42 -54.31
C LEU B 189 -13.01 1.64 -54.64
N TYR B 190 -12.81 2.75 -53.94
CA TYR B 190 -13.73 3.87 -54.06
C TYR B 190 -13.66 4.52 -55.44
N GLN B 191 -12.51 4.44 -56.11
CA GLN B 191 -12.39 5.07 -57.43
C GLN B 191 -13.30 4.39 -58.44
N ARG B 192 -13.33 3.05 -58.43
CA ARG B 192 -14.29 2.33 -59.25
C ARG B 192 -15.71 2.50 -58.74
N PHE B 193 -15.88 2.73 -57.44
CA PHE B 193 -17.21 2.95 -56.89
C PHE B 193 -17.79 4.28 -57.37
N ILE B 194 -16.96 5.32 -57.44
CA ILE B 194 -17.42 6.59 -57.99
C ILE B 194 -17.66 6.48 -59.48
N GLU B 195 -16.82 5.71 -60.19
CA GLU B 195 -16.97 5.58 -61.64
C GLU B 195 -18.20 4.77 -62.01
N THR B 196 -18.52 3.73 -61.23
CA THR B 196 -19.70 2.93 -61.54
C THR B 196 -21.00 3.66 -61.21
N LEU B 197 -20.98 4.61 -60.28
CA LEU B 197 -22.14 5.45 -60.01
C LEU B 197 -22.16 6.71 -60.86
N GLU B 198 -21.07 7.02 -61.57
CA GLU B 198 -21.05 8.21 -62.42
C GLU B 198 -21.95 8.01 -63.65
N SER B 199 -21.75 6.91 -64.36
CA SER B 199 -22.60 6.53 -65.48
C SER B 199 -23.29 5.21 -65.14
N ALA B 200 -24.61 5.27 -64.92
CA ALA B 200 -25.41 4.12 -64.54
C ALA B 200 -26.86 4.57 -64.44
N THR B 201 -27.75 3.60 -64.27
CA THR B 201 -29.17 3.88 -64.11
C THR B 201 -29.44 4.43 -62.72
N THR B 202 -30.54 5.18 -62.60
CA THR B 202 -30.86 5.88 -61.37
C THR B 202 -31.30 4.97 -60.23
N CYS B 203 -31.52 3.67 -60.50
CA CYS B 203 -32.06 2.75 -59.49
C CYS B 203 -31.15 1.54 -59.33
N PRO B 204 -30.04 1.68 -58.61
CA PRO B 204 -29.27 0.51 -58.21
C PRO B 204 -29.97 -0.24 -57.08
N PRO B 205 -29.92 -1.57 -57.09
CA PRO B 205 -30.66 -2.33 -56.07
C PRO B 205 -29.97 -2.30 -54.71
N GLY B 206 -30.79 -2.43 -53.67
CA GLY B 206 -30.32 -2.59 -52.32
C GLY B 206 -29.99 -1.31 -51.57
N LEU B 207 -30.01 -0.16 -52.24
CA LEU B 207 -29.59 1.03 -51.53
C LEU B 207 -30.77 1.71 -50.85
N PRO B 208 -30.53 2.34 -49.69
CA PRO B 208 -31.63 2.93 -48.92
C PRO B 208 -32.24 4.15 -49.63
N SER B 209 -33.42 4.53 -49.15
CA SER B 209 -34.13 5.66 -49.76
C SER B 209 -33.41 6.98 -49.50
N ARG B 210 -33.12 7.29 -48.24
CA ARG B 210 -32.46 8.53 -47.89
C ARG B 210 -31.57 8.32 -46.68
N VAL B 211 -30.43 9.00 -46.66
CA VAL B 211 -29.43 8.87 -45.62
C VAL B 211 -29.21 10.23 -44.97
N PHE B 212 -28.94 10.23 -43.67
CA PHE B 212 -28.73 11.45 -42.90
C PHE B 212 -27.32 11.47 -42.32
N ILE B 213 -26.70 12.66 -42.33
CA ILE B 213 -25.41 12.88 -41.71
C ILE B 213 -25.62 13.98 -40.67
N CYS B 214 -25.50 13.63 -39.39
CA CYS B 214 -25.82 14.52 -38.30
C CYS B 214 -24.69 14.54 -37.28
N GLY B 215 -24.25 15.73 -36.89
CA GLY B 215 -23.27 15.89 -35.85
C GLY B 215 -21.83 15.75 -36.27
N ILE B 216 -21.56 15.36 -37.50
CA ILE B 216 -20.19 15.14 -37.96
C ILE B 216 -19.71 16.42 -38.64
N SER B 217 -18.76 17.10 -38.00
CA SER B 217 -18.20 18.34 -38.52
C SER B 217 -16.89 18.14 -39.27
N ALA B 218 -16.37 16.92 -39.35
CA ALA B 218 -15.12 16.65 -40.04
C ALA B 218 -15.24 15.35 -40.82
N LEU B 219 -15.00 15.43 -42.13
CA LEU B 219 -15.01 14.27 -43.00
C LEU B 219 -13.86 14.35 -43.99
N PRO B 220 -13.22 13.23 -44.31
CA PRO B 220 -12.15 13.24 -45.32
C PRO B 220 -12.70 13.56 -46.70
N PRO B 221 -11.87 14.07 -47.60
CA PRO B 221 -12.37 14.38 -48.95
C PRO B 221 -12.83 13.16 -49.72
N VAL B 222 -12.28 11.98 -49.42
CA VAL B 222 -12.65 10.77 -50.16
C VAL B 222 -14.11 10.44 -49.92
N TYR B 223 -14.58 10.58 -48.69
CA TYR B 223 -15.97 10.27 -48.38
C TYR B 223 -16.92 11.25 -49.04
N LEU B 224 -16.56 12.53 -49.07
CA LEU B 224 -17.41 13.53 -49.71
C LEU B 224 -17.43 13.36 -51.23
N GLN B 225 -16.37 12.79 -51.80
CA GLN B 225 -16.38 12.51 -53.24
C GLN B 225 -17.29 11.33 -53.56
N ALA B 226 -17.32 10.33 -52.67
CA ALA B 226 -18.23 9.20 -52.88
C ALA B 226 -19.67 9.60 -52.62
N LEU B 227 -19.91 10.49 -51.65
CA LEU B 227 -21.27 10.95 -51.38
C LEU B 227 -21.77 11.90 -52.45
N GLN B 228 -20.86 12.64 -53.09
CA GLN B 228 -21.27 13.53 -54.17
C GLN B 228 -21.78 12.74 -55.37
N ALA B 229 -21.06 11.67 -55.74
CA ALA B 229 -21.54 10.79 -56.80
C ALA B 229 -22.74 9.96 -56.37
N LEU B 230 -22.95 9.80 -55.06
CA LEU B 230 -24.11 9.06 -54.57
C LEU B 230 -25.38 9.90 -54.62
N GLY B 231 -25.25 11.22 -54.61
CA GLY B 231 -26.40 12.11 -54.64
C GLY B 231 -27.25 12.02 -55.90
N LYS B 232 -26.68 11.52 -57.00
CA LYS B 232 -27.44 11.34 -58.22
C LYS B 232 -28.53 10.29 -58.10
N HIS B 233 -28.49 9.45 -57.07
CA HIS B 233 -29.50 8.41 -56.86
C HIS B 233 -30.20 8.59 -55.52
N ILE B 234 -29.49 8.44 -54.41
CA ILE B 234 -30.07 8.56 -53.08
C ILE B 234 -29.94 10.00 -52.62
N GLU B 235 -30.98 10.51 -51.98
CA GLU B 235 -30.99 11.86 -51.45
C GLU B 235 -30.33 11.86 -50.07
N ILE B 236 -29.22 12.59 -49.95
CA ILE B 236 -28.46 12.66 -48.71
C ILE B 236 -28.63 14.04 -48.11
N HIS B 237 -28.96 14.10 -46.82
CA HIS B 237 -29.12 15.35 -46.09
C HIS B 237 -27.98 15.49 -45.10
N LEU B 238 -27.17 16.53 -45.27
CA LEU B 238 -26.04 16.79 -44.39
C LEU B 238 -26.47 17.80 -43.32
N LEU B 239 -26.49 17.35 -42.07
CA LEU B 239 -26.77 18.23 -40.94
C LEU B 239 -25.42 18.73 -40.39
N PHE B 240 -25.16 20.02 -40.56
CA PHE B 240 -23.87 20.59 -40.23
C PHE B 240 -24.08 21.87 -39.43
N THR B 241 -23.44 21.96 -38.27
CA THR B 241 -23.54 23.12 -37.39
C THR B 241 -22.30 23.99 -37.58
N ASN B 242 -22.50 25.21 -38.04
CA ASN B 242 -21.40 26.15 -38.17
C ASN B 242 -21.70 27.42 -37.38
N PRO B 243 -20.70 27.99 -36.71
CA PRO B 243 -20.98 29.19 -35.89
C PRO B 243 -21.31 30.41 -36.71
N CYS B 244 -20.69 30.59 -37.87
CA CYS B 244 -20.89 31.77 -38.70
C CYS B 244 -21.91 31.48 -39.80
N ARG B 245 -22.84 32.43 -39.98
CA ARG B 245 -23.85 32.27 -41.03
C ARG B 245 -23.30 32.62 -42.40
N TYR B 246 -22.21 33.39 -42.45
CA TYR B 246 -21.57 33.74 -43.71
C TYR B 246 -20.55 32.67 -44.08
N TYR B 247 -19.72 32.94 -45.10
CA TYR B 247 -18.70 31.99 -45.54
C TYR B 247 -17.36 32.43 -44.98
N TRP B 248 -16.87 31.69 -43.99
CA TRP B 248 -15.57 31.94 -43.37
C TRP B 248 -14.46 31.05 -43.91
N GLY B 249 -14.75 30.21 -44.91
CA GLY B 249 -13.78 29.28 -45.43
C GLY B 249 -12.67 29.97 -46.21
N ASP B 250 -11.79 29.14 -46.77
CA ASP B 250 -10.65 29.60 -47.53
C ASP B 250 -11.01 29.75 -49.00
N ILE B 251 -10.02 30.01 -49.85
CA ILE B 251 -10.21 30.17 -51.29
C ILE B 251 -9.07 29.45 -52.01
N LYS B 252 -9.40 28.83 -53.13
CA LYS B 252 -8.38 28.11 -53.91
C LYS B 252 -7.61 29.08 -54.81
N ASP B 253 -8.27 29.58 -55.85
CA ASP B 253 -7.69 30.48 -56.83
C ASP B 253 -8.61 31.69 -57.00
N PRO B 254 -8.08 32.80 -57.54
CA PRO B 254 -8.95 33.95 -57.82
C PRO B 254 -10.09 33.63 -58.78
N ALA B 255 -10.00 32.57 -59.56
CA ALA B 255 -11.10 32.12 -60.40
C ALA B 255 -12.03 31.15 -59.70
N TYR B 256 -11.66 30.67 -58.51
CA TYR B 256 -12.49 29.72 -57.78
C TYR B 256 -13.64 30.41 -57.03
N LEU B 257 -13.51 31.71 -56.75
CA LEU B 257 -14.58 32.42 -56.06
C LEU B 257 -15.81 32.60 -56.93
N ALA B 258 -15.67 32.49 -58.25
CA ALA B 258 -16.84 32.56 -59.13
C ALA B 258 -17.78 31.39 -58.88
N LYS B 259 -17.22 30.22 -58.53
CA LYS B 259 -18.07 29.08 -58.19
C LYS B 259 -18.62 29.19 -56.78
N LEU B 260 -18.01 30.02 -55.94
CA LEU B 260 -18.47 30.24 -54.57
C LEU B 260 -19.47 31.39 -54.47
N LEU B 261 -19.83 32.01 -55.60
CA LEU B 261 -20.80 33.10 -55.60
C LEU B 261 -22.24 32.61 -55.60
N THR B 262 -22.45 31.29 -55.63
CA THR B 262 -23.79 30.73 -55.66
C THR B 262 -24.56 31.10 -54.40
N ARG B 263 -25.87 31.26 -54.56
CA ARG B 263 -26.74 31.67 -53.46
C ARG B 263 -26.98 30.52 -52.50
N GLN B 264 -27.33 30.89 -51.26
CA GLN B 264 -27.74 29.94 -50.24
C GLN B 264 -29.21 30.17 -49.91
N ARG B 265 -30.03 29.15 -50.10
CA ARG B 265 -31.46 29.29 -49.91
C ARG B 265 -31.82 29.34 -48.43
N ARG B 266 -32.83 30.14 -48.11
CA ARG B 266 -33.29 30.34 -46.75
C ARG B 266 -34.78 30.02 -46.67
N HIS B 267 -35.26 29.77 -45.46
CA HIS B 267 -36.69 29.54 -45.25
C HIS B 267 -37.49 30.78 -45.60
N SER B 268 -36.84 31.94 -45.67
CA SER B 268 -37.52 33.14 -46.16
C SER B 268 -37.46 33.23 -47.69
N PHE B 269 -36.84 32.24 -48.34
CA PHE B 269 -36.78 32.13 -49.79
C PHE B 269 -35.92 33.24 -50.41
N GLU B 270 -35.41 34.15 -49.58
CA GLU B 270 -34.52 35.19 -50.03
C GLU B 270 -33.10 34.66 -50.08
N ASP B 271 -32.39 34.92 -51.18
CA ASP B 271 -31.05 34.40 -51.34
C ASP B 271 -30.07 35.11 -50.42
N ARG B 272 -29.09 34.35 -49.91
CA ARG B 272 -28.07 34.86 -49.01
C ARG B 272 -26.71 34.74 -49.68
N GLU B 273 -25.88 35.76 -49.49
CA GLU B 273 -24.54 35.82 -50.08
C GLU B 273 -23.56 36.33 -49.03
N LEU B 274 -22.27 36.27 -49.37
CA LEU B 274 -21.24 36.76 -48.47
C LEU B 274 -21.49 38.22 -48.12
N PRO B 275 -21.10 38.66 -46.92
CA PRO B 275 -21.33 40.06 -46.53
C PRO B 275 -20.51 41.00 -47.39
N LEU B 276 -20.99 42.25 -47.51
CA LEU B 276 -20.42 43.32 -48.34
C LEU B 276 -20.56 43.00 -49.82
N PHE B 277 -21.11 41.83 -50.19
CA PHE B 277 -21.31 41.42 -51.59
C PHE B 277 -19.94 41.28 -52.25
N ARG B 278 -19.71 41.88 -53.42
CA ARG B 278 -18.47 41.63 -54.16
C ARG B 278 -17.31 42.45 -53.60
N ASP B 279 -17.58 43.34 -52.64
CA ASP B 279 -16.51 44.19 -52.12
C ASP B 279 -15.65 43.43 -51.11
N SER B 280 -16.24 42.50 -50.36
CA SER B 280 -15.48 41.76 -49.36
C SER B 280 -14.63 40.66 -50.00
N GLU B 281 -14.90 40.30 -51.24
CA GLU B 281 -14.08 39.28 -51.90
C GLU B 281 -12.64 39.78 -52.08
N ASN B 282 -12.47 40.86 -52.83
CA ASN B 282 -11.15 41.46 -52.95
C ASN B 282 -10.67 41.94 -51.58
N ALA B 283 -11.22 43.07 -51.13
CA ALA B 283 -11.09 43.61 -49.78
C ALA B 283 -9.68 43.48 -49.21
N GLY B 284 -9.62 43.14 -47.92
CA GLY B 284 -8.44 42.55 -47.33
C GLY B 284 -8.64 41.10 -46.99
N GLN B 285 -9.90 40.64 -47.09
CA GLN B 285 -10.26 39.29 -46.66
C GLN B 285 -9.46 38.24 -47.39
N LEU B 286 -9.74 38.06 -48.69
CA LEU B 286 -9.01 37.11 -49.52
C LEU B 286 -7.73 37.78 -49.97
N PHE B 287 -6.59 37.19 -49.62
CA PHE B 287 -5.30 37.81 -49.81
C PHE B 287 -4.30 36.80 -50.36
N ASN B 288 -3.40 37.30 -51.20
CA ASN B 288 -2.34 36.51 -51.82
C ASN B 288 -2.91 35.27 -52.52
N SER B 289 -2.21 34.15 -52.42
CA SER B 289 -2.69 32.88 -52.96
C SER B 289 -3.32 31.98 -51.91
N ASP B 290 -3.31 32.38 -50.65
CA ASP B 290 -3.88 31.56 -49.58
C ASP B 290 -5.33 31.98 -49.32
N GLY B 291 -5.91 31.46 -48.24
CA GLY B 291 -7.31 31.68 -47.95
C GLY B 291 -7.58 33.01 -47.28
N GLU B 292 -8.70 33.07 -46.56
CA GLU B 292 -9.14 34.30 -45.93
C GLU B 292 -8.16 34.74 -44.85
N GLN B 293 -7.94 36.05 -44.75
CA GLN B 293 -6.98 36.63 -43.81
C GLN B 293 -7.63 37.16 -42.54
N ASP B 294 -8.49 38.16 -42.67
CA ASP B 294 -9.13 38.76 -41.50
C ASP B 294 -10.03 37.75 -40.79
N VAL B 295 -10.89 37.08 -41.55
CA VAL B 295 -11.80 36.04 -41.06
C VAL B 295 -12.66 36.58 -39.92
N GLY B 296 -12.94 37.87 -39.96
CA GLY B 296 -13.87 38.47 -39.01
C GLY B 296 -13.41 38.30 -37.57
N ASN B 297 -14.27 37.68 -36.76
CA ASN B 297 -14.00 37.47 -35.35
C ASN B 297 -12.71 36.67 -35.18
N PRO B 298 -11.77 37.13 -34.34
CA PRO B 298 -10.52 36.36 -34.16
C PRO B 298 -10.71 35.05 -33.44
N LEU B 299 -11.81 34.86 -32.72
CA LEU B 299 -12.04 33.60 -32.03
C LEU B 299 -12.33 32.48 -33.01
N LEU B 300 -13.09 32.78 -34.07
CA LEU B 300 -13.41 31.76 -35.07
C LEU B 300 -12.20 31.42 -35.93
N ALA B 301 -11.34 32.40 -36.21
CA ALA B 301 -10.19 32.14 -37.06
C ALA B 301 -9.18 31.23 -36.38
N SER B 302 -8.89 31.48 -35.10
CA SER B 302 -7.89 30.68 -34.40
C SER B 302 -8.41 29.28 -34.09
N TRP B 303 -9.58 29.18 -33.47
CA TRP B 303 -10.09 27.89 -33.01
C TRP B 303 -10.74 27.09 -34.13
N GLY B 304 -11.26 27.74 -35.15
CA GLY B 304 -12.07 27.07 -36.15
C GLY B 304 -11.29 26.50 -37.32
N LYS B 305 -9.99 26.24 -37.12
CA LYS B 305 -9.15 25.71 -38.18
C LYS B 305 -9.66 24.39 -38.75
N LEU B 306 -10.45 23.64 -37.99
CA LEU B 306 -11.02 22.40 -38.49
C LEU B 306 -12.17 22.68 -39.46
N GLY B 307 -13.23 23.33 -38.97
CA GLY B 307 -14.37 23.65 -39.82
C GLY B 307 -14.03 24.50 -41.03
N ARG B 308 -12.88 25.18 -41.01
CA ARG B 308 -12.43 25.92 -42.18
C ARG B 308 -12.33 25.01 -43.41
N ASP B 309 -11.46 24.00 -43.33
CA ASP B 309 -11.31 23.08 -44.46
C ASP B 309 -12.58 22.30 -44.74
N TYR B 310 -13.41 22.08 -43.71
CA TYR B 310 -14.63 21.29 -43.91
C TYR B 310 -15.67 22.05 -44.71
N ILE B 311 -15.94 23.30 -44.32
CA ILE B 311 -16.88 24.12 -45.10
C ILE B 311 -16.30 24.43 -46.47
N TYR B 312 -14.97 24.34 -46.61
CA TYR B 312 -14.36 24.49 -47.93
C TYR B 312 -14.62 23.28 -48.81
N LEU B 313 -14.70 22.09 -48.21
CA LEU B 313 -15.00 20.89 -48.98
C LEU B 313 -16.48 20.75 -49.29
N LEU B 314 -17.35 21.29 -48.43
CA LEU B 314 -18.78 21.23 -48.69
C LEU B 314 -19.17 22.15 -49.84
N SER B 315 -18.59 23.35 -49.89
CA SER B 315 -18.89 24.29 -50.96
C SER B 315 -18.25 23.90 -52.28
N ASP B 316 -17.37 22.90 -52.29
CA ASP B 316 -16.72 22.44 -53.51
C ASP B 316 -17.59 21.46 -54.29
N LEU B 317 -18.63 20.90 -53.68
CA LEU B 317 -19.48 19.95 -54.38
C LEU B 317 -20.26 20.64 -55.48
N GLU B 318 -20.27 20.04 -56.67
CA GLU B 318 -20.89 20.66 -57.83
C GLU B 318 -22.41 20.53 -57.79
N SER B 319 -22.92 19.33 -57.50
CA SER B 319 -24.35 19.06 -57.56
C SER B 319 -25.07 19.26 -56.24
N SER B 320 -24.36 19.71 -55.19
CA SER B 320 -24.98 19.88 -53.89
C SER B 320 -25.87 21.13 -53.88
N GLN B 321 -27.00 21.01 -53.19
CA GLN B 321 -27.93 22.10 -52.98
C GLN B 321 -27.87 22.50 -51.52
N GLU B 322 -27.32 23.68 -51.25
CA GLU B 322 -27.11 24.15 -49.88
C GLU B 322 -28.19 25.15 -49.50
N LEU B 323 -28.78 24.96 -48.32
CA LEU B 323 -29.76 25.90 -47.78
C LEU B 323 -29.50 26.06 -46.29
N ASP B 324 -29.70 27.30 -45.81
CA ASP B 324 -29.34 27.66 -44.45
C ASP B 324 -30.58 28.06 -43.67
N ALA B 325 -30.60 27.70 -42.38
CA ALA B 325 -31.59 28.19 -41.43
C ALA B 325 -30.82 28.62 -40.19
N PHE B 326 -30.84 29.91 -39.90
CA PHE B 326 -30.05 30.48 -38.80
C PHE B 326 -30.97 31.26 -37.88
N VAL B 327 -30.96 30.90 -36.60
CA VAL B 327 -31.72 31.60 -35.58
C VAL B 327 -30.84 32.71 -35.01
N ASP B 328 -31.27 33.95 -35.18
CA ASP B 328 -30.49 35.08 -34.71
C ASP B 328 -30.51 35.14 -33.19
N VAL B 329 -29.33 35.27 -32.59
CA VAL B 329 -29.21 35.35 -31.14
C VAL B 329 -29.22 36.82 -30.76
N THR B 330 -30.29 37.24 -30.08
CA THR B 330 -30.40 38.63 -29.64
C THR B 330 -29.45 38.84 -28.46
N PRO B 331 -28.41 39.65 -28.61
CA PRO B 331 -27.42 39.81 -27.53
C PRO B 331 -28.06 40.43 -26.29
N ASP B 332 -27.90 39.75 -25.17
CA ASP B 332 -28.25 40.32 -23.87
C ASP B 332 -27.14 40.05 -22.87
N ASN B 333 -26.97 38.79 -22.50
CA ASN B 333 -25.91 38.35 -21.60
C ASN B 333 -24.57 38.33 -22.33
N LEU B 334 -23.49 38.32 -21.54
CA LEU B 334 -22.15 38.22 -22.09
C LEU B 334 -22.00 37.01 -23.00
N LEU B 335 -22.66 35.90 -22.65
CA LEU B 335 -22.60 34.71 -23.49
C LEU B 335 -23.25 34.95 -24.85
N HIS B 336 -24.45 35.57 -24.85
CA HIS B 336 -25.12 35.86 -26.11
C HIS B 336 -24.40 36.93 -26.90
N ASN B 337 -23.55 37.73 -26.24
CA ASN B 337 -22.78 38.73 -26.96
C ASN B 337 -21.69 38.07 -27.80
N ILE B 338 -21.03 37.05 -27.24
CA ILE B 338 -19.95 36.38 -27.97
C ILE B 338 -20.52 35.52 -29.09
N GLN B 339 -21.58 34.77 -28.80
CA GLN B 339 -22.20 33.94 -29.84
C GLN B 339 -22.69 34.81 -31.00
N SER B 340 -23.18 36.01 -30.69
CA SER B 340 -23.50 36.99 -31.74
C SER B 340 -22.28 37.29 -32.59
N ASP B 341 -21.24 37.87 -31.98
CA ASP B 341 -20.05 38.30 -32.71
C ASP B 341 -19.45 37.19 -33.56
N ILE B 342 -19.52 35.94 -33.09
CA ILE B 342 -19.03 34.83 -33.89
C ILE B 342 -20.01 34.51 -35.02
N LEU B 343 -21.31 34.67 -34.78
CA LEU B 343 -22.31 34.41 -35.80
C LEU B 343 -22.27 35.47 -36.90
N GLU B 344 -22.35 36.74 -36.53
CA GLU B 344 -22.32 37.82 -37.52
C GLU B 344 -20.93 38.04 -38.11
N LEU B 345 -19.90 37.39 -37.56
CA LEU B 345 -18.53 37.49 -38.07
C LEU B 345 -18.05 38.94 -38.06
N GLU B 346 -17.89 39.45 -36.84
CA GLU B 346 -17.43 40.81 -36.62
C GLU B 346 -16.43 40.83 -35.48
N ASN B 347 -15.53 41.82 -35.51
CA ASN B 347 -14.52 41.99 -34.49
C ASN B 347 -14.94 43.14 -33.58
N ARG B 348 -15.32 42.82 -32.35
CA ARG B 348 -15.74 43.82 -31.37
C ARG B 348 -14.62 44.25 -30.45
N ALA B 349 -13.42 43.67 -30.59
CA ALA B 349 -12.31 44.06 -29.75
C ALA B 349 -11.74 45.40 -30.20
N VAL B 350 -11.50 46.29 -29.24
CA VAL B 350 -10.95 47.61 -29.53
C VAL B 350 -9.44 47.54 -29.39
N ALA B 351 -8.73 47.68 -30.51
CA ALA B 351 -7.28 47.62 -30.49
C ALA B 351 -6.64 48.94 -30.07
N GLY B 352 -7.36 50.05 -30.16
CA GLY B 352 -6.79 51.35 -29.83
C GLY B 352 -5.72 51.78 -30.81
N VAL B 353 -6.08 51.82 -32.10
CA VAL B 353 -5.10 52.18 -33.12
C VAL B 353 -4.62 53.61 -32.94
N ASN B 354 -5.52 54.52 -32.60
CA ASN B 354 -5.18 55.92 -32.40
C ASN B 354 -5.54 56.35 -30.99
N ILE B 355 -4.91 57.45 -30.54
CA ILE B 355 -5.11 57.91 -29.17
C ILE B 355 -6.54 58.37 -28.95
N GLU B 356 -7.23 58.82 -30.00
CA GLU B 356 -8.63 59.19 -29.87
C GLU B 356 -9.50 57.97 -29.57
N GLU B 357 -9.19 56.85 -30.21
CA GLU B 357 -9.89 55.60 -29.92
C GLU B 357 -9.35 54.96 -28.65
N PHE B 358 -8.08 55.21 -28.31
CA PHE B 358 -7.47 54.59 -27.14
C PHE B 358 -7.99 55.18 -25.84
N SER B 359 -8.55 56.40 -25.89
CA SER B 359 -8.98 57.07 -24.66
C SER B 359 -10.38 56.62 -24.25
N ARG B 360 -11.39 56.93 -25.06
CA ARG B 360 -12.76 56.63 -24.71
C ARG B 360 -13.02 55.13 -24.75
N SER B 361 -13.48 54.58 -23.63
CA SER B 361 -13.82 53.17 -23.51
C SER B 361 -15.30 52.91 -23.69
N ASP B 362 -16.11 53.95 -23.89
CA ASP B 362 -17.56 53.79 -24.02
C ASP B 362 -17.96 53.11 -25.31
N ASN B 363 -17.08 53.08 -26.31
CA ASN B 363 -17.41 52.47 -27.61
C ASN B 363 -17.49 50.95 -27.55
N LYS B 364 -17.12 50.33 -26.43
CA LYS B 364 -17.24 48.89 -26.30
C LYS B 364 -18.66 48.51 -25.94
N ARG B 365 -18.88 47.21 -25.65
CA ARG B 365 -20.22 46.80 -25.30
C ARG B 365 -20.40 46.83 -23.78
N PRO B 366 -21.49 47.41 -23.29
CA PRO B 366 -21.70 47.46 -21.83
C PRO B 366 -21.99 46.08 -21.26
N LEU B 367 -21.34 45.80 -20.13
CA LEU B 367 -21.47 44.53 -19.43
C LEU B 367 -22.17 44.75 -18.10
N ASP B 368 -23.20 43.95 -17.84
CA ASP B 368 -23.90 44.06 -16.57
C ASP B 368 -23.15 43.31 -15.47
N PRO B 369 -23.03 43.90 -14.28
CA PRO B 369 -22.33 43.20 -13.19
C PRO B 369 -23.08 41.96 -12.69
N LEU B 370 -24.36 41.83 -13.00
CA LEU B 370 -25.18 40.72 -12.52
C LEU B 370 -25.16 39.53 -13.46
N ASP B 371 -24.41 39.58 -14.56
CA ASP B 371 -24.41 38.50 -15.54
C ASP B 371 -23.51 37.36 -15.06
N SER B 372 -24.11 36.19 -14.87
CA SER B 372 -23.39 34.97 -14.51
C SER B 372 -23.10 34.09 -15.71
N SER B 373 -23.44 34.54 -16.92
CA SER B 373 -23.36 33.69 -18.11
C SER B 373 -21.95 33.14 -18.31
N ILE B 374 -20.97 34.02 -18.45
CA ILE B 374 -19.58 33.63 -18.67
C ILE B 374 -18.79 34.01 -17.42
N THR B 375 -18.36 33.00 -16.66
CA THR B 375 -17.59 33.20 -15.45
C THR B 375 -16.35 32.32 -15.47
N PHE B 376 -15.27 32.83 -14.88
CA PHE B 376 -14.01 32.11 -14.80
C PHE B 376 -13.62 31.99 -13.33
N HIS B 377 -13.19 30.79 -12.94
CA HIS B 377 -12.94 30.48 -11.53
C HIS B 377 -11.53 29.90 -11.37
N VAL B 378 -10.78 30.47 -10.44
CA VAL B 378 -9.43 30.01 -10.12
C VAL B 378 -9.49 29.19 -8.84
N CYS B 379 -8.95 27.97 -8.90
CA CYS B 379 -8.96 27.04 -7.77
C CYS B 379 -7.54 26.62 -7.43
N HIS B 380 -7.41 25.75 -6.44
CA HIS B 380 -6.11 25.26 -5.97
C HIS B 380 -5.83 23.85 -6.45
N SER B 381 -6.62 22.87 -6.03
CA SER B 381 -6.38 21.49 -6.42
C SER B 381 -7.58 20.97 -7.20
N PRO B 382 -7.53 19.75 -7.76
CA PRO B 382 -8.73 19.20 -8.39
C PRO B 382 -9.85 18.92 -7.40
N GLN B 383 -9.51 18.50 -6.18
CA GLN B 383 -10.50 18.31 -5.14
C GLN B 383 -11.28 19.60 -4.88
N ARG B 384 -10.59 20.66 -4.45
CA ARG B 384 -11.25 21.91 -4.15
C ARG B 384 -11.91 22.52 -5.37
N GLU B 385 -11.43 22.18 -6.57
CA GLU B 385 -12.03 22.72 -7.79
C GLU B 385 -13.43 22.15 -8.00
N VAL B 386 -13.58 20.83 -7.92
CA VAL B 386 -14.88 20.22 -8.12
C VAL B 386 -15.81 20.51 -6.95
N GLU B 387 -15.26 20.62 -5.74
CA GLU B 387 -16.09 20.94 -4.58
C GLU B 387 -16.73 22.32 -4.71
N VAL B 388 -16.02 23.26 -5.35
CA VAL B 388 -16.61 24.56 -5.61
C VAL B 388 -17.65 24.47 -6.73
N LEU B 389 -17.38 23.62 -7.74
CA LEU B 389 -18.35 23.43 -8.81
C LEU B 389 -19.68 22.91 -8.27
N HIS B 390 -19.63 22.04 -7.27
CA HIS B 390 -20.86 21.51 -6.67
C HIS B 390 -21.65 22.62 -5.99
N ASP B 391 -20.97 23.65 -5.51
CA ASP B 391 -21.67 24.77 -4.88
C ASP B 391 -22.26 25.71 -5.92
N ARG B 392 -21.57 25.88 -7.05
CA ARG B 392 -22.07 26.78 -8.09
C ARG B 392 -23.21 26.14 -8.87
N LEU B 393 -23.20 24.81 -8.99
CA LEU B 393 -24.31 24.12 -9.64
C LEU B 393 -25.58 24.23 -8.80
N LEU B 394 -25.44 24.23 -7.48
CA LEU B 394 -26.60 24.42 -6.61
C LEU B 394 -27.15 25.83 -6.73
N ALA B 395 -26.27 26.82 -6.90
CA ALA B 395 -26.73 28.19 -7.05
C ALA B 395 -27.44 28.39 -8.39
N MET B 396 -27.06 27.61 -9.40
CA MET B 396 -27.73 27.71 -10.69
C MET B 396 -29.07 26.98 -10.68
N LEU B 397 -29.17 25.88 -9.91
CA LEU B 397 -30.44 25.17 -9.80
C LEU B 397 -31.44 25.98 -8.98
N GLU B 398 -30.95 26.76 -8.01
CA GLU B 398 -31.84 27.55 -7.17
C GLU B 398 -32.30 28.83 -7.86
N GLU B 399 -31.42 29.43 -8.67
CA GLU B 399 -31.71 30.74 -9.26
C GLU B 399 -32.74 30.68 -10.38
N ASP B 400 -33.02 29.49 -10.92
CA ASP B 400 -33.95 29.39 -12.04
C ASP B 400 -35.11 28.46 -11.69
N PRO B 401 -36.33 28.78 -12.15
CA PRO B 401 -37.46 27.90 -11.83
C PRO B 401 -37.36 26.53 -12.47
N THR B 402 -36.98 26.46 -13.75
CA THR B 402 -36.81 25.18 -14.45
C THR B 402 -35.35 25.02 -14.83
N LEU B 403 -34.65 24.13 -14.13
CA LEU B 403 -33.32 23.68 -14.53
C LEU B 403 -33.21 22.20 -14.26
N THR B 404 -32.90 21.42 -15.29
CA THR B 404 -32.77 19.98 -15.15
C THR B 404 -31.30 19.60 -15.09
N PRO B 405 -30.88 18.80 -14.11
CA PRO B 405 -29.47 18.35 -14.07
C PRO B 405 -29.06 17.60 -15.34
N ARG B 406 -30.04 17.02 -16.03
CA ARG B 406 -29.77 16.43 -17.34
C ARG B 406 -29.27 17.47 -18.32
N ASP B 407 -29.81 18.70 -18.25
CA ASP B 407 -29.42 19.77 -19.15
C ASP B 407 -28.06 20.36 -18.81
N ILE B 408 -27.47 20.00 -17.67
CA ILE B 408 -26.17 20.52 -17.24
C ILE B 408 -25.10 19.50 -17.56
N ILE B 409 -24.01 19.97 -18.15
CA ILE B 409 -22.90 19.11 -18.55
C ILE B 409 -21.61 19.66 -17.95
N VAL B 410 -20.71 18.75 -17.58
CA VAL B 410 -19.38 19.11 -17.08
C VAL B 410 -18.36 18.31 -17.87
N MET B 411 -17.49 19.01 -18.58
CA MET B 411 -16.46 18.39 -19.41
C MET B 411 -15.08 18.58 -18.78
N VAL B 412 -14.32 17.49 -18.71
CA VAL B 412 -13.00 17.49 -18.11
C VAL B 412 -11.99 17.06 -19.16
N ALA B 413 -10.75 17.55 -19.01
CA ALA B 413 -9.65 17.17 -19.88
C ALA B 413 -9.48 15.65 -19.90
N ASP B 414 -9.12 15.08 -18.76
CA ASP B 414 -9.02 13.63 -18.59
C ASP B 414 -9.96 13.21 -17.48
N ILE B 415 -10.98 12.43 -17.83
CA ILE B 415 -12.00 12.05 -16.86
C ILE B 415 -11.45 11.09 -15.82
N ASP B 416 -10.42 10.31 -16.17
CA ASP B 416 -9.88 9.33 -15.24
C ASP B 416 -9.15 9.98 -14.06
N SER B 417 -8.56 11.15 -14.26
CA SER B 417 -7.85 11.82 -13.16
C SER B 417 -8.81 12.48 -12.18
N TYR B 418 -9.91 13.03 -12.68
CA TYR B 418 -10.89 13.69 -11.83
C TYR B 418 -12.01 12.77 -11.38
N SER B 419 -12.00 11.50 -11.81
CA SER B 419 -13.10 10.59 -11.45
C SER B 419 -13.21 10.35 -9.96
N PRO B 420 -12.13 10.08 -9.21
CA PRO B 420 -12.30 9.93 -7.75
C PRO B 420 -12.81 11.19 -7.07
N PHE B 421 -12.46 12.37 -7.57
CA PHE B 421 -12.92 13.61 -6.96
C PHE B 421 -14.35 13.93 -7.34
N ILE B 422 -14.77 13.56 -8.55
CA ILE B 422 -16.16 13.73 -8.96
C ILE B 422 -17.07 12.84 -8.11
N GLN B 423 -16.64 11.60 -7.88
CA GLN B 423 -17.45 10.67 -7.09
C GLN B 423 -17.47 11.03 -5.62
N ALA B 424 -16.38 11.63 -5.11
CA ALA B 424 -16.30 11.93 -3.69
C ALA B 424 -17.25 13.06 -3.29
N VAL B 425 -17.16 14.21 -3.98
CA VAL B 425 -17.94 15.37 -3.57
C VAL B 425 -19.43 15.17 -3.87
N PHE B 426 -19.76 14.38 -4.90
CA PHE B 426 -21.15 14.12 -5.23
C PHE B 426 -21.73 12.95 -4.43
N GLY B 427 -20.89 12.13 -3.81
CA GLY B 427 -21.37 11.02 -3.01
C GLY B 427 -21.42 11.35 -1.53
N SER B 428 -20.70 12.39 -1.13
CA SER B 428 -20.67 12.82 0.26
C SER B 428 -21.67 13.93 0.56
N ALA B 429 -22.48 14.33 -0.42
CA ALA B 429 -23.43 15.40 -0.19
C ALA B 429 -24.60 14.89 0.67
N PRO B 430 -25.10 15.71 1.60
CA PRO B 430 -26.24 15.29 2.41
C PRO B 430 -27.49 15.11 1.55
N ALA B 431 -28.49 14.43 2.14
CA ALA B 431 -29.72 14.09 1.44
C ALA B 431 -30.32 15.30 0.73
N ASP B 432 -30.70 16.33 1.50
CA ASP B 432 -31.30 17.52 0.89
C ASP B 432 -30.34 18.18 -0.10
N ARG B 433 -29.03 18.08 0.15
CA ARG B 433 -28.04 18.67 -0.74
C ARG B 433 -27.67 17.73 -1.90
N TYR B 434 -28.02 16.45 -1.82
CA TYR B 434 -27.58 15.49 -2.82
C TYR B 434 -28.28 15.72 -4.15
N LEU B 435 -27.50 15.59 -5.23
CA LEU B 435 -28.00 15.63 -6.59
C LEU B 435 -27.44 14.46 -7.39
N PRO B 436 -28.22 13.88 -8.28
CA PRO B 436 -27.73 12.73 -9.04
C PRO B 436 -26.63 13.11 -10.01
N TYR B 437 -25.69 12.20 -10.20
CA TYR B 437 -24.55 12.44 -11.09
C TYR B 437 -24.26 11.17 -11.88
N ALA B 438 -23.78 11.35 -13.10
CA ALA B 438 -23.45 10.23 -13.99
C ALA B 438 -22.13 10.52 -14.66
N ILE B 439 -21.18 9.60 -14.54
CA ILE B 439 -19.86 9.73 -15.14
C ILE B 439 -19.83 8.92 -16.42
N SER B 440 -19.35 9.51 -17.51
CA SER B 440 -19.30 8.86 -18.81
C SER B 440 -17.89 8.97 -19.37
N ASP B 441 -17.63 8.15 -20.40
CA ASP B 441 -16.34 8.06 -21.07
C ASP B 441 -15.26 7.49 -20.15
N ARG B 442 -15.61 7.25 -18.88
CA ARG B 442 -14.69 6.58 -17.97
C ARG B 442 -14.40 5.18 -18.47
N ARG B 443 -13.14 4.78 -18.37
CA ARG B 443 -12.73 3.47 -18.86
C ARG B 443 -13.48 2.37 -18.10
N ALA B 444 -14.15 1.49 -18.85
CA ALA B 444 -15.02 0.50 -18.24
C ALA B 444 -14.18 -0.55 -17.51
N ARG B 445 -14.42 -0.70 -16.22
CA ARG B 445 -13.77 -1.71 -15.39
C ARG B 445 -14.84 -2.35 -14.53
N GLN B 446 -15.07 -3.65 -14.73
CA GLN B 446 -16.14 -4.36 -14.02
C GLN B 446 -15.62 -4.97 -12.72
N SER B 447 -14.71 -5.93 -12.81
CA SER B 447 -14.08 -6.54 -11.64
C SER B 447 -12.58 -6.26 -11.73
N HIS B 448 -12.09 -5.43 -10.81
CA HIS B 448 -10.67 -5.06 -10.84
C HIS B 448 -9.75 -6.22 -10.48
N PRO B 449 -9.94 -6.94 -9.37
CA PRO B 449 -8.96 -7.98 -9.01
C PRO B 449 -8.92 -9.15 -9.97
N VAL B 450 -10.06 -9.54 -10.54
CA VAL B 450 -10.10 -10.70 -11.43
C VAL B 450 -9.23 -10.45 -12.66
N LEU B 451 -9.24 -9.21 -13.16
CA LEU B 451 -8.45 -8.88 -14.34
C LEU B 451 -6.97 -8.73 -13.98
N GLU B 452 -6.68 -8.12 -12.82
CA GLU B 452 -5.30 -7.86 -12.45
C GLU B 452 -4.58 -9.14 -12.04
N ALA B 453 -5.26 -10.02 -11.30
CA ALA B 453 -4.63 -11.27 -10.87
C ALA B 453 -4.36 -12.19 -12.05
N PHE B 454 -5.29 -12.27 -13.00
CA PHE B 454 -5.10 -13.13 -14.17
C PHE B 454 -3.91 -12.67 -15.00
N ILE B 455 -3.71 -11.36 -15.12
CA ILE B 455 -2.53 -10.84 -15.79
C ILE B 455 -1.28 -11.18 -14.99
N SER B 456 -1.38 -11.13 -13.65
CA SER B 456 -0.27 -11.55 -12.82
C SER B 456 -0.06 -13.07 -12.90
N LEU B 457 -1.11 -13.82 -13.23
CA LEU B 457 -0.96 -15.26 -13.43
C LEU B 457 -0.23 -15.57 -14.72
N LEU B 458 -0.39 -14.73 -15.75
CA LEU B 458 0.33 -14.91 -17.00
C LEU B 458 1.80 -14.53 -16.89
N SER B 459 2.20 -13.88 -15.80
CA SER B 459 3.59 -13.56 -15.53
C SER B 459 4.31 -14.64 -14.73
N LEU B 460 3.63 -15.76 -14.47
CA LEU B 460 4.20 -16.86 -13.68
C LEU B 460 5.59 -17.31 -14.15
N PRO B 461 5.85 -17.51 -15.45
CA PRO B 461 7.21 -17.92 -15.85
C PRO B 461 8.28 -16.89 -15.52
N ASP B 462 7.93 -15.60 -15.53
CA ASP B 462 8.86 -14.54 -15.19
C ASP B 462 8.73 -14.06 -13.75
N SER B 463 7.79 -14.63 -12.98
CA SER B 463 7.57 -14.16 -11.62
C SER B 463 8.60 -14.77 -10.67
N ARG B 464 9.05 -13.95 -9.72
CA ARG B 464 9.95 -14.41 -8.67
C ARG B 464 9.21 -15.06 -7.51
N PHE B 465 7.87 -14.97 -7.49
CA PHE B 465 7.03 -15.59 -6.47
C PHE B 465 7.40 -15.10 -5.06
N VAL B 466 7.41 -13.79 -4.89
CA VAL B 466 7.59 -13.20 -3.57
C VAL B 466 6.39 -13.58 -2.70
N SER B 467 6.62 -13.70 -1.39
CA SER B 467 5.56 -14.12 -0.48
C SER B 467 4.39 -13.14 -0.50
N GLU B 468 4.67 -11.85 -0.65
CA GLU B 468 3.60 -10.87 -0.69
C GLU B 468 2.79 -10.97 -1.97
N ASP B 469 3.41 -11.41 -3.06
CA ASP B 469 2.69 -11.53 -4.33
C ASP B 469 1.73 -12.72 -4.31
N VAL B 470 2.17 -13.86 -3.77
CA VAL B 470 1.29 -15.02 -3.69
C VAL B 470 0.13 -14.75 -2.74
N LEU B 471 0.38 -14.04 -1.64
CA LEU B 471 -0.70 -13.66 -0.75
C LEU B 471 -1.61 -12.61 -1.40
N ALA B 472 -1.09 -11.84 -2.35
CA ALA B 472 -1.95 -10.94 -3.12
C ALA B 472 -2.84 -11.73 -4.07
N LEU B 473 -2.38 -12.90 -4.51
CA LEU B 473 -3.25 -13.76 -5.33
C LEU B 473 -4.37 -14.37 -4.48
N LEU B 474 -4.09 -14.61 -3.19
CA LEU B 474 -5.12 -15.07 -2.27
C LEU B 474 -6.05 -13.96 -1.83
N ASP B 475 -5.71 -12.71 -2.12
CA ASP B 475 -6.62 -11.60 -1.80
C ASP B 475 -7.91 -11.71 -2.59
N VAL B 476 -7.85 -12.23 -3.81
CA VAL B 476 -9.06 -12.43 -4.60
C VAL B 476 -9.90 -13.53 -3.96
N PRO B 477 -11.17 -13.29 -3.64
CA PRO B 477 -11.98 -14.34 -3.01
C PRO B 477 -12.28 -15.50 -3.93
N VAL B 478 -12.19 -15.32 -5.24
CA VAL B 478 -12.46 -16.43 -6.17
C VAL B 478 -11.30 -17.40 -6.19
N LEU B 479 -10.07 -16.88 -6.21
CA LEU B 479 -8.89 -17.75 -6.18
C LEU B 479 -8.81 -18.51 -4.86
N ALA B 480 -9.30 -17.92 -3.77
CA ALA B 480 -9.35 -18.62 -2.49
C ALA B 480 -10.52 -19.59 -2.42
N ALA B 481 -11.62 -19.31 -3.13
CA ALA B 481 -12.77 -20.20 -3.11
C ALA B 481 -12.49 -21.50 -3.84
N ARG B 482 -11.73 -21.45 -4.94
CA ARG B 482 -11.35 -22.67 -5.65
C ARG B 482 -10.59 -23.62 -4.74
N PHE B 483 -9.67 -23.08 -3.94
CA PHE B 483 -8.90 -23.86 -2.98
C PHE B 483 -9.53 -23.87 -1.59
N ASP B 484 -10.74 -23.29 -1.45
CA ASP B 484 -11.51 -23.25 -0.20
C ASP B 484 -10.64 -22.83 0.99
N ILE B 485 -9.95 -21.71 0.82
CA ILE B 485 -9.24 -21.05 1.92
C ILE B 485 -10.10 -19.90 2.40
N THR B 486 -10.63 -20.01 3.63
CA THR B 486 -11.54 -19.02 4.16
C THR B 486 -10.80 -17.73 4.51
N GLU B 487 -11.57 -16.64 4.59
CA GLU B 487 -11.00 -15.35 4.98
C GLU B 487 -10.46 -15.39 6.40
N GLU B 488 -11.16 -16.08 7.30
CA GLU B 488 -10.67 -16.23 8.67
C GLU B 488 -9.40 -17.07 8.72
N GLY B 489 -9.23 -18.00 7.77
CA GLY B 489 -8.02 -18.80 7.73
C GLY B 489 -6.84 -18.12 7.06
N LEU B 490 -7.10 -17.10 6.24
CA LEU B 490 -6.01 -16.39 5.59
C LEU B 490 -5.17 -15.61 6.59
N ARG B 491 -5.79 -15.17 7.69
CA ARG B 491 -5.03 -14.49 8.74
C ARG B 491 -4.02 -15.42 9.39
N TYR B 492 -4.32 -16.72 9.46
CA TYR B 492 -3.35 -17.68 9.96
C TYR B 492 -2.20 -17.88 8.98
N LEU B 493 -2.51 -17.88 7.68
CA LEU B 493 -1.46 -18.03 6.68
C LEU B 493 -0.55 -16.82 6.64
N ARG B 494 -1.08 -15.63 6.94
CA ARG B 494 -0.25 -14.42 6.93
C ARG B 494 0.83 -14.50 8.01
N GLN B 495 0.47 -15.01 9.20
CA GLN B 495 1.44 -15.13 10.27
C GLN B 495 2.32 -16.37 10.09
N TRP B 496 1.78 -17.44 9.50
CA TRP B 496 2.58 -18.65 9.30
C TRP B 496 3.65 -18.44 8.25
N VAL B 497 3.28 -17.86 7.10
CA VAL B 497 4.26 -17.57 6.06
C VAL B 497 5.36 -16.65 6.57
N ASN B 498 5.00 -15.70 7.44
CA ASN B 498 5.99 -14.79 8.00
C ASN B 498 6.93 -15.52 8.95
N GLU B 499 6.36 -16.32 9.86
CA GLU B 499 7.17 -16.95 10.91
C GLU B 499 7.91 -18.18 10.39
N SER B 500 7.37 -18.87 9.40
CA SER B 500 8.00 -20.08 8.88
C SER B 500 9.13 -19.78 7.89
N GLY B 501 9.40 -18.51 7.60
CA GLY B 501 10.49 -18.16 6.72
C GLY B 501 10.24 -18.43 5.26
N ILE B 502 9.09 -18.00 4.75
CA ILE B 502 8.76 -18.11 3.34
C ILE B 502 8.96 -16.74 2.71
N ARG B 503 10.01 -16.59 1.90
CA ARG B 503 10.36 -15.31 1.31
C ARG B 503 10.64 -15.45 -0.18
N TRP B 504 11.65 -16.22 -0.53
CA TRP B 504 12.16 -16.29 -1.90
C TRP B 504 11.28 -17.20 -2.74
N GLY B 505 11.76 -17.58 -3.92
CA GLY B 505 10.95 -18.26 -4.91
C GLY B 505 10.43 -19.61 -4.44
N ILE B 506 9.58 -20.20 -5.27
CA ILE B 506 8.76 -21.33 -4.85
C ILE B 506 9.60 -22.59 -4.67
N ASP B 507 10.49 -22.89 -5.60
CA ASP B 507 11.22 -24.15 -5.60
C ASP B 507 12.72 -23.86 -5.62
N ASP B 508 13.51 -24.94 -5.55
CA ASP B 508 14.95 -24.84 -5.72
C ASP B 508 15.33 -24.75 -7.19
N ASP B 509 14.57 -25.43 -8.06
CA ASP B 509 14.82 -25.33 -9.49
C ASP B 509 14.54 -23.92 -10.01
N ASN B 510 13.57 -23.23 -9.40
CA ASN B 510 13.31 -21.84 -9.77
C ASN B 510 14.48 -20.94 -9.41
N VAL B 511 15.21 -21.27 -8.34
CA VAL B 511 16.36 -20.47 -7.95
C VAL B 511 17.47 -20.60 -8.99
N ARG B 512 17.76 -21.83 -9.43
CA ARG B 512 18.79 -22.04 -10.43
C ARG B 512 18.37 -21.52 -11.79
N GLU B 513 17.06 -21.46 -12.07
CA GLU B 513 16.59 -20.92 -13.35
C GLU B 513 16.89 -19.42 -13.47
N LEU B 514 17.02 -18.71 -12.36
CA LEU B 514 17.42 -17.32 -12.35
C LEU B 514 18.93 -17.14 -12.26
N GLU B 515 19.69 -18.23 -12.32
CA GLU B 515 21.15 -18.25 -12.24
C GLU B 515 21.66 -17.77 -10.89
N LEU B 516 20.83 -17.84 -9.84
CA LEU B 516 21.24 -17.60 -8.46
C LEU B 516 21.63 -18.92 -7.79
N PRO B 517 22.67 -18.90 -6.95
CA PRO B 517 23.13 -20.14 -6.32
C PRO B 517 22.02 -20.84 -5.54
N ALA B 518 21.96 -22.16 -5.69
CA ALA B 518 20.93 -22.93 -5.02
C ALA B 518 21.19 -22.98 -3.52
N THR B 519 20.18 -22.64 -2.73
CA THR B 519 20.26 -22.64 -1.28
C THR B 519 19.54 -23.83 -0.66
N GLY B 520 18.22 -23.91 -0.85
CA GLY B 520 17.41 -24.93 -0.22
C GLY B 520 16.57 -24.45 0.94
N GLN B 521 16.63 -23.17 1.27
CA GLN B 521 15.87 -22.58 2.35
C GLN B 521 15.19 -21.30 1.87
N HIS B 522 14.27 -20.81 2.69
CA HIS B 522 13.52 -19.57 2.41
C HIS B 522 12.72 -19.69 1.11
N THR B 523 12.27 -20.90 0.80
CA THR B 523 11.47 -21.17 -0.39
C THR B 523 10.12 -21.74 0.02
N TRP B 524 9.15 -21.63 -0.89
CA TRP B 524 7.83 -22.17 -0.62
C TRP B 524 7.87 -23.68 -0.39
N ARG B 525 8.82 -24.38 -1.01
CA ARG B 525 9.00 -25.79 -0.71
C ARG B 525 9.65 -25.99 0.66
N PHE B 526 10.61 -25.13 1.01
CA PHE B 526 11.22 -25.20 2.33
C PHE B 526 10.21 -24.85 3.42
N GLY B 527 9.39 -23.83 3.18
CA GLY B 527 8.40 -23.44 4.18
C GLY B 527 7.32 -24.49 4.35
N LEU B 528 6.76 -24.98 3.25
CA LEU B 528 5.72 -26.01 3.33
C LEU B 528 6.23 -27.25 4.04
N THR B 529 7.42 -27.72 3.67
CA THR B 529 8.01 -28.87 4.36
C THR B 529 8.29 -28.56 5.81
N ARG B 530 8.73 -27.34 6.12
CA ARG B 530 8.91 -26.93 7.51
C ARG B 530 7.58 -26.93 8.25
N MET B 531 6.51 -26.52 7.58
CA MET B 531 5.20 -26.49 8.23
C MET B 531 4.59 -27.88 8.31
N LEU B 532 4.78 -28.71 7.29
CA LEU B 532 4.22 -30.06 7.32
C LEU B 532 4.98 -30.95 8.29
N LEU B 533 6.30 -30.73 8.44
CA LEU B 533 7.06 -31.49 9.41
C LEU B 533 6.67 -31.15 10.84
N GLY B 534 6.31 -29.89 11.09
CA GLY B 534 5.88 -29.52 12.43
C GLY B 534 4.54 -30.10 12.81
N TYR B 535 3.71 -30.41 11.81
CA TYR B 535 2.43 -31.05 12.09
C TYR B 535 2.62 -32.47 12.59
N ALA B 536 3.57 -33.20 12.00
CA ALA B 536 3.83 -34.58 12.43
C ALA B 536 4.68 -34.63 13.69
N MET B 537 5.75 -33.84 13.74
CA MET B 537 6.73 -33.91 14.82
C MET B 537 6.84 -32.57 15.51
N GLU B 538 6.96 -32.62 16.84
CA GLU B 538 7.14 -31.41 17.63
C GLU B 538 8.52 -30.81 17.38
N SER B 539 8.60 -29.47 17.47
CA SER B 539 9.84 -28.77 17.23
C SER B 539 10.90 -29.07 18.29
N ALA B 540 10.50 -29.62 19.44
CA ALA B 540 11.44 -29.93 20.50
C ALA B 540 12.28 -31.17 20.23
N GLN B 541 11.86 -32.03 19.29
CA GLN B 541 12.61 -33.25 19.02
C GLN B 541 13.97 -32.94 18.41
N GLY B 542 13.97 -32.23 17.30
CA GLY B 542 15.22 -31.85 16.64
C GLY B 542 15.04 -31.79 15.14
N GLU B 543 16.16 -31.62 14.46
CA GLU B 543 16.18 -31.59 13.01
C GLU B 543 16.09 -33.00 12.42
N TRP B 544 15.59 -33.07 11.19
CA TRP B 544 15.42 -34.34 10.50
C TRP B 544 16.19 -34.34 9.17
N GLN B 545 15.75 -33.56 8.19
CA GLN B 545 16.45 -33.37 6.92
C GLN B 545 17.38 -32.17 6.94
N SER B 546 17.65 -31.61 8.13
CA SER B 546 18.15 -30.24 8.31
C SER B 546 17.07 -29.23 7.96
N VAL B 547 15.83 -29.56 8.31
CA VAL B 547 14.69 -28.65 8.27
C VAL B 547 14.00 -28.72 9.62
N LEU B 548 13.97 -27.61 10.35
CA LEU B 548 13.39 -27.62 11.68
C LEU B 548 11.86 -27.60 11.60
N PRO B 549 11.17 -28.49 12.30
CA PRO B 549 9.70 -28.50 12.23
C PRO B 549 9.09 -27.24 12.82
N TYR B 550 7.99 -26.81 12.21
CA TYR B 550 7.28 -25.59 12.61
C TYR B 550 6.11 -25.99 13.52
N ASP B 551 6.21 -25.64 14.80
CA ASP B 551 5.32 -26.18 15.83
C ASP B 551 3.96 -25.48 15.89
N GLU B 552 3.80 -24.35 15.20
CA GLU B 552 2.64 -23.50 15.44
C GLU B 552 1.33 -24.22 15.13
N SER B 553 1.28 -25.01 14.06
CA SER B 553 0.10 -25.80 13.73
C SER B 553 0.44 -27.28 13.83
N SER B 554 0.00 -27.92 14.92
CA SER B 554 -0.06 -29.38 15.00
C SER B 554 -1.47 -29.94 14.85
N GLY B 555 -2.48 -29.09 14.76
CA GLY B 555 -3.85 -29.54 14.91
C GLY B 555 -4.71 -29.53 13.65
N LEU B 556 -6.02 -29.43 13.84
CA LEU B 556 -6.95 -29.38 12.72
C LEU B 556 -6.79 -28.10 11.91
N ILE B 557 -6.16 -27.08 12.49
CA ILE B 557 -5.93 -25.84 11.75
C ILE B 557 -4.84 -26.03 10.71
N ALA B 558 -4.07 -27.12 10.81
CA ALA B 558 -3.04 -27.40 9.81
C ALA B 558 -3.63 -27.85 8.49
N GLU B 559 -4.94 -28.11 8.43
CA GLU B 559 -5.57 -28.48 7.18
C GLU B 559 -5.44 -27.39 6.13
N LEU B 560 -5.36 -26.12 6.57
CA LEU B 560 -5.19 -25.02 5.64
C LEU B 560 -3.83 -25.08 4.95
N VAL B 561 -2.85 -25.73 5.61
CA VAL B 561 -1.54 -25.89 4.99
C VAL B 561 -1.63 -26.85 3.80
N GLY B 562 -2.55 -27.81 3.89
CA GLY B 562 -2.76 -28.71 2.76
C GLY B 562 -3.42 -28.04 1.58
N HIS B 563 -4.31 -27.07 1.85
CA HIS B 563 -4.94 -26.32 0.77
C HIS B 563 -3.97 -25.33 0.15
N LEU B 564 -3.10 -24.73 0.96
CA LEU B 564 -2.07 -23.84 0.43
C LEU B 564 -1.05 -24.63 -0.38
N ALA B 565 -0.77 -25.87 0.03
CA ALA B 565 0.18 -26.70 -0.71
C ALA B 565 -0.39 -27.16 -2.04
N SER B 566 -1.71 -27.25 -2.15
CA SER B 566 -2.33 -27.60 -3.43
C SER B 566 -2.30 -26.40 -4.39
N LEU B 567 -2.17 -25.19 -3.86
CA LEU B 567 -2.10 -24.01 -4.71
C LEU B 567 -0.72 -23.91 -5.37
N LEU B 568 0.34 -24.10 -4.59
CA LEU B 568 1.69 -23.98 -5.14
C LEU B 568 2.01 -25.11 -6.11
N MET B 569 1.36 -26.26 -5.93
CA MET B 569 1.49 -27.33 -6.92
C MET B 569 0.93 -26.89 -8.27
N GLN B 570 -0.21 -26.21 -8.25
CA GLN B 570 -0.80 -25.72 -9.50
C GLN B 570 0.00 -24.55 -10.05
N LEU B 571 0.66 -23.79 -9.17
CA LEU B 571 1.52 -22.71 -9.64
C LEU B 571 2.81 -23.24 -10.24
N ASN B 572 3.26 -24.42 -9.77
CA ASN B 572 4.48 -25.02 -10.30
C ASN B 572 4.23 -25.67 -11.66
N ILE B 573 3.00 -26.15 -11.89
CA ILE B 573 2.69 -26.82 -13.14
C ILE B 573 2.52 -25.80 -14.26
N TRP B 574 1.90 -24.66 -13.95
CA TRP B 574 1.61 -23.68 -14.99
C TRP B 574 2.86 -22.89 -15.38
N ARG B 575 3.74 -22.61 -14.42
CA ARG B 575 4.95 -21.86 -14.73
C ARG B 575 5.88 -22.64 -15.65
N ARG B 576 5.86 -23.97 -15.60
CA ARG B 576 6.67 -24.76 -16.51
C ARG B 576 6.02 -24.90 -17.88
N GLY B 577 4.70 -24.78 -17.95
CA GLY B 577 4.00 -24.91 -19.21
C GLY B 577 3.93 -23.62 -20.01
N LEU B 578 4.01 -22.49 -19.32
CA LEU B 578 3.93 -21.17 -19.96
C LEU B 578 5.28 -20.66 -20.46
N ALA B 579 6.37 -21.37 -20.15
CA ALA B 579 7.69 -20.89 -20.55
C ALA B 579 7.99 -21.14 -22.02
N GLN B 580 7.47 -22.23 -22.58
CA GLN B 580 7.77 -22.58 -23.96
C GLN B 580 6.89 -21.81 -24.92
N GLU B 581 7.50 -21.28 -25.99
CA GLU B 581 6.75 -20.61 -27.02
C GLU B 581 5.90 -21.61 -27.81
N ARG B 582 4.68 -21.22 -28.12
CA ARG B 582 3.72 -22.08 -28.80
C ARG B 582 3.11 -21.34 -29.97
N PRO B 583 2.72 -22.05 -31.03
CA PRO B 583 1.94 -21.44 -32.10
C PRO B 583 0.59 -20.96 -31.59
N LEU B 584 -0.03 -20.07 -32.37
CA LEU B 584 -1.26 -19.42 -31.93
C LEU B 584 -2.37 -20.42 -31.68
N GLU B 585 -2.44 -21.50 -32.47
CA GLU B 585 -3.48 -22.50 -32.26
C GLU B 585 -3.30 -23.27 -30.96
N GLU B 586 -2.08 -23.28 -30.40
CA GLU B 586 -1.85 -23.95 -29.12
C GLU B 586 -2.16 -23.05 -27.93
N TRP B 587 -2.37 -21.75 -28.16
CA TRP B 587 -2.71 -20.84 -27.08
C TRP B 587 -4.21 -20.69 -26.86
N LEU B 588 -5.05 -21.25 -27.74
CA LEU B 588 -6.49 -21.13 -27.58
C LEU B 588 -7.00 -21.78 -26.30
N PRO B 589 -6.74 -23.07 -26.04
CA PRO B 589 -7.29 -23.68 -24.81
C PRO B 589 -6.65 -23.18 -23.53
N VAL B 590 -5.49 -22.50 -23.60
CA VAL B 590 -4.74 -22.14 -22.41
C VAL B 590 -5.59 -21.24 -21.50
N CYS B 591 -6.30 -20.29 -22.08
CA CYS B 591 -7.09 -19.37 -21.26
C CYS B 591 -8.25 -20.07 -20.58
N ARG B 592 -8.88 -21.02 -21.28
CA ARG B 592 -10.00 -21.74 -20.68
C ARG B 592 -9.52 -22.73 -19.62
N ASP B 593 -8.32 -23.28 -19.81
CA ASP B 593 -7.79 -24.25 -18.85
C ASP B 593 -7.22 -23.55 -17.62
N MET B 594 -6.76 -22.31 -17.77
CA MET B 594 -6.19 -21.59 -16.63
C MET B 594 -7.29 -21.00 -15.75
N LEU B 595 -8.41 -20.62 -16.34
CA LEU B 595 -9.47 -19.97 -15.57
C LEU B 595 -10.18 -20.94 -14.65
N ASN B 596 -10.64 -22.07 -15.18
CA ASN B 596 -11.37 -23.04 -14.36
C ASN B 596 -10.49 -23.70 -13.31
N ALA B 597 -9.17 -23.80 -13.56
CA ALA B 597 -8.29 -24.45 -12.60
C ALA B 597 -7.98 -23.54 -11.42
N PHE B 598 -7.64 -22.28 -11.69
CA PHE B 598 -7.26 -21.34 -10.64
C PHE B 598 -8.45 -20.62 -10.02
N PHE B 599 -9.61 -20.63 -10.66
CA PHE B 599 -10.76 -19.87 -10.20
C PHE B 599 -11.99 -20.75 -10.13
N LEU B 600 -12.87 -20.45 -9.17
CA LEU B 600 -14.18 -21.06 -9.09
C LEU B 600 -15.22 -19.99 -9.37
N PRO B 601 -15.90 -20.04 -10.52
CA PRO B 601 -16.75 -18.91 -10.92
C PRO B 601 -17.95 -18.74 -10.01
N ASP B 602 -18.40 -17.49 -9.92
CA ASP B 602 -19.60 -17.10 -9.18
C ASP B 602 -20.49 -16.27 -10.10
N ALA B 603 -21.64 -15.86 -9.57
CA ALA B 603 -22.58 -15.07 -10.37
C ALA B 603 -22.00 -13.73 -10.79
N GLU B 604 -21.17 -13.12 -9.94
CA GLU B 604 -20.59 -11.82 -10.26
C GLU B 604 -19.41 -11.94 -11.22
N THR B 605 -18.55 -12.94 -11.02
CA THR B 605 -17.31 -13.02 -11.77
C THR B 605 -17.45 -13.79 -13.09
N GLU B 606 -18.61 -14.40 -13.35
CA GLU B 606 -18.79 -15.07 -14.64
C GLU B 606 -18.84 -14.07 -15.79
N ALA B 607 -19.26 -12.84 -15.52
CA ALA B 607 -19.32 -11.84 -16.59
C ALA B 607 -17.94 -11.34 -16.95
N ALA B 608 -17.08 -11.13 -15.94
CA ALA B 608 -15.73 -10.63 -16.20
C ALA B 608 -14.86 -11.72 -16.82
N MET B 609 -15.04 -12.97 -16.38
CA MET B 609 -14.23 -14.06 -16.92
C MET B 609 -14.63 -14.37 -18.36
N THR B 610 -15.89 -14.13 -18.71
CA THR B 610 -16.30 -14.31 -20.10
C THR B 610 -15.72 -13.23 -21.00
N LEU B 611 -15.60 -12.01 -20.47
CA LEU B 611 -14.96 -10.95 -21.24
C LEU B 611 -13.47 -11.22 -21.43
N ILE B 612 -12.87 -12.00 -20.53
CA ILE B 612 -11.47 -12.40 -20.70
C ILE B 612 -11.35 -13.38 -21.87
N GLU B 613 -12.16 -14.44 -21.85
CA GLU B 613 -12.11 -15.43 -22.93
C GLU B 613 -12.53 -14.82 -24.26
N GLN B 614 -13.46 -13.86 -24.23
CA GLN B 614 -13.90 -13.21 -25.46
C GLN B 614 -12.79 -12.39 -26.08
N GLN B 615 -12.08 -11.61 -25.26
CA GLN B 615 -10.99 -10.79 -25.78
C GLN B 615 -9.76 -11.62 -26.08
N TRP B 616 -9.50 -12.65 -25.28
CA TRP B 616 -8.33 -13.51 -25.51
C TRP B 616 -8.47 -14.28 -26.82
N GLN B 617 -9.64 -14.88 -27.04
CA GLN B 617 -9.83 -15.68 -28.25
C GLN B 617 -9.99 -14.82 -29.49
N ALA B 618 -10.45 -13.58 -29.34
CA ALA B 618 -10.55 -12.69 -30.49
C ALA B 618 -9.17 -12.27 -30.98
N ILE B 619 -8.20 -12.15 -30.06
CA ILE B 619 -6.84 -11.79 -30.45
C ILE B 619 -6.19 -12.93 -31.24
N ILE B 620 -6.38 -14.16 -30.79
CA ILE B 620 -5.83 -15.30 -31.51
C ILE B 620 -6.59 -15.54 -32.81
N ALA B 621 -7.89 -15.23 -32.83
CA ALA B 621 -8.65 -15.37 -34.07
C ALA B 621 -8.18 -14.38 -35.12
N GLU B 622 -7.70 -13.22 -34.70
CA GLU B 622 -7.09 -12.29 -35.64
C GLU B 622 -5.72 -12.79 -36.08
N GLY B 623 -5.02 -13.50 -35.20
CA GLY B 623 -3.74 -14.07 -35.59
C GLY B 623 -3.88 -15.27 -36.49
N LEU B 624 -4.85 -16.15 -36.19
CA LEU B 624 -5.11 -17.29 -37.05
C LEU B 624 -5.78 -16.85 -38.35
N GLY B 625 -6.54 -15.76 -38.32
CA GLY B 625 -7.14 -15.25 -39.55
C GLY B 625 -6.12 -14.61 -40.47
N ALA B 626 -4.99 -14.17 -39.92
CA ALA B 626 -3.92 -13.56 -40.71
C ALA B 626 -2.86 -14.57 -41.12
N GLN B 627 -3.01 -15.84 -40.75
CA GLN B 627 -2.09 -16.92 -41.11
C GLN B 627 -0.66 -16.61 -40.62
N TYR B 628 -0.53 -16.66 -39.30
CA TYR B 628 0.77 -16.52 -38.63
C TYR B 628 1.10 -17.86 -37.98
N GLY B 629 2.11 -18.55 -38.52
CA GLY B 629 2.43 -19.89 -38.07
C GLY B 629 3.66 -19.98 -37.20
N ASP B 630 4.33 -18.86 -36.96
CA ASP B 630 5.49 -18.86 -36.11
C ASP B 630 5.09 -18.90 -34.63
N ALA B 631 5.96 -19.50 -33.82
CA ALA B 631 5.69 -19.58 -32.38
C ALA B 631 5.72 -18.18 -31.77
N VAL B 632 4.90 -17.99 -30.74
CA VAL B 632 4.78 -16.71 -30.08
C VAL B 632 5.08 -16.87 -28.60
N PRO B 633 5.81 -15.94 -27.98
CA PRO B 633 5.98 -15.99 -26.53
C PRO B 633 4.76 -15.47 -25.79
N LEU B 634 4.64 -15.89 -24.54
CA LEU B 634 3.50 -15.46 -23.72
C LEU B 634 3.59 -13.98 -23.36
N SER B 635 4.79 -13.41 -23.35
CA SER B 635 4.95 -12.00 -23.00
C SER B 635 4.29 -11.09 -24.02
N LEU B 636 4.13 -11.56 -25.26
CA LEU B 636 3.49 -10.73 -26.28
C LEU B 636 1.98 -10.71 -26.09
N LEU B 637 1.38 -11.86 -25.80
CA LEU B 637 -0.07 -11.92 -25.62
C LEU B 637 -0.50 -11.29 -24.30
N ARG B 638 0.39 -11.27 -23.30
CA ARG B 638 0.04 -10.66 -22.02
C ARG B 638 -0.06 -9.14 -22.15
N ASP B 639 0.94 -8.51 -22.76
CA ASP B 639 0.88 -7.07 -22.99
C ASP B 639 -0.20 -6.69 -23.98
N GLU B 640 -0.55 -7.58 -24.91
CA GLU B 640 -1.65 -7.31 -25.83
C GLU B 640 -2.99 -7.34 -25.10
N LEU B 641 -3.09 -8.16 -24.05
CA LEU B 641 -4.32 -8.18 -23.25
C LEU B 641 -4.46 -6.91 -22.43
N ALA B 642 -3.34 -6.38 -21.92
CA ALA B 642 -3.40 -5.19 -21.08
C ALA B 642 -3.85 -3.97 -21.87
N GLN B 643 -3.48 -3.89 -23.15
CA GLN B 643 -3.84 -2.75 -23.97
C GLN B 643 -5.30 -2.83 -24.41
N ARG B 644 -5.75 -4.00 -24.88
CA ARG B 644 -7.10 -4.13 -25.40
C ARG B 644 -8.16 -4.14 -24.30
N LEU B 645 -7.81 -4.56 -23.09
CA LEU B 645 -8.81 -4.65 -22.02
C LEU B 645 -9.14 -3.29 -21.43
N ASP B 646 -8.16 -2.39 -21.36
CA ASP B 646 -8.41 -1.08 -20.74
C ASP B 646 -9.12 -0.12 -21.69
N GLN B 647 -9.06 -0.36 -23.00
CA GLN B 647 -9.68 0.55 -23.95
C GLN B 647 -11.20 0.47 -23.95
N GLU B 648 -11.78 -0.50 -23.24
CA GLU B 648 -13.23 -0.62 -23.18
C GLU B 648 -13.81 0.48 -22.29
N ARG B 649 -14.87 1.13 -22.78
CA ARG B 649 -15.55 2.18 -22.03
C ARG B 649 -17.05 1.90 -22.05
N ILE B 650 -17.81 2.74 -21.33
CA ILE B 650 -19.26 2.61 -21.25
C ILE B 650 -19.87 4.00 -21.36
N SER B 651 -20.69 4.22 -22.39
CA SER B 651 -21.43 5.47 -22.57
C SER B 651 -22.86 5.38 -22.07
N GLN B 652 -23.24 4.26 -21.45
CA GLN B 652 -24.65 3.99 -21.14
C GLN B 652 -25.26 5.06 -20.24
N ARG B 653 -24.48 5.63 -19.33
CA ARG B 653 -24.99 6.56 -18.32
C ARG B 653 -24.96 8.01 -18.77
N PHE B 654 -24.59 8.28 -20.03
CA PHE B 654 -24.41 9.64 -20.52
C PHE B 654 -25.65 10.52 -20.33
N LEU B 655 -26.71 10.23 -21.08
CA LEU B 655 -27.92 11.05 -21.09
C LEU B 655 -28.96 10.59 -20.07
N ALA B 656 -28.61 9.66 -19.18
CA ALA B 656 -29.57 9.04 -18.28
C ALA B 656 -30.32 10.05 -17.40
N GLY B 657 -29.90 11.30 -17.37
CA GLY B 657 -30.64 12.34 -16.66
C GLY B 657 -30.02 12.89 -15.39
N PRO B 658 -29.10 12.16 -14.74
CA PRO B 658 -28.19 12.82 -13.81
C PRO B 658 -27.25 13.76 -14.55
N VAL B 659 -26.60 14.65 -13.78
CA VAL B 659 -25.68 15.61 -14.38
C VAL B 659 -24.56 14.87 -15.10
N ASN B 660 -24.24 15.32 -16.30
CA ASN B 660 -23.34 14.60 -17.20
C ASN B 660 -21.90 15.00 -16.92
N ILE B 661 -21.08 14.00 -16.56
CA ILE B 661 -19.65 14.19 -16.34
C ILE B 661 -18.92 13.26 -17.30
N CYS B 662 -17.99 13.82 -18.08
CA CYS B 662 -17.27 13.06 -19.08
C CYS B 662 -16.23 13.96 -19.73
N THR B 663 -15.27 13.32 -20.41
CA THR B 663 -14.23 14.04 -21.14
C THR B 663 -14.79 14.62 -22.43
N LEU B 664 -14.08 15.58 -22.99
CA LEU B 664 -14.49 16.20 -24.25
C LEU B 664 -14.23 15.22 -25.40
N MET B 665 -15.29 14.87 -26.12
CA MET B 665 -15.21 13.95 -27.24
C MET B 665 -15.35 14.70 -28.56
N PRO B 666 -14.43 14.53 -29.49
CA PRO B 666 -14.54 15.23 -30.77
C PRO B 666 -15.79 14.79 -31.53
N MET B 667 -16.32 15.71 -32.33
CA MET B 667 -17.50 15.56 -33.17
C MET B 667 -18.80 15.43 -32.37
N ARG B 668 -18.74 15.39 -31.04
CA ARG B 668 -19.92 15.27 -30.19
C ARG B 668 -20.23 16.65 -29.60
N SER B 669 -21.30 17.27 -30.07
CA SER B 669 -21.76 18.55 -29.56
C SER B 669 -23.25 18.49 -29.33
N ILE B 670 -23.67 18.61 -28.07
CA ILE B 670 -25.07 18.60 -27.69
C ILE B 670 -25.41 19.95 -27.08
N PRO B 671 -26.32 20.73 -27.65
CA PRO B 671 -26.68 22.02 -27.05
C PRO B 671 -27.23 21.83 -25.64
N PHE B 672 -26.70 22.61 -24.70
CA PHE B 672 -27.07 22.52 -23.31
C PHE B 672 -27.25 23.92 -22.74
N LYS B 673 -28.02 24.00 -21.65
CA LYS B 673 -28.23 25.28 -20.98
C LYS B 673 -27.01 25.69 -20.17
N VAL B 674 -26.46 24.76 -19.38
CA VAL B 674 -25.30 25.01 -18.54
C VAL B 674 -24.18 24.10 -19.01
N VAL B 675 -23.02 24.68 -19.29
CA VAL B 675 -21.85 23.94 -19.75
C VAL B 675 -20.68 24.30 -18.84
N CYS B 676 -20.05 23.28 -18.27
CA CYS B 676 -18.93 23.45 -17.35
C CYS B 676 -17.66 22.86 -17.95
N LEU B 677 -16.53 23.43 -17.56
CA LEU B 677 -15.22 22.98 -18.04
C LEU B 677 -14.26 22.90 -16.86
N LEU B 678 -13.53 21.79 -16.79
CA LEU B 678 -12.55 21.55 -15.73
C LEU B 678 -11.23 21.09 -16.33
N GLY B 679 -10.15 21.37 -15.61
CA GLY B 679 -8.82 20.99 -16.05
C GLY B 679 -8.36 21.77 -17.26
N MET B 680 -8.44 23.09 -17.19
CA MET B 680 -8.04 23.98 -18.27
C MET B 680 -6.61 24.47 -18.15
N ASN B 681 -5.85 23.95 -17.19
CA ASN B 681 -4.48 24.39 -16.97
C ASN B 681 -3.64 24.20 -18.23
N ASP B 682 -2.69 25.11 -18.42
CA ASP B 682 -1.84 25.07 -19.61
C ASP B 682 -1.02 23.79 -19.63
N GLY B 683 -0.99 23.13 -20.78
CA GLY B 683 -0.33 21.85 -20.96
C GLY B 683 -1.21 20.65 -20.70
N VAL B 684 -2.28 20.81 -19.91
CA VAL B 684 -3.27 19.74 -19.78
C VAL B 684 -4.23 19.78 -20.95
N TYR B 685 -4.67 20.96 -21.35
CA TYR B 685 -5.53 21.12 -22.52
C TYR B 685 -4.89 22.13 -23.48
N PRO B 686 -4.95 21.85 -24.79
CA PRO B 686 -5.51 20.63 -25.40
C PRO B 686 -4.65 19.39 -25.14
N ARG B 687 -5.13 18.24 -25.60
CA ARG B 687 -4.44 16.97 -25.39
C ARG B 687 -3.39 16.80 -26.47
N GLN B 688 -2.13 16.63 -26.06
CA GLN B 688 -1.00 16.61 -26.97
C GLN B 688 -0.72 15.18 -27.40
N LEU B 689 -0.94 14.89 -28.68
CA LEU B 689 -0.59 13.61 -29.28
C LEU B 689 0.39 13.88 -30.42
N ALA B 690 1.63 13.45 -30.24
CA ALA B 690 2.64 13.72 -31.25
C ALA B 690 2.58 12.69 -32.36
N PRO B 691 2.84 13.10 -33.61
CA PRO B 691 2.87 12.13 -34.70
C PRO B 691 4.01 11.13 -34.52
N LEU B 692 3.90 10.02 -35.24
CA LEU B 692 4.91 8.96 -35.15
C LEU B 692 6.28 9.45 -35.59
N GLY B 693 6.35 10.54 -36.33
CA GLY B 693 7.59 11.17 -36.74
C GLY B 693 8.12 10.67 -38.07
N PHE B 694 7.79 9.45 -38.47
CA PHE B 694 8.03 8.97 -39.82
C PHE B 694 6.78 9.04 -40.69
N ASP B 695 5.68 9.54 -40.15
CA ASP B 695 4.44 9.66 -40.92
C ASP B 695 4.58 10.72 -42.00
N LEU B 696 4.17 10.37 -43.22
CA LEU B 696 4.30 11.29 -44.34
C LEU B 696 3.20 12.34 -44.37
N MET B 697 2.06 12.06 -43.75
CA MET B 697 0.94 13.01 -43.78
C MET B 697 1.28 14.30 -43.03
N SER B 698 2.04 14.19 -41.93
CA SER B 698 2.39 15.38 -41.17
C SER B 698 3.42 16.26 -41.89
N GLN B 699 4.13 15.70 -42.87
CA GLN B 699 5.12 16.48 -43.60
C GLN B 699 4.47 17.42 -44.61
N LYS B 700 3.49 16.91 -45.36
CA LYS B 700 2.75 17.69 -46.34
C LYS B 700 1.26 17.62 -46.01
N PRO B 701 0.75 18.52 -45.17
CA PRO B 701 -0.66 18.47 -44.80
C PRO B 701 -1.56 18.84 -45.98
N LYS B 702 -2.79 18.35 -45.91
CA LYS B 702 -3.83 18.64 -46.89
C LYS B 702 -5.08 19.16 -46.19
N ARG B 703 -6.14 19.35 -46.99
CA ARG B 703 -7.38 19.90 -46.46
C ARG B 703 -7.96 19.02 -45.35
N GLY B 704 -8.35 17.80 -45.68
CA GLY B 704 -9.11 16.96 -44.77
C GLY B 704 -8.29 16.20 -43.75
N ASP B 705 -7.03 16.61 -43.54
CA ASP B 705 -6.20 15.96 -42.54
C ASP B 705 -6.68 16.34 -41.14
N ARG B 706 -6.78 15.33 -40.27
CA ARG B 706 -7.26 15.50 -38.90
C ARG B 706 -6.11 15.35 -37.93
N SER B 707 -5.91 16.35 -37.07
CA SER B 707 -4.92 16.31 -36.00
C SER B 707 -5.62 16.52 -34.67
N ARG B 708 -5.11 15.84 -33.64
CA ARG B 708 -5.75 15.92 -32.32
C ARG B 708 -5.69 17.33 -31.74
N ARG B 709 -4.67 18.11 -32.12
CA ARG B 709 -4.59 19.49 -31.64
C ARG B 709 -5.73 20.32 -32.21
N ASP B 710 -6.00 20.19 -33.50
CA ASP B 710 -7.08 20.95 -34.12
C ASP B 710 -8.45 20.41 -33.71
N ASP B 711 -8.51 19.16 -33.25
CA ASP B 711 -9.78 18.61 -32.78
C ASP B 711 -10.19 19.22 -31.45
N ASP B 712 -9.25 19.31 -30.50
CA ASP B 712 -9.57 19.87 -29.19
C ASP B 712 -9.73 21.38 -29.26
N ARG B 713 -8.97 22.04 -30.15
CA ARG B 713 -9.16 23.48 -30.33
C ARG B 713 -10.53 23.80 -30.92
N TYR B 714 -11.03 22.95 -31.82
CA TYR B 714 -12.36 23.14 -32.36
C TYR B 714 -13.44 22.67 -31.38
N LEU B 715 -13.08 21.77 -30.46
CA LEU B 715 -14.02 21.36 -29.43
C LEU B 715 -14.33 22.49 -28.46
N PHE B 716 -13.32 23.32 -28.14
CA PHE B 716 -13.55 24.46 -27.26
C PHE B 716 -14.49 25.46 -27.90
N LEU B 717 -14.50 25.53 -29.23
CA LEU B 717 -15.45 26.41 -29.92
C LEU B 717 -16.83 25.79 -29.95
N GLU B 718 -16.91 24.46 -30.09
CA GLU B 718 -18.21 23.79 -30.06
C GLU B 718 -18.85 23.93 -28.68
N ALA B 719 -18.05 23.86 -27.62
CA ALA B 719 -18.58 24.02 -26.27
C ALA B 719 -19.00 25.46 -26.00
N LEU B 720 -18.40 26.42 -26.69
CA LEU B 720 -18.75 27.82 -26.49
C LEU B 720 -20.09 28.15 -27.14
N ILE B 721 -20.34 27.61 -28.33
CA ILE B 721 -21.61 27.88 -29.02
C ILE B 721 -22.72 27.01 -28.46
N SER B 722 -22.39 25.87 -27.84
CA SER B 722 -23.42 24.95 -27.39
C SER B 722 -24.16 25.48 -26.17
N ALA B 723 -23.49 26.25 -25.33
CA ALA B 723 -24.11 26.75 -24.11
C ALA B 723 -25.16 27.80 -24.45
N GLN B 724 -26.42 27.55 -24.07
CA GLN B 724 -27.50 28.48 -24.33
C GLN B 724 -27.79 29.45 -23.19
N GLN B 725 -27.23 29.22 -22.00
CA GLN B 725 -27.52 30.10 -20.87
C GLN B 725 -26.25 30.53 -20.15
N LYS B 726 -25.60 29.59 -19.46
CA LYS B 726 -24.44 29.88 -18.63
C LYS B 726 -23.26 29.05 -19.10
N LEU B 727 -22.06 29.63 -18.99
CA LEU B 727 -20.82 28.95 -19.33
C LEU B 727 -19.91 28.93 -18.12
N TYR B 728 -19.40 27.75 -17.78
CA TYR B 728 -18.53 27.58 -16.62
C TYR B 728 -17.16 27.12 -17.09
N ILE B 729 -16.13 27.91 -16.81
CA ILE B 729 -14.76 27.57 -17.11
C ILE B 729 -13.94 27.71 -15.84
N SER B 730 -13.29 26.62 -15.44
CA SER B 730 -12.51 26.59 -14.21
C SER B 730 -11.14 25.98 -14.50
N TYR B 731 -10.12 26.52 -13.81
CA TYR B 731 -8.76 26.03 -13.95
C TYR B 731 -8.01 26.33 -12.66
N ILE B 732 -6.86 25.67 -12.50
CA ILE B 732 -6.03 25.86 -11.31
C ILE B 732 -5.06 27.00 -11.61
N GLY B 733 -5.23 28.11 -10.90
CA GLY B 733 -4.30 29.22 -11.00
C GLY B 733 -3.05 29.01 -10.18
N ARG B 734 -3.22 28.49 -8.97
CA ARG B 734 -2.12 28.27 -8.04
C ARG B 734 -2.12 26.83 -7.57
N SER B 735 -0.97 26.19 -7.66
CA SER B 735 -0.83 24.82 -7.18
C SER B 735 -0.93 24.78 -5.66
N ILE B 736 -1.76 23.87 -5.14
CA ILE B 736 -2.00 23.80 -3.70
C ILE B 736 -0.82 23.26 -2.92
N GLN B 737 0.17 22.65 -3.60
CA GLN B 737 1.27 22.00 -2.90
C GLN B 737 2.36 23.02 -2.51
N ASP B 738 3.07 23.54 -3.51
CA ASP B 738 4.15 24.49 -3.27
C ASP B 738 3.71 25.94 -3.33
N ASN B 739 2.43 26.19 -3.60
CA ASN B 739 1.89 27.54 -3.81
C ASN B 739 2.71 28.29 -4.85
N SER B 740 2.72 27.74 -6.05
CA SER B 740 3.33 28.37 -7.23
C SER B 740 2.23 28.87 -8.16
N GLU B 741 2.65 29.44 -9.28
CA GLU B 741 1.73 30.00 -10.26
C GLU B 741 1.56 29.04 -11.42
N ARG B 742 0.31 28.81 -11.82
CA ARG B 742 -0.04 28.04 -12.99
C ARG B 742 -0.67 28.96 -14.03
N PHE B 743 -1.05 28.39 -15.17
CA PHE B 743 -1.64 29.17 -16.24
C PHE B 743 -2.75 28.40 -16.92
N PRO B 744 -3.81 29.08 -17.34
CA PRO B 744 -4.88 28.42 -18.10
C PRO B 744 -4.43 28.12 -19.52
N SER B 745 -5.21 27.27 -20.18
CA SER B 745 -4.94 26.94 -21.57
C SER B 745 -5.02 28.19 -22.44
N VAL B 746 -4.28 28.17 -23.55
CA VAL B 746 -4.24 29.31 -24.46
C VAL B 746 -5.63 29.62 -24.99
N LEU B 747 -6.49 28.60 -25.12
CA LEU B 747 -7.85 28.84 -25.57
C LEU B 747 -8.62 29.70 -24.56
N VAL B 748 -8.48 29.38 -23.27
CA VAL B 748 -9.11 30.20 -22.24
C VAL B 748 -8.46 31.56 -22.16
N GLN B 749 -7.15 31.63 -22.40
CA GLN B 749 -6.45 32.92 -22.38
C GLN B 749 -6.91 33.81 -23.52
N GLU B 750 -7.14 33.23 -24.70
CA GLU B 750 -7.62 34.02 -25.84
C GLU B 750 -9.06 34.48 -25.61
N LEU B 751 -9.83 33.72 -24.82
CA LEU B 751 -11.21 34.10 -24.57
C LEU B 751 -11.30 35.28 -23.61
N ILE B 752 -10.56 35.21 -22.50
CA ILE B 752 -10.61 36.29 -21.52
C ILE B 752 -10.00 37.57 -22.08
N ASP B 753 -9.14 37.44 -23.09
CA ASP B 753 -8.58 38.63 -23.73
C ASP B 753 -9.61 39.27 -24.67
N TYR B 754 -10.46 38.45 -25.28
CA TYR B 754 -11.49 38.99 -26.17
C TYR B 754 -12.66 39.56 -25.39
N ILE B 755 -12.88 39.07 -24.17
CA ILE B 755 -13.96 39.58 -23.34
C ILE B 755 -13.63 40.98 -22.83
N GLY B 756 -12.41 41.15 -22.32
CA GLY B 756 -12.03 42.42 -21.73
C GLY B 756 -11.88 43.54 -22.76
N GLN B 757 -11.41 43.20 -23.96
CA GLN B 757 -11.21 44.22 -24.98
C GLN B 757 -12.52 44.65 -25.62
N SER B 758 -13.51 43.76 -25.71
CA SER B 758 -14.77 44.06 -26.36
C SER B 758 -15.87 44.49 -25.39
N HIS B 759 -15.57 44.59 -24.10
CA HIS B 759 -16.58 44.95 -23.11
C HIS B 759 -15.96 45.86 -22.05
N TYR B 760 -16.83 46.60 -21.35
CA TYR B 760 -16.42 47.50 -20.30
C TYR B 760 -17.44 47.45 -19.17
N LEU B 761 -17.01 47.84 -17.98
CA LEU B 761 -17.89 47.84 -16.82
C LEU B 761 -18.66 49.16 -16.72
N PRO B 762 -19.88 49.13 -16.17
CA PRO B 762 -20.66 50.36 -16.07
C PRO B 762 -20.11 51.37 -15.09
N GLY B 763 -19.22 50.97 -14.19
CA GLY B 763 -18.65 51.91 -13.24
C GLY B 763 -17.90 53.05 -13.92
N ASP B 764 -16.96 52.70 -14.80
CA ASP B 764 -16.21 53.67 -15.57
C ASP B 764 -16.57 53.52 -17.04
N GLU B 765 -17.32 54.48 -17.57
CA GLU B 765 -17.63 54.49 -18.99
C GLU B 765 -16.50 55.07 -19.83
N ALA B 766 -15.69 55.96 -19.26
CA ALA B 766 -14.46 56.44 -19.89
C ALA B 766 -13.33 56.31 -18.89
N LEU B 767 -12.40 55.38 -19.13
CA LEU B 767 -11.19 55.29 -18.35
C LEU B 767 -9.97 55.14 -19.25
N ASN B 768 -9.89 54.00 -19.93
CA ASN B 768 -8.81 53.66 -20.85
C ASN B 768 -9.13 52.28 -21.43
N CYS B 769 -8.47 51.96 -22.55
CA CYS B 769 -8.73 50.68 -23.20
C CYS B 769 -8.14 49.52 -22.40
N ASP B 770 -6.87 49.64 -22.01
CA ASP B 770 -6.24 48.56 -21.25
C ASP B 770 -6.71 48.54 -19.80
N GLU B 771 -6.99 49.71 -19.22
CA GLU B 771 -7.39 49.76 -17.82
C GLU B 771 -8.79 49.17 -17.63
N SER B 772 -9.69 49.43 -18.57
CA SER B 772 -11.02 48.81 -18.51
C SER B 772 -10.96 47.34 -18.88
N GLU B 773 -10.02 46.96 -19.75
CA GLU B 773 -9.81 45.56 -20.09
C GLU B 773 -9.53 44.73 -18.84
N ALA B 774 -8.41 45.01 -18.17
CA ALA B 774 -8.05 44.28 -16.96
C ALA B 774 -9.08 44.43 -15.85
N ARG B 775 -9.91 45.48 -15.90
CA ARG B 775 -10.95 45.63 -14.90
C ARG B 775 -12.08 44.64 -15.13
N VAL B 776 -12.40 44.35 -16.39
CA VAL B 776 -13.42 43.35 -16.70
C VAL B 776 -12.89 41.95 -16.46
N LYS B 777 -11.61 41.71 -16.79
CA LYS B 777 -11.04 40.39 -16.59
C LYS B 777 -10.89 40.05 -15.11
N ALA B 778 -10.66 41.06 -14.26
CA ALA B 778 -10.56 40.80 -12.84
C ALA B 778 -11.94 40.65 -12.19
N HIS B 779 -12.97 41.22 -12.81
CA HIS B 779 -14.32 41.10 -12.26
C HIS B 779 -14.90 39.73 -12.52
N LEU B 780 -14.66 39.16 -13.69
CA LEU B 780 -15.19 37.84 -14.01
C LEU B 780 -14.38 36.71 -13.37
N THR B 781 -13.10 36.95 -13.08
CA THR B 781 -12.26 35.95 -12.47
C THR B 781 -12.43 35.98 -10.96
N CYS B 782 -12.81 34.84 -10.38
CA CYS B 782 -13.01 34.70 -8.95
C CYS B 782 -12.02 33.68 -8.42
N LEU B 783 -11.31 34.04 -7.34
CA LEU B 783 -10.30 33.17 -6.73
C LEU B 783 -10.91 32.55 -5.48
N HIS B 784 -11.18 31.24 -5.55
CA HIS B 784 -11.72 30.51 -4.42
C HIS B 784 -10.61 30.18 -3.43
N THR B 785 -10.99 29.97 -2.17
CA THR B 785 -10.01 29.81 -1.11
C THR B 785 -9.34 28.43 -1.21
N ARG B 786 -8.34 28.22 -0.35
CA ARG B 786 -7.55 26.99 -0.38
C ARG B 786 -8.25 25.85 0.35
N MET B 787 -8.91 26.15 1.46
CA MET B 787 -9.52 25.12 2.30
C MET B 787 -11.03 25.32 2.38
N PRO B 788 -11.79 24.23 2.54
CA PRO B 788 -13.26 24.38 2.59
C PRO B 788 -13.76 25.09 3.83
N PHE B 789 -13.02 25.04 4.94
CA PHE B 789 -13.43 25.68 6.18
C PHE B 789 -13.05 27.15 6.25
N ASP B 790 -12.45 27.69 5.19
CA ASP B 790 -12.10 29.11 5.15
C ASP B 790 -13.35 29.96 5.33
N PRO B 791 -13.36 30.91 6.28
CA PRO B 791 -14.59 31.69 6.51
C PRO B 791 -14.99 32.58 5.36
N GLN B 792 -14.09 32.83 4.40
CA GLN B 792 -14.43 33.70 3.27
C GLN B 792 -15.57 33.12 2.43
N ASN B 793 -15.70 31.79 2.41
CA ASN B 793 -16.75 31.18 1.58
C ASN B 793 -18.13 31.43 2.17
N TYR B 794 -18.23 31.54 3.48
CA TYR B 794 -19.51 31.67 4.17
C TYR B 794 -19.93 33.11 4.41
N GLN B 795 -19.16 34.08 3.94
CA GLN B 795 -19.56 35.48 4.07
C GLN B 795 -20.75 35.76 3.17
N PRO B 796 -21.75 36.49 3.65
CA PRO B 796 -22.92 36.77 2.80
C PRO B 796 -22.54 37.62 1.60
N GLY B 797 -23.02 37.20 0.42
CA GLY B 797 -22.63 37.87 -0.81
C GLY B 797 -23.06 37.06 -2.02
N GLU B 798 -22.33 37.27 -3.12
CA GLU B 798 -22.63 36.56 -4.36
C GLU B 798 -22.21 35.09 -4.24
N ARG B 799 -20.92 34.84 -4.08
CA ARG B 799 -20.43 33.47 -3.90
C ARG B 799 -20.55 33.09 -2.42
N GLN B 800 -21.37 32.08 -2.15
CA GLN B 800 -21.53 31.56 -0.80
C GLN B 800 -21.67 30.04 -0.88
N SER B 801 -20.92 29.33 -0.05
CA SER B 801 -20.94 27.87 -0.09
C SER B 801 -22.22 27.34 0.54
N TYR B 802 -22.79 26.31 -0.10
CA TYR B 802 -23.98 25.65 0.41
C TYR B 802 -23.67 24.56 1.42
N ALA B 803 -22.40 24.34 1.75
CA ALA B 803 -22.02 23.28 2.67
C ALA B 803 -22.27 23.73 4.11
N ARG B 804 -23.14 23.01 4.81
CA ARG B 804 -23.43 23.28 6.21
C ARG B 804 -22.53 22.51 7.16
N GLU B 805 -21.75 21.56 6.65
CA GLU B 805 -20.90 20.75 7.51
C GLU B 805 -19.74 21.56 8.08
N TRP B 806 -19.21 22.50 7.29
CA TRP B 806 -18.12 23.34 7.73
C TRP B 806 -18.58 24.68 8.32
N LEU B 807 -19.90 24.89 8.43
CA LEU B 807 -20.40 26.10 9.07
C LEU B 807 -19.95 26.20 10.52
N PRO B 808 -20.12 25.19 11.37
CA PRO B 808 -19.58 25.31 12.74
C PRO B 808 -18.06 25.36 12.79
N ALA B 809 -17.38 24.80 11.80
CA ALA B 809 -15.92 24.89 11.77
C ALA B 809 -15.45 26.29 11.43
N ALA B 810 -16.17 26.99 10.55
CA ALA B 810 -15.79 28.36 10.22
C ALA B 810 -16.12 29.34 11.35
N SER B 811 -17.25 29.12 12.05
CA SER B 811 -17.60 29.96 13.17
C SER B 811 -16.63 29.83 14.33
N GLN B 812 -15.94 28.68 14.44
CA GLN B 812 -14.95 28.44 15.49
C GLN B 812 -15.56 28.58 16.88
N ALA B 813 -16.82 28.17 17.03
CA ALA B 813 -17.53 28.24 18.29
C ALA B 813 -17.46 26.93 19.09
N GLY B 814 -16.85 25.89 18.53
CA GLY B 814 -16.78 24.63 19.24
C GLY B 814 -15.77 24.67 20.38
N LYS B 815 -15.96 23.77 21.33
CA LYS B 815 -15.08 23.70 22.49
C LYS B 815 -13.82 22.90 22.15
N ALA B 816 -12.70 23.33 22.72
CA ALA B 816 -11.45 22.62 22.55
C ALA B 816 -11.47 21.32 23.34
N HIS B 817 -10.64 20.37 22.91
CA HIS B 817 -10.58 19.07 23.57
C HIS B 817 -10.01 19.22 24.97
N SER B 818 -10.73 18.72 25.97
CA SER B 818 -10.26 18.74 27.34
C SER B 818 -9.09 17.78 27.52
N GLU B 819 -8.33 18.01 28.58
CA GLU B 819 -7.19 17.15 28.89
C GLU B 819 -7.64 15.71 29.04
N PHE B 820 -6.93 14.80 28.37
CA PHE B 820 -7.35 13.40 28.31
C PHE B 820 -7.31 12.74 29.69
N VAL B 821 -6.37 13.15 30.54
CA VAL B 821 -6.24 12.52 31.84
C VAL B 821 -7.37 12.99 32.76
N GLN B 822 -8.00 12.06 33.46
CA GLN B 822 -9.07 12.35 34.39
C GLN B 822 -8.99 11.40 35.58
N PRO B 823 -9.32 11.86 36.78
CA PRO B 823 -9.35 10.95 37.93
C PRO B 823 -10.49 9.96 37.82
N LEU B 824 -10.21 8.70 38.13
CA LEU B 824 -11.22 7.65 38.12
C LEU B 824 -11.19 6.90 39.44
N PRO B 825 -12.36 6.52 39.96
CA PRO B 825 -12.39 5.77 41.22
C PRO B 825 -11.95 4.32 41.01
N PHE B 826 -11.21 3.80 41.98
CA PHE B 826 -10.76 2.42 41.95
C PHE B 826 -10.63 1.89 43.37
N THR B 827 -10.97 0.62 43.56
CA THR B 827 -10.85 -0.04 44.85
C THR B 827 -9.97 -1.27 44.67
N LEU B 828 -8.83 -1.31 45.35
CA LEU B 828 -7.89 -2.40 45.18
C LEU B 828 -8.44 -3.67 45.84
N PRO B 829 -8.54 -4.78 45.10
CA PRO B 829 -8.99 -6.04 45.73
C PRO B 829 -7.98 -6.57 46.74
N GLU B 830 -8.32 -7.69 47.38
CA GLU B 830 -7.43 -8.29 48.38
C GLU B 830 -6.47 -9.31 47.79
N THR B 831 -6.62 -9.67 46.51
CA THR B 831 -5.73 -10.63 45.86
C THR B 831 -5.18 -10.00 44.59
N VAL B 832 -3.88 -9.72 44.58
CA VAL B 832 -3.20 -9.19 43.41
C VAL B 832 -2.12 -10.17 42.98
N PRO B 833 -2.27 -10.83 41.83
CA PRO B 833 -1.21 -11.74 41.36
C PRO B 833 0.08 -10.98 41.08
N LEU B 834 1.21 -11.65 41.32
CA LEU B 834 2.50 -11.01 41.08
C LEU B 834 2.73 -10.72 39.61
N GLU B 835 2.15 -11.54 38.72
CA GLU B 835 2.27 -11.28 37.29
C GLU B 835 1.61 -9.96 36.90
N THR B 836 0.57 -9.57 37.63
CA THR B 836 -0.07 -8.29 37.37
C THR B 836 0.83 -7.12 37.75
N LEU B 837 1.46 -7.19 38.93
CA LEU B 837 2.35 -6.12 39.35
C LEU B 837 3.59 -6.04 38.46
N GLN B 838 4.06 -7.19 37.97
CA GLN B 838 5.22 -7.19 37.09
C GLN B 838 4.89 -6.60 35.73
N ARG B 839 3.70 -6.90 35.21
CA ARG B 839 3.29 -6.33 33.93
C ARG B 839 2.91 -4.86 34.07
N PHE B 840 2.48 -4.45 35.27
CA PHE B 840 2.11 -3.06 35.49
C PHE B 840 3.34 -2.16 35.53
N TRP B 841 4.34 -2.54 36.34
CA TRP B 841 5.52 -1.70 36.51
C TRP B 841 6.46 -1.73 35.31
N ALA B 842 6.26 -2.64 34.35
CA ALA B 842 7.07 -2.64 33.15
C ALA B 842 6.85 -1.37 32.34
N HIS B 843 5.59 -1.09 32.00
CA HIS B 843 5.20 0.15 31.33
C HIS B 843 3.97 0.70 32.03
N PRO B 844 4.16 1.54 33.05
CA PRO B 844 3.01 2.00 33.85
C PRO B 844 2.00 2.81 33.05
N VAL B 845 2.46 3.59 32.06
CA VAL B 845 1.54 4.37 31.25
C VAL B 845 0.75 3.45 30.32
N ARG B 846 1.43 2.48 29.71
CA ARG B 846 0.76 1.51 28.85
C ARG B 846 -0.24 0.67 29.64
N ALA B 847 0.14 0.27 30.85
CA ALA B 847 -0.75 -0.50 31.73
C ALA B 847 -2.13 0.15 31.84
N PHE B 848 -2.17 1.39 32.34
CA PHE B 848 -3.43 2.08 32.57
C PHE B 848 -4.35 2.05 31.35
N PHE B 849 -3.78 2.03 30.15
CA PHE B 849 -4.61 1.88 28.96
C PHE B 849 -5.17 0.47 28.82
N GLN B 850 -4.30 -0.55 28.90
CA GLN B 850 -4.73 -1.94 28.73
C GLN B 850 -5.28 -2.53 30.03
N MET B 851 -4.47 -2.57 31.09
CA MET B 851 -4.91 -3.09 32.38
C MET B 851 -6.24 -2.46 32.81
N ARG B 852 -6.23 -1.14 33.00
CA ARG B 852 -7.41 -0.45 33.52
C ARG B 852 -8.49 -0.28 32.46
N LEU B 853 -8.23 0.52 31.43
CA LEU B 853 -9.26 0.93 30.48
C LEU B 853 -9.42 -0.03 29.32
N GLN B 854 -8.70 -1.15 29.31
CA GLN B 854 -8.80 -2.17 28.27
C GLN B 854 -8.50 -1.61 26.87
N VAL B 855 -7.64 -0.61 26.80
CA VAL B 855 -7.28 0.04 25.55
C VAL B 855 -5.89 -0.44 25.13
N ASN B 856 -5.82 -1.17 24.02
CA ASN B 856 -4.56 -1.63 23.47
C ASN B 856 -4.54 -1.34 21.97
N PHE B 857 -3.59 -0.51 21.54
CA PHE B 857 -3.44 -0.21 20.12
C PHE B 857 -2.64 -1.33 19.46
N ARG B 858 -3.24 -1.99 18.47
CA ARG B 858 -2.59 -3.09 17.77
C ARG B 858 -1.77 -2.53 16.61
N THR B 859 -0.45 -2.75 16.66
CA THR B 859 0.42 -2.38 15.57
C THR B 859 0.28 -3.41 14.44
N GLU B 860 0.02 -2.93 13.23
CA GLU B 860 -0.11 -3.83 12.09
C GLU B 860 1.16 -4.63 11.90
N ASP B 861 1.00 -5.91 11.57
CA ASP B 861 2.14 -6.79 11.38
C ASP B 861 3.06 -6.23 10.31
N SER B 862 4.36 -6.17 10.62
CA SER B 862 5.33 -5.59 9.70
C SER B 862 5.38 -6.38 8.40
N GLU B 863 5.69 -5.68 7.31
CA GLU B 863 5.79 -6.32 6.01
C GLU B 863 6.84 -7.43 6.03
N ILE B 864 6.47 -8.58 5.47
CA ILE B 864 7.40 -9.70 5.43
C ILE B 864 8.63 -9.30 4.62
N PRO B 865 9.84 -9.46 5.15
CA PRO B 865 11.03 -9.12 4.36
C PRO B 865 11.10 -9.94 3.08
N ASP B 866 11.43 -9.26 1.99
CA ASP B 866 11.39 -9.87 0.67
C ASP B 866 12.61 -10.70 0.34
N THR B 867 13.60 -10.77 1.24
CA THR B 867 14.81 -11.53 1.00
C THR B 867 15.21 -12.28 2.27
N GLU B 868 15.98 -13.34 2.07
CA GLU B 868 16.52 -14.08 3.20
C GLU B 868 17.42 -13.16 4.02
N PRO B 869 17.36 -13.23 5.35
CA PRO B 869 18.12 -12.28 6.17
C PRO B 869 19.62 -12.43 5.96
N PHE B 870 20.27 -11.31 5.63
CA PHE B 870 21.73 -11.28 5.54
C PHE B 870 22.35 -11.10 6.92
N ILE B 871 21.77 -10.22 7.74
CA ILE B 871 22.17 -10.03 9.11
C ILE B 871 20.92 -10.02 9.98
N LEU B 872 21.06 -10.51 11.21
CA LEU B 872 19.95 -10.59 12.15
C LEU B 872 19.95 -9.33 13.02
N GLU B 873 18.74 -8.83 13.31
CA GLU B 873 18.57 -7.59 14.05
C GLU B 873 17.23 -7.61 14.77
N GLY B 874 17.08 -6.72 15.75
CA GLY B 874 15.83 -6.60 16.46
C GLY B 874 15.51 -7.82 17.31
N LEU B 875 14.24 -8.23 17.26
CA LEU B 875 13.76 -9.32 18.10
C LEU B 875 14.26 -10.68 17.59
N SER B 876 14.68 -10.73 16.33
CA SER B 876 15.14 -11.98 15.74
C SER B 876 16.44 -12.45 16.38
N ARG B 877 17.40 -11.53 16.54
CA ARG B 877 18.67 -11.90 17.16
C ARG B 877 18.56 -11.91 18.67
N TYR B 878 17.53 -11.25 19.22
CA TYR B 878 17.33 -11.28 20.67
C TYR B 878 16.86 -12.65 21.13
N GLN B 879 16.05 -13.32 20.31
CA GLN B 879 15.60 -14.66 20.64
C GLN B 879 16.74 -15.66 20.58
N ILE B 880 17.64 -15.49 19.61
CA ILE B 880 18.79 -16.39 19.49
C ILE B 880 19.78 -16.13 20.60
N ASN B 881 19.96 -14.86 20.98
CA ASN B 881 20.81 -14.54 22.12
C ASN B 881 20.23 -15.08 23.42
N GLN B 882 18.91 -15.18 23.52
CA GLN B 882 18.28 -15.73 24.71
C GLN B 882 18.34 -17.26 24.69
N GLN B 883 18.14 -17.86 23.52
CA GLN B 883 18.23 -19.31 23.40
C GLN B 883 19.66 -19.79 23.58
N LEU B 884 20.63 -18.97 23.13
CA LEU B 884 22.03 -19.36 23.25
C LEU B 884 22.52 -19.17 24.69
N LEU B 885 22.12 -18.08 25.34
CA LEU B 885 22.56 -17.83 26.70
C LEU B 885 22.05 -18.90 27.66
N ASN B 886 20.80 -19.33 27.49
CA ASN B 886 20.29 -20.41 28.31
C ASN B 886 21.03 -21.72 28.07
N ALA B 887 21.49 -21.97 26.86
CA ALA B 887 22.22 -23.20 26.57
C ALA B 887 23.66 -23.14 27.06
N LEU B 888 24.27 -21.95 27.07
CA LEU B 888 25.65 -21.82 27.54
C LEU B 888 25.76 -21.97 29.05
N VAL B 889 24.82 -21.37 29.79
CA VAL B 889 24.85 -21.49 31.25
C VAL B 889 24.64 -22.94 31.69
N GLU B 890 23.77 -23.64 30.98
CA GLU B 890 23.59 -25.08 31.23
C GLU B 890 24.74 -25.91 30.70
N GLN B 891 25.68 -25.30 29.98
CA GLN B 891 26.86 -25.99 29.42
C GLN B 891 26.46 -27.06 28.42
N ASP B 892 25.31 -26.87 27.77
CA ASP B 892 24.90 -27.77 26.69
C ASP B 892 25.65 -27.41 25.41
N ASP B 893 25.80 -28.41 24.54
CA ASP B 893 26.52 -28.21 23.29
C ASP B 893 25.84 -27.13 22.45
N ALA B 894 26.63 -26.12 22.06
CA ALA B 894 26.10 -25.03 21.24
C ALA B 894 26.00 -25.41 19.77
N GLU B 895 26.77 -26.40 19.32
CA GLU B 895 26.69 -26.83 17.92
C GLU B 895 25.35 -27.47 17.60
N ARG B 896 24.71 -28.09 18.59
CA ARG B 896 23.37 -28.62 18.40
C ARG B 896 22.38 -27.49 18.12
N LEU B 897 22.43 -26.42 18.92
CA LEU B 897 21.55 -25.28 18.69
C LEU B 897 21.91 -24.55 17.40
N PHE B 898 23.18 -24.55 17.01
CA PHE B 898 23.56 -23.94 15.74
C PHE B 898 22.99 -24.70 14.56
N ARG B 899 23.10 -26.03 14.58
CA ARG B 899 22.48 -26.84 13.54
C ARG B 899 20.96 -26.74 13.58
N ARG B 900 20.39 -26.46 14.76
CA ARG B 900 18.94 -26.31 14.86
C ARG B 900 18.47 -25.01 14.24
N PHE B 901 19.18 -23.91 14.50
CA PHE B 901 18.81 -22.63 13.91
C PHE B 901 19.11 -22.59 12.42
N ARG B 902 20.23 -23.19 11.99
CA ARG B 902 20.54 -23.23 10.57
C ARG B 902 19.57 -24.12 9.81
N ALA B 903 19.04 -25.16 10.46
CA ALA B 903 18.04 -26.00 9.81
C ALA B 903 16.76 -25.22 9.55
N ALA B 904 16.37 -24.35 10.48
CA ALA B 904 15.21 -23.50 10.30
C ALA B 904 15.47 -22.36 9.31
N GLY B 905 16.73 -22.13 8.93
CA GLY B 905 17.05 -21.07 8.00
C GLY B 905 17.04 -19.68 8.58
N ASP B 906 16.83 -19.53 9.90
CA ASP B 906 16.77 -18.21 10.50
C ASP B 906 18.12 -17.51 10.49
N LEU B 907 19.21 -18.24 10.35
CA LEU B 907 20.55 -17.66 10.31
C LEU B 907 20.90 -17.29 8.87
N PRO B 908 22.04 -16.65 8.65
CA PRO B 908 22.52 -16.46 7.28
C PRO B 908 22.96 -17.78 6.66
N TYR B 909 23.06 -17.78 5.34
CA TYR B 909 23.42 -18.99 4.60
C TYR B 909 24.93 -19.17 4.55
N GLY B 910 25.36 -20.42 4.61
CA GLY B 910 26.75 -20.75 4.34
C GLY B 910 27.69 -20.23 5.41
N ALA B 911 28.75 -19.55 4.97
CA ALA B 911 29.78 -19.11 5.90
C ALA B 911 29.29 -17.96 6.77
N PHE B 912 28.44 -17.09 6.23
CA PHE B 912 27.96 -15.95 7.00
C PHE B 912 27.10 -16.41 8.17
N GLY B 913 26.49 -17.60 8.06
CA GLY B 913 25.82 -18.18 9.20
C GLY B 913 26.79 -18.65 10.27
N GLU B 914 28.00 -19.05 9.86
CA GLU B 914 29.02 -19.47 10.82
C GLU B 914 29.71 -18.27 11.44
N ILE B 915 29.98 -17.23 10.64
CA ILE B 915 30.68 -16.06 11.16
C ILE B 915 29.82 -15.32 12.17
N PHE B 916 28.51 -15.21 11.89
CA PHE B 916 27.61 -14.55 12.82
C PHE B 916 27.43 -15.36 14.09
N TRP B 917 27.42 -16.69 13.96
CA TRP B 917 27.15 -17.53 15.12
C TRP B 917 28.33 -17.55 16.08
N GLU B 918 29.56 -17.52 15.55
CA GLU B 918 30.73 -17.56 16.40
C GLU B 918 31.00 -16.23 17.09
N THR B 919 30.68 -15.10 16.44
CA THR B 919 30.84 -13.81 17.12
C THR B 919 29.72 -13.58 18.13
N GLN B 920 28.60 -14.28 17.98
CA GLN B 920 27.57 -14.27 19.01
C GLN B 920 27.96 -15.21 20.16
N CYS B 921 28.49 -16.38 19.83
CA CYS B 921 28.94 -17.31 20.85
C CYS B 921 30.16 -16.79 21.60
N GLN B 922 30.88 -15.83 21.02
CA GLN B 922 32.03 -15.26 21.70
C GLN B 922 31.61 -14.20 22.71
N GLU B 923 30.53 -13.45 22.41
CA GLU B 923 30.04 -12.45 23.34
C GLU B 923 29.21 -13.08 24.46
N MET B 924 28.41 -14.10 24.12
CA MET B 924 27.55 -14.73 25.11
C MET B 924 28.34 -15.63 26.06
N GLN B 925 29.51 -16.10 25.64
CA GLN B 925 30.33 -16.92 26.52
C GLN B 925 30.96 -16.06 27.62
N GLN B 926 31.26 -14.80 27.31
CA GLN B 926 31.79 -13.88 28.31
C GLN B 926 30.75 -13.58 29.38
N LEU B 927 29.49 -13.48 28.98
CA LEU B 927 28.42 -13.24 29.96
C LEU B 927 28.12 -14.50 30.74
N ALA B 928 28.29 -15.66 30.12
CA ALA B 928 27.97 -16.92 30.80
C ALA B 928 29.00 -17.24 31.88
N ASP B 929 30.27 -16.96 31.61
CA ASP B 929 31.32 -17.29 32.58
C ASP B 929 31.13 -16.53 33.89
N ARG B 930 30.45 -15.37 33.82
CA ARG B 930 30.13 -14.64 35.04
C ARG B 930 28.92 -15.23 35.75
N VAL B 931 27.97 -15.80 34.99
CA VAL B 931 26.77 -16.37 35.59
C VAL B 931 27.07 -17.74 36.19
N ILE B 932 27.88 -18.55 35.50
CA ILE B 932 28.20 -19.89 35.97
C ILE B 932 28.93 -19.87 37.30
N ALA B 933 29.78 -18.86 37.53
CA ALA B 933 30.61 -18.84 38.73
C ALA B 933 29.77 -18.79 39.99
N CYS B 934 28.74 -17.94 40.01
CA CYS B 934 27.90 -17.75 41.19
C CYS B 934 26.63 -18.59 41.17
N ARG B 935 26.41 -19.39 40.12
CA ARG B 935 25.17 -20.14 40.00
C ARG B 935 25.22 -21.40 40.85
N GLN B 936 24.11 -21.69 41.52
CA GLN B 936 23.92 -22.91 42.29
C GLN B 936 22.56 -23.51 41.97
N PRO B 937 22.45 -24.83 42.02
CA PRO B 937 21.15 -25.47 41.74
C PRO B 937 20.10 -25.03 42.75
N GLY B 938 18.91 -24.70 42.23
CA GLY B 938 17.83 -24.24 43.09
C GLY B 938 16.49 -24.63 42.50
N GLN B 939 15.47 -24.54 43.34
CA GLN B 939 14.11 -24.92 42.97
C GLN B 939 13.19 -23.71 43.02
N SER B 940 12.14 -23.76 42.21
CA SER B 940 11.16 -22.68 42.18
C SER B 940 10.29 -22.72 43.44
N MET B 941 10.05 -21.55 44.01
CA MET B 941 9.27 -21.42 45.23
C MET B 941 8.01 -20.61 44.95
N GLU B 942 7.00 -20.82 45.81
CA GLU B 942 5.74 -20.11 45.71
C GLU B 942 5.61 -19.12 46.86
N ILE B 943 4.96 -17.99 46.57
CA ILE B 943 4.93 -16.85 47.48
C ILE B 943 3.49 -16.51 47.82
N ASP B 944 3.21 -16.37 49.12
CA ASP B 944 1.94 -15.84 49.61
C ASP B 944 2.25 -14.82 50.70
N LEU B 945 1.79 -13.59 50.50
CA LEU B 945 2.16 -12.48 51.38
C LEU B 945 0.94 -11.62 51.68
N ALA B 946 1.01 -10.89 52.79
CA ALA B 946 -0.02 -9.94 53.20
C ALA B 946 0.63 -8.56 53.31
N CYS B 947 0.25 -7.65 52.42
CA CYS B 947 0.76 -6.28 52.42
C CYS B 947 -0.42 -5.33 52.27
N ASN B 948 -0.62 -4.48 53.28
CA ASN B 948 -1.76 -3.55 53.32
C ASN B 948 -3.08 -4.29 53.20
N GLY B 949 -3.13 -5.51 53.75
CA GLY B 949 -4.32 -6.32 53.65
C GLY B 949 -4.60 -6.88 52.27
N VAL B 950 -3.57 -6.98 51.43
CA VAL B 950 -3.71 -7.48 50.07
C VAL B 950 -2.84 -8.72 49.93
N GLN B 951 -3.41 -9.80 49.41
CA GLN B 951 -2.68 -11.05 49.23
C GLN B 951 -2.01 -11.08 47.87
N ILE B 952 -0.71 -11.37 47.86
CA ILE B 952 0.06 -11.48 46.63
C ILE B 952 0.42 -12.95 46.42
N THR B 953 0.03 -13.49 45.27
CA THR B 953 0.33 -14.87 44.91
C THR B 953 1.12 -14.91 43.62
N GLY B 954 2.03 -15.88 43.52
CA GLY B 954 2.84 -16.01 42.34
C GLY B 954 3.97 -17.01 42.57
N TRP B 955 4.81 -17.13 41.55
CA TRP B 955 5.94 -18.05 41.55
C TRP B 955 7.22 -17.31 41.21
N LEU B 956 8.30 -17.65 41.91
CA LEU B 956 9.62 -17.15 41.58
C LEU B 956 10.49 -18.32 41.13
N PRO B 957 10.82 -18.42 39.84
CA PRO B 957 11.57 -19.59 39.38
C PRO B 957 13.05 -19.51 39.73
N GLN B 958 13.63 -20.68 39.99
CA GLN B 958 15.06 -20.86 40.21
C GLN B 958 15.57 -19.96 41.35
N VAL B 959 15.16 -20.32 42.56
CA VAL B 959 15.59 -19.64 43.78
C VAL B 959 16.64 -20.51 44.45
N GLN B 960 17.89 -20.07 44.42
CA GLN B 960 18.98 -20.77 45.08
C GLN B 960 19.13 -20.30 46.51
N PRO B 961 19.76 -21.10 47.38
CA PRO B 961 19.94 -20.67 48.78
C PRO B 961 20.71 -19.37 48.92
N ASP B 962 21.49 -18.98 47.92
CA ASP B 962 22.20 -17.70 47.99
C ASP B 962 21.26 -16.53 47.78
N GLY B 963 20.27 -16.67 46.91
CA GLY B 963 19.35 -15.59 46.64
C GLY B 963 18.75 -15.74 45.25
N LEU B 964 18.32 -14.61 44.69
CA LEU B 964 17.75 -14.58 43.36
C LEU B 964 18.85 -14.39 42.32
N LEU B 965 18.80 -15.18 41.25
CA LEU B 965 19.76 -15.11 40.16
C LEU B 965 19.01 -15.09 38.83
N ARG B 966 19.15 -13.99 38.10
CA ARG B 966 18.53 -13.83 36.79
C ARG B 966 19.57 -13.34 35.79
N TRP B 967 19.44 -13.79 34.55
CA TRP B 967 20.32 -13.37 33.47
C TRP B 967 19.52 -13.15 32.20
N ARG B 968 19.69 -11.98 31.58
CA ARG B 968 19.06 -11.69 30.31
C ARG B 968 20.07 -11.08 29.36
N PRO B 969 20.01 -11.44 28.04
CA PRO B 969 20.95 -10.90 27.04
C PRO B 969 20.46 -9.61 26.41
N SER B 970 20.60 -8.50 27.14
CA SER B 970 20.18 -7.19 26.66
C SER B 970 21.02 -6.12 27.33
N LEU B 971 20.77 -4.86 26.96
CA LEU B 971 21.48 -3.73 27.52
C LEU B 971 20.91 -3.39 28.89
N LEU B 972 21.76 -2.82 29.75
CA LEU B 972 21.34 -2.45 31.10
C LEU B 972 20.35 -1.29 31.03
N SER B 973 19.18 -1.48 31.65
CA SER B 973 18.14 -0.47 31.66
C SER B 973 17.51 -0.43 33.05
N VAL B 974 16.79 0.66 33.32
CA VAL B 974 16.13 0.80 34.61
C VAL B 974 14.88 -0.08 34.67
N ALA B 975 14.30 -0.40 33.50
CA ALA B 975 13.17 -1.31 33.48
C ALA B 975 13.56 -2.69 33.95
N GLN B 976 14.80 -3.11 33.67
CA GLN B 976 15.27 -4.39 34.17
C GLN B 976 15.59 -4.34 35.66
N GLY B 977 16.05 -3.19 36.15
CA GLY B 977 16.28 -3.04 37.58
C GLY B 977 14.99 -2.98 38.38
N MET B 978 13.97 -2.28 37.85
CA MET B 978 12.67 -2.27 38.50
C MET B 978 12.05 -3.66 38.51
N GLN B 979 12.29 -4.44 37.46
CA GLN B 979 11.76 -5.80 37.40
C GLN B 979 12.40 -6.68 38.46
N LEU B 980 13.72 -6.54 38.67
CA LEU B 980 14.38 -7.26 39.73
C LEU B 980 14.04 -6.69 41.10
N TRP B 981 13.76 -5.40 41.20
CA TRP B 981 13.42 -4.77 42.48
C TRP B 981 12.13 -5.34 43.06
N LEU B 982 11.08 -5.40 42.25
CA LEU B 982 9.83 -5.98 42.72
C LEU B 982 9.98 -7.47 43.02
N GLU B 983 10.84 -8.15 42.26
CA GLU B 983 11.07 -9.57 42.50
C GLU B 983 11.94 -9.80 43.73
N HIS B 984 12.82 -8.86 44.05
CA HIS B 984 13.65 -8.99 45.25
C HIS B 984 12.88 -8.64 46.51
N LEU B 985 11.99 -7.64 46.44
CA LEU B 985 11.20 -7.27 47.60
C LEU B 985 10.22 -8.37 47.99
N VAL B 986 9.61 -9.01 47.00
CA VAL B 986 8.73 -10.14 47.30
C VAL B 986 9.52 -11.35 47.78
N TYR B 987 10.81 -11.40 47.45
CA TYR B 987 11.67 -12.48 47.94
C TYR B 987 12.12 -12.24 49.38
N CYS B 988 12.45 -11.00 49.73
CA CYS B 988 12.89 -10.70 51.08
C CYS B 988 11.73 -10.62 52.07
N ALA B 989 10.49 -10.51 51.58
CA ALA B 989 9.36 -10.40 52.49
C ALA B 989 8.97 -11.74 53.09
N SER B 990 9.20 -12.84 52.38
CA SER B 990 9.01 -14.18 52.92
C SER B 990 10.37 -14.86 53.03
N GLY B 991 10.87 -14.98 54.26
CA GLY B 991 12.16 -15.62 54.48
C GLY B 991 13.23 -15.04 53.58
N GLY B 992 13.98 -15.92 52.92
CA GLY B 992 14.88 -15.55 51.86
C GLY B 992 16.00 -14.60 52.25
N ASN B 993 16.81 -14.99 53.23
CA ASN B 993 17.99 -14.21 53.56
C ASN B 993 19.04 -14.39 52.48
N GLY B 994 19.44 -13.29 51.86
CA GLY B 994 20.41 -13.34 50.78
C GLY B 994 20.20 -12.18 49.83
N GLU B 995 21.07 -12.12 48.83
CA GLU B 995 21.09 -11.03 47.87
C GLU B 995 20.26 -11.40 46.64
N SER B 996 20.21 -10.49 45.67
CA SER B 996 19.58 -10.73 44.38
C SER B 996 20.42 -10.08 43.29
N ARG B 997 20.70 -10.83 42.22
CA ARG B 997 21.60 -10.35 41.18
C ARG B 997 20.97 -10.57 39.81
N LEU B 998 21.25 -9.63 38.91
CA LEU B 998 20.81 -9.70 37.52
C LEU B 998 21.97 -9.30 36.63
N PHE B 999 22.24 -10.10 35.60
CA PHE B 999 23.35 -9.86 34.69
C PHE B 999 22.83 -9.54 33.30
N LEU B 1000 23.45 -8.55 32.67
CA LEU B 1000 23.05 -8.08 31.34
C LEU B 1000 24.29 -7.91 30.47
N ARG B 1001 24.05 -7.70 29.18
CA ARG B 1001 25.15 -7.54 28.24
C ARG B 1001 25.94 -6.27 28.56
N LYS B 1002 27.22 -6.27 28.13
CA LYS B 1002 28.14 -5.16 28.36
C LYS B 1002 28.37 -4.92 29.85
N ASP B 1003 28.53 -6.02 30.60
CA ASP B 1003 28.92 -6.03 32.01
C ASP B 1003 27.89 -5.44 32.95
N GLY B 1004 26.77 -4.92 32.45
CA GLY B 1004 25.77 -4.33 33.32
C GLY B 1004 25.24 -5.33 34.33
N GLU B 1005 25.05 -4.87 35.56
CA GLU B 1005 24.66 -5.73 36.66
C GLU B 1005 23.77 -4.96 37.63
N TRP B 1006 22.79 -5.66 38.19
CA TRP B 1006 21.93 -5.13 39.25
C TRP B 1006 22.01 -6.05 40.45
N ARG B 1007 22.51 -5.53 41.57
CA ARG B 1007 22.73 -6.32 42.77
C ARG B 1007 22.12 -5.60 43.97
N PHE B 1008 21.14 -6.25 44.60
CA PHE B 1008 20.43 -5.67 45.76
C PHE B 1008 20.77 -6.46 47.02
N PRO B 1009 21.32 -5.81 48.04
CA PRO B 1009 21.64 -6.52 49.29
C PRO B 1009 20.37 -6.95 50.01
N PRO B 1010 20.48 -7.89 50.95
CA PRO B 1010 19.29 -8.34 51.68
C PRO B 1010 18.73 -7.24 52.58
N LEU B 1011 17.44 -7.34 52.86
CA LEU B 1011 16.75 -6.37 53.70
C LEU B 1011 15.81 -7.11 54.65
N ALA B 1012 15.45 -6.43 55.73
CA ALA B 1012 14.52 -6.99 56.69
C ALA B 1012 13.10 -6.97 56.14
N ALA B 1013 12.24 -7.83 56.70
CA ALA B 1013 10.85 -7.87 56.27
C ALA B 1013 10.12 -6.56 56.54
N GLU B 1014 10.55 -5.83 57.57
CA GLU B 1014 9.99 -4.51 57.84
C GLU B 1014 10.15 -3.59 56.63
N GLN B 1015 11.39 -3.31 56.25
CA GLN B 1015 11.63 -2.43 55.10
C GLN B 1015 11.13 -3.05 53.81
N ALA B 1016 11.18 -4.39 53.71
CA ALA B 1016 10.73 -5.05 52.48
C ALA B 1016 9.24 -4.82 52.26
N LEU B 1017 8.43 -4.94 53.31
CA LEU B 1017 7.01 -4.66 53.20
C LEU B 1017 6.73 -3.16 53.08
N HIS B 1018 7.64 -2.32 53.55
CA HIS B 1018 7.44 -0.87 53.44
C HIS B 1018 7.56 -0.41 51.99
N TYR B 1019 8.65 -0.78 51.33
CA TYR B 1019 8.81 -0.41 49.92
C TYR B 1019 7.81 -1.13 49.04
N LEU B 1020 7.43 -2.36 49.41
CA LEU B 1020 6.39 -3.06 48.68
C LEU B 1020 5.04 -2.36 48.83
N SER B 1021 4.78 -1.81 50.01
CA SER B 1021 3.55 -1.04 50.21
C SER B 1021 3.52 0.19 49.33
N GLN B 1022 4.69 0.78 49.06
CA GLN B 1022 4.75 1.93 48.17
C GLN B 1022 4.53 1.53 46.73
N LEU B 1023 4.97 0.32 46.36
CA LEU B 1023 4.76 -0.17 45.00
C LEU B 1023 3.31 -0.55 44.77
N ILE B 1024 2.68 -1.20 45.76
CA ILE B 1024 1.28 -1.55 45.64
C ILE B 1024 0.41 -0.29 45.66
N GLU B 1025 0.78 0.69 46.47
CA GLU B 1025 0.05 1.96 46.47
C GLU B 1025 0.16 2.66 45.12
N GLY B 1026 1.30 2.51 44.44
CA GLY B 1026 1.41 3.05 43.09
C GLY B 1026 0.57 2.30 42.08
N TYR B 1027 0.29 1.02 42.36
CA TYR B 1027 -0.55 0.24 41.44
C TYR B 1027 -2.00 0.71 41.48
N ARG B 1028 -2.56 0.86 42.68
CA ARG B 1028 -3.91 1.41 42.79
C ARG B 1028 -3.94 2.88 42.37
N GLU B 1029 -2.82 3.58 42.50
CA GLU B 1029 -2.73 4.94 41.96
C GLU B 1029 -2.68 4.92 40.44
N GLY B 1030 -2.00 3.94 39.84
CA GLY B 1030 -1.98 3.82 38.40
C GLY B 1030 -3.32 3.41 37.82
N MET B 1031 -4.09 2.63 38.58
CA MET B 1031 -5.43 2.24 38.13
C MET B 1031 -6.42 3.40 38.20
N SER B 1032 -6.21 4.32 39.15
CA SER B 1032 -7.09 5.48 39.26
C SER B 1032 -6.78 6.52 38.18
N ALA B 1033 -5.59 7.10 38.23
CA ALA B 1033 -5.14 8.09 37.26
C ALA B 1033 -3.94 7.54 36.49
N PRO B 1034 -3.72 8.01 35.26
CA PRO B 1034 -2.56 7.54 34.49
C PRO B 1034 -1.26 8.08 35.06
N LEU B 1035 -0.77 7.44 36.12
CA LEU B 1035 0.49 7.83 36.75
C LEU B 1035 1.60 7.91 35.73
N LEU B 1036 2.33 9.03 35.74
CA LEU B 1036 3.40 9.27 34.78
C LEU B 1036 4.73 8.99 35.45
N VAL B 1037 5.34 7.87 35.06
CA VAL B 1037 6.69 7.51 35.48
C VAL B 1037 7.41 6.95 34.26
N LEU B 1038 8.49 7.61 33.84
CA LEU B 1038 9.30 7.12 32.74
C LEU B 1038 10.49 6.37 33.32
N PRO B 1039 10.55 5.04 33.19
CA PRO B 1039 11.68 4.31 33.82
C PRO B 1039 13.03 4.71 33.28
N GLU B 1040 13.14 4.97 31.98
CA GLU B 1040 14.42 5.35 31.37
C GLU B 1040 14.69 6.84 31.54
N SER B 1041 13.84 7.68 30.94
CA SER B 1041 14.06 9.13 31.01
C SER B 1041 13.98 9.63 32.45
N GLY B 1042 13.01 9.14 33.21
CA GLY B 1042 12.94 9.52 34.62
C GLY B 1042 14.11 8.99 35.42
N GLY B 1043 14.63 7.81 35.07
CA GLY B 1043 15.84 7.31 35.68
C GLY B 1043 17.08 8.05 35.26
N ALA B 1044 17.13 8.55 34.02
CA ALA B 1044 18.29 9.33 33.59
C ALA B 1044 18.36 10.66 34.32
N TRP B 1045 17.21 11.31 34.54
CA TRP B 1045 17.21 12.55 35.32
C TRP B 1045 17.54 12.26 36.78
N LEU B 1046 17.11 11.09 37.30
CA LEU B 1046 17.35 10.78 38.70
C LEU B 1046 18.79 10.33 38.94
N LYS B 1047 19.42 9.69 37.94
CA LYS B 1047 20.79 9.24 38.11
C LYS B 1047 21.75 10.43 38.21
N THR B 1048 21.53 11.47 37.41
CA THR B 1048 22.40 12.64 37.46
C THR B 1048 22.26 13.40 38.77
N CYS B 1049 21.04 13.52 39.29
CA CYS B 1049 20.82 14.30 40.50
C CYS B 1049 21.22 13.52 41.76
N TYR B 1050 20.91 12.23 41.82
CA TYR B 1050 21.20 11.44 43.00
C TYR B 1050 22.67 11.09 43.10
N ASP B 1051 23.17 11.06 44.34
CA ASP B 1051 24.55 10.69 44.62
C ASP B 1051 24.54 9.52 45.60
N ALA B 1052 25.28 8.46 45.25
CA ALA B 1052 25.30 7.27 46.08
C ALA B 1052 26.19 7.43 47.31
N GLN B 1053 27.20 8.30 47.24
CA GLN B 1053 28.11 8.48 48.37
C GLN B 1053 27.40 9.15 49.54
N ASN B 1054 26.76 10.29 49.29
CA ASN B 1054 26.08 11.05 50.34
C ASN B 1054 24.64 10.63 50.55
N ASP B 1055 24.09 9.78 49.66
CA ASP B 1055 22.71 9.32 49.76
C ASP B 1055 21.73 10.49 49.76
N ALA B 1056 22.01 11.50 48.93
CA ALA B 1056 21.17 12.67 48.84
C ALA B 1056 21.24 13.23 47.42
N MET B 1057 20.13 13.77 46.94
CA MET B 1057 20.08 14.36 45.61
C MET B 1057 20.60 15.79 45.63
N LEU B 1058 21.34 16.14 44.59
CA LEU B 1058 21.98 17.45 44.49
C LEU B 1058 20.95 18.49 44.05
N ASP B 1059 20.91 19.61 44.77
CA ASP B 1059 20.03 20.72 44.45
C ASP B 1059 20.71 21.79 43.60
N ASP B 1060 21.96 21.57 43.21
CA ASP B 1060 22.68 22.55 42.41
C ASP B 1060 21.98 22.80 41.08
N ASP B 1061 22.03 24.05 40.62
CA ASP B 1061 21.38 24.41 39.37
C ASP B 1061 22.18 23.96 38.15
N SER B 1062 23.51 23.97 38.25
CA SER B 1062 24.34 23.54 37.12
C SER B 1062 24.11 22.06 36.81
N THR B 1063 23.99 21.23 37.85
CA THR B 1063 23.68 19.82 37.62
C THR B 1063 22.23 19.63 37.22
N LEU B 1064 21.37 20.60 37.53
CA LEU B 1064 19.98 20.51 37.12
C LEU B 1064 19.83 20.75 35.62
N GLN B 1065 20.63 21.66 35.07
CA GLN B 1065 20.59 21.91 33.63
C GLN B 1065 21.17 20.74 32.86
N LYS B 1066 22.19 20.08 33.42
CA LYS B 1066 22.71 18.87 32.81
C LYS B 1066 21.69 17.74 32.86
N ALA B 1067 20.98 17.62 33.99
CA ALA B 1067 19.94 16.60 34.10
C ALA B 1067 18.79 16.87 33.14
N ARG B 1068 18.52 18.14 32.84
CA ARG B 1068 17.49 18.47 31.87
C ARG B 1068 17.94 18.08 30.46
N THR B 1069 19.21 18.31 30.13
CA THR B 1069 19.72 17.87 28.84
C THR B 1069 19.73 16.35 28.74
N LYS B 1070 20.06 15.67 29.84
CA LYS B 1070 20.04 14.21 29.83
C LYS B 1070 18.62 13.66 29.77
N PHE B 1071 17.66 14.38 30.36
CA PHE B 1071 16.27 13.95 30.31
C PHE B 1071 15.72 14.06 28.89
N LEU B 1072 15.98 15.18 28.23
CA LEU B 1072 15.57 15.33 26.83
C LEU B 1072 16.35 14.41 25.92
N GLN B 1073 17.58 14.04 26.31
CA GLN B 1073 18.35 13.09 25.52
C GLN B 1073 17.74 11.70 25.57
N ALA B 1074 17.19 11.32 26.73
CA ALA B 1074 16.53 10.01 26.83
C ALA B 1074 15.13 10.05 26.24
N TYR B 1075 14.45 11.19 26.32
CA TYR B 1075 13.12 11.30 25.71
C TYR B 1075 13.23 11.34 24.20
N GLU B 1076 14.04 12.25 23.66
CA GLU B 1076 14.19 12.37 22.21
C GLU B 1076 15.22 11.36 21.71
N GLY B 1077 14.79 10.47 20.82
CA GLY B 1077 15.64 9.43 20.29
C GLY B 1077 16.33 9.83 19.00
N ASN B 1078 17.46 9.19 18.73
CA ASN B 1078 18.26 9.43 17.53
C ASN B 1078 18.05 8.29 16.54
N MET B 1079 18.78 8.36 15.42
CA MET B 1079 18.67 7.34 14.39
C MET B 1079 19.25 6.01 14.85
N MET B 1080 20.31 6.03 15.67
CA MET B 1080 20.92 4.80 16.12
C MET B 1080 20.02 4.02 17.08
N VAL B 1081 19.56 4.69 18.13
CA VAL B 1081 18.71 4.07 19.14
C VAL B 1081 17.42 4.88 19.26
N ARG B 1082 16.29 4.21 19.16
CA ARG B 1082 15.01 4.89 19.28
C ARG B 1082 14.75 5.28 20.73
N GLY B 1083 14.17 6.47 20.91
CA GLY B 1083 13.97 7.00 22.24
C GLY B 1083 12.69 6.54 22.90
N GLU B 1084 12.67 6.65 24.23
CA GLU B 1084 11.51 6.26 25.01
C GLU B 1084 10.35 7.24 24.83
N GLY B 1085 10.63 8.50 24.50
CA GLY B 1085 9.57 9.49 24.43
C GLY B 1085 8.55 9.19 23.35
N ASP B 1086 9.03 8.84 22.16
CA ASP B 1086 8.13 8.56 21.04
C ASP B 1086 7.56 7.16 21.16
N ASP B 1087 6.23 7.06 21.24
CA ASP B 1087 5.51 5.81 21.37
C ASP B 1087 4.02 6.13 21.35
N ILE B 1088 3.21 5.11 21.09
CA ILE B 1088 1.77 5.32 20.94
C ILE B 1088 1.13 5.70 22.27
N TRP B 1089 1.60 5.11 23.36
CA TRP B 1089 0.98 5.37 24.66
C TRP B 1089 1.31 6.77 25.16
N TYR B 1090 2.54 7.24 24.90
CA TYR B 1090 2.94 8.58 25.34
C TYR B 1090 2.44 9.68 24.40
N GLN B 1091 2.14 9.37 23.14
CA GLN B 1091 1.67 10.38 22.22
C GLN B 1091 0.19 10.71 22.43
N ARG B 1092 -0.58 9.76 22.93
CA ARG B 1092 -2.01 10.00 23.15
C ARG B 1092 -2.25 10.97 24.30
N LEU B 1093 -1.40 10.93 25.33
CA LEU B 1093 -1.57 11.84 26.45
C LEU B 1093 -1.26 13.28 26.06
N TRP B 1094 -0.11 13.51 25.43
CA TRP B 1094 0.26 14.83 24.96
C TRP B 1094 0.92 14.73 23.59
N ARG B 1095 0.54 15.63 22.68
CA ARG B 1095 1.18 15.69 21.37
C ARG B 1095 2.55 16.34 21.45
N GLN B 1096 2.71 17.34 22.32
CA GLN B 1096 3.99 17.99 22.56
C GLN B 1096 4.23 18.05 24.05
N LEU B 1097 5.49 17.83 24.45
CA LEU B 1097 5.86 17.75 25.85
C LEU B 1097 6.12 19.15 26.39
N THR B 1098 5.32 19.56 27.39
CA THR B 1098 5.37 20.84 28.10
C THR B 1098 6.29 20.74 29.31
N PRO B 1099 6.89 21.86 29.73
CA PRO B 1099 7.74 21.82 30.94
C PRO B 1099 6.98 21.55 32.22
N GLU B 1100 5.69 21.90 32.28
CA GLU B 1100 4.91 21.64 33.48
C GLU B 1100 4.72 20.15 33.68
N THR B 1101 4.36 19.42 32.61
CA THR B 1101 4.22 17.98 32.72
C THR B 1101 5.57 17.28 32.82
N MET B 1102 6.62 17.90 32.27
CA MET B 1102 7.96 17.34 32.44
C MET B 1102 8.39 17.40 33.90
N GLU B 1103 7.95 18.42 34.62
CA GLU B 1103 8.23 18.48 36.06
C GLU B 1103 7.43 17.44 36.82
N ALA B 1104 6.17 17.24 36.42
CA ALA B 1104 5.33 16.25 37.09
C ALA B 1104 5.88 14.84 36.91
N ILE B 1105 6.46 14.56 35.73
CA ILE B 1105 7.10 13.27 35.51
C ILE B 1105 8.35 13.14 36.37
N VAL B 1106 9.10 14.24 36.52
CA VAL B 1106 10.30 14.23 37.35
C VAL B 1106 9.95 13.97 38.81
N GLU B 1107 8.91 14.65 39.31
CA GLU B 1107 8.53 14.48 40.71
C GLU B 1107 8.02 13.08 40.99
N GLN B 1108 7.19 12.53 40.10
CA GLN B 1108 6.65 11.20 40.33
C GLN B 1108 7.72 10.13 40.16
N SER B 1109 8.66 10.33 39.24
CA SER B 1109 9.77 9.40 39.10
C SER B 1109 10.74 9.52 40.27
N GLN B 1110 10.88 10.72 40.84
CA GLN B 1110 11.70 10.90 42.03
C GLN B 1110 11.16 10.10 43.21
N ARG B 1111 9.86 9.83 43.21
CA ARG B 1111 9.23 9.11 44.32
C ARG B 1111 9.47 7.61 44.22
N PHE B 1112 8.96 6.98 43.16
CA PHE B 1112 9.01 5.52 43.07
C PHE B 1112 10.41 5.02 42.73
N LEU B 1113 11.12 5.71 41.84
CA LEU B 1113 12.37 5.18 41.34
C LEU B 1113 13.56 5.52 42.24
N LEU B 1114 13.32 6.19 43.37
CA LEU B 1114 14.43 6.52 44.26
C LEU B 1114 15.05 5.31 44.95
N PRO B 1115 14.29 4.38 45.55
CA PRO B 1115 14.94 3.23 46.20
C PRO B 1115 15.72 2.34 45.23
N LEU B 1116 15.48 2.47 43.93
CA LEU B 1116 16.29 1.75 42.95
C LEU B 1116 17.77 2.11 43.09
N PHE B 1117 18.11 3.37 42.81
CA PHE B 1117 19.51 3.80 42.88
C PHE B 1117 20.02 3.85 44.31
N ARG B 1118 19.14 3.85 45.31
CA ARG B 1118 19.58 3.95 46.69
C ARG B 1118 20.26 2.67 47.15
N PHE B 1119 19.62 1.53 46.95
CA PHE B 1119 20.14 0.25 47.40
C PHE B 1119 20.92 -0.49 46.34
N ASN B 1120 21.07 0.07 45.15
CA ASN B 1120 21.83 -0.60 44.09
C ASN B 1120 23.33 -0.51 44.37
N GLN B 1121 24.02 -1.60 44.06
CA GLN B 1121 25.46 -1.67 44.27
C GLN B 1121 26.10 -2.66 43.30
N LYS C 3 4.76 -41.87 -10.92
CA LYS C 3 4.71 -42.68 -9.70
C LYS C 3 3.31 -42.69 -9.09
N LEU C 4 3.24 -42.98 -7.79
CA LEU C 4 1.98 -42.99 -7.07
C LEU C 4 1.44 -41.59 -6.81
N GLN C 5 2.20 -40.55 -7.11
CA GLN C 5 1.76 -39.18 -6.91
C GLN C 5 0.44 -38.90 -7.63
N LYS C 6 0.46 -39.01 -8.97
CA LYS C 6 -0.77 -38.80 -9.74
C LYS C 6 -1.89 -39.72 -9.29
N GLN C 7 -1.55 -40.94 -8.87
CA GLN C 7 -2.57 -41.84 -8.33
C GLN C 7 -3.19 -41.27 -7.07
N LEU C 8 -2.38 -40.64 -6.21
CA LEU C 8 -2.91 -40.01 -5.01
C LEU C 8 -3.73 -38.77 -5.33
N LEU C 9 -3.49 -38.12 -6.48
CA LEU C 9 -4.28 -36.96 -6.86
C LEU C 9 -5.74 -37.33 -7.15
N GLU C 10 -6.00 -38.57 -7.53
CA GLU C 10 -7.38 -39.01 -7.72
C GLU C 10 -8.13 -39.13 -6.40
N ALA C 11 -7.41 -39.44 -5.31
CA ALA C 11 -8.04 -39.55 -4.00
C ALA C 11 -8.66 -38.23 -3.54
N VAL C 12 -8.10 -37.10 -3.97
CA VAL C 12 -8.70 -35.81 -3.65
C VAL C 12 -10.05 -35.66 -4.34
N GLU C 13 -10.12 -36.01 -5.63
CA GLU C 13 -11.39 -36.00 -6.33
C GLU C 13 -12.33 -37.07 -5.79
N HIS C 14 -11.77 -38.23 -5.42
CA HIS C 14 -12.56 -39.26 -4.75
C HIS C 14 -12.90 -38.89 -3.31
N LYS C 15 -12.28 -37.83 -2.78
CA LYS C 15 -12.52 -37.33 -1.43
C LYS C 15 -12.21 -38.37 -0.36
N GLN C 16 -11.36 -39.35 -0.68
CA GLN C 16 -10.93 -40.32 0.32
C GLN C 16 -9.78 -39.79 1.17
N LEU C 17 -9.06 -38.77 0.69
CA LEU C 17 -7.95 -38.18 1.41
C LEU C 17 -8.04 -36.67 1.33
N ARG C 18 -7.67 -36.00 2.41
CA ARG C 18 -7.60 -34.55 2.41
C ARG C 18 -6.31 -34.08 1.74
N PRO C 19 -6.28 -32.86 1.23
CA PRO C 19 -5.03 -32.35 0.63
C PRO C 19 -3.88 -32.29 1.63
N LEU C 20 -4.17 -32.24 2.93
CA LEU C 20 -3.10 -32.28 3.91
C LEU C 20 -2.43 -33.65 3.95
N ASP C 21 -3.21 -34.71 3.75
CA ASP C 21 -2.64 -36.06 3.82
C ASP C 21 -1.76 -36.36 2.61
N VAL C 22 -2.15 -35.86 1.43
CA VAL C 22 -1.39 -36.16 0.22
C VAL C 22 -0.08 -35.38 0.21
N GLN C 23 -0.13 -34.09 0.56
CA GLN C 23 1.07 -33.27 0.53
C GLN C 23 2.04 -33.67 1.64
N PHE C 24 1.51 -34.08 2.80
CA PHE C 24 2.38 -34.59 3.86
C PHE C 24 3.06 -35.88 3.42
N ALA C 25 2.40 -36.64 2.55
CA ALA C 25 2.95 -37.92 2.11
C ALA C 25 4.03 -37.72 1.04
N LEU C 26 3.89 -36.69 0.20
CA LEU C 26 4.89 -36.45 -0.83
C LEU C 26 6.16 -35.84 -0.24
N THR C 27 6.01 -34.97 0.77
CA THR C 27 7.17 -34.28 1.33
C THR C 27 7.99 -35.21 2.22
N VAL C 28 7.33 -35.90 3.15
CA VAL C 28 8.07 -36.70 4.14
C VAL C 28 8.61 -37.97 3.52
N ALA C 29 7.76 -38.74 2.84
CA ALA C 29 8.23 -39.99 2.24
C ALA C 29 9.15 -39.72 1.06
N GLY C 30 8.80 -38.74 0.23
CA GLY C 30 9.65 -38.38 -0.90
C GLY C 30 9.61 -39.41 -2.02
N ASP C 31 10.79 -39.74 -2.52
CA ASP C 31 10.96 -40.60 -3.68
C ASP C 31 11.09 -42.08 -3.34
N GLU C 32 10.91 -42.44 -2.07
CA GLU C 32 11.07 -43.83 -1.66
C GLU C 32 9.93 -44.68 -2.22
N HIS C 33 9.92 -45.95 -1.85
CA HIS C 33 8.95 -46.90 -2.37
C HIS C 33 7.53 -46.37 -2.16
N PRO C 34 6.61 -46.61 -3.10
CA PRO C 34 5.23 -46.14 -2.91
C PRO C 34 4.55 -46.69 -1.67
N ALA C 35 5.06 -47.79 -1.10
CA ALA C 35 4.52 -48.29 0.14
C ALA C 35 4.71 -47.28 1.27
N VAL C 36 5.87 -46.61 1.30
CA VAL C 36 6.12 -45.62 2.34
C VAL C 36 5.30 -44.35 2.09
N THR C 37 5.00 -44.06 0.83
CA THR C 37 4.26 -42.84 0.50
C THR C 37 2.80 -42.95 0.92
N LEU C 38 2.16 -44.08 0.62
CA LEU C 38 0.75 -44.24 0.97
C LEU C 38 0.59 -44.58 2.44
N ALA C 39 1.62 -45.15 3.07
CA ALA C 39 1.56 -45.47 4.49
C ALA C 39 1.58 -44.20 5.33
N ALA C 40 2.28 -43.16 4.85
CA ALA C 40 2.17 -41.86 5.51
C ALA C 40 0.92 -41.13 5.08
N ALA C 41 0.31 -41.54 3.96
CA ALA C 41 -0.92 -40.92 3.50
C ALA C 41 -2.11 -41.37 4.35
N LEU C 42 -2.24 -42.67 4.58
CA LEU C 42 -3.32 -43.17 5.41
C LEU C 42 -3.08 -42.87 6.88
N LEU C 43 -1.81 -42.69 7.27
CA LEU C 43 -1.52 -42.27 8.64
C LEU C 43 -1.99 -40.84 8.88
N SER C 44 -1.70 -39.94 7.94
CA SER C 44 -2.16 -38.57 8.08
C SER C 44 -3.68 -38.47 7.97
N HIS C 45 -4.31 -39.40 7.26
CA HIS C 45 -5.77 -39.39 7.15
C HIS C 45 -6.42 -39.85 8.44
N ASP C 46 -5.96 -40.96 9.00
CA ASP C 46 -6.50 -41.44 10.27
C ASP C 46 -6.19 -40.47 11.40
N ALA C 47 -5.00 -39.86 11.39
CA ALA C 47 -4.70 -38.84 12.40
C ALA C 47 -5.58 -37.61 12.22
N GLY C 48 -6.03 -37.34 11.00
CA GLY C 48 -6.95 -36.22 10.80
C GLY C 48 -8.33 -36.51 11.34
N GLU C 49 -8.79 -37.76 11.20
CA GLU C 49 -10.08 -38.15 11.76
C GLU C 49 -10.05 -38.34 13.26
N GLY C 50 -8.86 -38.29 13.88
CA GLY C 50 -8.72 -38.44 15.32
C GLY C 50 -8.09 -39.74 15.76
N HIS C 51 -7.88 -40.70 14.85
CA HIS C 51 -7.23 -41.95 15.23
C HIS C 51 -5.79 -41.71 15.63
N VAL C 52 -5.37 -42.36 16.72
CA VAL C 52 -4.04 -42.09 17.26
C VAL C 52 -2.96 -42.73 16.39
N CYS C 53 -3.13 -44.00 16.05
CA CYS C 53 -2.09 -44.75 15.36
C CYS C 53 -2.66 -45.48 14.15
N LEU C 54 -1.77 -46.14 13.42
CA LEU C 54 -2.15 -46.94 12.26
C LEU C 54 -1.41 -48.28 12.34
N PRO C 55 -2.01 -49.30 12.96
CA PRO C 55 -1.35 -50.60 13.04
C PRO C 55 -1.08 -51.17 11.66
N LEU C 56 0.00 -51.94 11.55
CA LEU C 56 0.43 -52.45 10.25
C LEU C 56 -0.48 -53.56 9.75
N SER C 57 -1.18 -54.24 10.67
CA SER C 57 -2.03 -55.35 10.25
C SER C 57 -3.26 -54.84 9.52
N ARG C 58 -3.76 -53.66 9.90
CA ARG C 58 -4.93 -53.09 9.24
C ARG C 58 -4.57 -52.57 7.85
N LEU C 59 -3.36 -52.03 7.69
CA LEU C 59 -2.94 -51.51 6.40
C LEU C 59 -2.66 -52.63 5.40
N GLU C 60 -2.27 -53.80 5.90
CA GLU C 60 -1.90 -54.89 5.02
C GLU C 60 -3.14 -55.62 4.48
N ASN C 61 -4.14 -55.83 5.34
CA ASN C 61 -5.31 -56.60 4.95
C ASN C 61 -6.10 -55.88 3.87
N ASN C 62 -6.58 -56.63 2.89
CA ASN C 62 -7.36 -56.04 1.80
C ASN C 62 -8.75 -55.66 2.27
N GLU C 63 -9.14 -56.10 3.47
CA GLU C 63 -10.47 -55.80 3.98
C GLU C 63 -10.61 -54.35 4.42
N ALA C 64 -9.53 -53.58 4.38
CA ALA C 64 -9.55 -52.17 4.81
C ALA C 64 -10.25 -51.27 3.79
N SER C 65 -10.62 -50.07 4.24
CA SER C 65 -11.30 -49.11 3.38
C SER C 65 -10.30 -48.34 2.51
N HIS C 66 -10.80 -47.28 1.84
CA HIS C 66 -10.03 -46.54 0.84
C HIS C 66 -9.49 -47.48 -0.24
N PRO C 67 -10.32 -47.87 -1.21
CA PRO C 67 -9.87 -48.77 -2.29
C PRO C 67 -8.62 -48.35 -3.04
N LEU C 68 -8.20 -47.09 -2.90
CA LEU C 68 -6.88 -46.66 -3.36
C LEU C 68 -5.81 -47.61 -2.83
N LEU C 69 -6.11 -48.25 -1.69
CA LEU C 69 -5.27 -49.31 -1.15
C LEU C 69 -5.04 -50.42 -2.18
N ALA C 70 -6.03 -50.70 -3.02
CA ALA C 70 -5.87 -51.74 -4.03
C ALA C 70 -4.84 -51.34 -5.07
N THR C 71 -4.41 -50.08 -5.07
CA THR C 71 -3.34 -49.67 -5.96
C THR C 71 -1.98 -49.99 -5.36
N CYS C 72 -1.97 -50.52 -4.13
CA CYS C 72 -0.73 -50.88 -3.45
C CYS C 72 -0.21 -52.23 -3.93
N VAL C 73 -1.11 -53.12 -4.36
CA VAL C 73 -0.68 -54.43 -4.83
C VAL C 73 0.15 -54.29 -6.11
N SER C 74 -0.12 -53.25 -6.88
CA SER C 74 0.68 -52.97 -8.06
C SER C 74 1.98 -52.26 -7.73
N GLU C 75 2.15 -51.79 -6.50
CA GLU C 75 3.34 -51.07 -6.05
C GLU C 75 4.16 -51.86 -5.04
N ILE C 76 3.58 -52.18 -3.88
CA ILE C 76 4.32 -52.90 -2.84
C ILE C 76 4.68 -54.29 -3.33
N GLY C 77 4.04 -54.75 -4.40
CA GLY C 77 4.35 -56.04 -5.00
C GLY C 77 4.22 -57.23 -4.09
N GLU C 78 3.43 -57.12 -3.01
CA GLU C 78 3.22 -58.20 -2.06
C GLU C 78 4.55 -58.67 -1.43
N LEU C 79 5.32 -57.72 -0.90
CA LEU C 79 6.54 -58.11 -0.19
C LEU C 79 6.21 -58.77 1.15
N GLN C 80 4.98 -58.60 1.63
CA GLN C 80 4.45 -59.17 2.85
C GLN C 80 5.13 -58.63 4.10
N ASN C 81 6.18 -57.81 3.96
CA ASN C 81 6.86 -57.21 5.09
C ASN C 81 6.67 -55.69 5.04
N TRP C 82 5.79 -55.19 5.93
CA TRP C 82 5.64 -53.75 6.09
C TRP C 82 6.66 -53.19 7.06
N GLU C 83 7.17 -54.04 7.97
CA GLU C 83 8.16 -53.57 8.94
C GLU C 83 9.53 -53.39 8.30
N GLU C 84 9.88 -54.27 7.36
CA GLU C 84 11.20 -54.20 6.73
C GLU C 84 11.25 -53.06 5.71
N CYS C 85 10.12 -52.78 5.06
CA CYS C 85 10.09 -51.75 4.03
C CYS C 85 10.03 -50.36 4.64
N LEU C 86 9.23 -50.18 5.69
CA LEU C 86 9.04 -48.85 6.25
C LEU C 86 10.25 -48.42 7.08
N LEU C 87 10.76 -49.30 7.94
CA LEU C 87 11.91 -48.95 8.78
C LEU C 87 13.17 -48.68 7.96
N ALA C 88 13.29 -49.29 6.78
CA ALA C 88 14.47 -49.07 5.95
C ALA C 88 14.55 -47.61 5.48
N SER C 89 13.41 -47.01 5.17
CA SER C 89 13.40 -45.62 4.73
C SER C 89 13.64 -44.68 5.91
N GLN C 90 14.10 -43.48 5.59
CA GLN C 90 14.38 -42.48 6.62
C GLN C 90 13.11 -41.85 7.17
N ALA C 91 11.96 -42.09 6.54
CA ALA C 91 10.71 -41.51 7.01
C ALA C 91 10.16 -42.24 8.23
N VAL C 92 10.66 -43.43 8.54
CA VAL C 92 10.22 -44.20 9.69
C VAL C 92 11.45 -44.70 10.44
N SER C 93 11.41 -44.59 11.77
CA SER C 93 12.49 -45.06 12.63
C SER C 93 11.89 -45.74 13.85
N ARG C 94 12.77 -46.22 14.73
CA ARG C 94 12.37 -46.87 15.97
C ARG C 94 12.24 -45.91 17.14
N GLY C 95 12.44 -44.62 16.90
CA GLY C 95 12.39 -43.62 17.96
C GLY C 95 13.73 -43.07 18.36
N ASP C 96 14.84 -43.64 17.89
CA ASP C 96 16.15 -43.14 18.24
C ASP C 96 16.46 -41.83 17.53
N GLU C 97 16.21 -41.78 16.22
CA GLU C 97 16.48 -40.60 15.43
C GLU C 97 15.30 -39.65 15.44
N PRO C 98 15.53 -38.35 15.22
CA PRO C 98 14.41 -37.41 15.13
C PRO C 98 13.62 -37.57 13.84
N THR C 99 12.69 -38.54 13.83
CA THR C 99 11.97 -38.94 12.64
C THR C 99 10.49 -38.61 12.79
N PRO C 100 9.82 -38.20 11.70
CA PRO C 100 8.39 -37.88 11.81
C PRO C 100 7.52 -39.05 12.24
N MET C 101 7.72 -40.22 11.65
CA MET C 101 6.91 -41.40 11.94
C MET C 101 7.72 -42.39 12.77
N ILE C 102 7.04 -43.06 13.70
CA ILE C 102 7.66 -43.97 14.65
C ILE C 102 6.96 -45.31 14.57
N LEU C 103 7.74 -46.38 14.40
CA LEU C 103 7.22 -47.74 14.38
C LEU C 103 7.80 -48.50 15.57
N CYS C 104 6.94 -48.92 16.49
CA CYS C 104 7.40 -49.56 17.72
C CYS C 104 6.79 -50.94 17.92
N GLY C 105 5.50 -50.96 18.26
CA GLY C 105 4.81 -52.20 18.63
C GLY C 105 4.00 -52.82 17.51
N ASP C 106 4.39 -52.55 16.26
CA ASP C 106 3.69 -52.82 15.00
C ASP C 106 2.70 -51.71 14.68
N ARG C 107 2.55 -50.71 15.53
CA ARG C 107 1.68 -49.57 15.28
C ARG C 107 2.51 -48.39 14.81
N LEU C 108 2.20 -47.89 13.61
CA LEU C 108 2.88 -46.74 13.04
C LEU C 108 2.04 -45.49 13.29
N TYR C 109 2.70 -44.40 13.63
CA TYR C 109 2.01 -43.16 13.99
C TYR C 109 3.05 -42.06 14.21
N LEU C 110 2.55 -40.83 14.28
CA LEU C 110 3.40 -39.65 14.27
C LEU C 110 4.16 -39.51 15.59
N ASN C 111 5.24 -38.73 15.55
CA ASN C 111 5.98 -38.41 16.76
C ASN C 111 5.11 -37.65 17.75
N ARG C 112 4.18 -36.84 17.26
CA ARG C 112 3.27 -36.14 18.15
C ARG C 112 2.45 -37.13 18.98
N MET C 113 1.83 -38.11 18.32
CA MET C 113 1.08 -39.12 19.05
C MET C 113 1.98 -40.04 19.86
N TRP C 114 3.26 -40.15 19.46
CA TRP C 114 4.17 -41.02 20.20
C TRP C 114 4.59 -40.38 21.51
N CYS C 115 4.87 -39.07 21.50
CA CYS C 115 5.21 -38.39 22.74
C CYS C 115 4.00 -38.27 23.66
N ASN C 116 2.80 -38.13 23.08
CA ASN C 116 1.60 -38.02 23.90
C ASN C 116 1.24 -39.37 24.52
N GLU C 117 1.42 -40.46 23.77
CA GLU C 117 1.15 -41.79 24.33
C GLU C 117 2.18 -42.14 25.39
N ARG C 118 3.44 -41.74 25.20
CA ARG C 118 4.47 -42.06 26.17
C ARG C 118 4.31 -41.23 27.44
N THR C 119 3.93 -39.97 27.30
CA THR C 119 3.76 -39.12 28.48
C THR C 119 2.57 -39.56 29.32
N VAL C 120 1.47 -39.98 28.68
CA VAL C 120 0.27 -40.35 29.41
C VAL C 120 0.45 -41.71 30.09
N ALA C 121 0.95 -42.70 29.35
CA ALA C 121 1.08 -44.04 29.90
C ALA C 121 2.12 -44.09 31.00
N ARG C 122 3.13 -43.21 30.94
CA ARG C 122 4.16 -43.19 31.98
C ARG C 122 3.65 -42.52 33.25
N PHE C 123 2.89 -41.44 33.10
CA PHE C 123 2.38 -40.71 34.26
C PHE C 123 1.49 -41.60 35.13
N PHE C 124 0.74 -42.52 34.49
CA PHE C 124 -0.07 -43.45 35.27
C PHE C 124 0.76 -44.60 35.81
N ASN C 125 1.77 -45.04 35.06
CA ASN C 125 2.62 -46.13 35.54
C ASN C 125 3.70 -45.62 36.49
N GLU C 126 4.25 -44.45 36.22
CA GLU C 126 5.43 -43.94 36.92
C GLU C 126 5.17 -42.51 37.37
N VAL C 127 6.08 -42.01 38.20
CA VAL C 127 6.11 -40.63 38.69
C VAL C 127 5.03 -40.42 39.75
N ASN C 128 4.08 -41.34 39.82
CA ASN C 128 3.04 -41.32 40.84
C ASN C 128 3.55 -42.01 42.09
N HIS C 129 3.23 -41.43 43.24
CA HIS C 129 3.66 -41.97 44.52
C HIS C 129 2.46 -42.32 45.38
N ALA C 130 2.60 -43.41 46.13
CA ALA C 130 1.56 -43.84 47.05
C ALA C 130 1.63 -42.96 48.30
N ILE C 131 0.55 -42.23 48.56
CA ILE C 131 0.53 -41.30 49.68
C ILE C 131 0.12 -42.07 50.93
N GLU C 132 1.03 -42.13 51.91
CA GLU C 132 0.81 -42.88 53.14
C GLU C 132 0.32 -41.94 54.22
N VAL C 133 -0.89 -42.21 54.73
CA VAL C 133 -1.48 -41.45 55.82
C VAL C 133 -1.99 -42.44 56.85
N ASP C 134 -2.33 -41.91 58.03
CA ASP C 134 -2.82 -42.77 59.10
C ASP C 134 -4.11 -43.46 58.67
N GLU C 135 -4.12 -44.79 58.77
CA GLU C 135 -5.28 -45.56 58.34
C GLU C 135 -6.41 -45.50 59.35
N ALA C 136 -6.09 -45.34 60.64
CA ALA C 136 -7.13 -45.25 61.66
C ALA C 136 -7.90 -43.93 61.54
N LEU C 137 -7.18 -42.82 61.41
CA LEU C 137 -7.84 -41.52 61.29
C LEU C 137 -8.61 -41.41 59.99
N LEU C 138 -8.03 -41.93 58.90
CA LEU C 138 -8.72 -41.88 57.61
C LEU C 138 -9.98 -42.74 57.62
N ALA C 139 -9.97 -43.81 58.41
CA ALA C 139 -11.15 -44.67 58.52
C ALA C 139 -12.24 -44.02 59.36
N GLN C 140 -11.84 -43.32 60.42
CA GLN C 140 -12.81 -42.62 61.26
C GLN C 140 -13.51 -41.50 60.48
N THR C 141 -12.78 -40.84 59.57
CA THR C 141 -13.39 -39.80 58.77
C THR C 141 -14.40 -40.38 57.79
N LEU C 142 -14.03 -41.47 57.11
CA LEU C 142 -14.95 -42.08 56.16
C LEU C 142 -16.16 -42.70 56.85
N ASP C 143 -16.01 -43.12 58.10
CA ASP C 143 -17.14 -43.68 58.84
C ASP C 143 -18.17 -42.59 59.16
N LYS C 144 -17.71 -41.37 59.43
CA LYS C 144 -18.62 -40.27 59.70
C LYS C 144 -19.29 -39.75 58.44
N LEU C 145 -18.67 -39.94 57.27
CA LEU C 145 -19.29 -39.50 56.03
C LEU C 145 -20.35 -40.48 55.54
N PHE C 146 -20.08 -41.79 55.67
CA PHE C 146 -20.97 -42.81 55.16
C PHE C 146 -21.62 -43.56 56.31
N PRO C 147 -22.95 -43.47 56.46
CA PRO C 147 -23.59 -44.06 57.64
C PRO C 147 -23.52 -45.59 57.69
N VAL C 148 -23.67 -46.27 56.56
CA VAL C 148 -23.84 -47.71 56.54
C VAL C 148 -22.47 -48.36 56.37
N SER C 149 -21.99 -49.01 57.43
CA SER C 149 -20.76 -49.79 57.39
C SER C 149 -21.00 -51.28 57.26
N ASP C 150 -22.27 -51.72 57.20
CA ASP C 150 -22.56 -53.15 57.23
C ASP C 150 -22.15 -53.85 55.94
N GLU C 151 -22.22 -53.15 54.81
CA GLU C 151 -21.88 -53.74 53.52
C GLU C 151 -20.78 -52.92 52.86
N ILE C 152 -20.13 -53.54 51.87
CA ILE C 152 -19.05 -52.87 51.15
C ILE C 152 -19.63 -51.75 50.30
N ASN C 153 -19.09 -50.55 50.46
CA ASN C 153 -19.54 -49.38 49.74
C ASN C 153 -18.53 -49.03 48.66
N TRP C 154 -19.00 -49.00 47.40
CA TRP C 154 -18.11 -48.63 46.30
C TRP C 154 -17.68 -47.17 46.41
N GLN C 155 -18.58 -46.31 46.90
CA GLN C 155 -18.21 -44.91 47.09
C GLN C 155 -17.16 -44.74 48.19
N LYS C 156 -17.16 -45.64 49.18
CA LYS C 156 -16.17 -45.55 50.24
C LYS C 156 -14.80 -46.00 49.74
N VAL C 157 -14.77 -46.95 48.80
CA VAL C 157 -13.51 -47.37 48.21
C VAL C 157 -12.99 -46.31 47.25
N ALA C 158 -13.89 -45.62 46.55
CA ALA C 158 -13.49 -44.57 45.62
C ALA C 158 -12.83 -43.42 46.35
N ALA C 159 -13.31 -43.09 47.55
CA ALA C 159 -12.70 -42.03 48.34
C ALA C 159 -11.38 -42.49 48.95
N ALA C 160 -11.29 -43.76 49.35
CA ALA C 160 -10.06 -44.26 49.94
C ALA C 160 -8.96 -44.39 48.90
N VAL C 161 -9.31 -44.82 47.68
CA VAL C 161 -8.31 -44.98 46.64
C VAL C 161 -7.78 -43.61 46.19
N ALA C 162 -8.67 -42.63 46.08
CA ALA C 162 -8.25 -41.31 45.63
C ALA C 162 -7.37 -40.61 46.65
N LEU C 163 -7.60 -40.86 47.95
CA LEU C 163 -6.82 -40.21 48.98
C LEU C 163 -5.45 -40.87 49.12
N THR C 164 -5.41 -42.21 49.10
CA THR C 164 -4.15 -42.95 49.24
C THR C 164 -3.25 -42.87 48.01
N ARG C 165 -3.79 -42.51 46.85
CA ARG C 165 -3.02 -42.41 45.63
C ARG C 165 -3.07 -40.99 45.08
N ARG C 166 -1.95 -40.54 44.54
CA ARG C 166 -1.87 -39.19 43.96
C ARG C 166 -2.82 -39.04 42.78
N ILE C 167 -2.66 -39.87 41.75
CA ILE C 167 -3.51 -39.85 40.57
C ILE C 167 -4.51 -40.99 40.68
N SER C 168 -5.78 -40.68 40.45
CA SER C 168 -6.84 -41.67 40.56
C SER C 168 -7.99 -41.28 39.64
N VAL C 169 -8.81 -42.27 39.29
CA VAL C 169 -9.98 -42.08 38.45
C VAL C 169 -11.16 -42.78 39.10
N ILE C 170 -12.28 -42.08 39.21
CA ILE C 170 -13.52 -42.64 39.73
C ILE C 170 -14.48 -42.81 38.56
N SER C 171 -14.80 -44.06 38.23
CA SER C 171 -15.64 -44.37 37.08
C SER C 171 -17.05 -44.74 37.54
N GLY C 172 -18.04 -44.28 36.78
CA GLY C 172 -19.42 -44.59 37.09
C GLY C 172 -20.33 -43.92 36.08
N GLY C 173 -21.55 -44.46 36.01
CA GLY C 173 -22.54 -43.98 35.07
C GLY C 173 -23.25 -42.74 35.56
N PRO C 174 -24.01 -42.09 34.68
CA PRO C 174 -24.79 -40.92 35.09
C PRO C 174 -25.87 -41.30 36.09
N GLY C 175 -26.10 -40.43 37.06
CA GLY C 175 -27.08 -40.69 38.09
C GLY C 175 -26.67 -41.70 39.14
N THR C 176 -25.41 -42.11 39.15
CA THR C 176 -24.91 -43.09 40.11
C THR C 176 -24.35 -42.45 41.38
N GLY C 177 -24.44 -41.13 41.51
CA GLY C 177 -23.90 -40.45 42.68
C GLY C 177 -22.43 -40.10 42.59
N LYS C 178 -21.92 -39.85 41.38
CA LYS C 178 -20.51 -39.49 41.24
C LYS C 178 -20.21 -38.16 41.92
N THR C 179 -21.02 -37.15 41.66
CA THR C 179 -20.77 -35.82 42.23
C THR C 179 -20.85 -35.85 43.74
N THR C 180 -21.77 -36.65 44.29
CA THR C 180 -21.88 -36.77 45.74
C THR C 180 -20.64 -37.42 46.33
N THR C 181 -20.08 -38.41 45.62
CA THR C 181 -18.85 -39.05 46.09
C THR C 181 -17.68 -38.08 46.05
N VAL C 182 -17.66 -37.17 45.09
CA VAL C 182 -16.60 -36.17 45.02
C VAL C 182 -16.67 -35.22 46.20
N ALA C 183 -17.89 -34.80 46.58
CA ALA C 183 -18.06 -33.96 47.75
C ALA C 183 -17.56 -34.65 49.01
N LYS C 184 -17.84 -35.95 49.14
CA LYS C 184 -17.30 -36.70 50.26
C LYS C 184 -15.79 -36.80 50.18
N LEU C 185 -15.26 -36.84 48.96
CA LEU C 185 -13.80 -36.89 48.78
C LEU C 185 -13.16 -35.55 49.11
N LEU C 186 -13.78 -34.45 48.66
CA LEU C 186 -13.24 -33.13 48.94
C LEU C 186 -13.41 -32.77 50.41
N ALA C 187 -14.54 -33.15 51.01
CA ALA C 187 -14.75 -32.87 52.43
C ALA C 187 -13.75 -33.63 53.29
N ALA C 188 -13.53 -34.92 52.98
CA ALA C 188 -12.56 -35.70 53.72
C ALA C 188 -11.14 -35.24 53.42
N LEU C 189 -10.93 -34.56 52.30
CA LEU C 189 -9.58 -34.08 51.97
C LEU C 189 -9.23 -32.83 52.78
N ILE C 190 -10.18 -31.91 52.92
CA ILE C 190 -9.92 -30.71 53.70
C ILE C 190 -9.86 -31.04 55.19
N GLN C 191 -10.71 -31.97 55.64
CA GLN C 191 -10.70 -32.36 57.05
C GLN C 191 -9.46 -33.18 57.42
N MET C 192 -8.76 -33.75 56.43
CA MET C 192 -7.59 -34.56 56.74
C MET C 192 -6.42 -33.69 57.18
N ALA C 193 -6.11 -32.65 56.42
CA ALA C 193 -5.03 -31.73 56.74
C ALA C 193 -5.64 -30.44 57.30
N ASP C 194 -5.48 -30.22 58.60
CA ASP C 194 -6.05 -29.03 59.23
C ASP C 194 -5.17 -27.80 59.00
N GLY C 195 -3.86 -27.94 59.20
CA GLY C 195 -2.96 -26.81 59.09
C GLY C 195 -2.32 -26.64 57.74
N GLU C 196 -2.28 -27.71 56.95
CA GLU C 196 -1.65 -27.66 55.63
C GLU C 196 -2.56 -26.96 54.62
N ARG C 197 -1.93 -26.29 53.67
CA ARG C 197 -2.69 -25.55 52.66
C ARG C 197 -3.42 -26.50 51.72
N CYS C 198 -4.71 -26.24 51.51
CA CYS C 198 -5.53 -27.03 50.59
C CYS C 198 -6.09 -26.09 49.52
N ARG C 199 -5.64 -26.28 48.28
CA ARG C 199 -6.10 -25.51 47.13
C ARG C 199 -6.79 -26.46 46.16
N ILE C 200 -8.10 -26.29 46.00
CA ILE C 200 -8.92 -27.17 45.18
C ILE C 200 -9.35 -26.42 43.93
N ARG C 201 -9.31 -27.11 42.80
CA ARG C 201 -9.71 -26.54 41.51
C ARG C 201 -10.66 -27.49 40.81
N LEU C 202 -11.71 -26.93 40.21
CA LEU C 202 -12.70 -27.70 39.46
C LEU C 202 -12.54 -27.38 37.99
N ALA C 203 -12.50 -28.40 37.16
CA ALA C 203 -12.26 -28.23 35.73
C ALA C 203 -13.13 -29.17 34.92
N ALA C 204 -13.53 -28.72 33.73
CA ALA C 204 -14.30 -29.52 32.80
C ALA C 204 -13.88 -29.16 31.37
N PRO C 205 -13.99 -30.10 30.43
CA PRO C 205 -13.66 -29.77 29.04
C PRO C 205 -14.59 -28.74 28.44
N THR C 206 -15.83 -28.66 28.94
CA THR C 206 -16.84 -27.75 28.42
C THR C 206 -17.38 -26.90 29.56
N GLY C 207 -17.67 -25.63 29.25
CA GLY C 207 -18.27 -24.75 30.25
C GLY C 207 -19.66 -25.19 30.67
N LYS C 208 -20.37 -25.89 29.79
CA LYS C 208 -21.68 -26.43 30.13
C LYS C 208 -21.58 -27.36 31.35
N ALA C 209 -20.85 -28.46 31.21
CA ALA C 209 -20.67 -29.40 32.31
C ALA C 209 -19.93 -28.75 33.48
N ALA C 210 -19.16 -27.69 33.23
CA ALA C 210 -18.48 -27.00 34.33
C ALA C 210 -19.49 -26.35 35.28
N ALA C 211 -20.45 -25.60 34.72
CA ALA C 211 -21.50 -25.04 35.56
C ALA C 211 -22.38 -26.13 36.15
N ARG C 212 -22.50 -27.25 35.45
CA ARG C 212 -23.17 -28.42 36.02
C ARG C 212 -22.37 -28.97 37.20
N LEU C 213 -21.04 -28.83 37.16
CA LEU C 213 -20.22 -29.31 38.27
C LEU C 213 -20.32 -28.41 39.48
N THR C 214 -20.38 -27.09 39.26
CA THR C 214 -20.40 -26.15 40.38
C THR C 214 -21.70 -26.24 41.16
N GLU C 215 -22.84 -26.30 40.46
CA GLU C 215 -24.12 -26.39 41.16
C GLU C 215 -24.28 -27.73 41.85
N SER C 216 -23.93 -28.82 41.17
CA SER C 216 -24.06 -30.15 41.76
C SER C 216 -23.11 -30.34 42.94
N LEU C 217 -21.87 -29.85 42.81
CA LEU C 217 -20.95 -29.91 43.94
C LEU C 217 -21.41 -29.00 45.08
N GLY C 218 -22.12 -27.93 44.75
CA GLY C 218 -22.61 -27.04 45.80
C GLY C 218 -23.71 -27.66 46.62
N LYS C 219 -24.63 -28.38 45.96
CA LYS C 219 -25.74 -29.01 46.68
C LYS C 219 -25.25 -30.17 47.54
N ALA C 220 -24.21 -30.87 47.08
CA ALA C 220 -23.72 -32.02 47.82
C ALA C 220 -22.85 -31.60 49.00
N LEU C 221 -22.12 -30.50 48.87
CA LEU C 221 -21.24 -30.05 49.94
C LEU C 221 -22.00 -29.41 51.10
N ARG C 222 -23.14 -28.77 50.83
CA ARG C 222 -23.95 -28.18 51.89
C ARG C 222 -24.68 -29.24 52.72
N GLN C 223 -24.65 -30.50 52.29
CA GLN C 223 -25.23 -31.59 53.05
C GLN C 223 -24.29 -32.10 54.14
N LEU C 224 -23.08 -31.56 54.23
CA LEU C 224 -22.09 -32.01 55.20
C LEU C 224 -21.65 -30.84 56.07
N PRO C 225 -21.42 -31.04 57.36
CA PRO C 225 -20.99 -29.94 58.22
C PRO C 225 -19.51 -29.60 58.02
N LEU C 226 -19.21 -28.30 58.09
CA LEU C 226 -17.84 -27.83 57.99
C LEU C 226 -17.71 -26.54 58.79
N THR C 227 -16.49 -26.26 59.23
CA THR C 227 -16.20 -25.03 59.94
C THR C 227 -15.93 -23.90 58.94
N ASP C 228 -15.59 -22.72 59.45
CA ASP C 228 -15.36 -21.58 58.57
C ASP C 228 -14.04 -21.69 57.81
N GLU C 229 -13.04 -22.37 58.38
CA GLU C 229 -11.79 -22.58 57.65
C GLU C 229 -11.97 -23.57 56.52
N GLN C 230 -12.76 -24.62 56.74
CA GLN C 230 -13.04 -25.59 55.69
C GLN C 230 -13.88 -24.97 54.59
N LYS C 231 -14.89 -24.18 54.96
CA LYS C 231 -15.71 -23.50 53.96
C LYS C 231 -14.95 -22.38 53.27
N LYS C 232 -13.85 -21.91 53.86
CA LYS C 232 -12.98 -20.95 53.18
C LYS C 232 -12.14 -21.64 52.11
N ARG C 233 -11.72 -22.87 52.34
CA ARG C 233 -10.96 -23.63 51.36
C ARG C 233 -11.83 -24.32 50.33
N ILE C 234 -13.15 -24.20 50.44
CA ILE C 234 -14.05 -24.77 49.43
C ILE C 234 -13.83 -24.05 48.10
N PRO C 235 -13.68 -24.77 46.98
CA PRO C 235 -13.45 -24.09 45.71
C PRO C 235 -14.64 -23.22 45.31
N GLU C 236 -14.35 -22.17 44.55
CA GLU C 236 -15.36 -21.20 44.18
C GLU C 236 -16.18 -21.64 42.97
N ASP C 237 -15.55 -21.78 41.82
CA ASP C 237 -16.25 -22.10 40.57
C ASP C 237 -15.31 -22.86 39.66
N ALA C 238 -15.88 -23.48 38.63
CA ALA C 238 -15.13 -24.22 37.63
C ALA C 238 -15.05 -23.43 36.33
N SER C 239 -13.93 -23.58 35.64
CA SER C 239 -13.69 -22.92 34.37
C SER C 239 -13.31 -23.97 33.32
N THR C 240 -13.37 -23.55 32.07
CA THR C 240 -13.02 -24.46 30.97
C THR C 240 -11.55 -24.84 31.05
N LEU C 241 -11.26 -26.08 30.67
CA LEU C 241 -9.88 -26.58 30.74
C LEU C 241 -8.94 -25.75 29.88
N HIS C 242 -9.46 -25.14 28.82
CA HIS C 242 -8.64 -24.26 28.00
C HIS C 242 -8.33 -22.96 28.74
N ARG C 243 -9.32 -22.44 29.48
CA ARG C 243 -9.06 -21.24 30.28
C ARG C 243 -8.15 -21.54 31.46
N LEU C 244 -8.27 -22.73 32.05
CA LEU C 244 -7.41 -23.11 33.16
C LEU C 244 -5.94 -23.15 32.73
N LEU C 245 -5.67 -23.75 31.57
CA LEU C 245 -4.33 -23.78 31.03
C LEU C 245 -3.94 -22.47 30.35
N GLY C 246 -4.88 -21.53 30.20
CA GLY C 246 -4.59 -20.26 29.57
C GLY C 246 -4.31 -20.39 28.09
N ALA C 247 -5.18 -21.07 27.36
CA ALA C 247 -5.02 -21.26 25.92
C ALA C 247 -5.39 -19.97 25.19
N GLN C 248 -4.45 -19.45 24.41
CA GLN C 248 -4.72 -18.23 23.67
C GLN C 248 -5.63 -18.52 22.47
N PRO C 249 -6.57 -17.63 22.16
CA PRO C 249 -7.45 -17.89 21.00
C PRO C 249 -6.69 -17.90 19.68
N GLY C 250 -5.75 -16.98 19.49
CA GLY C 250 -5.03 -16.89 18.23
C GLY C 250 -3.99 -17.96 18.01
N SER C 251 -3.14 -18.19 19.00
CA SER C 251 -2.04 -19.15 18.88
C SER C 251 -2.36 -20.42 19.67
N GLN C 252 -1.44 -21.38 19.58
CA GLN C 252 -1.57 -22.66 20.28
C GLN C 252 -0.79 -22.69 21.59
N ARG C 253 -0.09 -21.61 21.93
CA ARG C 253 0.75 -21.61 23.12
C ARG C 253 -0.09 -21.61 24.40
N LEU C 254 0.50 -22.12 25.47
CA LEU C 254 -0.13 -22.19 26.77
C LEU C 254 0.70 -21.40 27.78
N ARG C 255 0.02 -20.74 28.72
CA ARG C 255 0.70 -19.92 29.70
C ARG C 255 1.35 -20.73 30.81
N HIS C 256 1.09 -22.04 30.89
CA HIS C 256 1.61 -22.87 31.96
C HIS C 256 2.69 -23.82 31.45
N HIS C 257 2.30 -24.86 30.71
CA HIS C 257 3.19 -25.88 30.15
C HIS C 257 4.20 -26.40 31.17
N ALA C 258 5.46 -26.57 30.75
CA ALA C 258 6.48 -27.13 31.63
C ALA C 258 7.06 -26.07 32.57
N GLY C 259 7.25 -24.84 32.07
CA GLY C 259 7.91 -23.83 32.88
C GLY C 259 7.07 -23.39 34.08
N ASN C 260 5.85 -22.94 33.82
CA ASN C 260 4.97 -22.47 34.88
C ASN C 260 3.99 -23.57 35.27
N PRO C 261 4.15 -24.19 36.44
CA PRO C 261 3.16 -25.20 36.85
C PRO C 261 1.90 -24.54 37.37
N LEU C 262 0.78 -25.26 37.25
CA LEU C 262 -0.44 -24.81 37.89
C LEU C 262 -0.25 -24.76 39.40
N HIS C 263 -0.71 -23.68 40.02
CA HIS C 263 -0.54 -23.52 41.47
C HIS C 263 -1.79 -24.10 42.12
N LEU C 264 -1.63 -25.27 42.75
CA LEU C 264 -2.76 -26.07 43.20
C LEU C 264 -2.29 -27.03 44.28
N ASP C 265 -3.27 -27.59 44.98
CA ASP C 265 -3.07 -28.78 45.81
C ASP C 265 -3.67 -30.00 45.14
N VAL C 266 -4.99 -30.01 44.95
CA VAL C 266 -5.71 -31.08 44.27
C VAL C 266 -6.53 -30.49 43.14
N LEU C 267 -6.76 -31.29 42.10
CA LEU C 267 -7.52 -30.88 40.92
C LEU C 267 -8.53 -31.96 40.56
N VAL C 268 -9.78 -31.55 40.34
CA VAL C 268 -10.86 -32.46 39.98
C VAL C 268 -11.33 -32.10 38.59
N VAL C 269 -11.22 -33.05 37.67
CA VAL C 269 -11.65 -32.87 36.28
C VAL C 269 -12.91 -33.69 36.06
N ASP C 270 -14.04 -33.00 35.89
CA ASP C 270 -15.31 -33.67 35.64
C ASP C 270 -15.44 -34.01 34.17
N GLU C 271 -16.13 -35.12 33.89
CA GLU C 271 -16.38 -35.59 32.52
C GLU C 271 -15.08 -35.78 31.74
N ALA C 272 -14.17 -36.57 32.31
CA ALA C 272 -12.89 -36.86 31.69
C ALA C 272 -13.03 -37.63 30.39
N SER C 273 -14.23 -38.09 30.05
CA SER C 273 -14.42 -38.82 28.79
C SER C 273 -14.11 -37.96 27.58
N MET C 274 -14.42 -36.66 27.66
CA MET C 274 -14.14 -35.74 26.56
C MET C 274 -12.67 -35.28 26.55
N ILE C 275 -11.81 -35.90 27.35
CA ILE C 275 -10.40 -35.54 27.35
C ILE C 275 -9.66 -36.40 26.32
N ASP C 276 -9.35 -35.81 25.18
CA ASP C 276 -8.59 -36.51 24.16
C ASP C 276 -7.12 -36.57 24.56
N LEU C 277 -6.40 -37.50 23.92
CA LEU C 277 -5.00 -37.72 24.25
C LEU C 277 -4.14 -36.46 24.19
N PRO C 278 -4.34 -35.52 23.26
CA PRO C 278 -3.54 -34.28 23.32
C PRO C 278 -3.71 -33.50 24.62
N MET C 279 -4.94 -33.35 25.12
CA MET C 279 -5.16 -32.54 26.32
C MET C 279 -4.67 -33.24 27.57
N MET C 280 -4.73 -34.58 27.60
CA MET C 280 -4.20 -35.30 28.75
C MET C 280 -2.68 -35.17 28.83
N SER C 281 -2.01 -35.24 27.67
CA SER C 281 -0.57 -35.11 27.64
C SER C 281 -0.13 -33.68 27.94
N ARG C 282 -0.94 -32.69 27.53
CA ARG C 282 -0.61 -31.30 27.81
C ARG C 282 -0.88 -30.96 29.28
N LEU C 283 -1.80 -31.69 29.91
CA LEU C 283 -2.12 -31.42 31.30
C LEU C 283 -1.08 -32.04 32.24
N ILE C 284 -0.47 -33.16 31.83
CA ILE C 284 0.44 -33.89 32.71
C ILE C 284 1.71 -33.08 32.96
N ASP C 285 2.24 -32.46 31.91
CA ASP C 285 3.48 -31.69 32.07
C ASP C 285 3.24 -30.40 32.85
N ALA C 286 1.98 -29.98 32.95
CA ALA C 286 1.67 -28.75 33.68
C ALA C 286 1.50 -29.03 35.17
N LEU C 287 1.39 -30.30 35.55
CA LEU C 287 1.13 -30.64 36.94
C LEU C 287 2.43 -30.69 37.73
N PRO C 288 2.48 -30.11 38.91
CA PRO C 288 3.65 -30.24 39.79
C PRO C 288 3.70 -31.64 40.39
N ASP C 289 4.74 -31.89 41.19
CA ASP C 289 4.94 -33.20 41.78
C ASP C 289 4.13 -33.42 43.06
N HIS C 290 3.64 -32.35 43.68
CA HIS C 290 2.89 -32.45 44.92
C HIS C 290 1.38 -32.46 44.70
N ALA C 291 0.91 -32.41 43.46
CA ALA C 291 -0.50 -32.25 43.17
C ALA C 291 -1.17 -33.60 42.89
N ARG C 292 -2.31 -33.82 43.53
CA ARG C 292 -3.15 -34.97 43.28
C ARG C 292 -4.26 -34.59 42.32
N VAL C 293 -4.55 -35.46 41.36
CA VAL C 293 -5.54 -35.20 40.32
C VAL C 293 -6.57 -36.32 40.32
N ILE C 294 -7.84 -35.96 40.19
CA ILE C 294 -8.95 -36.90 40.17
C ILE C 294 -9.76 -36.66 38.91
N PHE C 295 -10.05 -37.74 38.18
CA PHE C 295 -10.82 -37.68 36.95
C PHE C 295 -12.20 -38.28 37.18
N LEU C 296 -13.20 -37.71 36.49
CA LEU C 296 -14.58 -38.15 36.58
C LEU C 296 -15.10 -38.54 35.21
N GLY C 297 -15.86 -39.61 35.14
CA GLY C 297 -16.41 -40.07 33.89
C GLY C 297 -16.82 -41.52 33.97
N ASP C 298 -17.23 -42.05 32.83
CA ASP C 298 -17.68 -43.42 32.71
C ASP C 298 -16.87 -44.16 31.64
N ARG C 299 -16.77 -45.47 31.79
CA ARG C 299 -16.02 -46.28 30.84
C ARG C 299 -16.80 -46.46 29.54
N ASP C 300 -18.11 -46.60 29.63
CA ASP C 300 -18.94 -46.89 28.48
C ASP C 300 -19.44 -45.65 27.74
N GLN C 301 -19.03 -44.46 28.19
CA GLN C 301 -19.37 -43.25 27.45
C GLN C 301 -18.64 -43.23 26.11
N LEU C 302 -19.33 -42.79 25.06
CA LEU C 302 -18.78 -42.88 23.71
C LEU C 302 -17.52 -42.05 23.55
N ALA C 303 -17.43 -40.92 24.26
CA ALA C 303 -16.23 -40.10 24.20
C ALA C 303 -15.00 -40.81 24.75
N SER C 304 -15.19 -41.84 25.58
CA SER C 304 -14.05 -42.59 26.10
C SER C 304 -13.52 -43.58 25.08
N VAL C 305 -14.38 -44.15 24.23
CA VAL C 305 -13.96 -45.12 23.24
C VAL C 305 -13.70 -44.48 21.87
N GLU C 306 -13.91 -43.17 21.74
CA GLU C 306 -13.70 -42.50 20.48
C GLU C 306 -12.20 -42.39 20.18
N ALA C 307 -11.88 -42.19 18.90
CA ALA C 307 -10.50 -42.09 18.47
C ALA C 307 -9.81 -40.89 19.10
N GLY C 308 -8.67 -41.12 19.73
CA GLY C 308 -7.93 -40.10 20.45
C GLY C 308 -8.21 -40.03 21.93
N ALA C 309 -9.15 -40.82 22.43
CA ALA C 309 -9.53 -40.78 23.84
C ALA C 309 -8.52 -41.53 24.71
N VAL C 310 -8.53 -41.18 25.99
CA VAL C 310 -7.63 -41.76 26.99
C VAL C 310 -8.43 -42.66 27.92
N LEU C 311 -9.43 -42.09 28.60
CA LEU C 311 -10.14 -42.78 29.67
C LEU C 311 -10.70 -44.13 29.25
N GLY C 312 -10.94 -44.32 27.95
CA GLY C 312 -11.52 -45.57 27.49
C GLY C 312 -10.61 -46.76 27.74
N ASP C 313 -9.32 -46.61 27.46
CA ASP C 313 -8.38 -47.71 27.67
C ASP C 313 -7.92 -47.78 29.12
N ILE C 314 -8.07 -46.70 29.88
CA ILE C 314 -7.65 -46.71 31.28
C ILE C 314 -8.58 -47.58 32.11
N CYS C 315 -9.89 -47.33 32.01
CA CYS C 315 -10.87 -48.13 32.74
C CYS C 315 -11.05 -49.52 32.17
N ALA C 316 -10.45 -49.83 31.02
CA ALA C 316 -10.55 -51.17 30.46
C ALA C 316 -9.88 -52.19 31.35
N TYR C 317 -8.84 -51.80 32.09
CA TYR C 317 -8.19 -52.67 33.04
C TYR C 317 -8.86 -52.69 34.40
N ALA C 318 -9.84 -51.82 34.64
CA ALA C 318 -10.57 -51.81 35.90
C ALA C 318 -11.46 -53.03 36.07
N ASN C 319 -11.80 -53.73 34.98
CA ASN C 319 -12.60 -54.93 35.09
C ASN C 319 -11.83 -56.08 35.74
N ALA C 320 -10.50 -56.03 35.73
CA ALA C 320 -9.72 -57.08 36.37
C ALA C 320 -9.83 -57.02 37.89
N GLY C 321 -9.93 -55.82 38.44
CA GLY C 321 -10.06 -55.64 39.88
C GLY C 321 -8.76 -55.15 40.51
N PHE C 322 -8.83 -54.95 41.82
CA PHE C 322 -7.68 -54.46 42.57
C PHE C 322 -6.65 -55.57 42.76
N THR C 323 -5.42 -55.15 43.01
CA THR C 323 -4.35 -56.11 43.30
C THR C 323 -4.60 -56.79 44.64
N ALA C 324 -3.94 -57.95 44.82
CA ALA C 324 -4.16 -58.75 46.02
C ALA C 324 -3.79 -57.98 47.28
N GLU C 325 -2.74 -57.16 47.20
CA GLU C 325 -2.29 -56.42 48.38
C GLU C 325 -3.22 -55.26 48.70
N ARG C 326 -3.58 -54.46 47.69
CA ARG C 326 -4.46 -53.32 47.92
C ARG C 326 -5.82 -53.77 48.43
N ALA C 327 -6.25 -54.98 48.05
CA ALA C 327 -7.52 -55.50 48.55
C ALA C 327 -7.46 -55.74 50.06
N ARG C 328 -6.27 -56.04 50.58
CA ARG C 328 -6.11 -56.15 52.03
C ARG C 328 -5.96 -54.77 52.67
N GLN C 329 -5.31 -53.84 51.97
CA GLN C 329 -5.13 -52.50 52.50
C GLN C 329 -6.45 -51.73 52.51
N LEU C 330 -7.22 -51.84 51.43
CA LEU C 330 -8.53 -51.20 51.39
C LEU C 330 -9.50 -51.85 52.38
N SER C 331 -9.26 -53.12 52.74
CA SER C 331 -10.08 -53.76 53.76
C SER C 331 -9.84 -53.15 55.13
N ARG C 332 -8.60 -52.77 55.44
CA ARG C 332 -8.30 -52.11 56.70
C ARG C 332 -8.77 -50.66 56.72
N LEU C 333 -8.93 -50.05 55.53
CA LEU C 333 -9.39 -48.66 55.46
C LEU C 333 -10.91 -48.59 55.59
N THR C 334 -11.62 -49.16 54.62
CA THR C 334 -13.08 -49.06 54.59
C THR C 334 -13.76 -49.90 55.68
N GLY C 335 -13.03 -50.77 56.36
CA GLY C 335 -13.64 -51.61 57.38
C GLY C 335 -14.56 -52.69 56.83
N THR C 336 -14.30 -53.15 55.60
CA THR C 336 -15.11 -54.16 54.95
C THR C 336 -14.18 -55.13 54.25
N HIS C 337 -14.74 -56.05 53.46
CA HIS C 337 -13.97 -57.00 52.67
C HIS C 337 -13.95 -56.52 51.23
N VAL C 338 -12.77 -56.12 50.75
CA VAL C 338 -12.61 -55.64 49.38
C VAL C 338 -12.15 -56.79 48.50
N PRO C 339 -12.82 -57.06 47.38
CA PRO C 339 -12.41 -58.19 46.54
C PRO C 339 -11.07 -57.96 45.88
N ALA C 340 -10.34 -59.05 45.66
CA ALA C 340 -9.03 -59.02 45.03
C ALA C 340 -9.12 -59.54 43.61
N GLY C 341 -8.48 -58.83 42.68
CA GLY C 341 -8.48 -59.28 41.29
C GLY C 341 -7.52 -60.44 41.07
N THR C 342 -7.91 -61.31 40.14
CA THR C 342 -7.10 -62.49 39.83
C THR C 342 -5.92 -62.12 38.94
N GLY C 343 -4.75 -62.64 39.28
CA GLY C 343 -3.55 -62.39 38.50
C GLY C 343 -2.98 -60.99 38.73
N THR C 344 -1.81 -60.78 38.15
CA THR C 344 -1.11 -59.50 38.21
C THR C 344 -0.81 -59.03 36.80
N GLU C 345 -1.43 -57.92 36.39
CA GLU C 345 -1.22 -57.37 35.07
C GLU C 345 -0.43 -56.07 35.16
N ALA C 346 -1.07 -55.02 35.67
CA ALA C 346 -0.42 -53.73 35.91
C ALA C 346 -0.76 -53.29 37.32
N ALA C 347 0.25 -53.15 38.18
CA ALA C 347 0.01 -52.87 39.59
C ALA C 347 -0.41 -51.42 39.82
N SER C 348 0.33 -50.46 39.25
CA SER C 348 0.06 -49.06 39.55
C SER C 348 -1.26 -48.60 38.93
N LEU C 349 -1.61 -49.15 37.76
CA LEU C 349 -2.81 -48.70 37.07
C LEU C 349 -4.08 -49.24 37.72
N ARG C 350 -4.09 -50.53 38.06
CA ARG C 350 -5.30 -51.15 38.60
C ARG C 350 -5.64 -50.62 39.98
N ASP C 351 -4.64 -50.22 40.75
CA ASP C 351 -4.85 -49.71 42.10
C ASP C 351 -5.35 -48.27 42.12
N SER C 352 -5.21 -47.54 41.02
CA SER C 352 -5.64 -46.16 40.91
C SER C 352 -7.04 -46.01 40.32
N LEU C 353 -7.74 -47.12 40.05
CA LEU C 353 -9.04 -47.10 39.41
C LEU C 353 -10.11 -47.61 40.37
N CYS C 354 -11.32 -47.06 40.23
CA CYS C 354 -12.48 -47.52 40.99
C CYS C 354 -13.73 -47.35 40.14
N LEU C 355 -14.63 -48.33 40.24
CA LEU C 355 -15.85 -48.35 39.46
C LEU C 355 -17.04 -48.39 40.41
N LEU C 356 -17.99 -47.48 40.22
CA LEU C 356 -19.19 -47.42 41.04
C LEU C 356 -20.32 -48.14 40.31
N GLN C 357 -20.75 -49.27 40.85
CA GLN C 357 -21.80 -50.08 40.24
C GLN C 357 -23.19 -49.80 40.80
N LYS C 358 -23.30 -48.91 41.78
CA LYS C 358 -24.58 -48.58 42.40
C LYS C 358 -25.11 -47.26 41.82
N SER C 359 -26.36 -47.27 41.39
CA SER C 359 -26.98 -46.08 40.82
C SER C 359 -28.03 -45.51 41.78
N GLY C 367 -35.66 -47.64 34.80
CA GLY C 367 -35.48 -48.34 33.55
C GLY C 367 -34.19 -47.98 32.84
N ILE C 368 -33.73 -46.75 33.07
CA ILE C 368 -32.47 -46.31 32.46
C ILE C 368 -31.30 -47.08 33.05
N GLY C 369 -31.31 -47.30 34.36
CA GLY C 369 -30.22 -48.00 35.00
C GLY C 369 -30.22 -49.48 34.71
N GLN C 370 -31.41 -50.09 34.66
CA GLN C 370 -31.49 -51.53 34.39
C GLN C 370 -31.13 -51.83 32.94
N LEU C 371 -31.52 -50.95 32.01
CA LEU C 371 -31.20 -51.16 30.61
C LEU C 371 -29.70 -51.01 30.36
N ALA C 372 -29.10 -49.93 30.88
CA ALA C 372 -27.68 -49.69 30.67
C ALA C 372 -26.83 -50.81 31.28
N ALA C 373 -27.26 -51.34 32.42
CA ALA C 373 -26.54 -52.47 33.03
C ALA C 373 -26.68 -53.73 32.19
N ALA C 374 -27.81 -53.89 31.49
CA ALA C 374 -28.01 -55.04 30.61
C ALA C 374 -27.34 -54.86 29.25
N ILE C 375 -26.82 -53.67 28.95
CA ILE C 375 -26.14 -53.47 27.68
C ILE C 375 -24.83 -54.24 27.65
N ASN C 376 -24.06 -54.19 28.74
CA ASN C 376 -22.80 -54.92 28.80
C ASN C 376 -23.00 -56.43 28.78
N ARG C 377 -24.19 -56.90 29.13
CA ARG C 377 -24.48 -58.33 29.13
C ARG C 377 -25.08 -58.73 27.78
N GLY C 378 -25.57 -59.97 27.68
CA GLY C 378 -26.13 -60.46 26.45
C GLY C 378 -27.42 -59.77 26.07
N ASP C 379 -27.83 -60.01 24.82
CA ASP C 379 -29.05 -59.40 24.30
C ASP C 379 -30.32 -60.01 24.90
N LYS C 380 -30.20 -61.16 25.57
CA LYS C 380 -31.38 -61.77 26.19
C LYS C 380 -31.92 -60.92 27.32
N THR C 381 -31.02 -60.31 28.11
CA THR C 381 -31.45 -59.41 29.18
C THR C 381 -31.87 -58.04 28.63
N ALA C 382 -31.31 -57.64 27.48
CA ALA C 382 -31.67 -56.35 26.89
C ALA C 382 -33.10 -56.37 26.37
N VAL C 383 -33.44 -57.40 25.59
CA VAL C 383 -34.79 -57.49 25.01
C VAL C 383 -35.83 -57.69 26.10
N LYS C 384 -35.44 -58.37 27.19
CA LYS C 384 -36.40 -58.63 28.27
C LYS C 384 -36.64 -57.36 29.10
N THR C 385 -35.64 -56.50 29.20
CA THR C 385 -35.79 -55.29 30.01
C THR C 385 -36.65 -54.25 29.30
N VAL C 386 -36.46 -54.07 28.00
CA VAL C 386 -37.25 -53.09 27.26
C VAL C 386 -38.70 -53.55 27.12
N PHE C 387 -38.95 -54.84 27.33
CA PHE C 387 -40.28 -55.38 27.05
C PHE C 387 -41.19 -55.33 28.27
N GLN C 388 -40.95 -56.19 29.25
CA GLN C 388 -41.90 -56.40 30.34
C GLN C 388 -41.87 -55.21 31.31
N GLN C 389 -43.05 -54.86 31.83
CA GLN C 389 -43.22 -53.90 32.93
C GLN C 389 -42.98 -52.47 32.46
N ASP C 390 -42.31 -52.31 31.32
CA ASP C 390 -42.22 -51.06 30.56
C ASP C 390 -41.46 -49.94 31.27
N PHE C 391 -41.28 -50.07 32.59
CA PHE C 391 -40.50 -49.20 33.48
C PHE C 391 -40.99 -47.76 33.49
N THR C 392 -41.89 -47.38 32.60
CA THR C 392 -42.44 -46.04 32.41
C THR C 392 -41.38 -45.06 31.90
N ASP C 393 -40.09 -45.43 31.95
CA ASP C 393 -39.02 -44.61 31.38
C ASP C 393 -38.52 -45.12 30.03
N ILE C 394 -39.03 -46.23 29.51
CA ILE C 394 -38.51 -46.84 28.31
C ILE C 394 -39.66 -47.36 27.45
N GLU C 395 -39.59 -47.11 26.14
CA GLU C 395 -40.57 -47.60 25.18
C GLU C 395 -39.81 -48.10 23.95
N LYS C 396 -40.44 -48.99 23.19
CA LYS C 396 -39.84 -49.60 22.02
C LYS C 396 -40.82 -49.61 20.86
N ARG C 397 -40.34 -49.17 19.69
CA ARG C 397 -41.13 -49.19 18.45
C ARG C 397 -40.30 -49.90 17.40
N LEU C 398 -40.86 -50.96 16.82
CA LEU C 398 -40.17 -51.70 15.76
C LEU C 398 -40.26 -50.93 14.45
N LEU C 399 -39.11 -50.63 13.86
CA LEU C 399 -39.05 -49.82 12.64
C LEU C 399 -38.42 -50.65 11.53
N GLN C 400 -39.23 -51.00 10.54
CA GLN C 400 -38.72 -51.64 9.33
C GLN C 400 -39.16 -50.85 8.11
N SER C 401 -40.45 -50.92 7.78
CA SER C 401 -41.01 -50.22 6.64
C SER C 401 -41.13 -48.73 6.92
N GLY C 402 -41.24 -47.95 5.84
CA GLY C 402 -41.34 -46.50 5.96
C GLY C 402 -42.57 -46.01 6.69
N GLU C 403 -43.62 -46.85 6.79
CA GLU C 403 -44.82 -46.43 7.51
C GLU C 403 -44.56 -46.29 9.00
N ASP C 404 -43.69 -47.13 9.57
CA ASP C 404 -43.25 -46.93 10.94
C ASP C 404 -42.23 -45.80 11.05
N TYR C 405 -41.63 -45.38 9.94
CA TYR C 405 -40.69 -44.27 9.97
C TYR C 405 -41.41 -42.93 10.08
N ILE C 406 -42.64 -42.86 9.57
CA ILE C 406 -43.42 -41.64 9.70
C ILE C 406 -44.01 -41.54 11.10
N ALA C 407 -44.49 -42.66 11.64
CA ALA C 407 -44.96 -42.67 13.03
C ALA C 407 -43.84 -42.35 14.00
N MET C 408 -42.58 -42.62 13.61
CA MET C 408 -41.45 -42.17 14.40
C MET C 408 -41.42 -40.65 14.51
N LEU C 409 -41.62 -39.97 13.37
CA LEU C 409 -41.67 -38.51 13.38
C LEU C 409 -42.90 -37.99 14.09
N GLU C 410 -43.95 -38.82 14.20
CA GLU C 410 -45.17 -38.37 14.88
C GLU C 410 -44.97 -38.31 16.38
N GLU C 411 -44.36 -39.34 16.97
CA GLU C 411 -44.02 -39.28 18.39
C GLU C 411 -42.88 -38.31 18.65
N ALA C 412 -42.02 -38.09 17.65
CA ALA C 412 -40.98 -37.07 17.78
C ALA C 412 -41.59 -35.69 17.99
N LEU C 413 -42.75 -35.44 17.38
CA LEU C 413 -43.47 -34.19 17.63
C LEU C 413 -44.06 -34.17 19.03
N ALA C 414 -44.50 -35.34 19.54
CA ALA C 414 -45.03 -35.42 20.89
C ALA C 414 -44.00 -35.02 21.94
N GLY C 415 -42.73 -35.41 21.76
CA GLY C 415 -41.71 -34.97 22.68
C GLY C 415 -41.45 -33.47 22.58
N TYR C 416 -41.46 -32.93 21.37
CA TYR C 416 -41.35 -31.50 21.16
C TYR C 416 -42.69 -30.79 21.28
N GLY C 417 -43.77 -31.52 21.58
CA GLY C 417 -45.09 -30.94 21.72
C GLY C 417 -45.14 -29.79 22.70
N ARG C 418 -44.57 -29.99 23.89
CA ARG C 418 -44.49 -28.90 24.85
C ARG C 418 -43.55 -27.80 24.35
N TYR C 419 -42.46 -28.19 23.66
CA TYR C 419 -41.51 -27.20 23.17
C TYR C 419 -42.08 -26.42 22.00
N LEU C 420 -42.71 -27.11 21.04
CA LEU C 420 -43.26 -26.44 19.87
C LEU C 420 -44.35 -25.44 20.26
N ASP C 421 -45.15 -25.78 21.27
CA ASP C 421 -46.21 -24.87 21.72
C ASP C 421 -45.61 -23.62 22.34
N LEU C 422 -44.59 -23.78 23.19
CA LEU C 422 -43.97 -22.61 23.82
C LEU C 422 -43.34 -21.68 22.79
N LEU C 423 -42.89 -22.22 21.66
CA LEU C 423 -42.46 -21.37 20.56
C LEU C 423 -43.62 -20.61 19.96
N GLN C 424 -44.74 -21.30 19.75
CA GLN C 424 -45.92 -20.68 19.16
C GLN C 424 -46.74 -19.90 20.18
N ALA C 425 -46.56 -20.18 21.48
CA ALA C 425 -47.21 -19.39 22.53
C ALA C 425 -46.54 -18.04 22.75
N ARG C 426 -45.40 -17.79 22.11
CA ARG C 426 -44.64 -16.55 22.23
C ARG C 426 -44.23 -16.31 23.69
N ALA C 427 -43.30 -17.14 24.14
CA ALA C 427 -42.71 -17.03 25.46
C ALA C 427 -41.42 -16.22 25.40
N GLU C 428 -40.73 -16.15 26.54
CA GLU C 428 -39.44 -15.48 26.64
C GLU C 428 -38.32 -16.46 26.30
N PRO C 429 -37.18 -15.94 25.79
CA PRO C 429 -36.08 -16.83 25.41
C PRO C 429 -35.52 -17.66 26.54
N ASP C 430 -35.45 -17.11 27.75
CA ASP C 430 -34.80 -17.83 28.85
C ASP C 430 -35.54 -19.12 29.19
N LEU C 431 -36.87 -19.05 29.30
CA LEU C 431 -37.63 -20.27 29.59
C LEU C 431 -37.60 -21.24 28.42
N ILE C 432 -37.55 -20.73 27.19
CA ILE C 432 -37.52 -21.62 26.04
C ILE C 432 -36.17 -22.33 25.93
N ILE C 433 -35.09 -21.67 26.32
CA ILE C 433 -33.79 -22.33 26.37
C ILE C 433 -33.85 -23.54 27.29
N GLN C 434 -34.43 -23.36 28.49
CA GLN C 434 -34.66 -24.47 29.39
C GLN C 434 -35.68 -25.47 28.83
N ALA C 435 -36.56 -25.02 27.93
CA ALA C 435 -37.58 -25.90 27.38
C ALA C 435 -37.02 -26.81 26.29
N PHE C 436 -36.05 -26.32 25.50
CA PHE C 436 -35.46 -27.17 24.47
C PHE C 436 -34.62 -28.28 25.07
N ASN C 437 -34.25 -28.18 26.35
CA ASN C 437 -33.55 -29.26 27.03
C ASN C 437 -34.50 -30.34 27.52
N GLU C 438 -35.80 -30.21 27.29
CA GLU C 438 -36.74 -31.26 27.68
C GLU C 438 -36.86 -32.37 26.64
N TYR C 439 -36.45 -32.13 25.39
CA TYR C 439 -36.53 -33.16 24.37
C TYR C 439 -35.42 -32.97 23.34
N GLN C 440 -34.89 -34.10 22.87
CA GLN C 440 -33.82 -34.10 21.88
C GLN C 440 -33.88 -35.41 21.11
N LEU C 441 -33.39 -35.39 19.87
CA LEU C 441 -33.35 -36.57 19.02
C LEU C 441 -31.92 -37.00 18.79
N LEU C 442 -31.69 -38.32 18.87
CA LEU C 442 -30.35 -38.89 18.78
C LEU C 442 -30.35 -39.99 17.72
N CYS C 443 -29.40 -39.91 16.79
CA CYS C 443 -29.31 -40.86 15.69
C CYS C 443 -27.87 -41.29 15.49
N ALA C 444 -27.67 -42.59 15.28
CA ALA C 444 -26.34 -43.16 15.08
C ALA C 444 -25.61 -42.55 13.88
N LEU C 445 -26.11 -42.84 12.67
CA LEU C 445 -25.45 -42.40 11.45
C LEU C 445 -25.54 -40.88 11.30
N ARG C 446 -24.61 -40.34 10.51
CA ARG C 446 -24.70 -38.95 10.10
C ARG C 446 -25.62 -38.77 8.90
N GLU C 447 -25.59 -39.70 7.95
CA GLU C 447 -26.29 -39.56 6.68
C GLU C 447 -27.10 -40.81 6.39
N GLY C 448 -27.96 -40.72 5.39
CA GLY C 448 -28.83 -41.81 5.00
C GLY C 448 -30.26 -41.56 5.44
N PRO C 449 -31.14 -42.54 5.21
CA PRO C 449 -32.52 -42.40 5.68
C PRO C 449 -32.62 -42.21 7.18
N PHE C 450 -31.66 -42.73 7.94
CA PHE C 450 -31.56 -42.51 9.38
C PHE C 450 -30.21 -41.86 9.65
N GLY C 451 -30.23 -40.61 10.07
CA GLY C 451 -28.99 -39.90 10.33
C GLY C 451 -29.23 -38.41 10.51
N VAL C 452 -28.16 -37.73 10.91
CA VAL C 452 -28.23 -36.28 11.11
C VAL C 452 -28.64 -35.58 9.83
N ALA C 453 -27.95 -35.89 8.72
CA ALA C 453 -28.31 -35.29 7.44
C ALA C 453 -29.64 -35.82 6.94
N GLY C 454 -29.99 -37.04 7.31
CA GLY C 454 -31.25 -37.63 6.90
C GLY C 454 -32.46 -37.13 7.65
N LEU C 455 -32.35 -37.02 8.97
CA LEU C 455 -33.48 -36.58 9.78
C LEU C 455 -33.76 -35.09 9.58
N ASN C 456 -32.73 -34.25 9.61
CA ASN C 456 -32.92 -32.81 9.53
C ASN C 456 -33.72 -32.41 8.29
N GLU C 457 -33.57 -33.17 7.20
CA GLU C 457 -34.35 -32.90 6.00
C GLU C 457 -35.77 -33.44 6.15
N ARG C 458 -35.90 -34.66 6.67
CA ARG C 458 -37.23 -35.25 6.84
C ARG C 458 -38.00 -34.57 7.96
N ILE C 459 -37.31 -34.16 9.02
CA ILE C 459 -37.98 -33.49 10.14
C ILE C 459 -38.49 -32.12 9.71
N GLU C 460 -37.64 -31.33 9.06
CA GLU C 460 -38.09 -30.03 8.56
C GLU C 460 -39.14 -30.17 7.47
N GLN C 461 -39.10 -31.27 6.72
CA GLN C 461 -40.18 -31.55 5.78
C GLN C 461 -41.47 -31.89 6.51
N PHE C 462 -41.37 -32.61 7.64
CA PHE C 462 -42.53 -32.85 8.49
C PHE C 462 -43.01 -31.57 9.15
N MET C 463 -42.15 -30.56 9.28
CA MET C 463 -42.57 -29.25 9.76
C MET C 463 -43.23 -28.42 8.66
N GLN C 464 -43.01 -28.77 7.40
CA GLN C 464 -43.75 -28.12 6.32
C GLN C 464 -45.12 -28.75 6.13
N GLN C 465 -45.20 -30.07 6.23
CA GLN C 465 -46.48 -30.76 6.05
C GLN C 465 -47.47 -30.36 7.14
N LYS C 466 -47.02 -30.34 8.38
CA LYS C 466 -47.82 -29.87 9.51
C LYS C 466 -47.51 -28.40 9.78
N ARG C 467 -48.54 -27.67 10.20
CA ARG C 467 -48.52 -26.20 10.22
C ARG C 467 -47.94 -25.62 11.50
N LYS C 468 -47.34 -26.45 12.36
CA LYS C 468 -46.84 -25.99 13.66
C LYS C 468 -45.99 -24.72 13.51
N ILE C 469 -44.97 -24.77 12.68
CA ILE C 469 -44.07 -23.64 12.46
C ILE C 469 -43.77 -23.53 10.97
N HIS C 470 -43.82 -22.31 10.45
CA HIS C 470 -43.52 -22.04 9.05
C HIS C 470 -42.09 -21.53 8.90
N ARG C 471 -41.44 -21.97 7.83
CA ARG C 471 -40.08 -21.52 7.51
C ARG C 471 -40.07 -20.63 6.27
N TRP C 477 -33.28 -19.12 8.95
CA TRP C 477 -33.83 -18.66 10.22
C TRP C 477 -35.35 -18.48 10.15
N TYR C 478 -36.06 -19.32 10.89
CA TYR C 478 -37.52 -19.23 11.00
C TYR C 478 -37.90 -18.97 12.44
N GLU C 479 -39.09 -18.40 12.62
CA GLU C 479 -39.51 -17.93 13.94
C GLU C 479 -39.62 -19.09 14.92
N GLY C 480 -38.96 -18.96 16.06
CA GLY C 480 -38.93 -20.03 17.03
C GLY C 480 -37.96 -21.14 16.70
N ARG C 481 -36.90 -20.85 15.95
CA ARG C 481 -36.13 -22.04 15.65
C ARG C 481 -35.02 -22.23 16.69
N PRO C 482 -34.86 -23.45 17.20
CA PRO C 482 -33.66 -23.76 17.99
C PRO C 482 -32.45 -23.94 17.09
N VAL C 483 -31.30 -23.51 17.60
CA VAL C 483 -30.04 -23.62 16.88
C VAL C 483 -28.93 -23.99 17.86
N MET C 484 -28.00 -24.82 17.39
CA MET C 484 -26.83 -25.20 18.16
C MET C 484 -25.58 -24.69 17.45
N ILE C 485 -24.53 -24.46 18.23
CA ILE C 485 -23.27 -23.94 17.68
C ILE C 485 -22.37 -25.12 17.31
N ALA C 486 -21.88 -25.12 16.08
CA ALA C 486 -21.08 -26.24 15.60
C ALA C 486 -19.64 -26.17 16.07
N ARG C 487 -19.07 -24.97 16.17
CA ARG C 487 -17.66 -24.81 16.55
C ARG C 487 -17.55 -23.73 17.61
N ASN C 488 -16.50 -23.83 18.42
CA ASN C 488 -16.29 -22.90 19.52
C ASN C 488 -15.98 -21.50 19.00
N ASP C 489 -16.41 -20.50 19.76
CA ASP C 489 -16.13 -19.10 19.46
C ASP C 489 -15.69 -18.40 20.73
N SER C 490 -14.48 -17.84 20.72
CA SER C 490 -13.96 -17.16 21.90
C SER C 490 -14.52 -15.76 22.06
N ALA C 491 -14.91 -15.11 20.94
CA ALA C 491 -15.35 -13.72 21.02
C ALA C 491 -16.75 -13.61 21.63
N LEU C 492 -17.69 -14.42 21.15
CA LEU C 492 -19.07 -14.32 21.61
C LEU C 492 -19.32 -15.04 22.93
N GLY C 493 -18.35 -15.78 23.45
CA GLY C 493 -18.53 -16.49 24.69
C GLY C 493 -19.34 -17.76 24.60
N LEU C 494 -19.72 -18.18 23.39
CA LEU C 494 -20.48 -19.40 23.18
C LEU C 494 -19.58 -20.48 22.62
N PHE C 495 -19.86 -21.72 23.01
CA PHE C 495 -19.00 -22.86 22.67
C PHE C 495 -19.80 -23.92 21.95
N ASN C 496 -19.09 -24.84 21.31
CA ASN C 496 -19.71 -25.97 20.63
C ASN C 496 -20.48 -26.82 21.63
N GLY C 497 -21.65 -27.31 21.21
CA GLY C 497 -22.52 -28.05 22.09
C GLY C 497 -23.49 -27.21 22.88
N ASP C 498 -23.61 -25.92 22.57
CA ASP C 498 -24.53 -25.03 23.26
C ASP C 498 -25.69 -24.68 22.33
N ILE C 499 -26.85 -24.42 22.93
CA ILE C 499 -28.07 -24.21 22.18
C ILE C 499 -28.54 -22.77 22.35
N GLY C 500 -29.31 -22.31 21.38
CA GLY C 500 -29.86 -20.97 21.40
C GLY C 500 -31.20 -20.93 20.71
N ILE C 501 -31.96 -19.89 21.03
CA ILE C 501 -33.32 -19.71 20.52
C ILE C 501 -33.40 -18.38 19.78
N ALA C 502 -33.92 -18.42 18.56
CA ALA C 502 -34.03 -17.24 17.71
C ALA C 502 -35.47 -16.77 17.67
N LEU C 503 -35.70 -15.52 18.08
CA LEU C 503 -37.03 -14.93 18.10
C LEU C 503 -36.90 -13.42 18.02
N ASP C 504 -38.01 -12.75 17.74
CA ASP C 504 -38.06 -11.31 17.61
C ASP C 504 -38.61 -10.72 18.91
N ARG C 505 -37.74 -10.02 19.65
CA ARG C 505 -38.14 -9.30 20.86
C ARG C 505 -38.78 -7.96 20.53
N GLY C 506 -38.77 -7.55 19.26
CA GLY C 506 -39.23 -6.25 18.84
C GLY C 506 -38.13 -5.29 18.45
N GLN C 507 -36.89 -5.54 18.89
CA GLN C 507 -35.75 -4.83 18.36
C GLN C 507 -35.23 -5.43 17.06
N GLY C 508 -35.56 -6.69 16.81
CA GLY C 508 -35.12 -7.37 15.60
C GLY C 508 -35.08 -8.86 15.81
N THR C 509 -34.81 -9.57 14.73
CA THR C 509 -34.66 -11.03 14.80
C THR C 509 -33.24 -11.35 15.26
N ARG C 510 -33.13 -12.00 16.41
CA ARG C 510 -31.85 -12.25 17.04
C ARG C 510 -31.91 -13.58 17.78
N VAL C 511 -30.77 -14.28 17.81
CA VAL C 511 -30.67 -15.50 18.60
C VAL C 511 -30.16 -15.16 19.99
N TRP C 512 -30.75 -15.80 20.99
CA TRP C 512 -30.46 -15.49 22.38
C TRP C 512 -29.81 -16.70 23.04
N PHE C 513 -28.87 -16.42 23.95
CA PHE C 513 -28.15 -17.47 24.67
C PHE C 513 -28.19 -17.18 26.16
N ALA C 514 -28.02 -18.23 26.95
CA ALA C 514 -28.06 -18.14 28.41
C ALA C 514 -26.64 -18.24 28.95
N MET C 515 -26.13 -17.15 29.49
CA MET C 515 -24.80 -17.13 30.08
C MET C 515 -24.78 -17.87 31.41
N PRO C 516 -23.62 -18.36 31.83
CA PRO C 516 -23.54 -19.03 33.14
C PRO C 516 -23.93 -18.13 34.31
N ASP C 517 -23.90 -16.81 34.14
CA ASP C 517 -24.32 -15.89 35.18
C ASP C 517 -25.82 -15.66 35.21
N GLY C 518 -26.57 -16.26 34.27
CA GLY C 518 -28.00 -16.11 34.21
C GLY C 518 -28.49 -14.99 33.30
N ASN C 519 -27.59 -14.14 32.82
CA ASN C 519 -27.99 -13.03 31.96
C ASN C 519 -28.14 -13.50 30.52
N ILE C 520 -29.16 -12.97 29.84
CA ILE C 520 -29.39 -13.31 28.43
C ILE C 520 -28.48 -12.45 27.57
N LYS C 521 -28.03 -13.04 26.46
CA LYS C 521 -27.12 -12.36 25.53
C LYS C 521 -27.66 -12.50 24.12
N SER C 522 -28.00 -11.37 23.51
CA SER C 522 -28.57 -11.33 22.17
C SER C 522 -27.46 -11.34 21.13
N VAL C 523 -27.63 -12.12 20.08
CA VAL C 523 -26.67 -12.24 18.99
C VAL C 523 -27.43 -12.19 17.67
N GLN C 524 -26.94 -11.39 16.74
CA GLN C 524 -27.57 -11.32 15.43
C GLN C 524 -27.37 -12.63 14.68
N PRO C 525 -28.28 -12.97 13.75
CA PRO C 525 -28.14 -14.23 13.02
C PRO C 525 -26.88 -14.32 12.19
N SER C 526 -26.40 -13.20 11.65
CA SER C 526 -25.17 -13.20 10.87
C SER C 526 -23.92 -13.24 11.72
N ARG C 527 -24.04 -13.04 13.03
CA ARG C 527 -22.89 -12.99 13.92
C ARG C 527 -22.46 -14.35 14.45
N LEU C 528 -23.30 -15.37 14.30
CA LEU C 528 -22.93 -16.70 14.78
C LEU C 528 -21.87 -17.31 13.89
N PRO C 529 -20.77 -17.82 14.45
CA PRO C 529 -19.74 -18.45 13.59
C PRO C 529 -20.25 -19.67 12.83
N GLU C 530 -20.99 -20.55 13.51
CA GLU C 530 -21.53 -21.74 12.89
C GLU C 530 -22.84 -22.10 13.58
N HIS C 531 -23.80 -22.57 12.80
CA HIS C 531 -25.10 -22.99 13.33
C HIS C 531 -25.69 -24.05 12.43
N GLU C 532 -26.56 -24.88 13.02
CA GLU C 532 -27.18 -26.00 12.31
C GLU C 532 -28.50 -26.33 12.99
N THR C 533 -29.33 -27.12 12.30
CA THR C 533 -30.61 -27.54 12.86
C THR C 533 -30.38 -28.56 13.96
N THR C 534 -30.82 -28.22 15.17
CA THR C 534 -30.53 -29.00 16.37
C THR C 534 -31.68 -29.94 16.75
N TRP C 535 -32.75 -29.99 15.96
CA TRP C 535 -33.88 -30.85 16.27
C TRP C 535 -33.44 -32.31 16.40
N ALA C 536 -32.35 -32.67 15.73
CA ALA C 536 -31.66 -33.94 15.93
C ALA C 536 -30.19 -33.66 16.16
N MET C 537 -29.59 -34.38 17.11
CA MET C 537 -28.21 -34.15 17.49
C MET C 537 -27.39 -35.42 17.31
N THR C 538 -26.10 -35.25 17.07
CA THR C 538 -25.20 -36.39 17.06
C THR C 538 -24.88 -36.80 18.49
N VAL C 539 -24.96 -38.11 18.74
CA VAL C 539 -24.81 -38.65 20.09
C VAL C 539 -23.51 -38.21 20.74
N HIS C 540 -22.47 -37.97 19.95
CA HIS C 540 -21.20 -37.52 20.50
C HIS C 540 -21.24 -36.04 20.88
N LYS C 541 -22.03 -35.25 20.16
CA LYS C 541 -22.07 -33.81 20.41
C LYS C 541 -22.98 -33.47 21.59
N SER C 542 -23.85 -34.41 21.99
CA SER C 542 -24.76 -34.16 23.09
C SER C 542 -24.19 -34.57 24.44
N GLN C 543 -22.98 -35.11 24.48
CA GLN C 543 -22.39 -35.55 25.74
C GLN C 543 -22.19 -34.37 26.68
N GLY C 544 -22.50 -34.59 27.96
CA GLY C 544 -22.43 -33.57 28.97
C GLY C 544 -23.71 -32.77 29.15
N SER C 545 -24.55 -32.71 28.12
CA SER C 545 -25.84 -32.05 28.23
C SER C 545 -26.88 -32.98 28.85
N GLU C 546 -27.91 -32.38 29.45
CA GLU C 546 -29.01 -33.12 30.06
C GLU C 546 -30.29 -32.87 29.29
N PHE C 547 -31.12 -33.92 29.15
CA PHE C 547 -32.36 -33.86 28.39
C PHE C 547 -33.45 -34.63 29.12
N ASP C 548 -34.59 -33.98 29.34
CA ASP C 548 -35.66 -34.60 30.11
C ASP C 548 -36.25 -35.80 29.37
N HIS C 549 -36.51 -35.64 28.08
CA HIS C 549 -36.98 -36.71 27.22
C HIS C 549 -36.05 -36.83 26.01
N ALA C 550 -35.87 -38.06 25.54
CA ALA C 550 -34.95 -38.35 24.43
C ALA C 550 -35.52 -39.48 23.57
N ALA C 551 -35.13 -39.48 22.30
CA ALA C 551 -35.54 -40.54 21.38
C ALA C 551 -34.35 -40.95 20.54
N LEU C 552 -34.17 -42.25 20.37
CA LEU C 552 -33.05 -42.81 19.61
C LEU C 552 -33.55 -43.26 18.25
N ILE C 553 -32.80 -42.91 17.21
CA ILE C 553 -33.14 -43.26 15.84
C ILE C 553 -32.02 -44.14 15.30
N LEU C 554 -32.33 -45.40 15.00
CA LEU C 554 -31.33 -46.30 14.47
C LEU C 554 -31.75 -46.78 13.08
N PRO C 555 -30.79 -46.97 12.18
CA PRO C 555 -31.13 -47.36 10.81
C PRO C 555 -31.51 -48.82 10.68
N SER C 556 -32.34 -49.11 9.67
CA SER C 556 -32.65 -50.49 9.33
C SER C 556 -31.48 -51.20 8.66
N GLN C 557 -30.51 -50.43 8.18
CA GLN C 557 -29.30 -51.00 7.60
C GLN C 557 -28.35 -51.46 8.69
N ARG C 558 -27.51 -52.43 8.35
CA ARG C 558 -26.50 -52.95 9.26
C ARG C 558 -25.15 -52.33 8.91
N THR C 559 -24.64 -51.49 9.80
CA THR C 559 -23.40 -50.77 9.59
C THR C 559 -22.62 -50.74 10.90
N PRO C 560 -21.29 -50.82 10.85
CA PRO C 560 -20.50 -50.76 12.08
C PRO C 560 -20.60 -49.44 12.81
N VAL C 561 -21.10 -48.39 12.16
CA VAL C 561 -21.22 -47.08 12.81
C VAL C 561 -22.04 -47.18 14.08
N VAL C 562 -23.17 -47.90 14.04
CA VAL C 562 -23.95 -48.13 15.24
C VAL C 562 -23.17 -49.05 16.17
N THR C 563 -22.94 -48.58 17.40
CA THR C 563 -22.13 -49.33 18.36
C THR C 563 -22.81 -49.33 19.71
N ARG C 564 -22.17 -49.98 20.67
CA ARG C 564 -22.72 -50.10 22.02
C ARG C 564 -22.63 -48.77 22.76
N GLU C 565 -21.45 -48.12 22.73
CA GLU C 565 -21.25 -46.89 23.47
C GLU C 565 -22.04 -45.73 22.85
N LEU C 566 -22.45 -45.86 21.60
CA LEU C 566 -23.32 -44.84 21.00
C LEU C 566 -24.72 -44.94 21.56
N VAL C 567 -25.27 -46.16 21.61
CA VAL C 567 -26.59 -46.36 22.18
C VAL C 567 -26.57 -46.09 23.68
N TYR C 568 -25.46 -46.39 24.35
CA TYR C 568 -25.33 -46.10 25.77
C TYR C 568 -25.42 -44.60 26.04
N THR C 569 -24.64 -43.80 25.31
CA THR C 569 -24.69 -42.36 25.48
C THR C 569 -26.02 -41.77 25.03
N ALA C 570 -26.81 -42.52 24.26
CA ALA C 570 -28.15 -42.06 23.92
C ALA C 570 -29.12 -42.28 25.07
N VAL C 571 -29.01 -43.41 25.77
CA VAL C 571 -29.89 -43.68 26.90
C VAL C 571 -29.50 -42.83 28.10
N THR C 572 -28.20 -42.66 28.34
CA THR C 572 -27.75 -41.83 29.44
C THR C 572 -27.96 -40.35 29.18
N ARG C 573 -28.34 -39.97 27.96
CA ARG C 573 -28.54 -38.56 27.65
C ARG C 573 -29.90 -38.06 28.11
N ALA C 574 -30.80 -38.96 28.49
CA ALA C 574 -32.13 -38.61 28.97
C ALA C 574 -32.15 -38.54 30.49
N ARG C 575 -32.66 -37.43 31.01
CA ARG C 575 -32.85 -37.25 32.44
C ARG C 575 -33.77 -38.32 32.97
N ARG C 576 -35.02 -38.32 32.52
CA ARG C 576 -36.04 -39.23 33.03
C ARG C 576 -36.73 -39.98 31.89
N ARG C 577 -37.45 -39.25 31.04
CA ARG C 577 -38.21 -39.89 29.95
C ARG C 577 -37.29 -40.30 28.81
N LEU C 578 -37.61 -41.42 28.18
CA LEU C 578 -36.85 -41.89 27.02
C LEU C 578 -37.78 -42.69 26.11
N SER C 579 -37.49 -42.65 24.81
CA SER C 579 -38.22 -43.43 23.82
C SER C 579 -37.23 -43.96 22.81
N LEU C 580 -37.57 -45.08 22.19
CA LEU C 580 -36.70 -45.75 21.22
C LEU C 580 -37.49 -46.14 19.98
N TYR C 581 -36.90 -45.92 18.81
CA TYR C 581 -37.39 -46.51 17.57
C TYR C 581 -36.23 -47.24 16.93
N ALA C 582 -36.29 -48.56 16.92
CA ALA C 582 -35.22 -49.39 16.37
C ALA C 582 -35.77 -50.79 16.11
N ASP C 583 -35.02 -51.54 15.29
CA ASP C 583 -35.32 -52.94 15.09
C ASP C 583 -34.68 -53.78 16.19
N GLU C 584 -35.42 -54.79 16.65
CA GLU C 584 -34.87 -55.72 17.63
C GLU C 584 -33.66 -56.46 17.08
N ARG C 585 -33.61 -56.64 15.76
CA ARG C 585 -32.45 -57.32 15.16
C ARG C 585 -31.28 -56.37 15.03
N ILE C 586 -31.53 -55.10 14.68
CA ILE C 586 -30.44 -54.15 14.45
C ILE C 586 -29.92 -53.60 15.78
N LEU C 587 -30.84 -53.27 16.71
CA LEU C 587 -30.42 -52.68 17.97
C LEU C 587 -29.63 -53.67 18.82
N SER C 588 -30.19 -54.87 19.03
CA SER C 588 -29.52 -55.85 19.89
C SER C 588 -28.18 -56.28 19.32
N ALA C 589 -28.09 -56.44 17.99
CA ALA C 589 -26.83 -56.81 17.38
C ALA C 589 -25.78 -55.72 17.53
N ALA C 590 -26.19 -54.44 17.46
CA ALA C 590 -25.28 -53.34 17.69
C ALA C 590 -24.80 -53.28 19.15
N ILE C 591 -25.60 -53.82 20.08
CA ILE C 591 -25.18 -53.87 21.47
C ILE C 591 -23.97 -54.79 21.63
N ALA C 592 -23.96 -55.90 20.90
CA ALA C 592 -22.84 -56.83 20.98
C ALA C 592 -21.57 -56.21 20.39
N THR C 593 -21.72 -55.42 19.34
CA THR C 593 -20.58 -54.77 18.73
C THR C 593 -20.12 -53.57 19.57
N ARG C 594 -18.82 -53.51 19.84
CA ARG C 594 -18.24 -52.45 20.63
C ARG C 594 -17.20 -51.70 19.81
N THR C 595 -16.89 -50.49 20.25
CA THR C 595 -15.95 -49.65 19.50
C THR C 595 -14.54 -50.17 19.65
N GLU C 596 -13.87 -50.37 18.52
CA GLU C 596 -12.49 -50.83 18.48
C GLU C 596 -11.55 -49.64 18.60
N ARG C 597 -10.61 -49.72 19.53
CA ARG C 597 -9.60 -48.68 19.74
C ARG C 597 -8.24 -49.20 19.31
N ARG C 598 -7.52 -48.40 18.54
CA ARG C 598 -6.20 -48.76 18.05
C ARG C 598 -5.07 -48.24 18.94
N SER C 599 -5.38 -47.47 19.97
CA SER C 599 -4.32 -46.81 20.73
C SER C 599 -3.44 -47.82 21.44
N GLY C 600 -2.13 -47.58 21.40
CA GLY C 600 -1.14 -48.44 22.01
C GLY C 600 -0.93 -48.21 23.49
N LEU C 601 -1.87 -47.54 24.16
CA LEU C 601 -1.74 -47.31 25.59
C LEU C 601 -1.94 -48.59 26.38
N ALA C 602 -2.97 -49.38 26.03
CA ALA C 602 -3.24 -50.61 26.77
C ALA C 602 -2.16 -51.64 26.52
N ALA C 603 -1.39 -51.50 25.44
CA ALA C 603 -0.30 -52.43 25.18
C ALA C 603 0.91 -52.11 26.04
N LEU C 604 1.08 -50.83 26.40
CA LEU C 604 2.20 -50.45 27.26
C LEU C 604 1.92 -50.78 28.73
N PHE C 605 0.64 -50.80 29.11
CA PHE C 605 0.28 -51.15 30.48
C PHE C 605 0.52 -52.64 30.73
N SER C 606 0.48 -53.45 29.67
CA SER C 606 0.71 -54.88 29.83
C SER C 606 2.20 -55.19 29.99
N SER C 607 3.06 -54.24 29.63
CA SER C 607 4.49 -54.42 29.73
C SER C 607 4.97 -54.16 31.17
N MET D 1 6.95 12.73 -9.93
CA MET D 1 7.61 12.63 -11.23
C MET D 1 8.95 13.36 -11.20
N ASN D 2 9.61 13.31 -10.05
CA ASN D 2 10.90 13.97 -9.89
C ASN D 2 12.02 13.09 -10.45
N ALA D 3 12.86 13.66 -11.30
CA ALA D 3 13.97 12.92 -11.87
C ALA D 3 15.11 12.77 -10.88
N TYR D 4 15.35 13.80 -10.06
CA TYR D 4 16.41 13.80 -9.06
C TYR D 4 15.96 13.28 -7.71
N TYR D 5 14.73 12.75 -7.61
CA TYR D 5 14.20 12.26 -6.35
C TYR D 5 15.16 11.31 -5.64
N ILE D 6 15.83 10.46 -6.40
CA ILE D 6 16.75 9.49 -5.79
C ILE D 6 17.97 10.20 -5.23
N GLN D 7 18.47 11.22 -5.93
CA GLN D 7 19.60 11.98 -5.42
C GLN D 7 19.19 12.87 -4.26
N ASP D 8 17.93 13.30 -4.24
CA ASP D 8 17.46 14.15 -3.14
C ASP D 8 17.26 13.35 -1.87
N ARG D 9 16.97 12.05 -2.00
CA ARG D 9 16.81 11.20 -0.83
C ARG D 9 18.16 10.81 -0.26
N LEU D 10 19.17 10.63 -1.12
CA LEU D 10 20.50 10.28 -0.64
C LEU D 10 21.17 11.48 0.05
N GLU D 11 20.91 12.68 -0.44
CA GLU D 11 21.48 13.87 0.20
C GLU D 11 20.81 14.14 1.55
N ALA D 12 19.52 13.83 1.67
CA ALA D 12 18.84 14.02 2.95
C ALA D 12 19.33 13.06 4.01
N GLN D 13 19.72 11.84 3.61
CA GLN D 13 20.28 10.88 4.56
C GLN D 13 21.72 11.20 4.90
N SER D 14 22.44 11.92 4.03
CA SER D 14 23.83 12.24 4.30
C SER D 14 23.94 13.25 5.44
N TRP D 15 23.00 14.18 5.53
CA TRP D 15 23.04 15.16 6.61
C TRP D 15 22.68 14.52 7.95
N ALA D 16 21.71 13.59 7.94
CA ALA D 16 21.36 12.89 9.17
C ALA D 16 22.52 12.02 9.65
N ARG D 17 23.38 11.59 8.74
CA ARG D 17 24.56 10.84 9.13
C ARG D 17 25.62 11.76 9.72
N HIS D 18 25.67 13.02 9.26
CA HIS D 18 26.67 13.96 9.75
C HIS D 18 26.34 14.43 11.16
N TYR D 19 25.05 14.67 11.43
CA TYR D 19 24.66 15.12 12.76
C TYR D 19 24.64 13.97 13.76
N GLN D 20 24.59 12.73 13.30
CA GLN D 20 24.75 11.60 14.19
C GLN D 20 26.20 11.42 14.60
N GLN D 21 27.12 11.79 13.70
CA GLN D 21 28.54 11.78 14.04
C GLN D 21 28.89 12.98 14.91
N LEU D 22 28.24 14.12 14.67
CA LEU D 22 28.49 15.30 15.49
C LEU D 22 27.92 15.13 16.90
N ALA D 23 26.76 14.49 17.01
CA ALA D 23 26.16 14.27 18.33
C ALA D 23 26.94 13.24 19.12
N ARG D 24 27.69 12.38 18.43
CA ARG D 24 28.54 11.41 19.12
C ARG D 24 29.83 12.05 19.61
N GLU D 25 30.29 13.08 18.90
CA GLU D 25 31.47 13.81 19.34
C GLU D 25 31.16 14.77 20.47
N GLU D 26 29.96 15.36 20.44
CA GLU D 26 29.56 16.26 21.52
C GLU D 26 29.29 15.50 22.80
N LYS D 27 28.75 14.28 22.69
CA LYS D 27 28.56 13.45 23.87
C LYS D 27 29.90 13.02 24.45
N GLU D 28 30.92 12.87 23.60
CA GLU D 28 32.25 12.50 24.07
C GLU D 28 32.88 13.64 24.85
N ALA D 29 32.64 14.88 24.42
CA ALA D 29 33.19 16.04 25.12
C ALA D 29 32.40 16.35 26.38
N GLU D 30 31.12 15.95 26.43
CA GLU D 30 30.33 16.14 27.63
C GLU D 30 30.82 15.24 28.76
N LEU D 31 31.10 13.98 28.45
CA LEU D 31 31.70 13.08 29.43
C LEU D 31 33.16 13.44 29.69
N ALA D 32 33.75 14.27 28.82
CA ALA D 32 35.15 14.66 29.01
C ALA D 32 35.28 15.70 30.13
N ASP D 33 34.34 16.63 30.21
CA ASP D 33 34.40 17.65 31.25
C ASP D 33 34.03 17.08 32.61
N ASP D 34 33.28 15.97 32.61
CA ASP D 34 32.89 15.35 33.88
C ASP D 34 34.01 14.52 34.48
N MET D 35 34.65 13.68 33.67
CA MET D 35 35.72 12.84 34.17
C MET D 35 36.98 13.63 34.47
N GLU D 36 37.17 14.79 33.82
CA GLU D 36 38.26 15.67 34.19
C GLU D 36 38.12 16.16 35.62
N LYS D 37 36.89 16.48 36.04
CA LYS D 37 36.64 16.89 37.42
C LYS D 37 36.72 15.74 38.40
N GLY D 38 36.77 14.50 37.91
CA GLY D 38 36.85 13.34 38.78
C GLY D 38 38.26 12.98 39.19
N ILE D 39 39.25 13.42 38.41
CA ILE D 39 40.65 13.14 38.71
C ILE D 39 41.42 14.45 38.76
N PRO D 40 41.33 15.21 39.85
CA PRO D 40 42.16 16.41 39.98
C PRO D 40 43.63 16.04 40.14
N GLN D 41 44.49 17.05 39.95
CA GLN D 41 45.93 16.80 39.91
C GLN D 41 46.48 16.30 41.23
N HIS D 42 45.79 16.53 42.35
CA HIS D 42 46.31 16.07 43.64
C HIS D 42 46.25 14.55 43.77
N LEU D 43 45.42 13.88 42.98
CA LEU D 43 45.42 12.42 42.98
C LEU D 43 46.70 11.88 42.38
N PHE D 44 47.16 12.48 41.28
CA PHE D 44 48.43 12.08 40.69
C PHE D 44 49.60 12.56 41.53
N GLU D 45 49.43 13.69 42.24
CA GLU D 45 50.46 14.13 43.17
C GLU D 45 50.61 13.13 44.32
N SER D 46 49.49 12.63 44.84
CA SER D 46 49.56 11.61 45.89
C SER D 46 50.15 10.31 45.36
N LEU D 47 49.87 9.98 44.10
CA LEU D 47 50.46 8.79 43.50
C LEU D 47 51.97 8.94 43.35
N CYS D 48 52.42 10.18 43.14
CA CYS D 48 53.86 10.41 43.05
C CYS D 48 54.49 10.43 44.44
N ILE D 49 53.78 10.95 45.44
CA ILE D 49 54.30 10.96 46.80
C ILE D 49 54.61 9.55 47.28
N ASP D 50 53.86 8.57 46.79
CA ASP D 50 54.05 7.18 47.21
C ASP D 50 55.27 6.56 46.57
N HIS D 51 55.20 6.31 45.26
CA HIS D 51 56.18 5.48 44.57
C HIS D 51 57.48 6.20 44.23
N LEU D 52 57.49 7.53 44.21
CA LEU D 52 58.71 8.25 43.83
C LEU D 52 59.70 8.38 44.98
N GLN D 53 59.23 8.36 46.22
CA GLN D 53 60.13 8.59 47.35
C GLN D 53 61.11 7.44 47.54
N ARG D 54 60.74 6.23 47.11
CA ARG D 54 61.66 5.10 47.24
C ARG D 54 62.79 5.15 46.23
N HIS D 55 62.64 5.91 45.16
CA HIS D 55 63.68 6.06 44.14
C HIS D 55 64.57 7.28 44.38
N GLY D 56 64.36 8.00 45.48
CA GLY D 56 65.17 9.15 45.81
C GLY D 56 64.52 10.51 45.57
N ALA D 57 63.23 10.55 45.26
CA ALA D 57 62.53 11.81 45.04
C ALA D 57 62.00 12.33 46.37
N SER D 58 62.42 13.53 46.75
CA SER D 58 61.96 14.13 47.99
C SER D 58 60.51 14.61 47.85
N LYS D 59 59.83 14.75 48.99
CA LYS D 59 58.46 15.22 48.99
C LYS D 59 58.37 16.66 48.50
N LYS D 60 59.40 17.47 48.75
CA LYS D 60 59.41 18.85 48.29
C LYS D 60 59.60 18.96 46.78
N SER D 61 60.25 17.97 46.16
CA SER D 61 60.39 17.98 44.70
C SER D 61 59.06 17.74 44.01
N ILE D 62 58.23 16.85 44.57
CA ILE D 62 56.91 16.61 44.00
C ILE D 62 55.99 17.78 44.30
N THR D 63 56.14 18.40 45.47
CA THR D 63 55.35 19.58 45.81
C THR D 63 55.70 20.75 44.89
N ARG D 64 56.99 20.93 44.58
CA ARG D 64 57.40 22.03 43.73
C ARG D 64 56.96 21.80 42.28
N ALA D 65 56.83 20.55 41.85
CA ALA D 65 56.36 20.28 40.49
C ALA D 65 54.87 20.60 40.35
N PHE D 66 54.04 20.02 41.22
CA PHE D 66 52.60 20.20 41.10
C PHE D 66 52.17 21.58 41.56
N ASP D 67 52.56 21.98 42.77
CA ASP D 67 52.03 23.22 43.34
C ASP D 67 52.76 24.45 42.82
N ASP D 68 54.08 24.42 42.74
CA ASP D 68 54.85 25.60 42.38
C ASP D 68 54.91 25.81 40.87
N ASP D 69 55.52 24.88 40.15
CA ASP D 69 55.71 25.03 38.71
C ASP D 69 54.37 25.14 38.00
N VAL D 70 54.19 26.21 37.23
CA VAL D 70 52.93 26.44 36.53
C VAL D 70 52.87 25.61 35.25
N GLU D 71 54.00 25.47 34.55
CA GLU D 71 54.00 24.76 33.27
C GLU D 71 53.70 23.28 33.46
N PHE D 72 54.11 22.71 34.60
CA PHE D 72 53.78 21.32 34.89
C PHE D 72 52.28 21.16 35.12
N GLN D 73 51.66 22.09 35.84
CA GLN D 73 50.22 22.06 36.03
C GLN D 73 49.49 22.30 34.71
N GLU D 74 50.09 23.10 33.82
CA GLU D 74 49.50 23.33 32.51
C GLU D 74 49.55 22.06 31.67
N ARG D 75 50.71 21.42 31.60
CA ARG D 75 50.84 20.20 30.81
C ARG D 75 50.05 19.05 31.42
N MET D 76 49.87 19.05 32.74
CA MET D 76 49.09 18.00 33.38
C MET D 76 47.60 18.16 33.06
N ALA D 77 47.11 19.39 33.02
CA ALA D 77 45.72 19.62 32.66
C ALA D 77 45.45 19.23 31.22
N GLU D 78 46.44 19.39 30.34
CA GLU D 78 46.28 18.98 28.96
C GLU D 78 46.41 17.46 28.83
N HIS D 79 47.25 16.84 29.65
CA HIS D 79 47.38 15.38 29.62
C HIS D 79 46.16 14.71 30.22
N ILE D 80 45.65 15.24 31.33
CA ILE D 80 44.42 14.72 31.93
C ILE D 80 43.27 14.83 30.95
N ARG D 81 43.19 15.96 30.22
CA ARG D 81 42.14 16.12 29.23
C ARG D 81 42.27 15.12 28.09
N TYR D 82 43.51 14.84 27.65
CA TYR D 82 43.72 13.87 26.59
C TYR D 82 43.41 12.45 27.06
N MET D 83 43.84 12.11 28.28
CA MET D 83 43.53 10.79 28.82
C MET D 83 42.04 10.59 28.97
N VAL D 84 41.34 11.59 29.52
CA VAL D 84 39.90 11.48 29.71
C VAL D 84 39.19 11.40 28.35
N GLU D 85 39.56 12.26 27.41
CA GLU D 85 38.92 12.25 26.10
C GLU D 85 39.12 10.93 25.38
N THR D 86 40.27 10.26 25.60
CA THR D 86 40.49 8.96 24.99
C THR D 86 39.69 7.87 25.68
N ILE D 87 39.62 7.91 27.02
CA ILE D 87 38.79 6.96 27.74
C ILE D 87 37.32 7.17 27.40
N ALA D 88 36.89 8.44 27.31
CA ALA D 88 35.53 8.73 26.89
C ALA D 88 35.30 8.31 25.44
N HIS D 89 36.35 8.35 24.61
CA HIS D 89 36.22 7.88 23.23
C HIS D 89 35.90 6.40 23.20
N HIS D 90 36.64 5.59 23.97
CA HIS D 90 36.38 4.15 24.00
C HIS D 90 35.07 3.84 24.70
N GLN D 91 34.71 4.63 25.72
CA GLN D 91 33.45 4.41 26.42
C GLN D 91 32.26 4.66 25.50
N VAL D 92 32.30 5.75 24.73
CA VAL D 92 31.23 6.02 23.77
C VAL D 92 31.22 4.99 22.66
N ASP D 93 32.39 4.54 22.22
CA ASP D 93 32.45 3.50 21.20
C ASP D 93 31.79 2.21 21.68
N ILE D 94 32.13 1.77 22.89
CA ILE D 94 31.51 0.57 23.45
C ILE D 94 30.00 0.75 23.58
N ASP D 95 29.57 1.94 24.02
CA ASP D 95 28.14 2.21 24.11
C ASP D 95 27.50 2.27 22.73
N SER D 96 28.25 2.70 21.71
CA SER D 96 27.71 2.74 20.36
C SER D 96 27.67 1.37 19.70
N GLU D 97 28.54 0.45 20.13
CA GLU D 97 28.55 -0.89 19.56
C GLU D 97 27.29 -1.65 19.97
N VAL D 98 26.59 -2.21 18.99
CA VAL D 98 25.38 -2.96 19.25
C VAL D 98 25.71 -4.35 19.76
N GLN E 21 77.35 20.79 34.66
CA GLN E 21 76.69 21.21 33.42
C GLN E 21 76.22 20.00 32.62
N LEU E 22 77.16 19.36 31.92
CA LEU E 22 76.80 18.17 31.14
C LEU E 22 76.57 16.97 32.04
N ALA E 23 77.25 16.91 33.19
CA ALA E 23 77.04 15.81 34.12
C ALA E 23 75.72 15.97 34.86
N ARG E 24 75.35 17.20 35.20
CA ARG E 24 74.10 17.44 35.91
C ARG E 24 72.91 16.99 35.08
N GLU E 25 72.97 17.23 33.75
CA GLU E 25 71.88 16.79 32.88
C GLU E 25 71.89 15.28 32.72
N GLU E 26 73.06 14.65 32.86
CA GLU E 26 73.13 13.19 32.76
C GLU E 26 72.60 12.52 34.02
N LYS E 27 72.87 13.11 35.18
CA LYS E 27 72.32 12.57 36.43
C LYS E 27 70.82 12.76 36.50
N GLU E 28 70.31 13.84 35.89
CA GLU E 28 68.88 14.08 35.88
C GLU E 28 68.18 13.10 34.95
N ALA E 29 68.79 12.82 33.79
CA ALA E 29 68.19 11.87 32.86
C ALA E 29 68.28 10.45 33.39
N GLU E 30 69.40 10.11 34.04
CA GLU E 30 69.53 8.78 34.64
C GLU E 30 68.53 8.60 35.77
N LEU E 31 68.29 9.66 36.55
CA LEU E 31 67.33 9.57 37.64
C LEU E 31 65.91 9.47 37.10
N ALA E 32 65.65 10.09 35.95
CA ALA E 32 64.31 10.01 35.35
C ALA E 32 64.07 8.63 34.74
N ASP E 33 65.14 7.98 34.26
CA ASP E 33 64.98 6.65 33.70
C ASP E 33 64.73 5.62 34.80
N ASP E 34 65.26 5.86 36.00
CA ASP E 34 65.01 4.95 37.11
C ASP E 34 63.59 5.11 37.65
N MET E 35 63.04 6.32 37.57
CA MET E 35 61.66 6.55 38.02
C MET E 35 60.64 6.08 36.99
N GLU E 36 61.06 5.93 35.74
CA GLU E 36 60.14 5.43 34.71
C GLU E 36 59.75 3.99 34.99
N LYS E 37 60.67 3.19 35.54
CA LYS E 37 60.33 1.82 35.93
C LYS E 37 59.47 1.79 37.18
N GLY E 38 59.52 2.85 38.00
CA GLY E 38 58.74 2.88 39.23
C GLY E 38 57.28 3.20 39.03
N ILE E 39 56.92 3.84 37.93
CA ILE E 39 55.53 4.23 37.68
C ILE E 39 55.04 3.60 36.38
N PRO E 40 54.66 2.33 36.37
CA PRO E 40 54.15 1.72 35.15
C PRO E 40 52.79 2.24 34.77
N GLN E 41 52.39 1.97 33.52
CA GLN E 41 51.10 2.42 33.03
C GLN E 41 49.94 1.80 33.82
N HIS E 42 50.17 0.61 34.41
CA HIS E 42 49.11 -0.01 35.18
C HIS E 42 48.94 0.66 36.54
N LEU E 43 49.90 1.51 36.92
CA LEU E 43 49.74 2.27 38.15
C LEU E 43 48.75 3.41 37.97
N PHE E 44 48.78 4.07 36.80
CA PHE E 44 47.76 5.06 36.49
C PHE E 44 46.41 4.41 36.24
N GLU E 45 46.41 3.17 35.72
CA GLU E 45 45.16 2.47 35.49
C GLU E 45 44.45 2.15 36.81
N SER E 46 45.20 1.79 37.85
CA SER E 46 44.59 1.50 39.14
C SER E 46 43.91 2.74 39.71
N LEU E 47 44.53 3.92 39.53
CA LEU E 47 43.92 5.15 40.00
C LEU E 47 42.75 5.56 39.11
N CYS E 48 42.84 5.22 37.81
CA CYS E 48 41.77 5.57 36.90
C CYS E 48 40.61 4.59 36.97
N ILE E 49 40.85 3.39 37.49
CA ILE E 49 39.78 2.41 37.65
C ILE E 49 38.95 2.73 38.90
N ASP E 50 39.62 3.14 39.98
CA ASP E 50 38.92 3.40 41.23
C ASP E 50 38.09 4.68 41.16
N HIS E 51 38.72 5.80 40.76
CA HIS E 51 38.05 7.08 40.84
C HIS E 51 37.04 7.29 39.72
N LEU E 52 37.35 6.86 38.50
CA LEU E 52 36.54 7.16 37.32
C LEU E 52 35.40 6.17 37.09
N GLN E 53 35.35 5.06 37.83
CA GLN E 53 34.20 4.16 37.71
C GLN E 53 32.92 4.80 38.23
N ARG E 54 33.04 5.81 39.10
CA ARG E 54 31.86 6.52 39.60
C ARG E 54 31.21 7.39 38.52
N HIS E 55 32.01 7.93 37.61
CA HIS E 55 31.50 8.85 36.59
C HIS E 55 30.94 8.13 35.37
N GLY E 56 30.91 6.80 35.36
CA GLY E 56 30.34 6.06 34.26
C GLY E 56 31.32 5.40 33.32
N ALA E 57 32.61 5.38 33.66
CA ALA E 57 33.61 4.72 32.83
C ALA E 57 33.65 3.25 33.19
N SER E 58 33.33 2.40 32.22
CA SER E 58 33.31 0.96 32.46
C SER E 58 34.72 0.39 32.54
N LYS E 59 34.83 -0.78 33.17
CA LYS E 59 36.13 -1.44 33.27
C LYS E 59 36.68 -1.78 31.89
N LYS E 60 35.79 -2.15 30.96
CA LYS E 60 36.25 -2.46 29.60
C LYS E 60 36.76 -1.23 28.88
N SER E 61 36.16 -0.07 29.13
CA SER E 61 36.60 1.16 28.47
C SER E 61 37.95 1.60 29.00
N ILE E 62 38.17 1.47 30.31
CA ILE E 62 39.46 1.84 30.90
C ILE E 62 40.53 0.84 30.50
N THR E 63 40.14 -0.43 30.34
CA THR E 63 41.11 -1.44 29.92
C THR E 63 41.49 -1.25 28.46
N ARG E 64 40.56 -0.79 27.63
CA ARG E 64 40.86 -0.56 26.22
C ARG E 64 41.88 0.56 26.05
N ALA E 65 41.76 1.63 26.84
CA ALA E 65 42.66 2.78 26.68
C ALA E 65 44.07 2.42 27.11
N PHE E 66 44.24 1.90 28.33
CA PHE E 66 45.56 1.60 28.86
C PHE E 66 46.24 0.41 28.20
N ASP E 67 45.52 -0.34 27.37
CA ASP E 67 46.11 -1.54 26.77
C ASP E 67 45.94 -1.56 25.25
N ASP E 68 44.69 -1.60 24.78
CA ASP E 68 44.43 -1.83 23.37
C ASP E 68 44.98 -0.70 22.49
N ASP E 69 44.60 0.53 22.80
CA ASP E 69 44.96 1.66 21.94
C ASP E 69 46.46 1.93 22.03
N VAL E 70 47.14 1.93 20.87
CA VAL E 70 48.58 2.15 20.84
C VAL E 70 48.91 3.64 20.95
N GLU E 71 48.15 4.49 20.24
CA GLU E 71 48.42 5.92 20.26
C GLU E 71 48.30 6.49 21.66
N PHE E 72 47.40 5.92 22.47
CA PHE E 72 47.26 6.36 23.86
C PHE E 72 48.50 6.02 24.68
N GLN E 73 49.02 4.79 24.55
CA GLN E 73 50.22 4.42 25.28
C GLN E 73 51.43 5.23 24.83
N GLU E 74 51.48 5.61 23.56
CA GLU E 74 52.60 6.39 23.06
C GLU E 74 52.64 7.76 23.71
N ARG E 75 51.49 8.44 23.76
CA ARG E 75 51.44 9.75 24.42
C ARG E 75 51.44 9.60 25.93
N MET E 76 51.04 8.45 26.45
CA MET E 76 51.07 8.24 27.89
C MET E 76 52.50 8.15 28.40
N ALA E 77 53.29 7.26 27.79
CA ALA E 77 54.69 7.13 28.20
C ALA E 77 55.50 8.36 27.84
N GLU E 78 55.02 9.18 26.90
CA GLU E 78 55.69 10.42 26.57
C GLU E 78 55.51 11.45 27.68
N HIS E 79 54.28 11.58 28.19
CA HIS E 79 54.04 12.51 29.29
C HIS E 79 54.62 11.98 30.59
N ILE E 80 54.56 10.66 30.82
CA ILE E 80 55.24 10.07 31.97
C ILE E 80 56.73 10.37 31.90
N ARG E 81 57.31 10.29 30.69
CA ARG E 81 58.69 10.70 30.50
C ARG E 81 58.86 12.19 30.79
N TYR E 82 57.84 13.00 30.48
CA TYR E 82 57.91 14.42 30.77
C TYR E 82 57.71 14.71 32.25
N MET E 83 56.90 13.90 32.92
CA MET E 83 56.66 14.11 34.34
C MET E 83 57.88 13.75 35.17
N VAL E 84 58.47 12.59 34.90
CA VAL E 84 59.62 12.14 35.70
C VAL E 84 60.85 12.99 35.37
N GLU E 85 60.89 13.63 34.21
CA GLU E 85 62.01 14.51 33.88
C GLU E 85 61.87 15.86 34.57
N THR E 86 60.65 16.37 34.66
CA THR E 86 60.42 17.66 35.31
C THR E 86 60.56 17.55 36.82
N ILE E 87 60.07 16.45 37.41
CA ILE E 87 60.21 16.24 38.84
C ILE E 87 61.68 16.05 39.21
N ALA E 88 62.41 15.30 38.39
CA ALA E 88 63.85 15.13 38.64
C ALA E 88 64.60 16.45 38.48
N HIS E 89 64.13 17.31 37.57
CA HIS E 89 64.75 18.62 37.42
C HIS E 89 64.57 19.46 38.67
N HIS E 90 63.38 19.41 39.28
CA HIS E 90 63.18 20.10 40.55
C HIS E 90 63.94 19.42 41.67
N GLN E 91 64.19 18.12 41.56
CA GLN E 91 64.95 17.42 42.59
C GLN E 91 66.41 17.87 42.58
N VAL E 92 67.00 18.01 41.39
CA VAL E 92 68.37 18.50 41.30
C VAL E 92 68.44 19.95 41.75
N ASP E 93 67.39 20.74 41.48
CA ASP E 93 67.36 22.12 41.95
C ASP E 93 67.37 22.19 43.48
N ILE E 94 66.73 21.22 44.13
CA ILE E 94 66.78 21.16 45.59
C ILE E 94 68.15 20.72 46.07
N ASP E 95 68.80 19.81 45.34
CA ASP E 95 70.14 19.34 45.70
C ASP E 95 71.16 20.47 45.61
#